data_8ST0
#
_entry.id   8ST0
#
_cell.length_a   1.00
_cell.length_b   1.00
_cell.length_c   1.00
_cell.angle_alpha   90.00
_cell.angle_beta   90.00
_cell.angle_gamma   90.00
#
_symmetry.space_group_name_H-M   'P 1'
#
loop_
_entity.id
_entity.type
_entity.pdbx_description
1 polymer 'Neuronal acetylcholine receptor subunit alpha-4'
2 polymer 'Neuronal acetylcholine receptor subunit beta-2'
3 polymer 'IgG1 Kappa Light Chain'
4 polymer 'IgG1 Heavy Chain'
5 branched beta-D-mannopyranose-(1-4)-2-acetamido-2-deoxy-beta-D-glucopyranose-(1-4)-2-acetamido-2-deoxy-beta-D-glucopyranose
6 non-polymer 2-acetamido-2-deoxy-beta-D-glucopyranose
7 non-polymer ACETYLCHOLINE
8 non-polymer N-OCTANE
9 non-polymer 'SODIUM ION'
10 water water
#
loop_
_entity_poly.entity_id
_entity_poly.type
_entity_poly.pdbx_seq_one_letter_code
_entity_poly.pdbx_strand_id
1 'polypeptide(L)'
;SSHVETRAHAEERLLKKLFSGYNKWSRPVANISDVVLVRFGLSIAQLIDVDEKNQMMTTNVWVKQEWHDYKLRWDPADYE
NVTSIRIPSELIWRPDIVLYNNADGDFAVTHLTKAHLFHDGRVQWTPPAIYKSSCSIDVTFFPFDQQNCTMKFGSWTYDK
AKIDLVNMHSRVDQLDFWESGEWVIVDAVGTYNTRKYECCAEIYPDITYAFVIRRLPLFYTINLIIPCLLISCLTVLVFY
LPSECGEKITLCISVLLSLTVFLLLITEIIPSTSLVIPLIGEYLLFTMIFVTLSIVITVFVLNVHHRSPRTHTMPTWVRR
VFLDIVPRLLLMKRPSVVKDNCRRLIESMHKMASAPRFWPEPEGEPPATSGTQSLHPPSPSFCVPLDVPAEPGPSCKSPS
DQLPPQQPLEAEKASPHPSPGPCRPPHGTQAPGLAKARSLSVQHMSSPGEAVEGGVRCRSRSIQYCVPRDDAAPEADGQA
AGALASRNTHSAELPPPDQPSPCKCTCKKEPSSVSPSATVKTRSTKAPPPHLPLSPALTRAVEGVQYIADHLKAEDTDFS
VKEDWKYVAMVIDRIFLWMFIIVCLLGTVGLFLPPWLAGMI
;
A,D
2 'polypeptide(L)'
;TDTEERLVEHLLDPSRYNKLIRPATNGSELVTVQLMVSLAQLISVHEREQIMTTNVWLTQEWEDYRLTWKPEEFDNMKKV
RLPSKHIWLPDVVLYNNADGMYEVSFYSNAVVSYDGSIFWLPPAIYKSACKIEVKHFPFDQQNCTMKFRSWTYDRTEIDL
VLKSEVASLDDFTPSGEWDIVALPGRRNENPDDSTYVDITYDFIIRRKPLFYTINLIIPCVLITSLAILVFYLPSDCGEK
MTLCISVLLALTVFLLLISKIVPPTSLDVPLVGKYLMFTMVLVTFSIVTSVCVLNVHHRSPTTHTMAPWVKVVFLEKLPA
LLFMQQPRHHCARQRLRLRRRQREREGAGALFFREAPGADSCTCFVNRASVQGLAGAFGAEPAPVAGPGRSGEPCGCGLR
EAVDGVRFIADHMRSEDDDQSVSEDWKYVAMVIDRLFLWIFVFVCVFGTIGMFLQPLFQNYTTTTFLHSDHSAPSSKSAW
SHPQFEK
;
B,C,E
3 'polypeptide(L)'
;MKLPVRLLVLMFWIPASSSDVLMTQTPLSLPVSLGDQASISCRSSQSIVHSNGNTYLEWYLQKPGQSPKLLIYKVSNRFS
GVPDRFSGSGSGTDFTLKISRVEAEDLGVYYCFQGSHVPWTFGGGTKLEIKRADAAPTVSIFPPSSEQLTSGGASVVCFL
NNFYPKDINVKWKIDGSERQNGVLNSWTDQDSKDSTYSMSSTLTLTKDEYERHNSYTCEATHKTSTSPIVKSFNRNEC
;
F,H,J
4 'polypeptide(L)'
;MEWTWVFLFLLSVTAGVHSQVQLQQSGAEVMKPGASVKISCKGTGYTFSSYWIEWVKQRPGHGLERIGEILPGSGSTNYN
EKFRGKATFTADKSSKTAYMQLSSLTSEDSAVYYCARYLPYYYAMDYWGQGTSVTVSSAKTTPPSVYPLAPGSAAQTNSM
VTLGCLVKGYFPEPVTVTWNSGSLSSGVHTFPAVLQSDLYTLSSSVTVPSSTWPSETVTCNVAHPASSTKVDKKIVPRDC
GCKPCICTVPEVSSVFIFPPKPKDVLTITLTPKVTCVVVDISKDDPEVQFSWFVDDVEVHTAQTQPREEQFNSTFRSVSE
LPIMHQDWLNGKEFKCRVNSAAFPAPIEKTISKTKGRPKAPQVYTIPPPKEQMAKDKVSLTCMITDFFPEDITVEWQWNG
QPAENYKNTQPIMDTDGSYFVYSKLNVQKSNWEAGNTFTCSVLHEGLHNHHTEKSLSHSPGK
;
G,I,K
#
loop_
_chem_comp.id
_chem_comp.type
_chem_comp.name
_chem_comp.formula
ACH non-polymer ACETYLCHOLINE 'C7 H16 N O2 1'
BMA D-saccharide, beta linking beta-D-mannopyranose 'C6 H12 O6'
NA non-polymer 'SODIUM ION' 'Na 1'
NAG D-saccharide, beta linking 2-acetamido-2-deoxy-beta-D-glucopyranose 'C8 H15 N O6'
OCT non-polymer N-OCTANE 'C8 H18'
#
# COMPACT_ATOMS: atom_id res chain seq x y z
N GLU A 5 -40.01 32.27 40.85
CA GLU A 5 -38.97 32.76 41.74
C GLU A 5 -37.68 32.00 41.53
N THR A 6 -37.81 30.75 41.10
CA THR A 6 -36.64 29.93 40.83
C THR A 6 -35.94 30.38 39.56
N ARG A 7 -34.61 30.33 39.57
CA ARG A 7 -33.84 30.76 38.40
C ARG A 7 -34.31 30.06 37.13
N ALA A 8 -34.69 28.79 37.22
CA ALA A 8 -35.12 28.05 36.04
C ALA A 8 -36.37 28.67 35.43
N HIS A 9 -37.34 29.06 36.24
CA HIS A 9 -38.56 29.65 35.70
C HIS A 9 -38.28 31.00 35.04
N ALA A 10 -37.43 31.82 35.64
CA ALA A 10 -37.06 33.09 35.04
C ALA A 10 -36.35 32.85 33.71
N GLU A 11 -35.45 31.87 33.66
CA GLU A 11 -34.78 31.55 32.41
C GLU A 11 -35.77 31.08 31.36
N GLU A 12 -36.80 30.34 31.77
CA GLU A 12 -37.83 29.91 30.83
C GLU A 12 -38.57 31.12 30.25
N ARG A 13 -38.94 32.07 31.10
CA ARG A 13 -39.56 33.29 30.61
C ARG A 13 -38.64 34.02 29.63
N LEU A 14 -37.36 34.11 29.96
CA LEU A 14 -36.41 34.81 29.10
C LEU A 14 -36.29 34.13 27.75
N LEU A 15 -36.26 32.80 27.73
CA LEU A 15 -36.18 32.08 26.47
C LEU A 15 -37.44 32.26 25.65
N LYS A 16 -38.60 32.28 26.31
CA LYS A 16 -39.84 32.54 25.58
C LYS A 16 -39.82 33.91 24.93
N LYS A 17 -39.29 34.93 25.62
CA LYS A 17 -39.29 36.27 25.05
C LYS A 17 -38.25 36.42 23.94
N LEU A 18 -37.04 35.88 24.15
CA LEU A 18 -35.94 36.17 23.24
C LEU A 18 -36.22 35.67 21.82
N PHE A 19 -36.78 34.47 21.70
CA PHE A 19 -36.98 33.84 20.41
C PHE A 19 -38.39 34.03 19.87
N SER A 20 -39.11 35.04 20.36
CA SER A 20 -40.48 35.25 19.90
C SER A 20 -40.52 35.65 18.43
N GLY A 21 -39.74 36.65 18.05
CA GLY A 21 -39.71 37.12 16.67
C GLY A 21 -38.32 37.05 16.08
N TYR A 22 -37.59 35.98 16.39
CA TYR A 22 -36.19 35.88 16.01
C TYR A 22 -36.03 35.11 14.71
N ASN A 23 -35.17 35.61 13.84
CA ASN A 23 -34.84 34.98 12.57
C ASN A 23 -33.36 34.65 12.56
N LYS A 24 -33.03 33.37 12.53
CA LYS A 24 -31.64 32.94 12.53
C LYS A 24 -30.96 33.12 11.18
N TRP A 25 -31.72 33.48 10.14
CA TRP A 25 -31.17 33.62 8.80
C TRP A 25 -30.85 35.06 8.43
N SER A 26 -31.04 36.01 9.35
CA SER A 26 -30.85 37.42 9.07
C SER A 26 -29.66 37.96 9.85
N ARG A 27 -28.83 38.74 9.19
CA ARG A 27 -27.66 39.31 9.84
C ARG A 27 -28.09 40.18 11.01
N PRO A 28 -27.53 39.98 12.20
CA PRO A 28 -28.07 40.64 13.42
C PRO A 28 -27.55 42.04 13.68
N VAL A 29 -27.96 42.99 12.84
CA VAL A 29 -27.56 44.38 12.96
C VAL A 29 -28.81 45.25 12.97
N ALA A 30 -28.77 46.34 13.73
CA ALA A 30 -29.92 47.24 13.79
C ALA A 30 -30.05 48.04 12.49
N ASN A 31 -28.93 48.45 11.91
CA ASN A 31 -28.90 49.24 10.69
C ASN A 31 -28.18 48.43 9.61
N ILE A 32 -28.68 48.53 8.37
CA ILE A 32 -28.15 47.70 7.29
C ILE A 32 -26.69 48.04 7.03
N SER A 33 -26.33 49.33 7.13
CA SER A 33 -24.95 49.74 6.89
C SER A 33 -24.00 49.31 8.00
N ASP A 34 -24.52 48.80 9.11
CA ASP A 34 -23.66 48.33 10.19
C ASP A 34 -22.93 47.04 9.77
N VAL A 35 -21.78 46.82 10.39
CA VAL A 35 -20.96 45.65 10.14
C VAL A 35 -20.88 44.83 11.42
N VAL A 36 -20.96 43.51 11.28
CA VAL A 36 -20.82 42.60 12.41
C VAL A 36 -19.33 42.35 12.61
N LEU A 37 -18.79 42.83 13.73
CA LEU A 37 -17.40 42.56 14.09
C LEU A 37 -17.34 41.21 14.79
N VAL A 38 -16.61 40.27 14.20
CA VAL A 38 -16.43 38.94 14.77
C VAL A 38 -15.00 38.85 15.29
N ARG A 39 -14.87 38.75 16.61
CA ARG A 39 -13.57 38.50 17.22
C ARG A 39 -13.22 37.04 17.02
N PHE A 40 -12.11 36.77 16.36
CA PHE A 40 -11.74 35.42 15.96
C PHE A 40 -10.38 35.06 16.54
N GLY A 41 -10.29 33.89 17.14
CA GLY A 41 -9.03 33.42 17.71
C GLY A 41 -8.97 31.92 17.62
N LEU A 42 -7.75 31.40 17.76
CA LEU A 42 -7.51 29.97 17.70
C LEU A 42 -6.82 29.52 18.97
N SER A 43 -7.17 28.31 19.40
CA SER A 43 -6.54 27.65 20.54
C SER A 43 -6.30 26.21 20.14
N ILE A 44 -5.05 25.77 20.16
CA ILE A 44 -4.71 24.44 19.65
C ILE A 44 -4.71 23.44 20.80
N ALA A 45 -5.52 22.40 20.66
CA ALA A 45 -5.57 21.33 21.65
C ALA A 45 -4.41 20.36 21.47
N GLN A 46 -4.16 19.93 20.24
CA GLN A 46 -3.02 19.07 19.99
C GLN A 46 -2.70 19.06 18.50
N LEU A 47 -1.46 18.67 18.20
CA LEU A 47 -0.97 18.56 16.83
C LEU A 47 -1.02 17.08 16.48
N ILE A 48 -2.11 16.66 15.84
CA ILE A 48 -2.38 15.24 15.68
C ILE A 48 -1.36 14.61 14.76
N ASP A 49 -1.05 15.25 13.64
CA ASP A 49 -0.18 14.61 12.66
C ASP A 49 0.28 15.61 11.62
N VAL A 50 1.55 15.51 11.24
CA VAL A 50 2.12 16.21 10.10
C VAL A 50 2.45 15.13 9.08
N ASP A 51 1.60 14.96 8.08
CA ASP A 51 1.80 13.94 7.05
C ASP A 51 2.69 14.54 5.96
N GLU A 52 3.97 14.20 6.00
CA GLU A 52 4.91 14.76 5.01
C GLU A 52 4.67 14.16 3.64
N LYS A 53 4.39 12.86 3.57
CA LYS A 53 4.20 12.21 2.27
C LYS A 53 3.02 12.83 1.53
N ASN A 54 1.91 13.07 2.21
CA ASN A 54 0.71 13.63 1.61
C ASN A 54 0.62 15.13 1.77
N GLN A 55 1.59 15.78 2.42
CA GLN A 55 1.63 17.23 2.58
C GLN A 55 0.32 17.75 3.17
N MET A 56 0.00 17.26 4.37
CA MET A 56 -1.23 17.59 5.05
C MET A 56 -0.97 17.66 6.55
N MET A 57 -1.59 18.62 7.21
CA MET A 57 -1.44 18.80 8.65
C MET A 57 -2.79 18.64 9.33
N THR A 58 -2.83 17.80 10.35
CA THR A 58 -4.03 17.55 11.15
C THR A 58 -3.87 18.18 12.52
N THR A 59 -4.88 18.93 12.94
CA THR A 59 -4.84 19.63 14.22
C THR A 59 -6.18 19.53 14.92
N ASN A 60 -6.13 19.71 16.24
CA ASN A 60 -7.30 19.76 17.09
C ASN A 60 -7.32 21.14 17.75
N VAL A 61 -8.31 21.96 17.40
CA VAL A 61 -8.34 23.35 17.84
C VAL A 61 -9.74 23.67 18.35
N TRP A 62 -9.81 24.76 19.13
CA TRP A 62 -11.06 25.39 19.49
C TRP A 62 -11.16 26.69 18.71
N VAL A 63 -12.25 26.86 17.98
CA VAL A 63 -12.43 28.03 17.12
C VAL A 63 -13.22 29.05 17.93
N LYS A 64 -12.49 29.90 18.64
CA LYS A 64 -13.13 30.90 19.49
C LYS A 64 -13.71 32.01 18.62
N GLN A 65 -14.98 32.31 18.81
CA GLN A 65 -15.67 33.34 18.04
C GLN A 65 -16.53 34.17 18.98
N GLU A 66 -16.69 35.44 18.66
CA GLU A 66 -17.43 36.34 19.53
C GLU A 66 -17.95 37.51 18.71
N TRP A 67 -19.25 37.77 18.81
CA TRP A 67 -19.90 38.84 18.07
C TRP A 67 -21.08 39.35 18.89
N HIS A 68 -21.79 40.32 18.34
CA HIS A 68 -22.92 40.96 19.02
C HIS A 68 -24.20 40.74 18.21
N ASP A 69 -25.26 40.34 18.90
CA ASP A 69 -26.58 40.18 18.30
C ASP A 69 -27.50 41.20 18.94
N TYR A 70 -27.98 42.16 18.15
CA TYR A 70 -28.75 43.25 18.69
C TYR A 70 -30.14 42.84 19.16
N LYS A 71 -30.61 41.64 18.82
CA LYS A 71 -31.92 41.18 19.26
C LYS A 71 -31.86 40.31 20.51
N LEU A 72 -30.68 39.79 20.86
CA LEU A 72 -30.55 38.91 22.01
C LEU A 72 -30.05 39.71 23.22
N ARG A 73 -30.88 40.66 23.64
CA ARG A 73 -30.57 41.53 24.77
C ARG A 73 -31.74 41.52 25.75
N TRP A 74 -31.42 41.66 27.03
CA TRP A 74 -32.45 41.72 28.06
C TRP A 74 -31.90 42.45 29.27
N ASP A 75 -32.82 42.90 30.11
CA ASP A 75 -32.47 43.55 31.37
C ASP A 75 -32.44 42.51 32.46
N PRO A 76 -31.28 42.18 33.04
CA PRO A 76 -31.25 41.11 34.05
C PRO A 76 -32.11 41.38 35.27
N ALA A 77 -32.40 42.65 35.57
CA ALA A 77 -33.26 42.95 36.72
C ALA A 77 -34.66 42.37 36.54
N ASP A 78 -35.10 42.21 35.30
CA ASP A 78 -36.43 41.70 35.00
C ASP A 78 -36.53 40.18 35.04
N TYR A 79 -35.41 39.47 35.21
CA TYR A 79 -35.39 38.02 35.08
C TYR A 79 -34.58 37.41 36.21
N GLU A 80 -34.83 37.86 37.44
CA GLU A 80 -34.19 37.30 38.62
C GLU A 80 -32.67 37.39 38.51
N ASN A 81 -32.18 38.47 37.92
CA ASN A 81 -30.75 38.73 37.85
C ASN A 81 -30.01 37.67 37.03
N VAL A 82 -30.67 37.18 35.97
CA VAL A 82 -30.03 36.26 35.04
C VAL A 82 -29.20 37.11 34.07
N THR A 83 -27.86 36.97 34.15
CA THR A 83 -26.96 37.77 33.34
C THR A 83 -26.49 37.08 32.07
N SER A 84 -26.54 35.74 32.01
CA SER A 84 -26.16 35.03 30.80
C SER A 84 -26.84 33.67 30.80
N ILE A 85 -26.87 33.06 29.61
CA ILE A 85 -27.48 31.74 29.44
C ILE A 85 -26.70 30.98 28.37
N ARG A 86 -26.93 29.67 28.33
CA ARG A 86 -26.36 28.80 27.30
C ARG A 86 -27.48 28.28 26.43
N ILE A 87 -27.35 28.48 25.12
CA ILE A 87 -28.41 28.09 24.18
C ILE A 87 -27.80 27.26 23.05
N PRO A 88 -28.55 26.34 22.43
CA PRO A 88 -28.02 25.62 21.27
C PRO A 88 -27.63 26.57 20.15
N SER A 89 -26.39 26.42 19.67
CA SER A 89 -25.87 27.31 18.65
C SER A 89 -26.66 27.23 17.35
N GLU A 90 -27.41 26.16 17.13
CA GLU A 90 -28.18 26.02 15.90
C GLU A 90 -29.48 26.83 15.92
N LEU A 91 -29.81 27.48 17.02
CA LEU A 91 -31.01 28.32 17.08
C LEU A 91 -30.75 29.77 16.71
N ILE A 92 -29.49 30.20 16.66
CA ILE A 92 -29.17 31.60 16.46
C ILE A 92 -28.37 31.75 15.16
N TRP A 93 -28.23 32.99 14.73
CA TRP A 93 -27.37 33.30 13.60
C TRP A 93 -25.90 33.09 13.98
N ARG A 94 -25.15 32.48 13.06
CA ARG A 94 -23.72 32.29 13.27
C ARG A 94 -22.97 32.72 12.02
N PRO A 95 -21.76 33.26 12.17
CA PRO A 95 -20.94 33.53 10.99
C PRO A 95 -20.46 32.23 10.34
N ASP A 96 -20.26 32.30 9.03
CA ASP A 96 -19.87 31.13 8.25
C ASP A 96 -18.36 31.15 7.96
N ILE A 97 -17.60 30.97 9.03
CA ILE A 97 -16.14 30.94 8.93
C ILE A 97 -15.71 29.56 8.49
N VAL A 98 -14.94 29.48 7.41
CA VAL A 98 -14.52 28.20 6.85
C VAL A 98 -13.02 28.23 6.59
N LEU A 99 -12.43 27.04 6.64
CA LEU A 99 -11.01 26.86 6.37
C LEU A 99 -10.82 26.79 4.86
N TYR A 100 -10.20 27.82 4.28
CA TYR A 100 -10.04 27.88 2.84
C TYR A 100 -9.23 26.71 2.32
N ASN A 101 -8.04 26.47 2.87
CA ASN A 101 -7.16 25.43 2.35
C ASN A 101 -7.43 24.08 3.00
N ASN A 102 -8.70 23.71 3.04
CA ASN A 102 -9.09 22.38 3.50
C ASN A 102 -8.57 21.31 2.52
N ALA A 103 -8.22 20.16 3.07
CA ALA A 103 -7.72 19.06 2.25
C ALA A 103 -8.01 17.76 2.98
N ASP A 104 -9.05 17.04 2.53
CA ASP A 104 -9.43 15.77 3.13
C ASP A 104 -10.13 15.94 4.47
N GLY A 105 -10.83 17.06 4.65
CA GLY A 105 -11.56 17.27 5.89
C GLY A 105 -12.84 18.05 5.66
N ASP A 106 -13.38 18.62 6.72
CA ASP A 106 -14.54 19.49 6.62
C ASP A 106 -14.11 20.93 6.40
N PHE A 107 -14.98 21.70 5.74
CA PHE A 107 -14.71 23.10 5.52
C PHE A 107 -15.09 23.96 6.72
N ALA A 108 -16.22 23.67 7.35
CA ALA A 108 -16.74 24.46 8.45
C ALA A 108 -16.79 23.62 9.73
N VAL A 109 -17.16 24.28 10.83
CA VAL A 109 -17.37 23.59 12.09
C VAL A 109 -18.59 22.69 11.96
N THR A 110 -18.52 21.49 12.55
CA THR A 110 -19.62 20.54 12.51
C THR A 110 -20.11 20.08 13.87
N HIS A 111 -19.39 20.38 14.94
CA HIS A 111 -19.79 19.89 16.25
C HIS A 111 -20.99 20.65 16.81
N LEU A 112 -21.00 21.97 16.70
CA LEU A 112 -22.13 22.79 17.12
C LEU A 112 -22.45 22.59 18.61
N THR A 113 -21.48 22.99 19.42
CA THR A 113 -21.70 23.08 20.86
C THR A 113 -22.66 24.24 21.14
N LYS A 114 -22.91 24.48 22.43
CA LYS A 114 -23.80 25.58 22.82
C LYS A 114 -23.02 26.88 22.91
N ALA A 115 -23.70 27.97 22.54
CA ALA A 115 -23.13 29.29 22.68
C ALA A 115 -23.45 29.87 24.05
N HIS A 116 -22.65 30.84 24.47
CA HIS A 116 -22.85 31.55 25.73
C HIS A 116 -23.32 32.97 25.41
N LEU A 117 -24.58 33.25 25.72
CA LEU A 117 -25.20 34.52 25.40
C LEU A 117 -25.28 35.39 26.65
N PHE A 118 -24.76 36.61 26.56
CA PHE A 118 -24.79 37.57 27.65
C PHE A 118 -25.92 38.58 27.43
N HIS A 119 -26.25 39.31 28.50
CA HIS A 119 -27.46 40.13 28.47
C HIS A 119 -27.33 41.37 27.60
N ASP A 120 -26.12 41.85 27.34
CA ASP A 120 -25.93 43.02 26.48
C ASP A 120 -25.85 42.66 25.01
N GLY A 121 -25.97 41.38 24.67
CA GLY A 121 -25.97 40.95 23.29
C GLY A 121 -24.71 40.25 22.85
N ARG A 122 -23.71 40.15 23.71
CA ARG A 122 -22.51 39.41 23.36
C ARG A 122 -22.80 37.92 23.24
N VAL A 123 -22.26 37.30 22.20
CA VAL A 123 -22.37 35.87 21.98
C VAL A 123 -20.96 35.29 21.92
N GLN A 124 -20.68 34.32 22.77
CA GLN A 124 -19.40 33.60 22.78
C GLN A 124 -19.65 32.17 22.36
N TRP A 125 -18.96 31.74 21.30
CA TRP A 125 -19.11 30.39 20.76
C TRP A 125 -17.72 29.81 20.55
N THR A 126 -17.42 28.69 21.20
CA THR A 126 -16.10 28.05 21.16
C THR A 126 -16.26 26.56 20.89
N PRO A 127 -16.53 26.17 19.65
CA PRO A 127 -16.68 24.74 19.34
C PRO A 127 -15.35 24.10 19.00
N PRO A 128 -15.21 22.80 19.22
CA PRO A 128 -14.01 22.10 18.77
C PRO A 128 -14.07 21.75 17.29
N ALA A 129 -12.91 21.49 16.72
CA ALA A 129 -12.81 21.14 15.31
C ALA A 129 -11.53 20.38 15.06
N ILE A 130 -11.60 19.38 14.17
CA ILE A 130 -10.43 18.72 13.61
C ILE A 130 -10.32 19.16 12.16
N TYR A 131 -9.20 19.81 11.82
CA TYR A 131 -8.95 20.30 10.48
C TYR A 131 -7.81 19.52 9.86
N LYS A 132 -7.94 19.24 8.56
CA LYS A 132 -6.89 18.62 7.75
C LYS A 132 -6.60 19.61 6.62
N SER A 133 -5.59 20.44 6.80
CA SER A 133 -5.25 21.49 5.86
C SER A 133 -3.99 21.10 5.08
N SER A 134 -3.90 21.60 3.85
CA SER A 134 -2.75 21.34 3.01
C SER A 134 -1.65 22.35 3.33
N CYS A 135 -0.41 21.86 3.32
CA CYS A 135 0.74 22.75 3.46
C CYS A 135 1.93 22.15 2.73
N SER A 136 2.64 22.98 1.97
CA SER A 136 3.81 22.52 1.25
C SER A 136 4.94 22.20 2.22
N ILE A 137 5.60 21.06 2.00
CA ILE A 137 6.55 20.49 2.94
C ILE A 137 7.93 20.54 2.30
N ASP A 138 8.89 21.14 3.01
CA ASP A 138 10.26 21.28 2.55
C ASP A 138 11.16 20.40 3.40
N VAL A 139 11.76 19.39 2.79
CA VAL A 139 12.54 18.40 3.52
C VAL A 139 14.01 18.49 3.14
N THR A 140 14.48 19.70 2.81
CA THR A 140 15.87 19.86 2.40
C THR A 140 16.82 19.39 3.50
N PHE A 141 16.52 19.74 4.75
CA PHE A 141 17.38 19.44 5.89
C PHE A 141 16.79 18.36 6.80
N PHE A 142 15.88 17.55 6.26
CA PHE A 142 15.30 16.47 7.04
C PHE A 142 16.41 15.55 7.55
N PRO A 143 16.37 15.12 8.82
CA PRO A 143 15.34 15.31 9.86
C PRO A 143 15.53 16.54 10.75
N PHE A 144 16.41 17.46 10.37
CA PHE A 144 16.58 18.73 11.08
C PHE A 144 15.77 19.85 10.45
N ASP A 145 14.63 19.51 9.87
CA ASP A 145 13.85 20.44 9.06
C ASP A 145 12.85 21.21 9.92
N GLN A 146 12.47 22.37 9.40
CA GLN A 146 11.47 23.22 10.02
C GLN A 146 10.36 23.44 8.99
N GLN A 147 9.12 23.12 9.38
CA GLN A 147 7.98 23.23 8.49
C GLN A 147 7.15 24.45 8.86
N ASN A 148 6.49 25.02 7.85
CA ASN A 148 5.72 26.25 7.97
C ASN A 148 4.37 26.03 7.31
N CYS A 149 3.40 25.53 8.08
CA CYS A 149 2.08 25.16 7.56
C CYS A 149 1.06 26.20 7.98
N THR A 150 0.21 26.60 7.04
CA THR A 150 -0.70 27.72 7.23
C THR A 150 -2.15 27.26 7.25
N MET A 151 -3.01 28.14 7.78
CA MET A 151 -4.44 27.90 7.85
C MET A 151 -5.17 29.21 7.62
N LYS A 152 -5.95 29.27 6.56
CA LYS A 152 -6.66 30.48 6.15
C LYS A 152 -8.14 30.35 6.48
N PHE A 153 -8.66 31.25 7.30
CA PHE A 153 -10.06 31.25 7.74
C PHE A 153 -10.73 32.53 7.28
N GLY A 154 -11.98 32.41 6.84
CA GLY A 154 -12.72 33.59 6.46
C GLY A 154 -14.17 33.24 6.19
N SER A 155 -15.01 34.28 6.26
CA SER A 155 -16.41 34.13 5.90
C SER A 155 -16.54 33.82 4.41
N TRP A 156 -17.43 32.89 4.09
CA TRP A 156 -17.55 32.44 2.72
C TRP A 156 -18.44 33.35 1.88
N THR A 157 -19.53 33.87 2.45
CA THR A 157 -20.53 34.58 1.67
C THR A 157 -20.78 36.02 2.10
N TYR A 158 -20.06 36.54 3.08
CA TYR A 158 -20.22 37.92 3.53
C TYR A 158 -18.91 38.67 3.31
N ASP A 159 -18.98 39.77 2.58
CA ASP A 159 -17.80 40.59 2.30
C ASP A 159 -17.52 41.52 3.47
N LYS A 160 -16.49 42.34 3.32
CA LYS A 160 -16.00 43.14 4.44
C LYS A 160 -17.04 44.14 4.94
N ALA A 161 -17.91 44.62 4.05
CA ALA A 161 -18.92 45.59 4.45
C ALA A 161 -19.98 44.99 5.35
N LYS A 162 -20.15 43.67 5.34
CA LYS A 162 -21.15 42.99 6.16
C LYS A 162 -20.58 42.27 7.37
N ILE A 163 -19.47 41.57 7.21
CA ILE A 163 -18.79 40.90 8.32
C ILE A 163 -17.30 41.23 8.23
N ASP A 164 -16.73 41.64 9.35
CA ASP A 164 -15.30 41.91 9.43
C ASP A 164 -14.70 41.11 10.59
N LEU A 165 -13.46 40.67 10.42
CA LEU A 165 -12.78 39.86 11.40
C LEU A 165 -11.83 40.71 12.23
N VAL A 166 -11.70 40.35 13.49
CA VAL A 166 -10.76 40.98 14.40
C VAL A 166 -9.91 39.89 15.04
N ASN A 167 -8.59 40.09 15.06
CA ASN A 167 -7.72 39.19 15.80
C ASN A 167 -8.03 39.25 17.29
N MET A 168 -8.54 38.15 17.85
CA MET A 168 -8.72 38.07 19.29
C MET A 168 -7.39 38.27 20.01
N HIS A 169 -6.32 37.73 19.44
CA HIS A 169 -4.95 37.90 19.92
C HIS A 169 -4.02 37.30 18.88
N SER A 170 -2.90 37.98 18.64
CA SER A 170 -2.05 37.59 17.52
C SER A 170 -1.61 36.13 17.63
N ARG A 171 -1.05 35.76 18.78
CA ARG A 171 -0.53 34.41 18.95
C ARG A 171 -1.66 33.41 19.17
N VAL A 172 -1.46 32.20 18.63
CA VAL A 172 -2.36 31.09 18.89
C VAL A 172 -2.22 30.67 20.35
N ASP A 173 -3.35 30.42 21.00
CA ASP A 173 -3.34 30.10 22.42
C ASP A 173 -2.88 28.65 22.64
N GLN A 174 -1.97 28.47 23.59
CA GLN A 174 -1.41 27.15 23.88
C GLN A 174 -1.50 26.83 25.37
N LEU A 175 -2.50 27.36 26.06
CA LEU A 175 -2.63 27.09 27.48
C LEU A 175 -3.09 25.67 27.76
N ASP A 176 -3.79 25.03 26.82
CA ASP A 176 -4.32 23.69 26.98
C ASP A 176 -3.72 22.72 25.95
N PHE A 177 -2.49 22.96 25.55
CA PHE A 177 -1.89 22.22 24.45
C PHE A 177 -1.30 20.90 24.94
N TRP A 178 -1.63 19.82 24.25
CA TRP A 178 -1.12 18.48 24.55
C TRP A 178 0.15 18.26 23.74
N GLU A 179 1.28 18.16 24.41
CA GLU A 179 2.57 18.09 23.73
C GLU A 179 2.66 16.83 22.88
N SER A 180 3.26 16.97 21.70
CA SER A 180 3.25 15.88 20.72
C SER A 180 4.39 14.89 20.96
N GLY A 181 5.58 15.37 21.30
CA GLY A 181 6.74 14.53 21.42
C GLY A 181 7.51 14.35 20.13
N GLU A 182 6.94 14.73 19.00
CA GLU A 182 7.58 14.65 17.70
C GLU A 182 7.88 16.03 17.11
N TRP A 183 7.01 17.00 17.33
CA TRP A 183 7.16 18.36 16.83
C TRP A 183 7.03 19.35 17.98
N VAL A 184 7.69 20.50 17.86
CA VAL A 184 7.56 21.60 18.79
C VAL A 184 7.17 22.84 18.00
N ILE A 185 6.17 23.57 18.49
CA ILE A 185 5.74 24.80 17.84
C ILE A 185 6.76 25.90 18.14
N VAL A 186 7.32 26.47 17.08
CA VAL A 186 8.25 27.59 17.25
C VAL A 186 7.49 28.90 17.30
N ASP A 187 6.48 29.06 16.45
CA ASP A 187 5.74 30.31 16.36
C ASP A 187 4.42 30.05 15.64
N ALA A 188 3.34 30.60 16.19
CA ALA A 188 2.01 30.44 15.61
C ALA A 188 1.27 31.76 15.73
N VAL A 189 1.10 32.46 14.62
CA VAL A 189 0.57 33.82 14.62
C VAL A 189 -0.42 33.97 13.49
N GLY A 190 -1.51 34.69 13.74
CA GLY A 190 -2.50 34.99 12.73
C GLY A 190 -2.29 36.37 12.14
N THR A 191 -2.42 36.47 10.82
CA THR A 191 -2.28 37.72 10.10
C THR A 191 -3.60 38.04 9.41
N TYR A 192 -4.04 39.29 9.55
CA TYR A 192 -5.25 39.76 8.90
C TYR A 192 -4.94 40.17 7.47
N ASN A 193 -5.74 39.68 6.53
CA ASN A 193 -5.59 40.03 5.12
C ASN A 193 -6.94 40.37 4.53
N THR A 194 -6.92 41.18 3.49
CA THR A 194 -8.07 41.46 2.66
C THR A 194 -7.68 41.25 1.21
N ARG A 195 -8.65 40.95 0.36
CA ARG A 195 -8.35 40.81 -1.05
C ARG A 195 -9.62 40.58 -1.85
N LYS A 196 -9.50 40.76 -3.16
CA LYS A 196 -10.61 40.62 -4.09
C LYS A 196 -10.46 39.34 -4.90
N TYR A 197 -11.58 38.69 -5.16
CA TYR A 197 -11.62 37.51 -6.00
C TYR A 197 -12.42 37.81 -7.26
N GLU A 198 -12.08 37.11 -8.34
CA GLU A 198 -12.80 37.27 -9.60
C GLU A 198 -14.26 36.87 -9.47
N CYS A 199 -14.58 35.99 -8.52
CA CYS A 199 -15.97 35.58 -8.32
C CYS A 199 -16.88 36.78 -8.07
N CYS A 200 -16.41 37.73 -7.27
CA CYS A 200 -17.28 38.64 -6.57
C CYS A 200 -16.66 40.03 -6.57
N ALA A 201 -17.51 41.05 -6.53
CA ALA A 201 -17.08 42.43 -6.75
C ALA A 201 -16.55 43.11 -5.48
N GLU A 202 -16.63 42.47 -4.32
CA GLU A 202 -16.28 43.11 -3.06
C GLU A 202 -15.02 42.47 -2.47
N ILE A 203 -14.58 43.04 -1.35
CA ILE A 203 -13.37 42.62 -0.64
C ILE A 203 -13.78 41.65 0.47
N TYR A 204 -13.10 40.51 0.53
CA TYR A 204 -13.36 39.51 1.56
C TYR A 204 -12.16 39.39 2.48
N PRO A 205 -12.28 39.66 3.78
CA PRO A 205 -11.14 39.50 4.67
C PRO A 205 -10.93 38.05 5.12
N ASP A 206 -9.72 37.77 5.59
CA ASP A 206 -9.40 36.48 6.16
C ASP A 206 -8.28 36.65 7.17
N ILE A 207 -8.18 35.69 8.08
CA ILE A 207 -7.05 35.58 9.00
C ILE A 207 -6.33 34.29 8.68
N THR A 208 -5.03 34.41 8.40
CA THR A 208 -4.19 33.26 8.08
C THR A 208 -3.21 33.02 9.21
N TYR A 209 -3.18 31.79 9.71
CA TYR A 209 -2.28 31.40 10.78
C TYR A 209 -1.10 30.64 10.19
N ALA A 210 0.10 31.09 10.50
CA ALA A 210 1.33 30.42 10.07
C ALA A 210 1.88 29.64 11.27
N PHE A 211 1.90 28.32 11.15
CA PHE A 211 2.44 27.43 12.18
C PHE A 211 3.86 27.05 11.79
N VAL A 212 4.83 27.55 12.53
CA VAL A 212 6.23 27.16 12.36
C VAL A 212 6.51 26.07 13.39
N ILE A 213 6.83 24.87 12.93
CA ILE A 213 7.03 23.70 13.78
C ILE A 213 8.39 23.11 13.47
N ARG A 214 9.15 22.81 14.51
CA ARG A 214 10.48 22.24 14.40
C ARG A 214 10.42 20.76 14.76
N ARG A 215 10.99 19.92 13.91
CA ARG A 215 11.04 18.50 14.18
C ARG A 215 12.11 18.19 15.22
N LEU A 216 11.78 17.30 16.15
CA LEU A 216 12.76 16.79 17.09
C LEU A 216 13.51 15.63 16.44
N PRO A 217 14.80 15.78 16.11
CA PRO A 217 15.45 14.86 15.18
C PRO A 217 16.03 13.59 15.79
N LEU A 218 15.80 13.29 17.07
CA LEU A 218 16.47 12.16 17.68
C LEU A 218 16.00 10.83 17.09
N PHE A 219 14.68 10.66 16.95
CA PHE A 219 14.16 9.38 16.47
C PHE A 219 14.73 9.05 15.10
N TYR A 220 14.60 9.97 14.15
CA TYR A 220 15.07 9.69 12.80
C TYR A 220 16.58 9.68 12.74
N THR A 221 17.26 10.47 13.58
CA THR A 221 18.70 10.32 13.69
C THR A 221 19.07 8.87 13.97
N ILE A 222 18.55 8.33 15.09
CA ILE A 222 18.89 6.98 15.52
C ILE A 222 18.52 5.96 14.44
N ASN A 223 17.35 6.12 13.83
CA ASN A 223 16.83 5.05 12.99
C ASN A 223 17.20 5.17 11.50
N LEU A 224 17.68 6.32 11.04
CA LEU A 224 18.12 6.45 9.65
C LEU A 224 19.57 6.91 9.54
N ILE A 225 19.94 7.99 10.23
CA ILE A 225 21.21 8.64 9.94
C ILE A 225 22.37 7.75 10.36
N ILE A 226 22.33 7.23 11.59
CA ILE A 226 23.47 6.45 12.09
C ILE A 226 23.68 5.18 11.30
N PRO A 227 22.65 4.36 11.01
CA PRO A 227 22.88 3.22 10.12
C PRO A 227 23.47 3.61 8.77
N CYS A 228 23.00 4.72 8.20
CA CYS A 228 23.55 5.17 6.92
C CYS A 228 25.02 5.53 7.03
N LEU A 229 25.40 6.26 8.09
CA LEU A 229 26.80 6.61 8.27
C LEU A 229 27.66 5.38 8.51
N LEU A 230 27.16 4.43 9.31
CA LEU A 230 27.91 3.21 9.55
C LEU A 230 28.15 2.44 8.26
N ILE A 231 27.14 2.35 7.39
CA ILE A 231 27.34 1.69 6.11
C ILE A 231 28.31 2.48 5.24
N SER A 232 28.21 3.81 5.26
CA SER A 232 29.11 4.63 4.43
C SER A 232 30.56 4.48 4.87
N CYS A 233 30.81 4.20 6.14
CA CYS A 233 32.16 3.94 6.59
C CYS A 233 32.79 2.75 5.88
N LEU A 234 31.99 1.85 5.30
CA LEU A 234 32.48 0.63 4.69
C LEU A 234 32.63 0.73 3.17
N THR A 235 32.42 1.91 2.59
CA THR A 235 32.37 2.01 1.12
C THR A 235 33.75 1.98 0.49
N VAL A 236 34.81 2.20 1.27
CA VAL A 236 36.18 2.21 0.73
C VAL A 236 36.99 1.00 1.19
N LEU A 237 36.46 0.18 2.09
CA LEU A 237 37.24 -0.94 2.62
C LEU A 237 37.58 -1.96 1.55
N VAL A 238 36.80 -2.04 0.48
CA VAL A 238 37.07 -3.05 -0.55
C VAL A 238 38.44 -2.85 -1.16
N PHE A 239 38.93 -1.61 -1.19
CA PHE A 239 40.21 -1.32 -1.82
C PHE A 239 41.40 -1.65 -0.94
N TYR A 240 41.19 -1.90 0.35
CA TYR A 240 42.25 -2.35 1.24
C TYR A 240 42.21 -3.86 1.48
N LEU A 241 41.29 -4.53 0.90
CA LEU A 241 41.08 -5.95 1.06
C LEU A 241 41.91 -6.71 0.02
N PRO A 242 42.68 -7.72 0.40
CA PRO A 242 43.49 -8.44 -0.60
C PRO A 242 42.63 -9.22 -1.57
N SER A 243 43.16 -9.42 -2.77
CA SER A 243 42.43 -10.17 -3.78
C SER A 243 42.40 -11.66 -3.50
N GLU A 244 43.29 -12.17 -2.65
CA GLU A 244 43.33 -13.59 -2.36
C GLU A 244 42.27 -14.03 -1.35
N CYS A 245 41.67 -13.09 -0.61
CA CYS A 245 40.71 -13.47 0.40
C CYS A 245 39.41 -13.97 -0.22
N GLY A 246 39.13 -13.58 -1.47
CA GLY A 246 37.92 -14.00 -2.15
C GLY A 246 36.64 -13.47 -1.56
N GLU A 247 36.65 -12.23 -1.04
CA GLU A 247 35.46 -11.67 -0.43
C GLU A 247 35.22 -10.21 -0.81
N LYS A 248 35.98 -9.64 -1.76
CA LYS A 248 35.76 -8.25 -2.14
C LYS A 248 34.36 -8.05 -2.70
N ILE A 249 33.93 -8.96 -3.59
CA ILE A 249 32.63 -8.82 -4.22
C ILE A 249 31.53 -8.86 -3.17
N THR A 250 31.63 -9.79 -2.22
CA THR A 250 30.65 -9.88 -1.13
C THR A 250 30.49 -8.52 -0.45
N LEU A 251 31.60 -7.91 -0.05
CA LEU A 251 31.55 -6.66 0.69
C LEU A 251 30.93 -5.55 -0.14
N CYS A 252 31.45 -5.32 -1.35
CA CYS A 252 30.96 -4.18 -2.13
C CYS A 252 29.49 -4.35 -2.50
N ILE A 253 29.07 -5.57 -2.85
CA ILE A 253 27.68 -5.80 -3.18
C ILE A 253 26.79 -5.57 -1.97
N SER A 254 27.20 -6.06 -0.80
CA SER A 254 26.40 -5.82 0.40
C SER A 254 26.24 -4.34 0.68
N VAL A 255 27.31 -3.57 0.52
CA VAL A 255 27.22 -2.14 0.77
C VAL A 255 26.24 -1.49 -0.20
N LEU A 256 26.34 -1.84 -1.48
CA LEU A 256 25.45 -1.25 -2.47
C LEU A 256 23.98 -1.54 -2.15
N LEU A 257 23.69 -2.80 -1.83
CA LEU A 257 22.29 -3.17 -1.57
C LEU A 257 21.77 -2.52 -0.29
N SER A 258 22.62 -2.39 0.73
CA SER A 258 22.18 -1.71 1.95
C SER A 258 21.85 -0.24 1.67
N LEU A 259 22.72 0.45 0.93
CA LEU A 259 22.45 1.84 0.61
C LEU A 259 21.16 1.98 -0.20
N THR A 260 20.94 1.06 -1.15
CA THR A 260 19.70 1.12 -1.93
C THR A 260 18.48 0.92 -1.06
N VAL A 261 18.53 -0.06 -0.15
CA VAL A 261 17.40 -0.29 0.75
C VAL A 261 17.10 0.96 1.55
N PHE A 262 18.14 1.62 2.08
CA PHE A 262 17.89 2.82 2.88
C PHE A 262 17.33 3.96 2.03
N LEU A 263 17.79 4.11 0.79
CA LEU A 263 17.21 5.12 -0.07
C LEU A 263 15.73 4.87 -0.30
N LEU A 264 15.36 3.61 -0.56
CA LEU A 264 13.94 3.28 -0.75
C LEU A 264 13.14 3.53 0.53
N LEU A 265 13.73 3.25 1.69
CA LEU A 265 13.05 3.55 2.95
C LEU A 265 12.79 5.03 3.08
N ILE A 266 13.75 5.86 2.66
CA ILE A 266 13.58 7.31 2.76
C ILE A 266 12.48 7.78 1.80
N THR A 267 12.43 7.21 0.59
CA THR A 267 11.44 7.67 -0.38
C THR A 267 10.01 7.42 0.08
N GLU A 268 9.82 6.57 1.09
CA GLU A 268 8.49 6.33 1.65
C GLU A 268 8.07 7.42 2.64
N ILE A 269 8.98 8.28 3.05
CA ILE A 269 8.69 9.34 4.02
C ILE A 269 8.49 10.68 3.35
N ILE A 270 9.41 11.06 2.47
CA ILE A 270 9.44 12.39 1.88
C ILE A 270 8.37 12.50 0.80
N PRO A 271 7.81 13.68 0.55
CA PRO A 271 6.86 13.82 -0.56
C PRO A 271 7.54 13.72 -1.92
N SER A 272 6.78 13.22 -2.89
CA SER A 272 7.31 13.00 -4.25
C SER A 272 7.35 14.29 -5.05
N THR A 273 7.88 15.36 -4.48
CA THR A 273 7.93 16.65 -5.15
C THR A 273 9.28 16.85 -5.83
N SER A 274 9.30 17.77 -6.79
CA SER A 274 10.48 18.02 -7.60
C SER A 274 11.09 19.38 -7.35
N LEU A 275 10.57 20.15 -6.40
CA LEU A 275 11.11 21.48 -6.14
C LEU A 275 12.44 21.41 -5.40
N VAL A 276 12.58 20.48 -4.46
CA VAL A 276 13.77 20.39 -3.62
C VAL A 276 14.16 18.94 -3.43
N ILE A 277 15.46 18.70 -3.33
CA ILE A 277 16.02 17.37 -3.09
C ILE A 277 16.55 17.33 -1.66
N PRO A 278 16.13 16.39 -0.82
CA PRO A 278 16.70 16.29 0.52
C PRO A 278 18.19 16.03 0.46
N LEU A 279 18.95 16.66 1.36
CA LEU A 279 20.39 16.48 1.36
C LEU A 279 20.76 15.02 1.59
N ILE A 280 19.99 14.32 2.43
CA ILE A 280 20.28 12.92 2.71
C ILE A 280 20.03 12.06 1.48
N GLY A 281 19.00 12.37 0.70
CA GLY A 281 18.80 11.66 -0.55
C GLY A 281 19.93 11.87 -1.54
N GLU A 282 20.39 13.11 -1.68
CA GLU A 282 21.54 13.37 -2.55
C GLU A 282 22.77 12.63 -2.07
N TYR A 283 22.98 12.60 -0.75
CA TYR A 283 24.13 11.89 -0.21
C TYR A 283 24.05 10.40 -0.52
N LEU A 284 22.88 9.81 -0.32
CA LEU A 284 22.72 8.38 -0.60
C LEU A 284 22.94 8.10 -2.08
N LEU A 285 22.41 8.96 -2.96
CA LEU A 285 22.57 8.73 -4.39
C LEU A 285 24.03 8.81 -4.82
N PHE A 286 24.75 9.82 -4.33
CA PHE A 286 26.16 9.93 -4.70
C PHE A 286 26.97 8.77 -4.15
N THR A 287 26.69 8.35 -2.91
CA THR A 287 27.38 7.19 -2.35
C THR A 287 27.10 5.95 -3.18
N MET A 288 25.86 5.77 -3.62
CA MET A 288 25.52 4.62 -4.46
C MET A 288 26.27 4.65 -5.78
N ILE A 289 26.36 5.82 -6.42
CA ILE A 289 27.10 5.91 -7.67
C ILE A 289 28.55 5.52 -7.45
N PHE A 290 29.16 6.02 -6.39
CA PHE A 290 30.56 5.73 -6.15
C PHE A 290 30.77 4.26 -5.77
N VAL A 291 29.82 3.65 -5.08
CA VAL A 291 29.92 2.22 -4.77
C VAL A 291 29.78 1.38 -6.03
N THR A 292 28.90 1.79 -6.95
CA THR A 292 28.81 1.08 -8.24
C THR A 292 30.13 1.15 -8.99
N LEU A 293 30.73 2.34 -9.01
CA LEU A 293 32.04 2.49 -9.63
C LEU A 293 33.08 1.62 -8.92
N SER A 294 33.00 1.52 -7.60
CA SER A 294 33.93 0.67 -6.86
C SER A 294 33.77 -0.78 -7.26
N ILE A 295 32.54 -1.23 -7.51
CA ILE A 295 32.33 -2.62 -7.95
C ILE A 295 32.95 -2.83 -9.33
N VAL A 296 32.76 -1.87 -10.24
CA VAL A 296 33.37 -2.01 -11.57
C VAL A 296 34.89 -2.12 -11.46
N ILE A 297 35.50 -1.23 -10.65
CA ILE A 297 36.94 -1.25 -10.47
C ILE A 297 37.38 -2.55 -9.83
N THR A 298 36.61 -3.07 -8.87
CA THR A 298 36.97 -4.31 -8.20
C THR A 298 36.98 -5.47 -9.18
N VAL A 299 36.00 -5.53 -10.07
CA VAL A 299 36.01 -6.57 -11.09
C VAL A 299 37.26 -6.46 -11.94
N PHE A 300 37.60 -5.24 -12.35
CA PHE A 300 38.82 -5.05 -13.14
C PHE A 300 40.06 -5.50 -12.38
N VAL A 301 40.15 -5.15 -11.09
CA VAL A 301 41.34 -5.47 -10.31
C VAL A 301 41.47 -6.98 -10.12
N LEU A 302 40.34 -7.66 -9.91
CA LEU A 302 40.36 -9.10 -9.81
C LEU A 302 40.81 -9.74 -11.12
N ASN A 303 40.33 -9.20 -12.24
CA ASN A 303 40.75 -9.70 -13.53
C ASN A 303 42.26 -9.55 -13.72
N VAL A 304 42.80 -8.41 -13.30
CA VAL A 304 44.24 -8.17 -13.44
C VAL A 304 45.02 -9.10 -12.52
N HIS A 305 44.52 -9.33 -11.31
CA HIS A 305 45.26 -10.10 -10.31
C HIS A 305 45.50 -11.53 -10.75
N HIS A 306 44.63 -12.08 -11.60
CA HIS A 306 44.68 -13.51 -11.94
C HIS A 306 45.33 -13.77 -13.29
N ARG A 307 46.00 -12.81 -13.89
CA ARG A 307 46.65 -13.02 -15.17
C ARG A 307 47.97 -13.75 -14.98
N SER A 308 48.39 -14.46 -16.03
CA SER A 308 49.61 -15.27 -15.97
C SER A 308 50.22 -15.32 -17.36
N PRO A 309 51.50 -15.70 -17.48
CA PRO A 309 52.14 -15.71 -18.80
C PRO A 309 51.43 -16.60 -19.81
N ARG A 310 50.76 -17.64 -19.34
CA ARG A 310 50.10 -18.59 -20.21
C ARG A 310 48.84 -17.99 -20.86
N THR A 311 48.29 -16.90 -20.31
CA THR A 311 47.06 -16.34 -20.85
C THR A 311 47.25 -14.91 -21.33
N HIS A 312 48.10 -14.13 -20.65
CA HIS A 312 48.25 -12.71 -20.92
C HIS A 312 49.73 -12.38 -21.07
N THR A 313 50.00 -11.27 -21.76
CA THR A 313 51.33 -10.69 -21.84
C THR A 313 51.29 -9.31 -21.19
N MET A 314 52.33 -8.98 -20.44
CA MET A 314 52.42 -7.68 -19.77
C MET A 314 53.16 -6.69 -20.66
N PRO A 315 52.54 -5.59 -21.08
CA PRO A 315 53.28 -4.61 -21.87
C PRO A 315 54.38 -3.96 -21.06
N THR A 316 55.42 -3.51 -21.75
CA THR A 316 56.56 -2.91 -21.06
C THR A 316 56.16 -1.63 -20.33
N TRP A 317 55.20 -0.89 -20.88
CA TRP A 317 54.81 0.36 -20.24
C TRP A 317 54.04 0.10 -18.95
N VAL A 318 53.21 -0.95 -18.90
CA VAL A 318 52.56 -1.32 -17.65
C VAL A 318 53.61 -1.65 -16.59
N ARG A 319 54.58 -2.47 -16.97
CA ARG A 319 55.66 -2.80 -16.05
C ARG A 319 56.32 -1.53 -15.55
N ARG A 320 56.73 -0.66 -16.46
CA ARG A 320 57.39 0.58 -16.07
C ARG A 320 56.54 1.37 -15.09
N VAL A 321 55.36 1.79 -15.53
CA VAL A 321 54.51 2.65 -14.70
C VAL A 321 54.24 1.98 -13.35
N PHE A 322 53.55 0.85 -13.36
CA PHE A 322 52.99 0.29 -12.15
C PHE A 322 54.00 -0.49 -11.31
N LEU A 323 55.27 -0.58 -11.73
CA LEU A 323 56.30 -1.15 -10.87
C LEU A 323 57.37 -0.16 -10.46
N ASP A 324 57.46 1.02 -11.10
CA ASP A 324 58.39 2.05 -10.66
C ASP A 324 57.71 3.34 -10.23
N ILE A 325 56.89 3.93 -11.08
CA ILE A 325 56.48 5.32 -10.88
C ILE A 325 55.39 5.42 -9.82
N VAL A 326 54.24 4.79 -10.08
CA VAL A 326 53.11 4.90 -9.15
C VAL A 326 53.47 4.35 -7.77
N PRO A 327 54.09 3.17 -7.65
CA PRO A 327 54.41 2.69 -6.30
C PRO A 327 55.27 3.66 -5.51
N ARG A 328 56.23 4.32 -6.17
CA ARG A 328 57.07 5.31 -5.49
C ARG A 328 56.27 6.55 -5.13
N LEU A 329 55.27 6.90 -5.95
CA LEU A 329 54.47 8.10 -5.68
C LEU A 329 53.48 7.87 -4.55
N LEU A 330 53.08 6.62 -4.31
CA LEU A 330 52.12 6.29 -3.27
C LEU A 330 52.79 5.88 -1.97
N LEU A 331 54.11 5.97 -1.89
CA LEU A 331 54.86 5.65 -0.67
C LEU A 331 54.80 4.16 -0.33
N MET A 332 54.69 3.32 -1.34
CA MET A 332 54.80 1.87 -1.19
C MET A 332 55.96 1.38 -2.04
N LYS A 333 56.89 0.67 -1.41
CA LYS A 333 58.13 0.24 -2.06
C LYS A 333 58.24 -1.28 -2.03
N ARG A 334 58.60 -1.87 -3.17
CA ARG A 334 58.74 -3.31 -3.26
C ARG A 334 59.93 -3.78 -2.43
N PRO A 335 59.92 -5.04 -1.98
CA PRO A 335 61.07 -5.64 -1.29
C PRO A 335 62.38 -5.42 -2.03
N LEU A 538 75.66 -42.08 -15.68
CA LEU A 538 75.15 -42.43 -17.00
C LEU A 538 74.54 -41.23 -17.69
N THR A 539 74.25 -41.37 -18.99
CA THR A 539 73.65 -40.28 -19.74
C THR A 539 72.24 -39.98 -19.27
N ARG A 540 71.46 -41.02 -18.98
CA ARG A 540 70.08 -40.82 -18.60
C ARG A 540 69.97 -40.03 -17.31
N ALA A 541 70.82 -40.31 -16.32
CA ALA A 541 70.75 -39.60 -15.05
C ALA A 541 70.99 -38.12 -15.24
N VAL A 542 72.04 -37.76 -15.99
CA VAL A 542 72.37 -36.35 -16.18
C VAL A 542 71.33 -35.66 -17.04
N GLU A 543 70.80 -36.35 -18.04
CA GLU A 543 69.71 -35.80 -18.84
C GLU A 543 68.50 -35.49 -17.96
N GLY A 544 68.15 -36.43 -17.07
CA GLY A 544 67.02 -36.19 -16.19
C GLY A 544 67.26 -35.06 -15.22
N VAL A 545 68.47 -34.96 -14.67
CA VAL A 545 68.79 -33.87 -13.76
C VAL A 545 68.69 -32.53 -14.49
N GLN A 546 69.22 -32.47 -15.71
CA GLN A 546 69.13 -31.23 -16.48
C GLN A 546 67.68 -30.88 -16.77
N TYR A 547 66.85 -31.88 -17.09
CA TYR A 547 65.44 -31.60 -17.31
C TYR A 547 64.80 -31.04 -16.05
N ILE A 548 65.11 -31.62 -14.89
CA ILE A 548 64.53 -31.14 -13.64
C ILE A 548 64.92 -29.69 -13.39
N ALA A 549 66.20 -29.38 -13.58
CA ALA A 549 66.66 -28.02 -13.35
C ALA A 549 65.98 -27.02 -14.30
N ASP A 550 65.87 -27.39 -15.58
CA ASP A 550 65.23 -26.48 -16.53
C ASP A 550 63.75 -26.29 -16.21
N HIS A 551 63.08 -27.37 -15.81
CA HIS A 551 61.68 -27.27 -15.41
C HIS A 551 61.51 -26.33 -14.23
N LEU A 552 62.37 -26.47 -13.21
CA LEU A 552 62.28 -25.58 -12.06
C LEU A 552 62.54 -24.13 -12.46
N LYS A 553 63.50 -23.91 -13.36
CA LYS A 553 63.78 -22.54 -13.81
C LYS A 553 62.57 -21.94 -14.53
N ALA A 554 61.95 -22.71 -15.42
CA ALA A 554 60.78 -22.20 -16.14
C ALA A 554 59.64 -21.88 -15.17
N GLU A 555 59.41 -22.78 -14.21
CA GLU A 555 58.37 -22.51 -13.20
C GLU A 555 58.68 -21.25 -12.43
N ASP A 556 59.95 -21.05 -12.06
CA ASP A 556 60.33 -19.84 -11.32
C ASP A 556 60.04 -18.59 -12.12
N THR A 557 60.39 -18.58 -13.40
CA THR A 557 60.14 -17.41 -14.22
C THR A 557 58.63 -17.11 -14.33
N ASP A 558 57.84 -18.15 -14.58
CA ASP A 558 56.40 -17.95 -14.70
C ASP A 558 55.81 -17.43 -13.39
N PHE A 559 56.26 -17.98 -12.26
CA PHE A 559 55.80 -17.51 -10.97
C PHE A 559 56.16 -16.05 -10.75
N SER A 560 57.36 -15.65 -11.19
CA SER A 560 57.75 -14.24 -11.06
C SER A 560 56.81 -13.34 -11.83
N VAL A 561 56.43 -13.74 -13.05
CA VAL A 561 55.51 -12.90 -13.82
C VAL A 561 54.15 -12.82 -13.14
N LYS A 562 53.70 -13.95 -12.57
CA LYS A 562 52.42 -13.94 -11.84
C LYS A 562 52.47 -13.00 -10.64
N GLU A 563 53.59 -12.99 -9.92
CA GLU A 563 53.75 -12.06 -8.81
C GLU A 563 53.73 -10.62 -9.29
N ASP A 564 54.31 -10.35 -10.47
CA ASP A 564 54.25 -8.99 -11.01
C ASP A 564 52.79 -8.58 -11.26
N TRP A 565 51.99 -9.48 -11.83
CA TRP A 565 50.58 -9.16 -12.06
C TRP A 565 49.85 -8.90 -10.74
N LYS A 566 50.10 -9.72 -9.73
CA LYS A 566 49.49 -9.50 -8.42
C LYS A 566 49.88 -8.14 -7.84
N TYR A 567 51.16 -7.77 -7.98
CA TYR A 567 51.60 -6.47 -7.48
C TYR A 567 50.90 -5.33 -8.21
N VAL A 568 50.72 -5.46 -9.52
CA VAL A 568 50.03 -4.42 -10.28
C VAL A 568 48.60 -4.25 -9.76
N ALA A 569 47.93 -5.37 -9.50
CA ALA A 569 46.58 -5.28 -8.95
C ALA A 569 46.59 -4.56 -7.61
N MET A 570 47.56 -4.88 -6.76
CA MET A 570 47.67 -4.22 -5.46
C MET A 570 47.89 -2.71 -5.62
N VAL A 571 48.67 -2.31 -6.61
CA VAL A 571 48.95 -0.88 -6.81
C VAL A 571 47.69 -0.16 -7.27
N ILE A 572 46.94 -0.75 -8.20
CA ILE A 572 45.68 -0.14 -8.61
C ILE A 572 44.74 -0.01 -7.42
N ASP A 573 44.67 -1.04 -6.59
CA ASP A 573 43.83 -0.98 -5.40
C ASP A 573 44.24 0.18 -4.50
N ARG A 574 45.54 0.34 -4.27
CA ARG A 574 46.00 1.40 -3.38
C ARG A 574 45.67 2.79 -3.92
N ILE A 575 45.91 3.02 -5.21
CA ILE A 575 45.61 4.34 -5.76
C ILE A 575 44.12 4.64 -5.63
N PHE A 576 43.27 3.65 -5.89
CA PHE A 576 41.84 3.94 -5.77
C PHE A 576 41.42 4.07 -4.32
N LEU A 577 42.10 3.41 -3.39
CA LEU A 577 41.82 3.65 -1.97
C LEU A 577 42.09 5.10 -1.60
N TRP A 578 43.24 5.63 -2.04
CA TRP A 578 43.53 7.04 -1.78
C TRP A 578 42.44 7.93 -2.36
N MET A 579 42.13 7.73 -3.65
CA MET A 579 41.16 8.59 -4.31
C MET A 579 39.80 8.52 -3.62
N PHE A 580 39.36 7.31 -3.25
CA PHE A 580 38.04 7.16 -2.69
C PHE A 580 37.96 7.73 -1.28
N ILE A 581 39.02 7.59 -0.48
CA ILE A 581 39.02 8.24 0.83
C ILE A 581 38.89 9.74 0.66
N ILE A 582 39.68 10.33 -0.25
CA ILE A 582 39.63 11.77 -0.42
C ILE A 582 38.25 12.22 -0.89
N VAL A 583 37.71 11.53 -1.89
CA VAL A 583 36.41 11.91 -2.44
C VAL A 583 35.32 11.75 -1.39
N CYS A 584 35.36 10.66 -0.63
CA CYS A 584 34.37 10.45 0.41
C CYS A 584 34.39 11.58 1.43
N LEU A 585 35.58 11.92 1.93
CA LEU A 585 35.66 12.96 2.96
C LEU A 585 35.18 14.31 2.41
N LEU A 586 35.65 14.68 1.23
CA LEU A 586 35.27 15.98 0.68
C LEU A 586 33.77 16.03 0.38
N GLY A 587 33.22 14.97 -0.21
CA GLY A 587 31.80 14.96 -0.50
C GLY A 587 30.95 14.99 0.76
N THR A 588 31.36 14.26 1.79
CA THR A 588 30.60 14.27 3.03
C THR A 588 30.63 15.65 3.67
N VAL A 589 31.80 16.31 3.66
CA VAL A 589 31.87 17.64 4.25
C VAL A 589 31.16 18.67 3.37
N GLY A 590 30.96 18.39 2.10
CA GLY A 590 30.27 19.33 1.23
C GLY A 590 28.77 19.14 1.13
N LEU A 591 28.28 17.95 1.45
CA LEU A 591 26.86 17.65 1.39
C LEU A 591 26.21 17.44 2.75
N PHE A 592 26.99 17.25 3.82
CA PHE A 592 26.44 17.05 5.15
C PHE A 592 26.98 18.07 6.14
N LEU A 593 27.65 19.11 5.66
CA LEU A 593 27.99 20.27 6.46
C LEU A 593 26.75 21.15 6.64
N PRO A 594 25.98 21.38 5.57
CA PRO A 594 24.83 22.30 5.67
C PRO A 594 23.85 21.89 6.75
N PRO A 595 23.57 20.59 6.93
CA PRO A 595 22.62 20.21 7.98
C PRO A 595 23.01 20.72 9.36
N TRP A 596 24.30 20.76 9.67
CA TRP A 596 24.72 21.36 10.93
C TRP A 596 24.50 22.88 10.92
N LEU A 597 24.73 23.52 9.76
CA LEU A 597 24.49 24.94 9.65
C LEU A 597 23.02 25.28 9.92
N ALA A 598 22.10 24.50 9.33
CA ALA A 598 20.68 24.72 9.59
C ALA A 598 20.35 24.44 11.05
N GLY A 599 20.89 23.37 11.60
CA GLY A 599 20.68 23.04 13.01
C GLY A 599 21.56 23.83 13.95
N THR B 1 -31.52 43.29 10.83
CA THR B 1 -32.47 44.41 10.56
C THR B 1 -33.88 43.88 10.49
N ASP B 2 -34.85 44.70 10.93
CA ASP B 2 -36.24 44.28 10.89
C ASP B 2 -36.72 44.08 9.47
N THR B 3 -36.37 45.00 8.57
CA THR B 3 -36.74 44.86 7.17
C THR B 3 -36.16 43.59 6.57
N GLU B 4 -34.88 43.31 6.84
CA GLU B 4 -34.26 42.12 6.26
C GLU B 4 -34.95 40.86 6.73
N GLU B 5 -35.25 40.76 8.02
CA GLU B 5 -35.86 39.52 8.51
C GLU B 5 -37.30 39.38 8.04
N ARG B 6 -38.02 40.49 7.91
CA ARG B 6 -39.34 40.44 7.29
C ARG B 6 -39.24 39.90 5.87
N LEU B 7 -38.28 40.41 5.10
CA LEU B 7 -38.10 39.95 3.72
C LEU B 7 -37.74 38.47 3.67
N VAL B 8 -36.84 38.03 4.55
CA VAL B 8 -36.40 36.64 4.53
C VAL B 8 -37.55 35.71 4.92
N GLU B 9 -38.34 36.10 5.93
CA GLU B 9 -39.51 35.32 6.27
C GLU B 9 -40.47 35.25 5.11
N HIS B 10 -40.67 36.38 4.42
CA HIS B 10 -41.58 36.40 3.28
C HIS B 10 -41.12 35.44 2.18
N LEU B 11 -39.81 35.44 1.88
CA LEU B 11 -39.31 34.66 0.76
C LEU B 11 -39.37 33.16 1.03
N LEU B 12 -39.00 32.75 2.24
CA LEU B 12 -38.83 31.34 2.56
C LEU B 12 -40.08 30.72 3.17
N ASP B 13 -41.18 31.45 3.24
CA ASP B 13 -42.41 30.94 3.82
C ASP B 13 -42.84 29.65 3.10
N PRO B 14 -42.84 28.49 3.77
CA PRO B 14 -43.20 27.25 3.08
C PRO B 14 -44.62 27.25 2.57
N SER B 15 -45.48 28.13 3.08
CA SER B 15 -46.84 28.22 2.56
C SER B 15 -46.86 28.64 1.10
N ARG B 16 -46.04 29.63 0.74
CA ARG B 16 -46.04 30.16 -0.62
C ARG B 16 -44.87 29.68 -1.47
N TYR B 17 -43.83 29.11 -0.86
CA TYR B 17 -42.64 28.68 -1.57
C TYR B 17 -42.35 27.23 -1.26
N ASN B 18 -42.30 26.39 -2.29
CA ASN B 18 -42.03 24.97 -2.17
C ASN B 18 -40.71 24.68 -2.87
N LYS B 19 -39.68 24.36 -2.09
CA LYS B 19 -38.33 24.21 -2.62
C LYS B 19 -38.14 22.95 -3.44
N LEU B 20 -39.12 22.05 -3.47
CA LEU B 20 -38.99 20.83 -4.25
C LEU B 20 -39.47 20.99 -5.69
N ILE B 21 -39.96 22.17 -6.06
CA ILE B 21 -40.57 22.40 -7.37
C ILE B 21 -39.62 23.27 -8.20
N ARG B 22 -39.44 22.88 -9.46
CA ARG B 22 -38.57 23.63 -10.36
C ARG B 22 -39.18 24.99 -10.65
N PRO B 23 -38.40 26.08 -10.61
CA PRO B 23 -38.95 27.42 -10.85
C PRO B 23 -39.20 27.70 -12.33
N ALA B 24 -40.04 26.88 -12.95
CA ALA B 24 -40.40 27.03 -14.35
C ALA B 24 -41.78 27.65 -14.47
N THR B 25 -41.93 28.56 -15.41
CA THR B 25 -43.21 29.17 -15.75
C THR B 25 -43.69 28.67 -17.10
N ASN B 26 -44.87 29.13 -17.50
CA ASN B 26 -45.39 28.88 -18.84
C ASN B 26 -45.39 27.39 -19.19
N GLY B 27 -45.38 26.52 -18.19
CA GLY B 27 -45.51 25.10 -18.46
C GLY B 27 -44.20 24.38 -18.75
N SER B 28 -43.89 24.21 -20.04
CA SER B 28 -42.79 23.37 -20.47
C SER B 28 -41.53 24.17 -20.81
N GLU B 29 -41.37 25.35 -20.24
CA GLU B 29 -40.11 26.07 -20.39
C GLU B 29 -39.05 25.44 -19.49
N LEU B 30 -37.79 25.69 -19.83
CA LEU B 30 -36.68 25.09 -19.10
C LEU B 30 -35.92 26.14 -18.31
N VAL B 31 -35.21 25.66 -17.30
CA VAL B 31 -34.39 26.50 -16.43
C VAL B 31 -32.94 26.37 -16.88
N THR B 32 -32.29 27.51 -17.09
CA THR B 32 -30.90 27.54 -17.51
C THR B 32 -30.01 27.70 -16.29
N VAL B 33 -29.00 26.83 -16.18
CA VAL B 33 -28.03 26.89 -15.11
C VAL B 33 -26.67 27.17 -15.73
N GLN B 34 -26.04 28.26 -15.30
CA GLN B 34 -24.68 28.58 -15.72
C GLN B 34 -23.70 27.92 -14.77
N LEU B 35 -22.70 27.26 -15.32
CA LEU B 35 -21.74 26.47 -14.57
C LEU B 35 -20.33 26.96 -14.84
N MET B 36 -19.54 27.12 -13.79
CA MET B 36 -18.14 27.49 -13.90
C MET B 36 -17.38 26.87 -12.75
N VAL B 37 -16.31 26.16 -13.05
CA VAL B 37 -15.46 25.51 -12.06
C VAL B 37 -14.20 26.34 -11.87
N SER B 38 -13.88 26.64 -10.62
CA SER B 38 -12.63 27.27 -10.25
C SER B 38 -11.80 26.27 -9.48
N LEU B 39 -10.57 26.02 -9.93
CA LEU B 39 -9.68 25.07 -9.29
C LEU B 39 -8.83 25.78 -8.25
N ALA B 40 -9.01 25.42 -6.99
CA ALA B 40 -8.20 25.98 -5.91
C ALA B 40 -6.93 25.17 -5.65
N GLN B 41 -6.96 23.85 -5.83
CA GLN B 41 -5.78 23.07 -5.57
C GLN B 41 -5.96 21.66 -6.10
N LEU B 42 -4.93 21.13 -6.75
CA LEU B 42 -4.86 19.72 -7.12
C LEU B 42 -4.21 18.98 -5.96
N ILE B 43 -5.04 18.31 -5.15
CA ILE B 43 -4.56 17.74 -3.90
C ILE B 43 -3.69 16.52 -4.17
N SER B 44 -4.12 15.64 -5.07
CA SER B 44 -3.30 14.47 -5.37
C SER B 44 -3.82 13.76 -6.61
N VAL B 45 -2.94 12.96 -7.20
CA VAL B 45 -3.29 12.01 -8.25
C VAL B 45 -2.79 10.65 -7.79
N HIS B 46 -3.72 9.72 -7.57
CA HIS B 46 -3.39 8.38 -7.10
C HIS B 46 -3.45 7.44 -8.29
N GLU B 47 -2.28 7.10 -8.83
CA GLU B 47 -2.23 6.25 -10.02
C GLU B 47 -2.68 4.83 -9.70
N ARG B 48 -2.34 4.34 -8.51
CA ARG B 48 -2.65 2.96 -8.15
C ARG B 48 -4.15 2.72 -8.20
N GLU B 49 -4.95 3.57 -7.55
CA GLU B 49 -6.40 3.44 -7.57
C GLU B 49 -7.06 4.32 -8.63
N GLN B 50 -6.28 5.15 -9.34
CA GLN B 50 -6.79 5.94 -10.46
C GLN B 50 -7.84 6.95 -9.99
N ILE B 51 -7.42 7.84 -9.09
CA ILE B 51 -8.28 8.87 -8.53
C ILE B 51 -7.52 10.18 -8.51
N MET B 52 -8.20 11.25 -8.93
CA MET B 52 -7.70 12.61 -8.80
C MET B 52 -8.54 13.34 -7.75
N THR B 53 -7.87 13.98 -6.80
CA THR B 53 -8.53 14.70 -5.71
C THR B 53 -8.30 16.19 -5.88
N THR B 54 -9.38 16.96 -5.92
CA THR B 54 -9.32 18.38 -6.21
C THR B 54 -10.15 19.18 -5.21
N ASN B 55 -9.68 20.37 -4.91
CA ASN B 55 -10.42 21.36 -4.14
C ASN B 55 -10.89 22.42 -5.13
N VAL B 56 -12.21 22.45 -5.39
CA VAL B 56 -12.79 23.31 -6.42
C VAL B 56 -13.93 24.12 -5.83
N TRP B 57 -14.18 25.28 -6.44
CA TRP B 57 -15.36 26.09 -6.17
C TRP B 57 -16.26 26.02 -7.39
N LEU B 58 -17.46 25.50 -7.23
CA LEU B 58 -18.38 25.26 -8.34
C LEU B 58 -19.40 26.39 -8.38
N THR B 59 -19.21 27.31 -9.33
CA THR B 59 -20.16 28.41 -9.51
C THR B 59 -21.43 27.89 -10.18
N GLN B 60 -22.59 28.28 -9.63
CA GLN B 60 -23.87 27.94 -10.22
C GLN B 60 -24.74 29.18 -10.19
N GLU B 61 -25.36 29.50 -11.33
CA GLU B 61 -26.20 30.68 -11.46
C GLU B 61 -27.46 30.32 -12.21
N TRP B 62 -28.60 30.77 -11.70
CA TRP B 62 -29.88 30.49 -12.33
C TRP B 62 -30.89 31.52 -11.84
N GLU B 63 -32.09 31.47 -12.41
CA GLU B 63 -33.17 32.38 -12.09
C GLU B 63 -34.28 31.64 -11.34
N ASP B 64 -34.86 32.29 -10.35
CA ASP B 64 -36.03 31.78 -9.63
C ASP B 64 -37.03 32.92 -9.53
N TYR B 65 -38.08 32.87 -10.36
CA TYR B 65 -39.05 33.96 -10.39
C TYR B 65 -39.82 34.09 -9.08
N ARG B 66 -39.83 33.05 -8.25
CA ARG B 66 -40.55 33.10 -6.98
C ARG B 66 -39.77 33.81 -5.89
N LEU B 67 -38.50 34.11 -6.11
CA LEU B 67 -37.64 34.73 -5.11
C LEU B 67 -37.33 36.18 -5.47
N THR B 68 -38.34 36.90 -5.94
CA THR B 68 -38.20 38.30 -6.31
C THR B 68 -38.90 39.17 -5.27
N TRP B 69 -38.52 40.45 -5.27
CA TRP B 69 -39.16 41.43 -4.41
C TRP B 69 -38.90 42.81 -4.98
N LYS B 70 -39.70 43.78 -4.55
CA LYS B 70 -39.53 45.16 -4.98
C LYS B 70 -38.61 45.88 -3.99
N PRO B 71 -37.45 46.39 -4.43
CA PRO B 71 -36.58 47.08 -3.47
C PRO B 71 -37.23 48.25 -2.77
N GLU B 72 -38.11 48.98 -3.43
CA GLU B 72 -38.71 50.15 -2.82
C GLU B 72 -39.55 49.77 -1.60
N GLU B 73 -40.14 48.58 -1.60
CA GLU B 73 -40.97 48.15 -0.47
C GLU B 73 -40.15 47.63 0.69
N PHE B 74 -38.87 47.31 0.48
CA PHE B 74 -38.01 46.71 1.50
C PHE B 74 -36.77 47.55 1.73
N ASP B 75 -36.95 48.87 1.85
CA ASP B 75 -35.87 49.77 2.24
C ASP B 75 -34.74 49.77 1.22
N ASN B 76 -35.09 49.64 -0.05
CA ASN B 76 -34.12 49.69 -1.14
C ASN B 76 -33.05 48.60 -0.99
N MET B 77 -33.47 47.45 -0.52
CA MET B 77 -32.56 46.32 -0.40
C MET B 77 -32.47 45.60 -1.74
N LYS B 78 -31.25 45.37 -2.20
CA LYS B 78 -31.02 44.83 -3.54
C LYS B 78 -30.71 43.34 -3.54
N LYS B 79 -30.04 42.82 -2.52
CA LYS B 79 -29.76 41.41 -2.46
C LYS B 79 -29.71 40.96 -1.01
N VAL B 80 -29.85 39.65 -0.83
CA VAL B 80 -29.91 39.02 0.49
C VAL B 80 -29.23 37.67 0.41
N ARG B 81 -28.88 37.13 1.57
CA ARG B 81 -28.28 35.81 1.68
C ARG B 81 -29.34 34.83 2.17
N LEU B 82 -29.48 33.71 1.46
CA LEU B 82 -30.43 32.69 1.86
C LEU B 82 -29.72 31.35 2.03
N PRO B 83 -30.10 30.55 3.03
CA PRO B 83 -29.48 29.23 3.18
C PRO B 83 -29.81 28.32 2.01
N SER B 84 -28.78 27.71 1.41
CA SER B 84 -28.99 26.92 0.21
C SER B 84 -29.80 25.66 0.49
N LYS B 85 -29.96 25.26 1.74
CA LYS B 85 -30.75 24.09 2.06
C LYS B 85 -32.25 24.38 2.07
N HIS B 86 -32.66 25.63 1.93
CA HIS B 86 -34.07 26.01 2.04
C HIS B 86 -34.64 26.58 0.75
N ILE B 87 -33.92 26.49 -0.37
CA ILE B 87 -34.40 26.95 -1.66
C ILE B 87 -34.27 25.79 -2.65
N TRP B 88 -34.91 25.95 -3.80
CA TRP B 88 -34.75 24.97 -4.87
C TRP B 88 -33.34 25.04 -5.45
N LEU B 89 -32.69 23.90 -5.54
CA LEU B 89 -31.38 23.81 -6.18
C LEU B 89 -31.46 22.89 -7.38
N PRO B 90 -30.73 23.17 -8.46
CA PRO B 90 -30.50 22.14 -9.48
C PRO B 90 -29.46 21.16 -8.96
N ASP B 91 -29.78 19.87 -8.98
CA ASP B 91 -28.90 18.90 -8.35
C ASP B 91 -27.72 18.57 -9.25
N VAL B 92 -26.80 19.52 -9.41
CA VAL B 92 -25.62 19.32 -10.23
C VAL B 92 -24.56 18.62 -9.40
N VAL B 93 -24.12 17.45 -9.86
CA VAL B 93 -23.25 16.57 -9.10
C VAL B 93 -22.08 16.16 -9.98
N LEU B 94 -20.99 15.76 -9.33
CA LEU B 94 -19.89 15.11 -10.02
C LEU B 94 -20.33 13.71 -10.38
N TYR B 95 -20.61 13.47 -11.65
CA TYR B 95 -21.21 12.20 -12.05
C TYR B 95 -20.19 11.07 -12.09
N ASN B 96 -18.93 11.38 -12.41
CA ASN B 96 -17.88 10.37 -12.50
C ASN B 96 -17.02 10.34 -11.24
N ASN B 97 -17.65 10.48 -10.09
CA ASN B 97 -16.90 10.45 -8.85
C ASN B 97 -16.50 9.02 -8.49
N ALA B 98 -15.40 8.92 -7.77
CA ALA B 98 -15.00 7.69 -7.10
C ALA B 98 -15.19 7.90 -5.61
N ASP B 99 -15.70 6.87 -4.93
CA ASP B 99 -16.16 6.85 -3.54
C ASP B 99 -17.61 7.33 -3.38
N GLY B 100 -18.36 7.49 -4.45
CA GLY B 100 -19.81 7.70 -4.33
C GLY B 100 -20.21 8.91 -3.53
N MET B 101 -19.44 10.00 -3.63
CA MET B 101 -19.78 11.27 -3.01
C MET B 101 -20.17 12.23 -4.13
N TYR B 102 -21.48 12.39 -4.35
CA TYR B 102 -21.97 13.16 -5.49
C TYR B 102 -22.00 14.66 -5.20
N GLU B 103 -22.37 15.04 -3.99
CA GLU B 103 -22.73 16.42 -3.69
C GLU B 103 -21.50 17.26 -3.32
N VAL B 104 -21.74 18.55 -3.10
CA VAL B 104 -20.73 19.49 -2.63
C VAL B 104 -20.45 19.24 -1.16
N SER B 105 -19.45 19.91 -0.61
CA SER B 105 -18.98 19.62 0.73
C SER B 105 -19.59 20.52 1.81
N PHE B 106 -19.92 21.77 1.50
CA PHE B 106 -20.27 22.74 2.54
C PHE B 106 -21.71 23.22 2.51
N TYR B 107 -22.31 23.49 1.35
CA TYR B 107 -23.66 24.07 1.28
C TYR B 107 -23.71 25.44 1.95
N SER B 108 -23.01 26.38 1.34
CA SER B 108 -22.95 27.75 1.82
C SER B 108 -24.23 28.51 1.46
N ASN B 109 -24.31 29.76 1.92
CA ASN B 109 -25.43 30.61 1.56
C ASN B 109 -25.42 30.90 0.06
N ALA B 110 -26.59 31.20 -0.46
CA ALA B 110 -26.76 31.68 -1.83
C ALA B 110 -27.06 33.17 -1.79
N VAL B 111 -26.44 33.92 -2.68
CA VAL B 111 -26.69 35.35 -2.81
C VAL B 111 -27.81 35.53 -3.84
N VAL B 112 -28.91 36.15 -3.41
CA VAL B 112 -30.12 36.28 -4.20
C VAL B 112 -30.35 37.76 -4.50
N SER B 113 -30.52 38.08 -5.77
CA SER B 113 -30.84 39.43 -6.18
C SER B 113 -32.35 39.65 -6.18
N TYR B 114 -32.75 40.92 -6.23
CA TYR B 114 -34.16 41.27 -6.15
C TYR B 114 -34.95 40.86 -7.39
N ASP B 115 -34.27 40.51 -8.48
CA ASP B 115 -34.94 40.06 -9.70
C ASP B 115 -34.97 38.55 -9.84
N GLY B 116 -34.62 37.81 -8.79
CA GLY B 116 -34.68 36.36 -8.82
C GLY B 116 -33.40 35.67 -9.23
N SER B 117 -32.33 36.41 -9.49
CA SER B 117 -31.06 35.80 -9.87
C SER B 117 -30.36 35.21 -8.65
N ILE B 118 -29.93 33.96 -8.78
CA ILE B 118 -29.29 33.23 -7.69
C ILE B 118 -27.82 33.03 -8.04
N PHE B 119 -26.94 33.36 -7.10
CA PHE B 119 -25.51 33.12 -7.22
C PHE B 119 -25.09 32.21 -6.09
N TRP B 120 -24.66 31.00 -6.41
CA TRP B 120 -24.25 30.00 -5.43
C TRP B 120 -22.85 29.53 -5.76
N LEU B 121 -21.96 29.53 -4.77
CA LEU B 121 -20.55 29.21 -4.97
C LEU B 121 -20.05 28.32 -3.85
N PRO B 122 -20.53 27.07 -3.80
CA PRO B 122 -20.14 26.17 -2.70
C PRO B 122 -18.78 25.52 -2.94
N PRO B 123 -17.98 25.33 -1.91
CA PRO B 123 -16.72 24.59 -2.06
C PRO B 123 -16.92 23.09 -1.95
N ALA B 124 -16.01 22.35 -2.57
CA ALA B 124 -16.13 20.90 -2.61
C ALA B 124 -14.75 20.27 -2.70
N ILE B 125 -14.61 19.11 -2.08
CA ILE B 125 -13.45 18.25 -2.25
C ILE B 125 -13.91 17.04 -3.04
N TYR B 126 -13.46 16.95 -4.29
CA TYR B 126 -13.97 15.96 -5.23
C TYR B 126 -12.91 14.91 -5.54
N LYS B 127 -13.34 13.65 -5.61
CA LYS B 127 -12.48 12.55 -6.02
C LYS B 127 -13.09 11.92 -7.26
N SER B 128 -12.43 12.12 -8.40
CA SER B 128 -12.96 11.69 -9.69
C SER B 128 -12.12 10.54 -10.24
N ALA B 129 -12.80 9.58 -10.87
CA ALA B 129 -12.12 8.47 -11.51
C ALA B 129 -11.57 8.92 -12.86
N CYS B 130 -10.28 8.71 -13.06
CA CYS B 130 -9.68 8.96 -14.36
C CYS B 130 -8.72 7.85 -14.72
N LYS B 131 -8.75 7.45 -15.99
CA LYS B 131 -7.86 6.41 -16.48
C LYS B 131 -6.44 6.95 -16.60
N ILE B 132 -5.48 6.22 -16.01
CA ILE B 132 -4.09 6.67 -15.92
C ILE B 132 -3.27 5.98 -17.00
N GLU B 133 -2.49 6.77 -17.74
CA GLU B 133 -1.61 6.27 -18.78
C GLU B 133 -0.20 6.21 -18.22
N VAL B 134 0.38 5.02 -18.17
CA VAL B 134 1.64 4.79 -17.46
C VAL B 134 2.78 4.45 -18.39
N LYS B 135 2.58 4.52 -19.71
CA LYS B 135 3.61 4.05 -20.63
C LYS B 135 4.90 4.83 -20.49
N HIS B 136 4.81 6.14 -20.28
CA HIS B 136 5.98 7.01 -20.31
C HIS B 136 6.42 7.47 -18.92
N PHE B 137 5.98 6.79 -17.87
CA PHE B 137 6.36 7.16 -16.52
C PHE B 137 7.88 7.15 -16.39
N PRO B 138 8.48 8.14 -15.70
CA PRO B 138 7.89 9.27 -14.97
C PRO B 138 7.74 10.55 -15.79
N PHE B 139 7.81 10.44 -17.12
CA PHE B 139 7.64 11.59 -18.01
C PHE B 139 6.25 11.63 -18.64
N ASP B 140 5.24 11.22 -17.89
CA ASP B 140 3.89 11.02 -18.42
C ASP B 140 3.06 12.30 -18.35
N GLN B 141 2.00 12.33 -19.16
CA GLN B 141 1.04 13.42 -19.18
C GLN B 141 -0.35 12.81 -19.05
N GLN B 142 -1.06 13.16 -17.99
CA GLN B 142 -2.36 12.58 -17.72
C GLN B 142 -3.49 13.47 -18.24
N ASN B 143 -4.66 12.86 -18.42
CA ASN B 143 -5.85 13.52 -18.97
C ASN B 143 -7.03 13.01 -18.17
N CYS B 144 -7.35 13.72 -17.08
CA CYS B 144 -8.39 13.30 -16.14
C CYS B 144 -9.57 14.25 -16.25
N THR B 145 -10.76 13.69 -16.41
CA THR B 145 -11.96 14.47 -16.68
C THR B 145 -12.86 14.53 -15.45
N MET B 146 -13.58 15.64 -15.33
CA MET B 146 -14.64 15.81 -14.33
C MET B 146 -15.94 16.07 -15.07
N LYS B 147 -16.92 15.20 -14.87
CA LYS B 147 -18.19 15.28 -15.57
C LYS B 147 -19.29 15.74 -14.63
N PHE B 148 -19.96 16.83 -15.00
CA PHE B 148 -21.00 17.42 -14.17
C PHE B 148 -22.34 17.27 -14.86
N ARG B 149 -23.32 16.75 -14.13
CA ARG B 149 -24.66 16.56 -14.63
C ARG B 149 -25.64 16.88 -13.51
N SER B 150 -26.89 17.13 -13.90
CA SER B 150 -27.99 17.13 -12.96
C SER B 150 -28.53 15.71 -12.90
N TRP B 151 -28.50 15.09 -11.71
CA TRP B 151 -29.00 13.73 -11.56
C TRP B 151 -30.47 13.69 -11.17
N THR B 152 -31.18 14.81 -11.32
CA THR B 152 -32.62 14.88 -11.06
C THR B 152 -33.42 15.33 -12.26
N TYR B 153 -32.91 16.29 -13.02
CA TYR B 153 -33.62 16.84 -14.17
C TYR B 153 -32.84 16.55 -15.45
N ASP B 154 -33.56 16.41 -16.55
CA ASP B 154 -32.96 16.10 -17.85
C ASP B 154 -33.07 17.30 -18.78
N ARG B 155 -32.55 17.13 -19.99
CA ARG B 155 -32.31 18.27 -20.88
C ARG B 155 -33.59 19.05 -21.16
N THR B 156 -34.75 18.40 -21.09
CA THR B 156 -36.00 19.10 -21.32
C THR B 156 -36.45 19.95 -20.13
N GLU B 157 -35.79 19.83 -18.98
CA GLU B 157 -36.17 20.54 -17.78
C GLU B 157 -35.15 21.60 -17.37
N ILE B 158 -33.87 21.26 -17.35
CA ILE B 158 -32.81 22.25 -17.14
C ILE B 158 -31.75 22.05 -18.20
N ASP B 159 -31.23 23.16 -18.71
CA ASP B 159 -30.13 23.16 -19.65
C ASP B 159 -28.88 23.69 -18.95
N LEU B 160 -27.76 22.99 -19.13
CA LEU B 160 -26.49 23.41 -18.55
C LEU B 160 -25.69 24.20 -19.58
N VAL B 161 -25.21 25.38 -19.17
CA VAL B 161 -24.47 26.27 -20.05
C VAL B 161 -23.14 26.63 -19.40
N LEU B 162 -22.08 26.61 -20.19
CA LEU B 162 -20.76 26.99 -19.72
C LEU B 162 -20.66 28.51 -19.60
N LYS B 163 -20.19 28.98 -18.45
CA LYS B 163 -19.92 30.41 -18.30
C LYS B 163 -18.61 30.81 -18.98
N SER B 164 -17.62 29.93 -18.96
CA SER B 164 -16.35 30.15 -19.64
C SER B 164 -15.91 28.83 -20.24
N GLU B 165 -15.06 28.91 -21.27
CA GLU B 165 -14.56 27.72 -21.95
C GLU B 165 -13.35 27.11 -21.27
N VAL B 166 -12.89 27.66 -20.15
CA VAL B 166 -11.79 27.11 -19.38
C VAL B 166 -12.09 27.26 -17.90
N ALA B 167 -11.70 26.26 -17.11
CA ALA B 167 -11.79 26.38 -15.66
C ALA B 167 -10.87 27.50 -15.19
N SER B 168 -11.30 28.19 -14.13
CA SER B 168 -10.55 29.34 -13.63
C SER B 168 -9.39 28.91 -12.73
N LEU B 169 -8.28 29.64 -12.84
CA LEU B 169 -7.11 29.46 -12.00
C LEU B 169 -6.75 30.72 -11.22
N ASP B 170 -7.71 31.61 -10.99
CA ASP B 170 -7.41 32.89 -10.36
C ASP B 170 -6.94 32.72 -8.92
N ASP B 171 -7.23 31.60 -8.27
CA ASP B 171 -6.86 31.36 -6.88
C ASP B 171 -6.24 29.98 -6.72
N PHE B 172 -5.41 29.58 -7.67
CA PHE B 172 -4.77 28.28 -7.68
C PHE B 172 -3.51 28.29 -6.81
N THR B 173 -3.26 27.18 -6.13
CA THR B 173 -2.01 26.97 -5.39
C THR B 173 -1.20 25.88 -6.09
N PRO B 174 0.00 26.17 -6.58
CA PRO B 174 0.74 25.17 -7.36
C PRO B 174 1.04 23.91 -6.58
N SER B 175 1.15 22.80 -7.30
CA SER B 175 1.21 21.47 -6.69
C SER B 175 2.59 21.13 -6.19
N GLY B 176 3.59 21.17 -7.06
CA GLY B 176 4.92 20.69 -6.77
C GLY B 176 5.24 19.32 -7.33
N GLU B 177 4.21 18.54 -7.68
CA GLU B 177 4.38 17.26 -8.35
C GLU B 177 3.77 17.22 -9.74
N TRP B 178 2.73 17.99 -10.00
CA TRP B 178 2.04 18.00 -11.28
C TRP B 178 1.95 19.44 -11.79
N ASP B 179 2.14 19.60 -13.10
CA ASP B 179 2.06 20.90 -13.75
C ASP B 179 0.79 20.98 -14.58
N ILE B 180 0.03 22.05 -14.39
CA ILE B 180 -1.21 22.25 -15.13
C ILE B 180 -0.87 22.67 -16.56
N VAL B 181 -1.44 21.99 -17.54
CA VAL B 181 -1.24 22.29 -18.94
C VAL B 181 -2.46 22.98 -19.55
N ALA B 182 -3.64 22.37 -19.40
CA ALA B 182 -4.86 22.92 -19.97
C ALA B 182 -6.06 22.39 -19.21
N LEU B 183 -7.03 23.26 -18.95
CA LEU B 183 -8.27 22.90 -18.27
C LEU B 183 -9.48 23.38 -19.05
N PRO B 184 -9.69 22.88 -20.26
CA PRO B 184 -10.88 23.26 -21.03
C PRO B 184 -12.14 22.57 -20.54
N GLY B 185 -13.26 23.21 -20.82
CA GLY B 185 -14.55 22.65 -20.51
C GLY B 185 -15.45 22.64 -21.72
N ARG B 186 -16.28 21.60 -21.82
CA ARG B 186 -17.13 21.40 -22.98
C ARG B 186 -18.50 20.93 -22.56
N ARG B 187 -19.51 21.37 -23.30
CA ARG B 187 -20.89 21.00 -23.09
C ARG B 187 -21.26 19.94 -24.13
N ASN B 188 -21.78 18.81 -23.65
CA ASN B 188 -22.05 17.66 -24.51
C ASN B 188 -23.52 17.30 -24.49
N GLU B 189 -24.05 17.00 -25.67
CA GLU B 189 -25.40 16.47 -25.84
C GLU B 189 -25.31 15.11 -26.53
N ASN B 190 -26.40 14.36 -26.45
CA ASN B 190 -26.49 13.06 -27.12
C ASN B 190 -27.46 13.16 -28.29
N PRO B 191 -27.00 13.03 -29.53
CA PRO B 191 -27.94 13.13 -30.67
C PRO B 191 -29.00 12.05 -30.67
N ASP B 192 -28.79 10.94 -29.97
CA ASP B 192 -29.72 9.82 -29.97
C ASP B 192 -30.56 9.71 -28.71
N ASP B 193 -30.45 10.67 -27.78
CA ASP B 193 -31.17 10.61 -26.51
C ASP B 193 -32.17 11.75 -26.34
N SER B 194 -31.73 12.98 -26.54
CA SER B 194 -32.51 14.21 -26.44
C SER B 194 -32.80 14.59 -24.99
N THR B 195 -32.46 13.73 -24.01
CA THR B 195 -32.62 14.07 -22.60
C THR B 195 -31.28 14.14 -21.89
N TYR B 196 -30.17 14.09 -22.61
CA TYR B 196 -28.84 14.04 -22.03
C TYR B 196 -28.15 15.40 -22.20
N VAL B 197 -27.58 15.91 -21.12
CA VAL B 197 -26.72 17.07 -21.18
C VAL B 197 -25.71 16.98 -20.04
N ASP B 198 -24.45 17.22 -20.36
CA ASP B 198 -23.40 17.23 -19.34
C ASP B 198 -22.38 18.30 -19.69
N ILE B 199 -21.64 18.74 -18.68
CA ILE B 199 -20.49 19.60 -18.87
C ILE B 199 -19.27 18.84 -18.36
N THR B 200 -18.27 18.70 -19.21
CA THR B 200 -17.07 17.94 -18.89
C THR B 200 -15.86 18.86 -19.01
N TYR B 201 -15.00 18.82 -18.01
CA TYR B 201 -13.72 19.51 -18.04
C TYR B 201 -12.61 18.49 -18.25
N ASP B 202 -11.59 18.89 -19.01
CA ASP B 202 -10.41 18.06 -19.22
C ASP B 202 -9.26 18.65 -18.42
N PHE B 203 -8.73 17.88 -17.49
CA PHE B 203 -7.56 18.30 -16.70
C PHE B 203 -6.36 17.64 -17.35
N ILE B 204 -5.58 18.41 -18.09
CA ILE B 204 -4.36 17.94 -18.72
C ILE B 204 -3.20 18.36 -17.82
N ILE B 205 -2.48 17.39 -17.28
CA ILE B 205 -1.42 17.65 -16.31
C ILE B 205 -0.15 16.93 -16.74
N ARG B 206 0.99 17.52 -16.38
CA ARG B 206 2.30 17.04 -16.77
C ARG B 206 3.11 16.80 -15.51
N ARG B 207 3.55 15.56 -15.31
CA ARG B 207 4.34 15.27 -14.12
C ARG B 207 5.68 16.00 -14.17
N LYS B 208 6.18 16.38 -13.01
CA LYS B 208 7.54 16.91 -12.88
C LYS B 208 8.45 15.72 -12.58
N PRO B 209 9.31 15.31 -13.51
CA PRO B 209 9.95 13.99 -13.40
C PRO B 209 11.26 13.95 -12.61
N LEU B 210 11.66 15.04 -11.94
CA LEU B 210 12.94 15.05 -11.25
C LEU B 210 12.94 14.07 -10.08
N PHE B 211 11.91 14.10 -9.23
CA PHE B 211 11.91 13.26 -8.05
C PHE B 211 12.07 11.79 -8.42
N TYR B 212 11.22 11.31 -9.33
CA TYR B 212 11.24 9.90 -9.68
C TYR B 212 12.46 9.58 -10.53
N THR B 213 12.90 10.51 -11.38
CA THR B 213 14.16 10.30 -12.08
C THR B 213 15.26 9.94 -11.08
N ILE B 214 15.53 10.86 -10.15
CA ILE B 214 16.61 10.67 -9.19
C ILE B 214 16.40 9.40 -8.37
N ASN B 215 15.18 9.17 -7.90
CA ASN B 215 14.96 8.13 -6.90
C ASN B 215 14.72 6.74 -7.48
N LEU B 216 14.35 6.62 -8.76
CA LEU B 216 14.11 5.32 -9.37
C LEU B 216 14.97 5.06 -10.60
N ILE B 217 15.05 6.00 -11.54
CA ILE B 217 15.66 5.70 -12.82
C ILE B 217 17.16 5.49 -12.67
N ILE B 218 17.81 6.39 -11.94
CA ILE B 218 19.26 6.29 -11.77
C ILE B 218 19.65 5.01 -11.03
N PRO B 219 19.03 4.66 -9.91
CA PRO B 219 19.35 3.36 -9.29
C PRO B 219 19.14 2.17 -10.22
N CYS B 220 18.09 2.22 -11.04
CA CYS B 220 17.87 1.14 -12.01
C CYS B 220 19.02 1.06 -13.01
N VAL B 221 19.49 2.20 -13.49
CA VAL B 221 20.61 2.20 -14.43
C VAL B 221 21.88 1.70 -13.77
N LEU B 222 22.10 2.08 -12.51
CA LEU B 222 23.27 1.61 -11.79
C LEU B 222 23.25 0.10 -11.66
N ILE B 223 22.10 -0.46 -11.28
CA ILE B 223 22.00 -1.91 -11.16
C ILE B 223 22.18 -2.58 -12.51
N THR B 224 21.56 -2.02 -13.56
CA THR B 224 21.64 -2.64 -14.88
C THR B 224 23.07 -2.65 -15.40
N SER B 225 23.85 -1.62 -15.08
CA SER B 225 25.22 -1.57 -15.56
C SER B 225 26.07 -2.72 -15.03
N LEU B 226 25.67 -3.35 -13.92
CA LEU B 226 26.41 -4.47 -13.37
C LEU B 226 26.12 -5.80 -14.05
N ALA B 227 25.11 -5.87 -14.91
CA ALA B 227 24.72 -7.15 -15.49
C ALA B 227 25.77 -7.73 -16.43
N ILE B 228 26.68 -6.92 -16.95
CA ILE B 228 27.69 -7.38 -17.89
C ILE B 228 29.00 -7.77 -17.21
N LEU B 229 29.18 -7.44 -15.94
CA LEU B 229 30.50 -7.57 -15.32
C LEU B 229 30.88 -9.03 -15.09
N VAL B 230 29.90 -9.92 -14.97
CA VAL B 230 30.21 -11.31 -14.63
C VAL B 230 31.07 -11.96 -15.69
N PHE B 231 31.04 -11.44 -16.92
CA PHE B 231 31.81 -12.03 -18.01
C PHE B 231 33.24 -11.52 -18.07
N TYR B 232 33.58 -10.47 -17.33
CA TYR B 232 34.95 -10.03 -17.16
C TYR B 232 35.54 -10.51 -15.84
N LEU B 233 34.75 -11.15 -15.01
CA LEU B 233 35.23 -11.67 -13.74
C LEU B 233 35.92 -13.00 -13.96
N PRO B 234 37.16 -13.19 -13.50
CA PRO B 234 37.82 -14.48 -13.69
C PRO B 234 37.15 -15.60 -12.91
N SER B 235 37.27 -16.82 -13.43
CA SER B 235 36.69 -17.98 -12.75
C SER B 235 37.44 -18.33 -11.47
N ASP B 236 38.70 -17.93 -11.35
CA ASP B 236 39.49 -18.32 -10.19
C ASP B 236 39.10 -17.55 -8.95
N CYS B 237 38.57 -16.34 -9.10
CA CYS B 237 38.18 -15.56 -7.93
C CYS B 237 37.03 -16.21 -7.16
N GLY B 238 36.22 -17.01 -7.83
CA GLY B 238 35.13 -17.71 -7.16
C GLY B 238 34.05 -16.80 -6.62
N GLU B 239 33.66 -15.77 -7.39
CA GLU B 239 32.60 -14.86 -6.97
C GLU B 239 31.56 -14.60 -8.06
N LYS B 240 31.60 -15.33 -9.18
CA LYS B 240 30.66 -15.07 -10.27
C LYS B 240 29.22 -15.24 -9.83
N MET B 241 28.94 -16.33 -9.12
CA MET B 241 27.57 -16.61 -8.69
C MET B 241 27.06 -15.51 -7.78
N THR B 242 27.86 -15.10 -6.79
CA THR B 242 27.45 -14.04 -5.90
C THR B 242 27.02 -12.81 -6.69
N LEU B 243 27.86 -12.37 -7.63
CA LEU B 243 27.60 -11.15 -8.37
C LEU B 243 26.31 -11.28 -9.19
N CYS B 244 26.19 -12.33 -10.00
CA CYS B 244 25.05 -12.40 -10.90
C CYS B 244 23.74 -12.64 -10.14
N ILE B 245 23.78 -13.43 -9.07
CA ILE B 245 22.57 -13.64 -8.27
C ILE B 245 22.15 -12.35 -7.57
N SER B 246 23.12 -11.59 -7.04
CA SER B 246 22.76 -10.33 -6.39
C SER B 246 22.14 -9.35 -7.38
N VAL B 247 22.68 -9.30 -8.59
CA VAL B 247 22.10 -8.42 -9.61
C VAL B 247 20.66 -8.84 -9.90
N LEU B 248 20.42 -10.14 -10.05
CA LEU B 248 19.06 -10.59 -10.34
C LEU B 248 18.10 -10.25 -9.20
N LEU B 249 18.55 -10.44 -7.95
CA LEU B 249 17.70 -10.11 -6.80
C LEU B 249 17.33 -8.63 -6.80
N ALA B 250 18.32 -7.77 -7.02
CA ALA B 250 18.05 -6.33 -7.00
C ALA B 250 17.08 -5.94 -8.12
N LEU B 251 17.26 -6.51 -9.31
CA LEU B 251 16.36 -6.20 -10.42
C LEU B 251 14.93 -6.64 -10.10
N THR B 252 14.76 -7.83 -9.52
CA THR B 252 13.42 -8.26 -9.15
C THR B 252 12.79 -7.31 -8.14
N VAL B 253 13.57 -6.87 -7.15
CA VAL B 253 13.03 -5.97 -6.15
C VAL B 253 12.55 -4.68 -6.81
N PHE B 254 13.35 -4.16 -7.74
CA PHE B 254 12.97 -2.91 -8.41
C PHE B 254 11.71 -3.11 -9.26
N LEU B 255 11.60 -4.25 -9.95
CA LEU B 255 10.40 -4.50 -10.74
C LEU B 255 9.16 -4.50 -9.85
N LEU B 256 9.23 -5.20 -8.71
CA LEU B 256 8.08 -5.24 -7.82
C LEU B 256 7.73 -3.87 -7.27
N LEU B 257 8.75 -3.09 -6.87
CA LEU B 257 8.47 -1.76 -6.32
C LEU B 257 7.85 -0.85 -7.36
N ILE B 258 8.38 -0.85 -8.58
CA ILE B 258 7.83 0.00 -9.63
C ILE B 258 6.40 -0.41 -9.95
N SER B 259 6.13 -1.72 -9.97
CA SER B 259 4.76 -2.16 -10.20
C SER B 259 3.84 -1.64 -9.10
N LYS B 260 4.32 -1.64 -7.86
CA LYS B 260 3.51 -1.08 -6.78
C LYS B 260 3.21 0.40 -7.03
N ILE B 261 4.21 1.17 -7.46
CA ILE B 261 3.97 2.59 -7.70
C ILE B 261 3.07 2.77 -8.92
N VAL B 262 3.48 2.24 -10.06
CA VAL B 262 2.82 2.50 -11.33
C VAL B 262 2.43 1.15 -11.97
N PRO B 263 1.25 0.62 -11.67
CA PRO B 263 0.94 -0.76 -12.05
C PRO B 263 0.76 -0.91 -13.55
N PRO B 264 1.43 -1.88 -14.17
CA PRO B 264 1.21 -2.14 -15.61
C PRO B 264 -0.14 -2.80 -15.84
N THR B 265 -0.91 -2.22 -16.76
CA THR B 265 -2.19 -2.77 -17.18
C THR B 265 -2.07 -3.29 -18.60
N SER B 266 -3.15 -3.94 -19.06
CA SER B 266 -3.10 -4.63 -20.35
C SER B 266 -2.74 -3.67 -21.48
N LEU B 267 -3.45 -2.55 -21.56
CA LEU B 267 -3.27 -1.66 -22.71
C LEU B 267 -1.85 -1.14 -22.80
N ASP B 268 -1.26 -0.72 -21.67
CA ASP B 268 0.08 -0.17 -21.69
C ASP B 268 0.88 -0.63 -20.48
N VAL B 269 2.15 -0.97 -20.73
CA VAL B 269 3.11 -1.33 -19.70
C VAL B 269 4.16 -0.22 -19.66
N PRO B 270 4.56 0.25 -18.47
CA PRO B 270 5.60 1.28 -18.44
C PRO B 270 6.88 0.78 -19.09
N LEU B 271 7.55 1.69 -19.82
CA LEU B 271 8.79 1.32 -20.48
C LEU B 271 9.86 0.91 -19.48
N VAL B 272 9.87 1.52 -18.29
CA VAL B 272 10.84 1.13 -17.28
C VAL B 272 10.61 -0.31 -16.83
N GLY B 273 9.35 -0.70 -16.66
CA GLY B 273 9.06 -2.08 -16.32
C GLY B 273 9.49 -3.05 -17.41
N LYS B 274 9.25 -2.68 -18.66
CA LYS B 274 9.70 -3.50 -19.78
C LYS B 274 11.21 -3.66 -19.77
N TYR B 275 11.93 -2.56 -19.54
CA TYR B 275 13.38 -2.64 -19.50
C TYR B 275 13.87 -3.51 -18.35
N LEU B 276 13.25 -3.39 -17.19
CA LEU B 276 13.64 -4.22 -16.05
C LEU B 276 13.40 -5.70 -16.36
N MET B 277 12.25 -6.03 -16.96
CA MET B 277 11.97 -7.42 -17.28
C MET B 277 12.97 -7.97 -18.29
N PHE B 278 13.30 -7.18 -19.31
CA PHE B 278 14.30 -7.59 -20.29
C PHE B 278 15.65 -7.85 -19.64
N THR B 279 16.08 -6.96 -18.74
CA THR B 279 17.35 -7.16 -18.06
C THR B 279 17.32 -8.37 -17.15
N MET B 280 16.17 -8.65 -16.53
CA MET B 280 16.06 -9.83 -15.69
C MET B 280 16.23 -11.11 -16.49
N VAL B 281 15.58 -11.18 -17.67
CA VAL B 281 15.77 -12.34 -18.53
C VAL B 281 17.24 -12.48 -18.92
N LEU B 282 17.88 -11.37 -19.29
CA LEU B 282 19.28 -11.42 -19.67
C LEU B 282 20.15 -11.92 -18.51
N VAL B 283 19.87 -11.48 -17.29
CA VAL B 283 20.70 -11.88 -16.15
C VAL B 283 20.49 -13.35 -15.83
N THR B 284 19.27 -13.86 -16.00
CA THR B 284 19.06 -15.30 -15.84
C THR B 284 19.89 -16.08 -16.86
N PHE B 285 19.89 -15.61 -18.11
CA PHE B 285 20.75 -16.23 -19.12
C PHE B 285 22.21 -16.18 -18.72
N SER B 286 22.64 -15.07 -18.13
CA SER B 286 24.04 -14.93 -17.74
C SER B 286 24.39 -15.87 -16.60
N ILE B 287 23.45 -16.14 -15.70
CA ILE B 287 23.70 -17.12 -14.64
C ILE B 287 23.89 -18.50 -15.24
N VAL B 288 23.03 -18.88 -16.19
CA VAL B 288 23.18 -20.19 -16.83
C VAL B 288 24.53 -20.30 -17.53
N THR B 289 24.89 -19.24 -18.26
CA THR B 289 26.17 -19.24 -18.96
C THR B 289 27.34 -19.28 -17.98
N SER B 290 27.22 -18.60 -16.84
CA SER B 290 28.29 -18.60 -15.86
C SER B 290 28.49 -19.98 -15.25
N VAL B 291 27.40 -20.70 -15.01
CA VAL B 291 27.53 -22.08 -14.52
C VAL B 291 28.23 -22.94 -15.55
N CYS B 292 27.86 -22.81 -16.82
CA CYS B 292 28.52 -23.59 -17.87
C CYS B 292 30.00 -23.23 -18.00
N VAL B 293 30.33 -21.94 -17.92
CA VAL B 293 31.72 -21.50 -18.03
C VAL B 293 32.53 -22.04 -16.86
N LEU B 294 31.98 -21.99 -15.65
CA LEU B 294 32.68 -22.55 -14.50
C LEU B 294 32.91 -24.04 -14.66
N ASN B 295 31.92 -24.75 -15.22
CA ASN B 295 32.10 -26.17 -15.47
C ASN B 295 33.23 -26.43 -16.46
N VAL B 296 33.33 -25.60 -17.51
CA VAL B 296 34.42 -25.77 -18.47
C VAL B 296 35.76 -25.48 -17.82
N HIS B 297 35.81 -24.48 -16.93
CA HIS B 297 37.07 -24.05 -16.35
C HIS B 297 37.72 -25.14 -15.49
N HIS B 298 36.91 -25.89 -14.75
CA HIS B 298 37.42 -26.88 -13.79
C HIS B 298 37.48 -28.29 -14.41
N ARG B 299 38.11 -28.39 -15.58
CA ARG B 299 38.27 -29.66 -16.25
C ARG B 299 39.75 -30.02 -16.29
N SER B 300 40.04 -31.31 -16.40
CA SER B 300 41.41 -31.79 -16.40
C SER B 300 41.44 -33.17 -17.06
N PRO B 301 42.63 -33.62 -17.48
CA PRO B 301 42.69 -34.93 -18.15
C PRO B 301 42.23 -36.09 -17.29
N THR B 302 42.29 -35.93 -15.97
CA THR B 302 41.89 -37.01 -15.07
C THR B 302 40.41 -37.33 -15.18
N THR B 303 39.60 -36.39 -15.68
CA THR B 303 38.16 -36.56 -15.73
C THR B 303 37.50 -36.20 -17.05
N HIS B 304 38.20 -35.49 -17.93
CA HIS B 304 37.64 -35.09 -19.21
C HIS B 304 38.70 -35.25 -20.29
N THR B 305 38.23 -35.35 -21.53
CA THR B 305 39.11 -35.36 -22.69
C THR B 305 38.65 -34.28 -23.65
N MET B 306 39.57 -33.43 -24.08
CA MET B 306 39.24 -32.34 -24.99
C MET B 306 39.15 -32.86 -26.41
N ALA B 307 37.99 -32.72 -27.03
CA ALA B 307 37.82 -33.19 -28.40
C ALA B 307 38.63 -32.31 -29.36
N PRO B 308 39.11 -32.88 -30.46
CA PRO B 308 39.92 -32.06 -31.39
C PRO B 308 39.21 -30.82 -31.91
N TRP B 309 37.90 -30.91 -32.16
CA TRP B 309 37.19 -29.74 -32.66
C TRP B 309 37.16 -28.63 -31.62
N VAL B 310 37.11 -28.97 -30.34
CA VAL B 310 37.16 -27.94 -29.30
C VAL B 310 38.47 -27.19 -29.39
N LYS B 311 39.58 -27.91 -29.53
CA LYS B 311 40.86 -27.25 -29.75
C LYS B 311 40.78 -26.33 -30.96
N VAL B 312 40.41 -26.90 -32.11
CA VAL B 312 40.46 -26.16 -33.36
C VAL B 312 39.67 -24.86 -33.25
N VAL B 313 38.46 -24.94 -32.69
CA VAL B 313 37.61 -23.76 -32.65
C VAL B 313 38.11 -22.81 -31.56
N PHE B 314 38.06 -23.25 -30.31
CA PHE B 314 38.18 -22.34 -29.18
C PHE B 314 39.61 -21.93 -28.86
N LEU B 315 40.64 -22.56 -29.45
CA LEU B 315 42.00 -22.13 -29.23
C LEU B 315 42.61 -21.48 -30.46
N GLU B 316 41.99 -21.61 -31.63
CA GLU B 316 42.52 -20.99 -32.85
C GLU B 316 41.58 -19.96 -33.45
N LYS B 317 40.33 -20.32 -33.77
CA LYS B 317 39.51 -19.45 -34.61
C LYS B 317 38.84 -18.36 -33.79
N LEU B 318 37.99 -18.74 -32.85
CA LEU B 318 37.26 -17.76 -32.07
C LEU B 318 38.19 -16.76 -31.38
N PRO B 319 39.32 -17.16 -30.81
CA PRO B 319 40.21 -16.15 -30.22
C PRO B 319 40.68 -15.11 -31.21
N ALA B 320 40.88 -15.48 -32.48
CA ALA B 320 41.30 -14.51 -33.48
C ALA B 320 40.20 -13.49 -33.75
N LEU B 321 38.96 -13.95 -33.94
CA LEU B 321 37.87 -13.04 -34.21
C LEU B 321 37.68 -12.03 -33.07
N LEU B 322 38.02 -12.43 -31.84
CA LEU B 322 37.88 -11.57 -30.68
C LEU B 322 39.16 -10.80 -30.35
N PHE B 323 40.21 -10.95 -31.15
CA PHE B 323 41.48 -10.28 -30.89
C PHE B 323 42.05 -10.70 -29.54
N MET B 324 42.00 -12.00 -29.26
CA MET B 324 42.51 -12.51 -27.99
C MET B 324 44.02 -12.64 -28.03
N GLN B 325 44.56 -13.25 -29.09
CA GLN B 325 46.01 -13.37 -29.27
C GLN B 325 46.66 -14.12 -28.11
N GLN B 326 46.33 -15.40 -28.04
CA GLN B 326 46.89 -16.27 -27.02
C GLN B 326 48.41 -16.12 -26.99
N PRO B 327 49.04 -16.05 -25.81
CA PRO B 327 50.51 -15.98 -25.77
C PRO B 327 51.18 -17.22 -26.33
N ARG B 328 50.86 -18.39 -25.80
CA ARG B 328 51.42 -19.65 -26.28
C ARG B 328 52.94 -19.63 -26.23
N HIS B 329 53.49 -19.03 -25.17
CA HIS B 329 54.94 -18.95 -25.05
C HIS B 329 55.56 -20.34 -24.94
N HIS B 330 54.92 -21.23 -24.19
CA HIS B 330 55.35 -22.63 -24.12
C HIS B 330 54.59 -23.46 -25.15
N GLY B 396 77.62 -50.07 -8.64
CA GLY B 396 77.01 -51.34 -8.34
C GLY B 396 75.49 -51.28 -8.35
N CYS B 397 74.85 -52.05 -7.48
CA CYS B 397 73.39 -52.05 -7.41
C CYS B 397 72.86 -50.68 -7.01
N GLY B 398 73.53 -50.02 -6.07
CA GLY B 398 73.08 -48.69 -5.66
C GLY B 398 73.10 -47.68 -6.79
N LEU B 399 74.12 -47.75 -7.65
CA LEU B 399 74.18 -46.85 -8.79
C LEU B 399 72.97 -47.05 -9.70
N ARG B 400 72.63 -48.31 -9.99
CA ARG B 400 71.49 -48.57 -10.85
C ARG B 400 70.18 -48.12 -10.20
N GLU B 401 70.06 -48.34 -8.88
CA GLU B 401 68.85 -47.88 -8.19
C GLU B 401 68.72 -46.36 -8.24
N ALA B 402 69.83 -45.65 -8.03
CA ALA B 402 69.78 -44.19 -8.10
C ALA B 402 69.45 -43.71 -9.52
N VAL B 403 70.02 -44.37 -10.53
CA VAL B 403 69.72 -43.98 -11.91
C VAL B 403 68.24 -44.17 -12.20
N ASP B 404 67.69 -45.31 -11.79
CA ASP B 404 66.28 -45.58 -12.03
C ASP B 404 65.40 -44.58 -11.28
N GLY B 405 65.77 -44.25 -10.05
CA GLY B 405 65.00 -43.26 -9.30
C GLY B 405 65.00 -41.91 -9.98
N VAL B 406 66.16 -41.47 -10.46
CA VAL B 406 66.22 -40.17 -11.14
C VAL B 406 65.38 -40.20 -12.41
N ARG B 407 65.43 -41.30 -13.15
CA ARG B 407 64.62 -41.38 -14.37
C ARG B 407 63.14 -41.34 -14.03
N PHE B 408 62.73 -42.03 -12.96
CA PHE B 408 61.33 -41.97 -12.56
C PHE B 408 60.92 -40.56 -12.19
N ILE B 409 61.77 -39.85 -11.46
CA ILE B 409 61.45 -38.48 -11.06
C ILE B 409 61.25 -37.60 -12.29
N ALA B 410 62.17 -37.72 -13.26
CA ALA B 410 62.05 -36.91 -14.46
C ALA B 410 60.78 -37.22 -15.23
N ASP B 411 60.46 -38.51 -15.38
CA ASP B 411 59.24 -38.89 -16.09
C ASP B 411 58.00 -38.38 -15.37
N HIS B 412 57.98 -38.47 -14.04
CA HIS B 412 56.85 -38.00 -13.27
C HIS B 412 56.64 -36.50 -13.47
N MET B 413 57.72 -35.72 -13.41
CA MET B 413 57.58 -34.28 -13.61
C MET B 413 57.14 -33.96 -15.04
N ARG B 414 57.62 -34.71 -16.02
CA ARG B 414 57.18 -34.50 -17.40
C ARG B 414 55.68 -34.74 -17.53
N SER B 415 55.18 -35.83 -16.95
CA SER B 415 53.74 -36.11 -17.02
C SER B 415 52.95 -35.02 -16.31
N GLU B 416 53.44 -34.56 -15.16
CA GLU B 416 52.76 -33.49 -14.44
C GLU B 416 52.68 -32.22 -15.29
N ASP B 417 53.76 -31.90 -15.99
CA ASP B 417 53.74 -30.73 -16.88
C ASP B 417 52.69 -30.88 -17.97
N ASP B 418 52.61 -32.08 -18.57
CA ASP B 418 51.59 -32.30 -19.60
C ASP B 418 50.18 -32.08 -19.04
N ASP B 419 49.91 -32.64 -17.86
CA ASP B 419 48.58 -32.48 -17.27
C ASP B 419 48.29 -31.00 -16.99
N GLN B 420 49.26 -30.27 -16.46
CA GLN B 420 49.08 -28.85 -16.20
C GLN B 420 48.79 -28.09 -17.49
N SER B 421 49.47 -28.46 -18.57
CA SER B 421 49.22 -27.82 -19.86
C SER B 421 47.79 -28.02 -20.32
N VAL B 422 47.26 -29.23 -20.16
CA VAL B 422 45.88 -29.48 -20.56
C VAL B 422 44.90 -28.67 -19.70
N SER B 423 45.17 -28.59 -18.39
CA SER B 423 44.33 -27.79 -17.51
C SER B 423 44.32 -26.32 -17.95
N GLU B 424 45.49 -25.78 -18.31
CA GLU B 424 45.54 -24.40 -18.77
C GLU B 424 44.79 -24.22 -20.09
N ASP B 425 44.80 -25.24 -20.95
CA ASP B 425 43.99 -25.17 -22.17
C ASP B 425 42.50 -25.06 -21.84
N TRP B 426 42.02 -25.86 -20.88
CA TRP B 426 40.62 -25.76 -20.48
C TRP B 426 40.30 -24.37 -19.92
N LYS B 427 41.19 -23.84 -19.09
CA LYS B 427 40.99 -22.50 -18.55
C LYS B 427 40.90 -21.47 -19.66
N TYR B 428 41.76 -21.58 -20.67
CA TYR B 428 41.71 -20.64 -21.79
C TYR B 428 40.39 -20.75 -22.55
N VAL B 429 39.90 -21.98 -22.74
CA VAL B 429 38.62 -22.15 -23.43
C VAL B 429 37.51 -21.43 -22.68
N ALA B 430 37.47 -21.59 -21.35
CA ALA B 430 36.47 -20.90 -20.55
C ALA B 430 36.60 -19.39 -20.69
N MET B 431 37.84 -18.90 -20.71
CA MET B 431 38.06 -17.46 -20.87
C MET B 431 37.52 -16.97 -22.21
N VAL B 432 37.74 -17.74 -23.27
CA VAL B 432 37.27 -17.33 -24.60
C VAL B 432 35.75 -17.27 -24.62
N ILE B 433 35.08 -18.29 -24.06
CA ILE B 433 33.63 -18.29 -24.06
C ILE B 433 33.10 -17.07 -23.32
N ASP B 434 33.67 -16.78 -22.15
CA ASP B 434 33.20 -15.61 -21.42
C ASP B 434 33.50 -14.31 -22.16
N ARG B 435 34.59 -14.23 -22.92
CA ARG B 435 34.87 -13.03 -23.69
C ARG B 435 33.83 -12.82 -24.80
N LEU B 436 33.48 -13.90 -25.49
CA LEU B 436 32.44 -13.81 -26.51
C LEU B 436 31.14 -13.30 -25.91
N PHE B 437 30.73 -13.88 -24.80
CA PHE B 437 29.48 -13.45 -24.19
C PHE B 437 29.58 -12.04 -23.64
N LEU B 438 30.77 -11.61 -23.21
CA LEU B 438 30.94 -10.21 -22.80
C LEU B 438 30.69 -9.29 -23.98
N TRP B 439 31.24 -9.61 -25.15
CA TRP B 439 30.98 -8.80 -26.33
C TRP B 439 29.47 -8.71 -26.60
N ILE B 440 28.81 -9.86 -26.61
CA ILE B 440 27.37 -9.89 -26.93
C ILE B 440 26.59 -9.05 -25.92
N PHE B 441 26.87 -9.23 -24.64
CA PHE B 441 26.09 -8.53 -23.61
C PHE B 441 26.36 -7.04 -23.62
N VAL B 442 27.61 -6.63 -23.90
CA VAL B 442 27.90 -5.21 -23.99
C VAL B 442 27.12 -4.60 -25.15
N PHE B 443 27.09 -5.28 -26.30
CA PHE B 443 26.32 -4.76 -27.42
C PHE B 443 24.84 -4.64 -27.03
N VAL B 444 24.29 -5.68 -26.41
CA VAL B 444 22.86 -5.69 -26.12
C VAL B 444 22.49 -4.65 -25.06
N CYS B 445 23.36 -4.46 -24.07
CA CYS B 445 23.10 -3.52 -22.99
C CYS B 445 23.56 -2.10 -23.32
N VAL B 446 24.18 -1.88 -24.49
CA VAL B 446 24.33 -0.52 -24.99
C VAL B 446 23.19 -0.17 -25.93
N PHE B 447 22.79 -1.10 -26.80
CA PHE B 447 21.62 -0.91 -27.63
C PHE B 447 20.34 -0.89 -26.82
N GLY B 448 20.38 -1.41 -25.59
CA GLY B 448 19.23 -1.40 -24.71
C GLY B 448 19.06 -0.05 -24.06
N THR B 449 19.46 1.01 -24.76
CA THR B 449 19.11 2.38 -24.40
C THR B 449 17.93 2.90 -25.20
N THR C 1 -43.98 25.60 -11.63
CA THR C 1 -45.34 26.08 -11.99
C THR C 1 -46.26 25.99 -10.79
N ASP C 2 -47.32 26.80 -10.77
CA ASP C 2 -48.29 26.74 -9.68
C ASP C 2 -49.15 25.48 -9.77
N THR C 3 -49.44 25.03 -11.00
CA THR C 3 -50.23 23.81 -11.16
C THR C 3 -49.50 22.61 -10.58
N GLU C 4 -48.18 22.53 -10.76
CA GLU C 4 -47.42 21.42 -10.19
C GLU C 4 -47.43 21.48 -8.67
N GLU C 5 -47.34 22.67 -8.09
CA GLU C 5 -47.44 22.79 -6.65
C GLU C 5 -48.81 22.32 -6.17
N ARG C 6 -49.87 22.72 -6.87
CA ARG C 6 -51.21 22.28 -6.50
C ARG C 6 -51.34 20.77 -6.57
N LEU C 7 -50.81 20.17 -7.64
CA LEU C 7 -50.89 18.72 -7.80
C LEU C 7 -50.10 18.00 -6.71
N VAL C 8 -48.89 18.47 -6.41
CA VAL C 8 -48.08 17.82 -5.40
C VAL C 8 -48.75 17.90 -4.04
N GLU C 9 -49.31 19.06 -3.71
CA GLU C 9 -50.02 19.18 -2.44
C GLU C 9 -51.27 18.33 -2.41
N HIS C 10 -51.92 18.11 -3.56
CA HIS C 10 -53.12 17.28 -3.59
C HIS C 10 -52.79 15.80 -3.46
N LEU C 11 -51.69 15.35 -4.06
CA LEU C 11 -51.37 13.92 -4.04
C LEU C 11 -50.94 13.47 -2.65
N LEU C 12 -50.13 14.27 -1.97
CA LEU C 12 -49.56 13.89 -0.68
C LEU C 12 -50.40 14.36 0.50
N ASP C 13 -51.56 14.96 0.24
CA ASP C 13 -52.51 15.34 1.28
C ASP C 13 -52.66 14.21 2.29
N PRO C 14 -52.34 14.41 3.56
CA PRO C 14 -52.37 13.29 4.50
C PRO C 14 -53.77 12.78 4.81
N SER C 15 -54.80 13.58 4.58
CA SER C 15 -56.15 13.11 4.81
C SER C 15 -56.56 12.03 3.81
N ARG C 16 -55.83 11.86 2.71
CA ARG C 16 -56.17 10.88 1.69
C ARG C 16 -54.99 9.99 1.28
N TYR C 17 -53.84 10.12 1.94
CA TYR C 17 -52.69 9.28 1.61
C TYR C 17 -51.75 9.24 2.79
N ASN C 18 -51.51 8.06 3.35
CA ASN C 18 -50.40 7.86 4.27
C ASN C 18 -49.54 6.71 3.77
N LYS C 19 -48.23 6.93 3.81
CA LYS C 19 -47.26 6.01 3.27
C LYS C 19 -47.13 4.72 4.06
N LEU C 20 -47.68 4.64 5.26
CA LEU C 20 -47.54 3.45 6.07
C LEU C 20 -48.43 2.29 5.62
N ILE C 21 -49.33 2.51 4.66
CA ILE C 21 -50.28 1.51 4.22
C ILE C 21 -49.87 1.01 2.85
N ARG C 22 -49.79 -0.30 2.71
CA ARG C 22 -49.49 -0.90 1.41
C ARG C 22 -50.61 -0.60 0.42
N PRO C 23 -50.28 -0.32 -0.85
CA PRO C 23 -51.36 0.00 -1.81
C PRO C 23 -52.00 -1.23 -2.45
N ALA C 24 -52.70 -2.00 -1.63
CA ALA C 24 -53.37 -3.21 -2.09
C ALA C 24 -54.88 -3.01 -2.02
N THR C 25 -55.55 -3.19 -3.15
CA THR C 25 -57.00 -3.21 -3.22
C THR C 25 -57.48 -4.65 -3.34
N ASN C 26 -58.78 -4.83 -3.59
CA ASN C 26 -59.35 -6.17 -3.81
C ASN C 26 -58.97 -7.12 -2.68
N GLY C 27 -58.95 -6.61 -1.46
CA GLY C 27 -58.62 -7.43 -0.31
C GLY C 27 -57.18 -7.87 -0.30
N SER C 28 -56.94 -9.15 -0.57
CA SER C 28 -55.62 -9.76 -0.40
C SER C 28 -54.81 -9.81 -1.69
N GLU C 29 -54.93 -8.79 -2.53
CA GLU C 29 -54.04 -8.69 -3.68
C GLU C 29 -52.65 -8.24 -3.22
N LEU C 30 -51.65 -8.51 -4.06
CA LEU C 30 -50.28 -8.17 -3.77
C LEU C 30 -49.78 -7.08 -4.72
N VAL C 31 -48.78 -6.34 -4.27
CA VAL C 31 -48.12 -5.34 -5.10
C VAL C 31 -46.99 -6.01 -5.88
N THR C 32 -46.99 -5.82 -7.19
CA THR C 32 -45.96 -6.36 -8.06
C THR C 32 -44.88 -5.31 -8.27
N VAL C 33 -43.66 -5.64 -7.86
CA VAL C 33 -42.51 -4.74 -7.96
C VAL C 33 -41.60 -5.29 -9.04
N GLN C 34 -41.22 -4.44 -9.98
CA GLN C 34 -40.32 -4.81 -11.06
C GLN C 34 -38.93 -4.26 -10.76
N LEU C 35 -37.94 -5.13 -10.75
CA LEU C 35 -36.58 -4.78 -10.40
C LEU C 35 -35.68 -4.90 -11.62
N MET C 36 -34.74 -3.97 -11.75
CA MET C 36 -33.73 -4.04 -12.81
C MET C 36 -32.49 -3.33 -12.31
N VAL C 37 -31.40 -4.05 -12.17
CA VAL C 37 -30.13 -3.47 -11.75
C VAL C 37 -29.37 -3.03 -12.99
N SER C 38 -28.91 -1.79 -12.99
CA SER C 38 -28.00 -1.28 -14.02
C SER C 38 -26.68 -0.94 -13.37
N LEU C 39 -25.59 -1.41 -13.96
CA LEU C 39 -24.27 -1.32 -13.37
C LEU C 39 -23.57 -0.06 -13.84
N ALA C 40 -23.27 0.85 -12.92
CA ALA C 40 -22.51 2.04 -13.25
C ALA C 40 -21.04 1.72 -13.43
N GLN C 41 -20.44 1.05 -12.44
CA GLN C 41 -19.06 0.62 -12.59
C GLN C 41 -18.74 -0.42 -11.52
N LEU C 42 -17.82 -1.32 -11.87
CA LEU C 42 -17.31 -2.33 -10.96
C LEU C 42 -16.08 -1.75 -10.28
N ILE C 43 -16.27 -1.22 -9.07
CA ILE C 43 -15.22 -0.43 -8.44
C ILE C 43 -14.01 -1.29 -8.12
N SER C 44 -14.22 -2.47 -7.54
CA SER C 44 -13.10 -3.31 -7.14
C SER C 44 -13.58 -4.66 -6.68
N VAL C 45 -12.67 -5.63 -6.72
CA VAL C 45 -12.86 -6.94 -6.10
C VAL C 45 -11.68 -7.14 -5.16
N HIS C 46 -11.96 -7.23 -3.86
CA HIS C 46 -10.93 -7.45 -2.85
C HIS C 46 -10.91 -8.93 -2.50
N GLU C 47 -10.02 -9.68 -3.14
CA GLU C 47 -10.00 -11.12 -2.98
C GLU C 47 -9.65 -11.53 -1.55
N ARG C 48 -8.80 -10.75 -0.88
CA ARG C 48 -8.32 -11.14 0.45
C ARG C 48 -9.49 -11.30 1.43
N GLU C 49 -10.35 -10.29 1.52
CA GLU C 49 -11.53 -10.38 2.36
C GLU C 49 -12.77 -10.78 1.60
N GLN C 50 -12.66 -11.09 0.30
CA GLN C 50 -13.76 -11.60 -0.50
C GLN C 50 -14.94 -10.62 -0.50
N ILE C 51 -14.69 -9.44 -1.04
CA ILE C 51 -15.69 -8.38 -1.12
C ILE C 51 -15.65 -7.77 -2.51
N MET C 52 -16.82 -7.60 -3.11
CA MET C 52 -16.97 -6.91 -4.38
C MET C 52 -17.72 -5.61 -4.14
N THR C 53 -17.16 -4.51 -4.64
CA THR C 53 -17.76 -3.19 -4.54
C THR C 53 -18.27 -2.75 -5.90
N THR C 54 -19.52 -2.33 -5.97
CA THR C 54 -20.13 -1.90 -7.22
C THR C 54 -20.91 -0.62 -7.01
N ASN C 55 -21.02 0.16 -8.08
CA ASN C 55 -21.90 1.32 -8.14
C ASN C 55 -23.03 0.95 -9.10
N VAL C 56 -24.28 1.00 -8.62
CA VAL C 56 -25.42 0.51 -9.37
C VAL C 56 -26.60 1.47 -9.23
N TRP C 57 -27.56 1.33 -10.12
CA TRP C 57 -28.88 1.94 -10.00
C TRP C 57 -29.90 0.83 -9.82
N LEU C 58 -30.67 0.93 -8.74
CA LEU C 58 -31.63 -0.12 -8.38
C LEU C 58 -33.01 0.31 -8.87
N THR C 59 -33.25 0.12 -10.16
CA THR C 59 -34.51 0.51 -10.76
C THR C 59 -35.65 -0.29 -10.15
N GLN C 60 -36.70 0.41 -9.70
CA GLN C 60 -37.85 -0.24 -9.08
C GLN C 60 -39.12 0.40 -9.62
N GLU C 61 -40.06 -0.44 -10.05
CA GLU C 61 -41.31 0.01 -10.64
C GLU C 61 -42.48 -0.75 -10.05
N TRP C 62 -43.52 0.00 -9.67
CA TRP C 62 -44.73 -0.59 -9.13
C TRP C 62 -45.87 0.38 -9.38
N GLU C 63 -47.08 -0.08 -9.09
CA GLU C 63 -48.30 0.71 -9.30
C GLU C 63 -48.91 1.03 -7.94
N ASP C 64 -49.16 2.32 -7.71
CA ASP C 64 -49.86 2.78 -6.51
C ASP C 64 -51.13 3.50 -6.95
N TYR C 65 -52.27 2.85 -6.75
CA TYR C 65 -53.54 3.37 -7.25
C TYR C 65 -53.98 4.65 -6.56
N ARG C 66 -53.37 5.02 -5.44
CA ARG C 66 -53.75 6.22 -4.70
C ARG C 66 -53.11 7.49 -5.25
N LEU C 67 -52.21 7.38 -6.22
CA LEU C 67 -51.48 8.52 -6.73
C LEU C 67 -51.87 8.81 -8.17
N THR C 68 -53.17 8.79 -8.44
CA THR C 68 -53.73 9.02 -9.77
C THR C 68 -54.30 10.43 -9.87
N TRP C 69 -54.29 10.99 -11.07
CA TRP C 69 -54.93 12.28 -11.32
C TRP C 69 -55.32 12.36 -12.80
N LYS C 70 -56.26 13.26 -13.09
CA LYS C 70 -56.70 13.49 -14.46
C LYS C 70 -55.88 14.61 -15.08
N PRO C 71 -55.16 14.38 -16.17
CA PRO C 71 -54.27 15.43 -16.70
C PRO C 71 -54.99 16.71 -17.08
N GLU C 72 -56.20 16.62 -17.63
CA GLU C 72 -56.89 17.82 -18.08
C GLU C 72 -57.22 18.76 -16.94
N GLU C 73 -57.22 18.27 -15.71
CA GLU C 73 -57.48 19.10 -14.54
C GLU C 73 -56.22 19.71 -13.95
N PHE C 74 -55.06 19.43 -14.52
CA PHE C 74 -53.78 19.95 -14.03
C PHE C 74 -52.91 20.38 -15.19
N ASP C 75 -53.48 21.14 -16.12
CA ASP C 75 -52.73 21.69 -17.25
C ASP C 75 -52.08 20.60 -18.10
N ASN C 76 -52.70 19.42 -18.14
CA ASN C 76 -52.29 18.32 -19.00
C ASN C 76 -50.98 17.68 -18.54
N MET C 77 -50.64 17.82 -17.27
CA MET C 77 -49.44 17.15 -16.75
C MET C 77 -49.61 15.64 -16.79
N LYS C 78 -48.59 14.96 -17.29
CA LYS C 78 -48.60 13.52 -17.40
C LYS C 78 -47.80 12.82 -16.31
N LYS C 79 -46.79 13.48 -15.75
CA LYS C 79 -46.01 12.91 -14.67
C LYS C 79 -45.49 14.02 -13.78
N VAL C 80 -45.15 13.66 -12.55
CA VAL C 80 -44.68 14.59 -11.55
C VAL C 80 -43.64 13.87 -10.70
N ARG C 81 -42.82 14.65 -10.01
CA ARG C 81 -41.78 14.14 -9.14
C ARG C 81 -42.21 14.24 -7.68
N LEU C 82 -42.13 13.13 -6.96
CA LEU C 82 -42.44 13.12 -5.54
C LEU C 82 -41.25 12.61 -4.75
N PRO C 83 -40.93 13.22 -3.61
CA PRO C 83 -39.82 12.70 -2.80
C PRO C 83 -40.13 11.30 -2.29
N SER C 84 -39.17 10.40 -2.43
CA SER C 84 -39.40 9.00 -2.09
C SER C 84 -39.59 8.79 -0.59
N LYS C 85 -39.23 9.77 0.23
CA LYS C 85 -39.49 9.65 1.66
C LYS C 85 -40.97 9.74 1.99
N HIS C 86 -41.76 10.37 1.12
CA HIS C 86 -43.15 10.70 1.42
C HIS C 86 -44.15 9.74 0.78
N ILE C 87 -43.69 8.70 0.10
CA ILE C 87 -44.58 7.73 -0.52
C ILE C 87 -44.24 6.35 0.01
N TRP C 88 -45.18 5.43 -0.13
CA TRP C 88 -44.92 4.05 0.23
C TRP C 88 -43.87 3.48 -0.70
N LEU C 89 -42.90 2.78 -0.12
CA LEU C 89 -41.84 2.16 -0.90
C LEU C 89 -41.80 0.67 -0.61
N PRO C 90 -41.33 -0.13 -1.57
CA PRO C 90 -40.95 -1.50 -1.22
C PRO C 90 -39.52 -1.47 -0.67
N ASP C 91 -39.31 -2.16 0.44
CA ASP C 91 -38.05 -2.04 1.16
C ASP C 91 -37.09 -3.11 0.64
N VAL C 92 -36.73 -2.97 -0.63
CA VAL C 92 -35.91 -3.95 -1.34
C VAL C 92 -34.46 -3.58 -1.13
N VAL C 93 -33.68 -4.51 -0.57
CA VAL C 93 -32.29 -4.26 -0.22
C VAL C 93 -31.42 -5.46 -0.54
N LEU C 94 -30.11 -5.32 -0.36
CA LEU C 94 -29.16 -6.39 -0.63
C LEU C 94 -28.96 -7.22 0.64
N TYR C 95 -29.18 -8.53 0.55
CA TYR C 95 -29.06 -9.40 1.71
C TYR C 95 -27.66 -9.94 1.93
N ASN C 96 -26.92 -10.26 0.88
CA ASN C 96 -25.59 -10.82 1.05
C ASN C 96 -24.53 -9.76 1.19
N ASN C 97 -24.90 -8.57 1.67
CA ASN C 97 -23.95 -7.48 1.81
C ASN C 97 -22.95 -7.77 2.92
N ALA C 98 -21.74 -7.26 2.73
CA ALA C 98 -20.73 -7.17 3.77
C ALA C 98 -20.59 -5.70 4.14
N ASP C 99 -20.24 -5.45 5.40
CA ASP C 99 -20.22 -4.15 6.08
C ASP C 99 -21.60 -3.76 6.59
N GLY C 100 -22.63 -4.56 6.36
CA GLY C 100 -23.92 -4.30 6.96
C GLY C 100 -24.70 -3.14 6.37
N MET C 101 -24.42 -2.77 5.12
CA MET C 101 -25.12 -1.66 4.47
C MET C 101 -26.17 -2.22 3.52
N TYR C 102 -27.44 -2.09 3.92
CA TYR C 102 -28.55 -2.69 3.19
C TYR C 102 -29.19 -1.74 2.19
N GLU C 103 -29.50 -0.52 2.63
CA GLU C 103 -30.37 0.37 1.87
C GLU C 103 -29.61 1.03 0.72
N VAL C 104 -30.37 1.75 -0.11
CA VAL C 104 -29.81 2.54 -1.20
C VAL C 104 -29.10 3.74 -0.61
N SER C 105 -28.37 4.47 -1.45
CA SER C 105 -27.51 5.55 -0.96
C SER C 105 -28.29 6.82 -0.65
N PHE C 106 -29.01 7.37 -1.62
CA PHE C 106 -29.52 8.73 -1.51
C PHE C 106 -31.02 8.88 -1.30
N TYR C 107 -31.85 7.95 -1.79
CA TYR C 107 -33.30 8.11 -1.77
C TYR C 107 -33.72 9.31 -2.63
N SER C 108 -33.41 9.18 -3.92
CA SER C 108 -33.74 10.19 -4.91
C SER C 108 -35.24 10.31 -5.13
N ASN C 109 -35.66 11.24 -5.98
CA ASN C 109 -37.07 11.45 -6.25
C ASN C 109 -37.64 10.32 -7.11
N ALA C 110 -38.94 10.10 -6.98
CA ALA C 110 -39.66 9.13 -7.79
C ALA C 110 -40.53 9.84 -8.81
N VAL C 111 -40.63 9.28 -10.01
CA VAL C 111 -41.43 9.84 -11.09
C VAL C 111 -42.76 9.09 -11.12
N VAL C 112 -43.84 9.81 -10.90
CA VAL C 112 -45.18 9.23 -10.81
C VAL C 112 -45.97 9.66 -12.05
N SER C 113 -46.49 8.68 -12.77
CA SER C 113 -47.35 8.93 -13.91
C SER C 113 -48.79 9.10 -13.44
N TYR C 114 -49.60 9.72 -14.30
CA TYR C 114 -50.97 10.02 -13.93
C TYR C 114 -51.81 8.78 -13.69
N ASP C 115 -51.39 7.62 -14.20
CA ASP C 115 -52.14 6.38 -14.00
C ASP C 115 -51.70 5.63 -12.75
N GLY C 116 -50.70 6.14 -12.02
CA GLY C 116 -50.25 5.52 -10.79
C GLY C 116 -48.97 4.73 -10.89
N SER C 117 -48.32 4.72 -12.05
CA SER C 117 -47.06 3.99 -12.20
C SER C 117 -45.94 4.79 -11.54
N ILE C 118 -45.13 4.11 -10.74
CA ILE C 118 -44.01 4.70 -10.03
C ILE C 118 -42.72 4.23 -10.69
N PHE C 119 -41.81 5.15 -10.96
CA PHE C 119 -40.49 4.84 -11.47
C PHE C 119 -39.46 5.45 -10.53
N TRP C 120 -38.66 4.60 -9.90
CA TRP C 120 -37.68 5.02 -8.92
C TRP C 120 -36.32 4.44 -9.30
N LEU C 121 -35.33 5.31 -9.42
CA LEU C 121 -34.00 4.93 -9.90
C LEU C 121 -32.93 5.48 -8.96
N PRO C 122 -32.86 4.97 -7.73
CA PRO C 122 -31.88 5.47 -6.78
C PRO C 122 -30.51 4.84 -6.99
N PRO C 123 -29.44 5.56 -6.68
CA PRO C 123 -28.10 4.95 -6.74
C PRO C 123 -27.74 4.26 -5.44
N ALA C 124 -26.72 3.41 -5.53
CA ALA C 124 -26.27 2.66 -4.36
C ALA C 124 -24.82 2.24 -4.55
N ILE C 125 -24.07 2.25 -3.46
CA ILE C 125 -22.75 1.62 -3.39
C ILE C 125 -22.89 0.38 -2.54
N TYR C 126 -22.64 -0.77 -3.13
CA TYR C 126 -22.85 -2.05 -2.47
C TYR C 126 -21.55 -2.80 -2.30
N LYS C 127 -21.38 -3.40 -1.13
CA LYS C 127 -20.26 -4.28 -0.81
C LYS C 127 -20.84 -5.65 -0.51
N SER C 128 -20.73 -6.55 -1.48
CA SER C 128 -21.30 -7.89 -1.37
C SER C 128 -20.20 -8.92 -1.13
N ALA C 129 -20.49 -9.89 -0.28
CA ALA C 129 -19.61 -11.03 -0.10
C ALA C 129 -19.76 -11.98 -1.27
N CYS C 130 -18.65 -12.56 -1.71
CA CYS C 130 -18.72 -13.59 -2.74
C CYS C 130 -17.58 -14.58 -2.57
N LYS C 131 -17.85 -15.83 -2.96
CA LYS C 131 -16.88 -16.91 -2.86
C LYS C 131 -15.82 -16.76 -3.95
N ILE C 132 -14.57 -16.56 -3.54
CA ILE C 132 -13.46 -16.36 -4.45
C ILE C 132 -12.78 -17.69 -4.70
N GLU C 133 -12.68 -18.09 -5.97
CA GLU C 133 -12.01 -19.32 -6.38
C GLU C 133 -10.61 -18.97 -6.82
N VAL C 134 -9.61 -19.61 -6.23
CA VAL C 134 -8.21 -19.25 -6.42
C VAL C 134 -7.46 -20.28 -7.24
N LYS C 135 -8.13 -21.35 -7.66
CA LYS C 135 -7.42 -22.47 -8.27
C LYS C 135 -6.59 -22.02 -9.47
N HIS C 136 -7.19 -21.22 -10.36
CA HIS C 136 -6.55 -20.84 -11.61
C HIS C 136 -5.97 -19.44 -11.58
N PHE C 137 -5.82 -18.86 -10.40
CA PHE C 137 -5.21 -17.55 -10.28
C PHE C 137 -3.84 -17.56 -10.96
N PRO C 138 -3.45 -16.49 -11.67
CA PRO C 138 -4.15 -15.22 -11.94
C PRO C 138 -4.99 -15.20 -13.22
N PHE C 139 -5.28 -16.36 -13.81
CA PHE C 139 -6.14 -16.45 -14.98
C PHE C 139 -7.55 -16.84 -14.62
N ASP C 140 -7.98 -16.49 -13.42
CA ASP C 140 -9.25 -16.92 -12.86
C ASP C 140 -10.41 -16.09 -13.41
N GLN C 141 -11.61 -16.64 -13.27
CA GLN C 141 -12.84 -15.90 -13.47
C GLN C 141 -13.72 -16.12 -12.26
N GLN C 142 -14.31 -15.05 -11.75
CA GLN C 142 -15.07 -15.11 -10.51
C GLN C 142 -16.56 -15.05 -10.80
N ASN C 143 -17.33 -15.54 -9.83
CA ASN C 143 -18.79 -15.62 -9.93
C ASN C 143 -19.36 -15.05 -8.63
N CYS C 144 -19.52 -13.73 -8.59
CA CYS C 144 -19.95 -13.04 -7.38
C CYS C 144 -21.43 -12.70 -7.50
N THR C 145 -22.25 -13.32 -6.66
CA THR C 145 -23.68 -13.16 -6.73
C THR C 145 -24.12 -11.92 -5.95
N MET C 146 -25.41 -11.60 -6.08
CA MET C 146 -25.94 -10.34 -5.56
C MET C 146 -27.44 -10.57 -5.31
N LYS C 147 -27.81 -10.83 -4.07
CA LYS C 147 -29.17 -11.25 -3.74
C LYS C 147 -29.96 -10.07 -3.19
N PHE C 148 -31.13 -9.83 -3.78
CA PHE C 148 -31.99 -8.73 -3.40
C PHE C 148 -33.31 -9.27 -2.85
N ARG C 149 -33.80 -8.63 -1.80
CA ARG C 149 -35.01 -9.06 -1.13
C ARG C 149 -35.62 -7.86 -0.44
N SER C 150 -36.90 -7.97 -0.13
CA SER C 150 -37.58 -7.02 0.74
C SER C 150 -37.46 -7.50 2.18
N TRP C 151 -36.97 -6.64 3.06
CA TRP C 151 -36.85 -7.00 4.47
C TRP C 151 -38.06 -6.58 5.28
N THR C 152 -39.08 -6.01 4.65
CA THR C 152 -40.36 -5.73 5.29
C THR C 152 -41.43 -6.74 4.90
N TYR C 153 -41.65 -6.92 3.60
CA TYR C 153 -42.79 -7.66 3.09
C TYR C 153 -42.35 -9.00 2.51
N ASP C 154 -43.15 -10.02 2.76
CA ASP C 154 -42.90 -11.35 2.22
C ASP C 154 -43.71 -11.53 0.94
N ARG C 155 -43.73 -12.76 0.42
CA ARG C 155 -44.34 -13.03 -0.87
C ARG C 155 -45.84 -12.78 -0.86
N THR C 156 -46.49 -12.94 0.30
CA THR C 156 -47.93 -12.73 0.36
C THR C 156 -48.32 -11.27 0.17
N GLU C 157 -47.37 -10.35 0.32
CA GLU C 157 -47.65 -8.92 0.25
C GLU C 157 -47.08 -8.24 -0.98
N ILE C 158 -45.87 -8.59 -1.39
CA ILE C 158 -45.29 -8.08 -2.63
C ILE C 158 -44.66 -9.24 -3.38
N ASP C 159 -44.78 -9.23 -4.70
CA ASP C 159 -44.08 -10.17 -5.57
C ASP C 159 -42.99 -9.42 -6.32
N LEU C 160 -41.77 -9.94 -6.25
CA LEU C 160 -40.66 -9.37 -6.98
C LEU C 160 -40.58 -10.01 -8.36
N VAL C 161 -40.31 -9.21 -9.37
CA VAL C 161 -40.33 -9.64 -10.76
C VAL C 161 -39.17 -8.98 -11.49
N LEU C 162 -38.59 -9.70 -12.42
CA LEU C 162 -37.49 -9.19 -13.22
C LEU C 162 -38.03 -8.44 -14.41
N LYS C 163 -37.62 -7.18 -14.58
CA LYS C 163 -37.95 -6.44 -15.79
C LYS C 163 -37.23 -7.04 -16.99
N SER C 164 -35.98 -7.45 -16.81
CA SER C 164 -35.17 -8.03 -17.87
C SER C 164 -34.39 -9.21 -17.30
N GLU C 165 -34.07 -10.16 -18.17
CA GLU C 165 -33.32 -11.35 -17.74
C GLU C 165 -31.86 -11.05 -17.45
N VAL C 166 -31.36 -9.88 -17.80
CA VAL C 166 -29.95 -9.52 -17.56
C VAL C 166 -29.90 -8.12 -17.00
N ALA C 167 -28.86 -7.85 -16.22
CA ALA C 167 -28.60 -6.49 -15.77
C ALA C 167 -28.17 -5.62 -16.94
N SER C 168 -28.33 -4.32 -16.77
CA SER C 168 -28.13 -3.34 -17.83
C SER C 168 -26.73 -2.75 -17.74
N LEU C 169 -26.08 -2.64 -18.90
CA LEU C 169 -24.77 -1.99 -19.01
C LEU C 169 -24.85 -0.68 -19.79
N ASP C 170 -26.03 -0.04 -19.83
CA ASP C 170 -26.20 1.14 -20.68
C ASP C 170 -25.34 2.32 -20.24
N ASP C 171 -24.89 2.35 -18.98
CA ASP C 171 -24.12 3.47 -18.46
C ASP C 171 -22.89 2.98 -17.72
N PHE C 172 -22.26 1.93 -18.24
CA PHE C 172 -21.18 1.24 -17.56
C PHE C 172 -19.83 1.81 -17.99
N THR C 173 -18.95 2.01 -17.00
CA THR C 173 -17.59 2.46 -17.24
C THR C 173 -16.63 1.31 -17.03
N PRO C 174 -15.88 0.86 -18.04
CA PRO C 174 -15.04 -0.33 -17.88
C PRO C 174 -14.05 -0.18 -16.74
N SER C 175 -13.79 -1.31 -16.06
CA SER C 175 -13.03 -1.30 -14.81
C SER C 175 -11.54 -1.12 -15.06
N GLY C 176 -10.98 -1.89 -15.98
CA GLY C 176 -9.56 -1.86 -16.29
C GLY C 176 -8.78 -3.04 -15.75
N GLU C 177 -9.27 -3.69 -14.70
CA GLU C 177 -8.64 -4.90 -14.17
C GLU C 177 -9.55 -6.11 -14.22
N TRP C 178 -10.86 -5.93 -14.36
CA TRP C 178 -11.83 -7.02 -14.43
C TRP C 178 -12.72 -6.82 -15.64
N ASP C 179 -12.96 -7.88 -16.39
CA ASP C 179 -13.84 -7.87 -17.54
C ASP C 179 -15.17 -8.48 -17.19
N ILE C 180 -16.26 -7.80 -17.58
CA ILE C 180 -17.60 -8.35 -17.45
C ILE C 180 -17.81 -9.41 -18.52
N VAL C 181 -18.30 -10.58 -18.12
CA VAL C 181 -18.64 -11.66 -19.04
C VAL C 181 -20.16 -11.82 -19.14
N ALA C 182 -20.85 -11.87 -18.01
CA ALA C 182 -22.30 -12.03 -18.01
C ALA C 182 -22.87 -11.42 -16.72
N LEU C 183 -24.13 -10.99 -16.79
CA LEU C 183 -24.84 -10.44 -15.63
C LEU C 183 -26.29 -10.89 -15.65
N PRO C 184 -26.54 -12.20 -15.72
CA PRO C 184 -27.93 -12.66 -15.72
C PRO C 184 -28.58 -12.50 -14.35
N GLY C 185 -29.90 -12.29 -14.37
CA GLY C 185 -30.69 -12.26 -13.16
C GLY C 185 -31.67 -13.41 -13.15
N ARG C 186 -32.05 -13.85 -11.95
CA ARG C 186 -32.96 -14.97 -11.81
C ARG C 186 -33.81 -14.80 -10.55
N ARG C 187 -35.10 -15.07 -10.67
CA ARG C 187 -36.03 -14.99 -9.56
C ARG C 187 -36.20 -16.36 -8.92
N ASN C 188 -36.10 -16.41 -7.59
CA ASN C 188 -36.12 -17.66 -6.85
C ASN C 188 -37.29 -17.68 -5.86
N GLU C 189 -37.99 -18.81 -5.83
CA GLU C 189 -38.96 -19.11 -4.79
C GLU C 189 -38.51 -20.35 -4.03
N ASN C 190 -39.03 -20.49 -2.82
CA ASN C 190 -38.77 -21.66 -2.00
C ASN C 190 -40.02 -22.54 -1.99
N PRO C 191 -39.99 -23.75 -2.56
CA PRO C 191 -41.21 -24.56 -2.60
C PRO C 191 -41.66 -25.06 -1.24
N ASP C 192 -40.80 -25.01 -0.23
CA ASP C 192 -41.15 -25.43 1.12
C ASP C 192 -41.53 -24.28 2.05
N ASP C 193 -41.38 -23.03 1.60
CA ASP C 193 -41.61 -21.86 2.44
C ASP C 193 -42.84 -21.07 2.02
N SER C 194 -42.94 -20.72 0.75
CA SER C 194 -44.09 -20.08 0.12
C SER C 194 -44.21 -18.60 0.50
N THR C 195 -43.42 -18.10 1.46
CA THR C 195 -43.35 -16.68 1.73
C THR C 195 -42.01 -16.09 1.29
N TYR C 196 -41.17 -16.89 0.62
CA TYR C 196 -39.83 -16.49 0.25
C TYR C 196 -39.80 -16.13 -1.23
N VAL C 197 -39.15 -15.01 -1.55
CA VAL C 197 -38.91 -14.62 -2.94
C VAL C 197 -37.71 -13.70 -2.95
N ASP C 198 -36.86 -13.87 -3.96
CA ASP C 198 -35.68 -13.02 -4.11
C ASP C 198 -35.33 -12.93 -5.58
N ILE C 199 -34.52 -11.95 -5.90
CA ILE C 199 -33.86 -11.84 -7.21
C ILE C 199 -32.37 -11.85 -6.96
N THR C 200 -31.65 -12.69 -7.69
CA THR C 200 -30.21 -12.80 -7.59
C THR C 200 -29.60 -12.59 -8.96
N TYR C 201 -28.57 -11.74 -9.03
CA TYR C 201 -27.80 -11.52 -10.23
C TYR C 201 -26.44 -12.21 -10.05
N ASP C 202 -26.05 -13.00 -11.04
CA ASP C 202 -24.71 -13.57 -11.08
C ASP C 202 -23.82 -12.61 -11.87
N PHE C 203 -22.76 -12.13 -11.23
CA PHE C 203 -21.77 -11.28 -11.91
C PHE C 203 -20.59 -12.18 -12.29
N ILE C 204 -20.54 -12.56 -13.55
CA ILE C 204 -19.43 -13.37 -14.06
C ILE C 204 -18.38 -12.42 -14.62
N ILE C 205 -17.22 -12.37 -13.98
CA ILE C 205 -16.14 -11.45 -14.34
C ILE C 205 -14.87 -12.25 -14.55
N ARG C 206 -13.99 -11.71 -15.39
CA ARG C 206 -12.75 -12.38 -15.78
C ARG C 206 -11.59 -11.45 -15.49
N ARG C 207 -10.57 -11.96 -14.80
CA ARG C 207 -9.41 -11.13 -14.50
C ARG C 207 -8.59 -10.92 -15.76
N LYS C 208 -8.04 -9.71 -15.88
CA LYS C 208 -7.02 -9.43 -16.88
C LYS C 208 -5.68 -9.79 -16.28
N PRO C 209 -4.95 -10.77 -16.82
CA PRO C 209 -3.80 -11.32 -16.11
C PRO C 209 -2.44 -10.71 -16.41
N LEU C 210 -2.35 -9.64 -17.21
CA LEU C 210 -1.03 -9.12 -17.58
C LEU C 210 -0.26 -8.65 -16.36
N PHE C 211 -0.91 -7.92 -15.46
CA PHE C 211 -0.21 -7.38 -14.31
C PHE C 211 0.41 -8.49 -13.47
N TYR C 212 -0.39 -9.50 -13.13
CA TYR C 212 0.12 -10.56 -12.27
C TYR C 212 1.05 -11.50 -13.04
N THR C 213 0.81 -11.70 -14.33
CA THR C 213 1.81 -12.38 -15.15
C THR C 213 3.18 -11.73 -14.96
N ILE C 214 3.27 -10.44 -15.31
CA ILE C 214 4.54 -9.73 -15.26
C ILE C 214 5.14 -9.78 -13.87
N ASN C 215 4.33 -9.56 -12.83
CA ASN C 215 4.90 -9.36 -11.51
C ASN C 215 5.15 -10.64 -10.73
N LEU C 216 4.46 -11.74 -11.04
CA LEU C 216 4.62 -12.99 -10.30
C LEU C 216 5.07 -14.14 -11.20
N ILE C 217 4.40 -14.36 -12.32
CA ILE C 217 4.56 -15.62 -13.04
C ILE C 217 5.94 -15.72 -13.66
N ILE C 218 6.37 -14.67 -14.37
CA ILE C 218 7.60 -14.75 -15.14
C ILE C 218 8.80 -14.73 -14.20
N PRO C 219 8.80 -13.91 -13.15
CA PRO C 219 9.88 -14.05 -12.16
C PRO C 219 9.97 -15.45 -11.59
N CYS C 220 8.83 -16.08 -11.31
CA CYS C 220 8.83 -17.43 -10.77
C CYS C 220 9.39 -18.41 -11.79
N VAL C 221 9.06 -18.24 -13.07
CA VAL C 221 9.58 -19.12 -14.10
C VAL C 221 11.09 -18.96 -14.22
N LEU C 222 11.58 -17.72 -14.18
CA LEU C 222 13.02 -17.50 -14.22
C LEU C 222 13.71 -18.17 -13.05
N ILE C 223 13.14 -18.04 -11.84
CA ILE C 223 13.77 -18.63 -10.67
C ILE C 223 13.75 -20.15 -10.75
N THR C 224 12.64 -20.72 -11.22
CA THR C 224 12.54 -22.17 -11.36
C THR C 224 13.52 -22.71 -12.39
N SER C 225 13.79 -21.94 -13.44
CA SER C 225 14.75 -22.38 -14.44
C SER C 225 16.13 -22.62 -13.84
N LEU C 226 16.45 -21.99 -12.72
CA LEU C 226 17.76 -22.15 -12.09
C LEU C 226 17.80 -23.28 -11.07
N ALA C 227 16.66 -23.90 -10.75
CA ALA C 227 16.62 -24.90 -9.69
C ALA C 227 17.48 -26.12 -10.01
N ILE C 228 17.85 -26.33 -11.27
CA ILE C 228 18.59 -27.53 -11.66
C ILE C 228 20.07 -27.26 -11.90
N LEU C 229 20.49 -26.00 -12.01
CA LEU C 229 21.87 -25.71 -12.37
C LEU C 229 22.87 -26.20 -11.32
N VAL C 230 22.43 -26.47 -10.09
CA VAL C 230 23.37 -26.83 -9.04
C VAL C 230 24.10 -28.12 -9.37
N PHE C 231 23.47 -29.01 -10.12
CA PHE C 231 24.05 -30.32 -10.42
C PHE C 231 25.02 -30.28 -11.59
N TYR C 232 25.15 -29.15 -12.27
CA TYR C 232 26.18 -28.96 -13.28
C TYR C 232 27.34 -28.12 -12.78
N LEU C 233 27.19 -27.46 -11.65
CA LEU C 233 28.24 -26.65 -11.06
C LEU C 233 29.33 -27.55 -10.48
N PRO C 234 30.59 -27.36 -10.85
CA PRO C 234 31.64 -28.23 -10.31
C PRO C 234 31.88 -27.97 -8.82
N SER C 235 32.26 -29.04 -8.11
CA SER C 235 32.46 -28.92 -6.66
C SER C 235 33.67 -28.07 -6.30
N ASP C 236 34.61 -27.87 -7.22
CA ASP C 236 35.80 -27.10 -6.88
C ASP C 236 35.52 -25.60 -6.87
N CYS C 237 34.52 -25.13 -7.63
CA CYS C 237 34.24 -23.71 -7.67
C CYS C 237 33.80 -23.17 -6.32
N GLY C 238 33.39 -24.04 -5.40
CA GLY C 238 33.03 -23.62 -4.05
C GLY C 238 31.87 -22.67 -3.97
N GLU C 239 30.84 -22.88 -4.81
CA GLU C 239 29.69 -21.99 -4.81
C GLU C 239 28.35 -22.70 -4.97
N LYS C 240 28.29 -24.02 -4.78
CA LYS C 240 27.02 -24.73 -4.92
C LYS C 240 26.00 -24.25 -3.90
N MET C 241 26.42 -24.12 -2.64
CA MET C 241 25.50 -23.74 -1.58
C MET C 241 24.88 -22.37 -1.84
N THR C 242 25.70 -21.42 -2.28
CA THR C 242 25.17 -20.11 -2.62
C THR C 242 23.99 -20.22 -3.56
N LEU C 243 24.17 -20.96 -4.65
CA LEU C 243 23.13 -21.08 -5.67
C LEU C 243 21.89 -21.75 -5.12
N CYS C 244 22.03 -22.94 -4.52
CA CYS C 244 20.82 -23.67 -4.15
C CYS C 244 20.08 -23.00 -3.01
N ILE C 245 20.80 -22.45 -2.03
CA ILE C 245 20.16 -21.72 -0.95
C ILE C 245 19.44 -20.49 -1.49
N SER C 246 20.08 -19.74 -2.40
CA SER C 246 19.43 -18.57 -2.96
C SER C 246 18.14 -18.95 -3.69
N VAL C 247 18.17 -20.04 -4.46
CA VAL C 247 16.99 -20.47 -5.19
C VAL C 247 15.86 -20.80 -4.22
N LEU C 248 16.17 -21.55 -3.17
CA LEU C 248 15.13 -21.91 -2.20
C LEU C 248 14.52 -20.68 -1.55
N LEU C 249 15.37 -19.74 -1.14
CA LEU C 249 14.86 -18.55 -0.47
C LEU C 249 13.99 -17.71 -1.40
N ALA C 250 14.41 -17.56 -2.66
CA ALA C 250 13.59 -16.82 -3.61
C ALA C 250 12.23 -17.47 -3.81
N LEU C 251 12.21 -18.80 -3.96
CA LEU C 251 10.93 -19.49 -4.14
C LEU C 251 10.04 -19.28 -2.92
N THR C 252 10.61 -19.36 -1.73
CA THR C 252 9.82 -19.15 -0.52
C THR C 252 9.25 -17.74 -0.46
N VAL C 253 10.04 -16.75 -0.87
CA VAL C 253 9.56 -15.37 -0.84
C VAL C 253 8.37 -15.20 -1.77
N PHE C 254 8.44 -15.79 -2.96
CA PHE C 254 7.31 -15.63 -3.88
C PHE C 254 6.08 -16.38 -3.37
N LEU C 255 6.28 -17.54 -2.76
CA LEU C 255 5.15 -18.23 -2.15
C LEU C 255 4.48 -17.36 -1.08
N LEU C 256 5.28 -16.69 -0.25
CA LEU C 256 4.71 -15.83 0.78
C LEU C 256 3.97 -14.64 0.18
N LEU C 257 4.51 -14.05 -0.88
CA LEU C 257 3.82 -12.95 -1.54
C LEU C 257 2.46 -13.39 -2.05
N ILE C 258 2.42 -14.54 -2.74
CA ILE C 258 1.13 -15.05 -3.20
C ILE C 258 0.19 -15.26 -2.03
N SER C 259 0.70 -15.84 -0.94
CA SER C 259 -0.16 -16.09 0.22
C SER C 259 -0.74 -14.78 0.75
N LYS C 260 -0.01 -13.69 0.61
CA LYS C 260 -0.57 -12.39 0.99
C LYS C 260 -1.60 -11.88 0.00
N ILE C 261 -1.57 -12.34 -1.26
CA ILE C 261 -2.50 -11.81 -2.25
C ILE C 261 -3.85 -12.52 -2.18
N VAL C 262 -3.86 -13.85 -2.08
CA VAL C 262 -5.10 -14.63 -2.18
C VAL C 262 -5.82 -14.72 -0.84
N PRO C 263 -7.11 -15.05 -0.82
CA PRO C 263 -7.82 -15.18 0.46
C PRO C 263 -7.30 -16.39 1.24
N PRO C 264 -7.35 -16.34 2.57
CA PRO C 264 -6.81 -17.42 3.40
C PRO C 264 -7.78 -18.58 3.62
N THR C 265 -8.43 -19.01 2.54
CA THR C 265 -9.41 -20.09 2.62
C THR C 265 -8.75 -21.43 2.31
N SER C 266 -9.42 -22.49 2.76
CA SER C 266 -8.89 -23.85 2.64
C SER C 266 -9.76 -24.73 1.76
N LEU C 267 -10.58 -24.14 0.91
CA LEU C 267 -11.44 -24.93 0.03
C LEU C 267 -10.65 -25.49 -1.14
N ASP C 268 -9.57 -24.82 -1.55
CA ASP C 268 -8.68 -25.35 -2.57
C ASP C 268 -7.38 -24.57 -2.51
N VAL C 269 -6.38 -25.07 -3.24
CA VAL C 269 -5.08 -24.42 -3.33
C VAL C 269 -4.93 -23.86 -4.74
N PRO C 270 -4.28 -22.72 -4.93
CA PRO C 270 -3.97 -22.29 -6.30
C PRO C 270 -2.96 -23.21 -6.96
N LEU C 271 -3.09 -23.36 -8.28
CA LEU C 271 -2.16 -24.20 -9.02
C LEU C 271 -0.73 -23.65 -8.95
N VAL C 272 -0.58 -22.34 -9.01
CA VAL C 272 0.74 -21.73 -8.92
C VAL C 272 1.36 -21.99 -7.56
N GLY C 273 0.54 -21.94 -6.50
CA GLY C 273 1.05 -22.26 -5.17
C GLY C 273 1.49 -23.71 -5.04
N LYS C 274 0.71 -24.62 -5.62
CA LYS C 274 1.10 -26.03 -5.63
C LYS C 274 2.41 -26.24 -6.38
N TYR C 275 2.56 -25.56 -7.52
CA TYR C 275 3.80 -25.67 -8.29
C TYR C 275 4.99 -25.13 -7.52
N LEU C 276 4.83 -23.98 -6.87
CA LEU C 276 5.91 -23.43 -6.07
C LEU C 276 6.27 -24.35 -4.91
N MET C 277 5.27 -24.94 -4.26
CA MET C 277 5.55 -25.88 -3.17
C MET C 277 6.34 -27.09 -3.65
N PHE C 278 5.92 -27.66 -4.78
CA PHE C 278 6.64 -28.79 -5.35
C PHE C 278 8.08 -28.43 -5.68
N THR C 279 8.29 -27.26 -6.29
CA THR C 279 9.64 -26.83 -6.61
C THR C 279 10.48 -26.64 -5.35
N MET C 280 9.88 -26.07 -4.29
CA MET C 280 10.61 -25.87 -3.05
C MET C 280 11.06 -27.19 -2.45
N VAL C 281 10.19 -28.20 -2.48
CA VAL C 281 10.59 -29.52 -1.97
C VAL C 281 11.73 -30.09 -2.79
N LEU C 282 11.63 -29.98 -4.13
CA LEU C 282 12.71 -30.45 -4.98
C LEU C 282 14.03 -29.75 -4.65
N VAL C 283 13.98 -28.45 -4.37
CA VAL C 283 15.22 -27.71 -4.12
C VAL C 283 15.80 -28.05 -2.75
N THR C 284 14.94 -28.31 -1.76
CA THR C 284 15.45 -28.81 -0.49
C THR C 284 16.17 -30.14 -0.67
N PHE C 285 15.58 -31.03 -1.48
CA PHE C 285 16.23 -32.29 -1.79
C PHE C 285 17.58 -32.05 -2.47
N SER C 286 17.62 -31.10 -3.41
CA SER C 286 18.87 -30.78 -4.09
C SER C 286 19.92 -30.24 -3.12
N ILE C 287 19.51 -29.46 -2.12
CA ILE C 287 20.47 -28.95 -1.15
C ILE C 287 21.08 -30.10 -0.35
N VAL C 288 20.24 -31.03 0.09
CA VAL C 288 20.76 -32.19 0.82
C VAL C 288 21.72 -32.99 -0.07
N THR C 289 21.33 -33.20 -1.32
CA THR C 289 22.20 -33.94 -2.25
C THR C 289 23.52 -33.21 -2.49
N SER C 290 23.48 -31.88 -2.56
CA SER C 290 24.71 -31.14 -2.81
C SER C 290 25.65 -31.20 -1.62
N VAL C 291 25.10 -31.18 -0.41
CA VAL C 291 25.94 -31.37 0.78
C VAL C 291 26.60 -32.74 0.72
N CYS C 292 25.82 -33.77 0.35
CA CYS C 292 26.40 -35.12 0.24
C CYS C 292 27.48 -35.18 -0.83
N VAL C 293 27.24 -34.55 -1.98
CA VAL C 293 28.21 -34.57 -3.07
C VAL C 293 29.49 -33.86 -2.67
N LEU C 294 29.37 -32.71 -1.98
CA LEU C 294 30.54 -32.01 -1.51
C LEU C 294 31.32 -32.86 -0.52
N ASN C 295 30.62 -33.55 0.38
CA ASN C 295 31.30 -34.42 1.33
C ASN C 295 32.08 -35.51 0.60
N VAL C 296 31.48 -36.12 -0.43
CA VAL C 296 32.18 -37.16 -1.18
C VAL C 296 33.39 -36.57 -1.90
N HIS C 297 33.25 -35.37 -2.46
CA HIS C 297 34.31 -34.77 -3.27
C HIS C 297 35.59 -34.54 -2.47
N HIS C 298 35.46 -34.11 -1.21
CA HIS C 298 36.61 -33.78 -0.38
C HIS C 298 37.03 -34.96 0.49
N ARG C 299 37.20 -36.12 -0.13
CA ARG C 299 37.68 -37.31 0.57
C ARG C 299 39.07 -37.66 0.07
N SER C 300 39.89 -38.19 0.97
CA SER C 300 41.29 -38.46 0.71
C SER C 300 41.66 -39.81 1.32
N PRO C 301 42.78 -40.39 0.91
CA PRO C 301 43.20 -41.66 1.53
C PRO C 301 43.53 -41.55 3.00
N THR C 302 43.82 -40.35 3.50
CA THR C 302 44.15 -40.17 4.91
C THR C 302 42.93 -40.03 5.81
N THR C 303 41.72 -40.04 5.25
CA THR C 303 40.52 -39.97 6.07
C THR C 303 39.44 -40.97 5.69
N HIS C 304 39.50 -41.58 4.51
CA HIS C 304 38.48 -42.51 4.07
C HIS C 304 39.14 -43.62 3.27
N THR C 305 38.45 -44.75 3.17
CA THR C 305 38.87 -45.86 2.33
C THR C 305 37.73 -46.22 1.39
N MET C 306 38.02 -46.26 0.08
CA MET C 306 36.99 -46.52 -0.92
C MET C 306 36.69 -48.01 -0.96
N ALA C 307 35.45 -48.38 -0.63
CA ALA C 307 35.05 -49.77 -0.67
C ALA C 307 35.10 -50.29 -2.10
N PRO C 308 35.37 -51.59 -2.28
CA PRO C 308 35.46 -52.12 -3.66
C PRO C 308 34.17 -51.95 -4.45
N TRP C 309 33.02 -52.06 -3.80
CA TRP C 309 31.76 -51.89 -4.52
C TRP C 309 31.61 -50.45 -5.02
N VAL C 310 32.13 -49.48 -4.28
CA VAL C 310 32.10 -48.09 -4.76
C VAL C 310 32.83 -47.99 -6.08
N LYS C 311 34.02 -48.58 -6.17
CA LYS C 311 34.73 -48.65 -7.45
C LYS C 311 33.83 -49.29 -8.50
N VAL C 312 33.47 -50.56 -8.27
CA VAL C 312 32.72 -51.33 -9.26
C VAL C 312 31.56 -50.51 -9.82
N VAL C 313 30.77 -49.90 -8.95
CA VAL C 313 29.58 -49.21 -9.40
C VAL C 313 29.94 -47.86 -10.02
N PHE C 314 30.48 -46.95 -9.20
CA PHE C 314 30.54 -45.55 -9.62
C PHE C 314 31.62 -45.29 -10.65
N LEU C 315 32.72 -46.05 -10.66
CA LEU C 315 33.79 -45.79 -11.60
C LEU C 315 33.66 -46.61 -12.89
N GLU C 316 32.85 -47.66 -12.90
CA GLU C 316 32.72 -48.52 -14.08
C GLU C 316 31.31 -48.55 -14.64
N LYS C 317 30.31 -48.93 -13.83
CA LYS C 317 29.00 -49.23 -14.38
C LYS C 317 28.19 -47.98 -14.66
N LEU C 318 27.96 -47.17 -13.63
CA LEU C 318 27.15 -45.97 -13.81
C LEU C 318 27.71 -45.02 -14.86
N PRO C 319 29.02 -44.78 -14.95
CA PRO C 319 29.51 -43.92 -16.03
C PRO C 319 29.13 -44.38 -17.42
N ALA C 320 29.16 -45.70 -17.66
CA ALA C 320 28.76 -46.21 -18.96
C ALA C 320 27.28 -45.92 -19.23
N LEU C 321 26.43 -46.11 -18.22
CA LEU C 321 25.01 -45.85 -18.39
C LEU C 321 24.75 -44.39 -18.73
N LEU C 322 25.45 -43.47 -18.08
CA LEU C 322 25.22 -42.04 -18.27
C LEU C 322 26.06 -41.46 -19.40
N PHE C 323 26.82 -42.28 -20.12
CA PHE C 323 27.60 -41.84 -21.27
C PHE C 323 28.71 -40.87 -20.85
N MET C 324 29.53 -41.30 -19.86
CA MET C 324 30.49 -40.39 -19.25
C MET C 324 31.91 -40.83 -19.54
N GLN C 325 32.27 -42.10 -19.34
CA GLN C 325 33.63 -42.57 -19.67
C GLN C 325 34.78 -41.96 -18.88
N GLN C 326 34.99 -42.41 -17.64
CA GLN C 326 36.19 -42.02 -16.90
C GLN C 326 37.43 -42.16 -17.78
N PRO C 327 38.20 -41.09 -17.98
CA PRO C 327 39.39 -41.19 -18.85
C PRO C 327 40.55 -41.95 -18.22
N ARG C 328 40.73 -41.87 -16.90
CA ARG C 328 41.81 -42.60 -16.23
C ARG C 328 43.18 -42.30 -16.84
N HIS C 329 43.69 -41.08 -16.61
CA HIS C 329 44.93 -40.60 -17.21
C HIS C 329 46.01 -41.68 -17.35
N HIS C 330 46.34 -42.38 -16.26
CA HIS C 330 47.33 -43.45 -16.32
C HIS C 330 46.78 -44.74 -15.72
N GLY C 396 83.64 -41.82 2.18
CA GLY C 396 83.13 -42.81 1.26
C GLY C 396 81.65 -43.06 1.44
N CYS C 397 81.17 -42.83 2.67
CA CYS C 397 79.76 -42.98 2.99
C CYS C 397 78.87 -42.01 2.22
N GLY C 398 79.46 -40.95 1.65
CA GLY C 398 78.64 -39.98 0.92
C GLY C 398 77.88 -40.60 -0.23
N LEU C 399 78.51 -41.55 -0.94
CA LEU C 399 77.85 -42.17 -2.09
C LEU C 399 76.63 -42.98 -1.64
N ARG C 400 76.79 -43.79 -0.60
CA ARG C 400 75.66 -44.56 -0.08
C ARG C 400 74.56 -43.65 0.44
N GLU C 401 74.94 -42.56 1.11
CA GLU C 401 73.95 -41.60 1.58
C GLU C 401 73.19 -40.97 0.42
N ALA C 402 73.91 -40.63 -0.66
CA ALA C 402 73.24 -40.06 -1.83
C ALA C 402 72.28 -41.05 -2.46
N VAL C 403 72.68 -42.31 -2.56
CA VAL C 403 71.79 -43.31 -3.12
C VAL C 403 70.54 -43.47 -2.25
N ASP C 404 70.72 -43.50 -0.94
CA ASP C 404 69.58 -43.61 -0.04
C ASP C 404 68.65 -42.41 -0.18
N GLY C 405 69.23 -41.21 -0.31
CA GLY C 405 68.42 -40.02 -0.47
C GLY C 405 67.63 -40.02 -1.76
N VAL C 406 68.26 -40.43 -2.87
CA VAL C 406 67.53 -40.50 -4.14
C VAL C 406 66.41 -41.52 -4.05
N ARG C 407 66.67 -42.67 -3.42
CA ARG C 407 65.62 -43.67 -3.25
C ARG C 407 64.47 -43.11 -2.43
N PHE C 408 64.79 -42.39 -1.35
CA PHE C 408 63.74 -41.80 -0.53
C PHE C 408 62.91 -40.79 -1.32
N ILE C 409 63.57 -39.96 -2.12
CA ILE C 409 62.85 -38.97 -2.92
C ILE C 409 61.89 -39.68 -3.88
N ALA C 410 62.39 -40.71 -4.56
CA ALA C 410 61.54 -41.43 -5.52
C ALA C 410 60.35 -42.07 -4.82
N ASP C 411 60.57 -42.72 -3.67
CA ASP C 411 59.46 -43.35 -2.96
C ASP C 411 58.45 -42.30 -2.49
N HIS C 412 58.94 -41.16 -2.01
CA HIS C 412 58.05 -40.12 -1.54
C HIS C 412 57.16 -39.62 -2.67
N MET C 413 57.74 -39.40 -3.85
CA MET C 413 56.91 -38.96 -4.97
C MET C 413 55.95 -40.04 -5.44
N ARG C 414 56.35 -41.31 -5.35
CA ARG C 414 55.42 -42.39 -5.68
C ARG C 414 54.21 -42.38 -4.77
N SER C 415 54.43 -42.26 -3.46
CA SER C 415 53.32 -42.23 -2.51
C SER C 415 52.43 -41.03 -2.75
N GLU C 416 53.02 -39.86 -3.03
CA GLU C 416 52.21 -38.69 -3.34
C GLU C 416 51.35 -38.92 -4.58
N ASP C 417 51.93 -39.56 -5.60
CA ASP C 417 51.19 -39.86 -6.81
C ASP C 417 49.99 -40.77 -6.53
N ASP C 418 50.20 -41.80 -5.69
CA ASP C 418 49.09 -42.69 -5.35
C ASP C 418 47.99 -41.94 -4.62
N ASP C 419 48.36 -41.09 -3.67
CA ASP C 419 47.35 -40.32 -2.94
C ASP C 419 46.56 -39.43 -3.89
N GLN C 420 47.26 -38.76 -4.82
CA GLN C 420 46.57 -37.91 -5.78
C GLN C 420 45.61 -38.73 -6.64
N SER C 421 46.01 -39.94 -7.04
CA SER C 421 45.13 -40.76 -7.87
C SER C 421 43.85 -41.11 -7.12
N VAL C 422 43.97 -41.47 -5.83
CA VAL C 422 42.77 -41.81 -5.08
C VAL C 422 41.88 -40.58 -4.92
N SER C 423 42.47 -39.41 -4.68
CA SER C 423 41.68 -38.20 -4.58
C SER C 423 40.92 -37.92 -5.88
N GLU C 424 41.58 -38.17 -7.01
CA GLU C 424 40.91 -38.02 -8.30
C GLU C 424 39.74 -38.98 -8.42
N ASP C 425 39.90 -40.20 -7.92
CA ASP C 425 38.78 -41.14 -7.96
C ASP C 425 37.59 -40.63 -7.15
N TRP C 426 37.86 -40.05 -5.98
CA TRP C 426 36.77 -39.50 -5.17
C TRP C 426 36.07 -38.35 -5.90
N LYS C 427 36.85 -37.49 -6.55
CA LYS C 427 36.25 -36.41 -7.34
C LYS C 427 35.37 -36.97 -8.45
N TYR C 428 35.84 -38.02 -9.12
CA TYR C 428 35.05 -38.60 -10.20
C TYR C 428 33.75 -39.22 -9.69
N VAL C 429 33.80 -39.87 -8.52
CA VAL C 429 32.59 -40.43 -7.94
C VAL C 429 31.58 -39.32 -7.66
N ALA C 430 32.05 -38.21 -7.09
CA ALA C 430 31.14 -37.09 -6.86
C ALA C 430 30.53 -36.59 -8.17
N MET C 431 31.35 -36.51 -9.22
CA MET C 431 30.83 -36.06 -10.51
C MET C 431 29.75 -36.99 -11.04
N VAL C 432 29.93 -38.30 -10.87
CA VAL C 432 28.93 -39.25 -11.35
C VAL C 432 27.62 -39.09 -10.58
N ILE C 433 27.70 -38.95 -9.25
CA ILE C 433 26.48 -38.75 -8.48
C ILE C 433 25.77 -37.49 -8.95
N ASP C 434 26.53 -36.41 -9.17
CA ASP C 434 25.94 -35.16 -9.62
C ASP C 434 25.24 -35.34 -10.97
N ARG C 435 25.88 -36.05 -11.90
CA ARG C 435 25.28 -36.23 -13.22
C ARG C 435 23.99 -37.04 -13.13
N LEU C 436 23.99 -38.10 -12.32
CA LEU C 436 22.78 -38.91 -12.16
C LEU C 436 21.63 -38.05 -11.64
N PHE C 437 21.89 -37.25 -10.60
CA PHE C 437 20.82 -36.44 -10.05
C PHE C 437 20.40 -35.34 -11.02
N LEU C 438 21.33 -34.84 -11.84
CA LEU C 438 20.95 -33.88 -12.88
C LEU C 438 19.97 -34.51 -13.86
N TRP C 439 20.24 -35.74 -14.29
CA TRP C 439 19.32 -36.43 -15.19
C TRP C 439 17.94 -36.59 -14.54
N ILE C 440 17.92 -37.06 -13.29
CA ILE C 440 16.66 -37.28 -12.61
C ILE C 440 15.87 -35.98 -12.51
N PHE C 441 16.55 -34.88 -12.18
CA PHE C 441 15.86 -33.61 -12.03
C PHE C 441 15.36 -33.08 -13.37
N VAL C 442 16.14 -33.26 -14.43
CA VAL C 442 15.63 -32.91 -15.76
C VAL C 442 14.32 -33.63 -16.02
N PHE C 443 14.29 -34.94 -15.76
CA PHE C 443 13.09 -35.71 -16.05
C PHE C 443 11.91 -35.23 -15.21
N VAL C 444 12.13 -35.05 -13.90
CA VAL C 444 11.03 -34.65 -13.02
C VAL C 444 10.51 -33.27 -13.40
N CYS C 445 11.40 -32.31 -13.65
CA CYS C 445 10.96 -30.97 -14.00
C CYS C 445 10.20 -30.97 -15.32
N VAL C 446 10.71 -31.70 -16.33
CA VAL C 446 10.05 -31.70 -17.63
C VAL C 446 8.69 -32.38 -17.53
N PHE C 447 8.57 -33.42 -16.70
CA PHE C 447 7.29 -34.08 -16.50
C PHE C 447 6.39 -33.33 -15.52
N GLY C 448 6.88 -32.27 -14.90
CA GLY C 448 6.04 -31.42 -14.08
C GLY C 448 5.17 -30.51 -14.92
N THR C 449 4.48 -31.09 -15.90
CA THR C 449 3.51 -30.37 -16.74
C THR C 449 2.09 -30.57 -16.22
N GLU D 5 -64.92 -0.44 2.75
CA GLU D 5 -64.85 -1.88 2.56
C GLU D 5 -63.44 -2.32 2.15
N THR D 6 -62.75 -1.44 1.44
CA THR D 6 -61.41 -1.76 0.97
C THR D 6 -60.46 -1.92 2.16
N ARG D 7 -59.48 -2.80 1.99
CA ARG D 7 -58.53 -3.07 3.06
C ARG D 7 -57.81 -1.80 3.50
N ALA D 8 -57.56 -0.87 2.57
CA ALA D 8 -56.80 0.33 2.91
C ALA D 8 -57.55 1.21 3.90
N HIS D 9 -58.86 1.35 3.72
CA HIS D 9 -59.63 2.19 4.65
C HIS D 9 -59.68 1.55 6.04
N ALA D 10 -59.84 0.23 6.10
CA ALA D 10 -59.82 -0.45 7.39
C ALA D 10 -58.47 -0.29 8.08
N GLU D 11 -57.38 -0.42 7.31
CA GLU D 11 -56.05 -0.26 7.89
C GLU D 11 -55.83 1.16 8.37
N GLU D 12 -56.31 2.16 7.62
CA GLU D 12 -56.21 3.54 8.07
C GLU D 12 -56.97 3.74 9.37
N ARG D 13 -58.19 3.20 9.46
CA ARG D 13 -58.95 3.30 10.70
C ARG D 13 -58.20 2.65 11.85
N LEU D 14 -57.63 1.47 11.62
CA LEU D 14 -56.91 0.76 12.67
C LEU D 14 -55.71 1.56 13.13
N LEU D 15 -54.94 2.14 12.19
CA LEU D 15 -53.78 2.94 12.57
C LEU D 15 -54.19 4.15 13.38
N LYS D 16 -55.28 4.80 12.98
CA LYS D 16 -55.76 5.94 13.74
C LYS D 16 -56.15 5.54 15.15
N LYS D 17 -56.76 4.35 15.30
CA LYS D 17 -57.25 3.94 16.62
C LYS D 17 -56.12 3.45 17.51
N LEU D 18 -55.11 2.80 16.94
CA LEU D 18 -54.05 2.22 17.77
C LEU D 18 -53.21 3.30 18.42
N PHE D 19 -52.91 4.38 17.71
CA PHE D 19 -51.97 5.38 18.17
C PHE D 19 -52.66 6.65 18.65
N SER D 20 -53.96 6.61 18.88
CA SER D 20 -54.65 7.80 19.38
C SER D 20 -54.11 8.21 20.75
N GLY D 21 -54.05 7.26 21.68
CA GLY D 21 -53.55 7.53 23.01
C GLY D 21 -52.40 6.63 23.40
N TYR D 22 -51.47 6.39 22.48
CA TYR D 22 -50.36 5.48 22.69
C TYR D 22 -49.12 6.28 23.10
N ASN D 23 -48.45 5.83 24.17
CA ASN D 23 -47.23 6.43 24.66
C ASN D 23 -46.10 5.41 24.56
N LYS D 24 -45.10 5.71 23.73
CA LYS D 24 -44.04 4.77 23.45
C LYS D 24 -42.96 4.74 24.53
N TRP D 25 -43.02 5.62 25.52
CA TRP D 25 -42.01 5.70 26.57
C TRP D 25 -42.37 4.88 27.80
N SER D 26 -43.54 4.25 27.83
CA SER D 26 -44.03 3.55 29.00
C SER D 26 -44.02 2.05 28.74
N ARG D 27 -43.52 1.30 29.71
CA ARG D 27 -43.49 -0.15 29.59
C ARG D 27 -44.91 -0.67 29.37
N PRO D 28 -45.15 -1.47 28.33
CA PRO D 28 -46.55 -1.79 27.94
C PRO D 28 -47.17 -2.98 28.68
N VAL D 29 -47.45 -2.79 29.96
CA VAL D 29 -48.04 -3.81 30.82
C VAL D 29 -49.31 -3.25 31.43
N ALA D 30 -50.36 -4.07 31.46
CA ALA D 30 -51.61 -3.63 32.05
C ALA D 30 -51.46 -3.34 33.54
N ASN D 31 -50.73 -4.20 34.24
CA ASN D 31 -50.53 -4.10 35.68
C ASN D 31 -49.04 -3.86 35.95
N ILE D 32 -48.75 -3.04 36.96
CA ILE D 32 -47.37 -2.63 37.21
C ILE D 32 -46.50 -3.83 37.56
N SER D 33 -47.01 -4.76 38.35
CA SER D 33 -46.22 -5.90 38.77
C SER D 33 -45.95 -6.88 37.64
N ASP D 34 -46.61 -6.73 36.49
CA ASP D 34 -46.40 -7.65 35.38
C ASP D 34 -45.00 -7.50 34.81
N VAL D 35 -44.48 -8.60 34.27
CA VAL D 35 -43.18 -8.62 33.61
C VAL D 35 -43.42 -8.72 32.11
N VAL D 36 -42.58 -8.03 31.35
CA VAL D 36 -42.62 -8.11 29.89
C VAL D 36 -41.68 -9.24 29.48
N LEU D 37 -42.24 -10.35 29.04
CA LEU D 37 -41.46 -11.49 28.58
C LEU D 37 -41.03 -11.25 27.14
N VAL D 38 -39.73 -11.11 26.92
CA VAL D 38 -39.19 -10.88 25.59
C VAL D 38 -38.53 -12.17 25.13
N ARG D 39 -39.04 -12.75 24.06
CA ARG D 39 -38.40 -13.90 23.42
C ARG D 39 -37.28 -13.41 22.53
N PHE D 40 -36.07 -13.87 22.81
CA PHE D 40 -34.87 -13.40 22.14
C PHE D 40 -34.17 -14.54 21.42
N GLY D 41 -33.73 -14.30 20.20
CA GLY D 41 -33.00 -15.28 19.44
C GLY D 41 -32.08 -14.62 18.45
N LEU D 42 -31.10 -15.39 18.00
CA LEU D 42 -30.12 -14.91 17.04
C LEU D 42 -30.14 -15.79 15.79
N SER D 43 -29.94 -15.15 14.64
CA SER D 43 -29.76 -15.85 13.38
C SER D 43 -28.55 -15.23 12.69
N ILE D 44 -27.47 -15.99 12.56
CA ILE D 44 -26.23 -15.48 11.99
C ILE D 44 -26.31 -15.55 10.47
N ALA D 45 -26.01 -14.44 9.82
CA ALA D 45 -25.98 -14.36 8.36
C ALA D 45 -24.59 -14.61 7.80
N GLN D 46 -23.53 -14.12 8.44
CA GLN D 46 -22.20 -14.56 8.08
C GLN D 46 -21.21 -14.12 9.15
N LEU D 47 -20.15 -14.90 9.29
CA LEU D 47 -19.00 -14.56 10.14
C LEU D 47 -18.05 -13.74 9.27
N ILE D 48 -18.13 -12.42 9.42
CA ILE D 48 -17.39 -11.53 8.52
C ILE D 48 -15.90 -11.65 8.75
N ASP D 49 -15.46 -11.68 10.01
CA ASP D 49 -14.03 -11.69 10.28
C ASP D 49 -13.77 -12.20 11.69
N VAL D 50 -12.62 -12.84 11.87
CA VAL D 50 -12.10 -13.22 13.17
C VAL D 50 -10.69 -12.63 13.25
N ASP D 51 -10.56 -11.46 13.86
CA ASP D 51 -9.30 -10.73 13.89
C ASP D 51 -8.50 -11.20 15.10
N GLU D 52 -7.67 -12.22 14.89
CA GLU D 52 -6.90 -12.78 15.99
C GLU D 52 -5.96 -11.74 16.60
N LYS D 53 -5.32 -10.93 15.75
CA LYS D 53 -4.37 -9.94 16.26
C LYS D 53 -5.06 -8.95 17.18
N ASN D 54 -6.24 -8.48 16.81
CA ASN D 54 -6.98 -7.52 17.61
C ASN D 54 -7.98 -8.16 18.57
N GLN D 55 -8.16 -9.48 18.50
CA GLN D 55 -9.05 -10.21 19.40
C GLN D 55 -10.48 -9.67 19.32
N MET D 56 -11.03 -9.73 18.12
CA MET D 56 -12.32 -9.14 17.83
C MET D 56 -13.00 -9.94 16.72
N MET D 57 -14.28 -10.21 16.90
CA MET D 57 -15.07 -10.97 15.94
C MET D 57 -16.15 -10.06 15.36
N THR D 58 -16.34 -10.13 14.05
CA THR D 58 -17.33 -9.34 13.34
C THR D 58 -18.37 -10.29 12.75
N THR D 59 -19.63 -10.09 13.13
CA THR D 59 -20.71 -10.98 12.71
C THR D 59 -21.85 -10.18 12.12
N ASN D 60 -22.50 -10.77 11.12
CA ASN D 60 -23.74 -10.25 10.55
C ASN D 60 -24.87 -11.15 11.04
N VAL D 61 -25.76 -10.62 11.86
CA VAL D 61 -26.79 -11.43 12.51
C VAL D 61 -28.15 -10.77 12.29
N TRP D 62 -29.19 -11.54 12.61
CA TRP D 62 -30.55 -11.04 12.73
C TRP D 62 -30.97 -11.22 14.18
N VAL D 63 -31.36 -10.12 14.82
CA VAL D 63 -31.71 -10.12 16.24
C VAL D 63 -33.23 -10.29 16.32
N LYS D 64 -33.68 -11.50 16.61
CA LYS D 64 -35.11 -11.82 16.63
C LYS D 64 -35.69 -11.55 18.02
N GLN D 65 -36.64 -10.62 18.09
CA GLN D 65 -37.26 -10.23 19.35
C GLN D 65 -38.77 -10.32 19.22
N GLU D 66 -39.43 -10.74 20.29
CA GLU D 66 -40.88 -10.90 20.30
C GLU D 66 -41.41 -10.67 21.70
N TRP D 67 -42.37 -9.76 21.84
CA TRP D 67 -43.00 -9.45 23.11
C TRP D 67 -44.45 -9.08 22.87
N HIS D 68 -45.19 -8.88 23.96
CA HIS D 68 -46.60 -8.53 23.91
C HIS D 68 -46.82 -7.09 24.38
N ASP D 69 -47.62 -6.34 23.63
CA ASP D 69 -48.03 -4.99 24.02
C ASP D 69 -49.52 -4.98 24.28
N TYR D 70 -49.91 -4.58 25.48
CA TYR D 70 -51.31 -4.65 25.89
C TYR D 70 -52.18 -3.57 25.26
N LYS D 71 -51.59 -2.55 24.64
CA LYS D 71 -52.36 -1.49 24.01
C LYS D 71 -52.55 -1.68 22.52
N LEU D 72 -51.72 -2.50 21.87
CA LEU D 72 -51.80 -2.71 20.42
C LEU D 72 -52.62 -3.96 20.11
N ARG D 73 -53.88 -3.94 20.57
CA ARG D 73 -54.81 -5.05 20.41
C ARG D 73 -56.06 -4.56 19.69
N TRP D 74 -56.60 -5.39 18.81
CA TRP D 74 -57.82 -5.07 18.09
C TRP D 74 -58.54 -6.35 17.71
N ASP D 75 -59.83 -6.21 17.41
CA ASP D 75 -60.65 -7.33 16.95
C ASP D 75 -60.70 -7.32 15.43
N PRO D 76 -60.20 -8.34 14.74
CA PRO D 76 -60.17 -8.29 13.28
C PRO D 76 -61.54 -8.23 12.63
N ALA D 77 -62.61 -8.58 13.36
CA ALA D 77 -63.95 -8.49 12.80
C ALA D 77 -64.43 -7.05 12.64
N ASP D 78 -63.75 -6.09 13.26
CA ASP D 78 -64.12 -4.69 13.16
C ASP D 78 -63.31 -3.92 12.12
N TYR D 79 -62.34 -4.56 11.46
CA TYR D 79 -61.45 -3.89 10.53
C TYR D 79 -61.26 -4.73 9.28
N GLU D 80 -62.36 -5.25 8.74
CA GLU D 80 -62.34 -6.01 7.49
C GLU D 80 -61.41 -7.22 7.58
N ASN D 81 -61.39 -7.86 8.74
CA ASN D 81 -60.64 -9.10 8.93
C ASN D 81 -59.14 -8.89 8.76
N VAL D 82 -58.65 -7.73 9.21
CA VAL D 82 -57.21 -7.45 9.21
C VAL D 82 -56.61 -8.09 10.46
N THR D 83 -55.74 -9.09 10.28
CA THR D 83 -55.17 -9.82 11.39
C THR D 83 -53.77 -9.35 11.78
N SER D 84 -53.07 -8.61 10.92
CA SER D 84 -51.73 -8.15 11.25
C SER D 84 -51.38 -6.97 10.36
N ILE D 85 -50.37 -6.21 10.80
CA ILE D 85 -49.90 -5.04 10.09
C ILE D 85 -48.42 -4.85 10.37
N ARG D 86 -47.76 -4.07 9.51
CA ARG D 86 -46.36 -3.73 9.66
C ARG D 86 -46.25 -2.24 9.95
N ILE D 87 -45.67 -1.89 11.10
CA ILE D 87 -45.56 -0.49 11.49
C ILE D 87 -44.10 -0.15 11.79
N PRO D 88 -43.67 1.08 11.56
CA PRO D 88 -42.28 1.45 11.89
C PRO D 88 -42.00 1.21 13.36
N SER D 89 -40.84 0.63 13.64
CA SER D 89 -40.49 0.26 15.01
C SER D 89 -40.15 1.47 15.87
N GLU D 90 -39.87 2.62 15.26
CA GLU D 90 -39.59 3.82 16.03
C GLU D 90 -40.84 4.46 16.59
N LEU D 91 -42.03 3.98 16.23
CA LEU D 91 -43.28 4.52 16.74
C LEU D 91 -43.78 3.82 18.00
N ILE D 92 -43.11 2.76 18.45
CA ILE D 92 -43.61 1.92 19.52
C ILE D 92 -42.50 1.67 20.55
N TRP D 93 -42.92 1.22 21.72
CA TRP D 93 -41.97 0.81 22.75
C TRP D 93 -41.19 -0.42 22.27
N ARG D 94 -39.90 -0.42 22.55
CA ARG D 94 -39.04 -1.55 22.27
C ARG D 94 -38.16 -1.84 23.48
N PRO D 95 -37.77 -3.09 23.68
CA PRO D 95 -36.73 -3.38 24.67
C PRO D 95 -35.40 -2.82 24.24
N ASP D 96 -34.60 -2.41 25.23
CA ASP D 96 -33.29 -1.81 24.97
C ASP D 96 -32.18 -2.84 25.16
N ILE D 97 -32.18 -3.83 24.27
CA ILE D 97 -31.19 -4.90 24.35
C ILE D 97 -29.87 -4.39 23.76
N VAL D 98 -28.79 -4.56 24.51
CA VAL D 98 -27.48 -4.10 24.09
C VAL D 98 -26.48 -5.24 24.19
N LEU D 99 -25.39 -5.11 23.43
CA LEU D 99 -24.29 -6.06 23.48
C LEU D 99 -23.28 -5.55 24.50
N TYR D 100 -23.09 -6.30 25.59
CA TYR D 100 -22.22 -5.84 26.68
C TYR D 100 -20.77 -5.75 26.24
N ASN D 101 -20.25 -6.77 25.56
CA ASN D 101 -18.84 -6.80 25.18
C ASN D 101 -18.63 -6.23 23.78
N ASN D 102 -19.22 -5.06 23.55
CA ASN D 102 -18.99 -4.34 22.32
C ASN D 102 -17.56 -3.82 22.26
N ALA D 103 -16.91 -4.02 21.13
CA ALA D 103 -15.56 -3.52 20.90
C ALA D 103 -15.52 -2.92 19.50
N ASP D 104 -15.50 -1.59 19.42
CA ASP D 104 -15.35 -0.89 18.16
C ASP D 104 -16.60 -1.05 17.28
N GLY D 105 -17.76 -0.88 17.88
CA GLY D 105 -19.01 -0.96 17.16
C GLY D 105 -20.10 -0.23 17.89
N ASP D 106 -21.34 -0.63 17.63
CA ASP D 106 -22.51 -0.08 18.30
C ASP D 106 -22.98 -1.02 19.40
N PHE D 107 -23.49 -0.44 20.49
CA PHE D 107 -24.02 -1.24 21.58
C PHE D 107 -25.40 -1.79 21.26
N ALA D 108 -26.23 -1.02 20.57
CA ALA D 108 -27.63 -1.31 20.36
C ALA D 108 -27.94 -1.48 18.88
N VAL D 109 -29.15 -1.95 18.59
CA VAL D 109 -29.62 -2.03 17.21
C VAL D 109 -29.87 -0.63 16.69
N THR D 110 -29.35 -0.35 15.49
CA THR D 110 -29.49 0.97 14.88
C THR D 110 -30.32 0.99 13.61
N HIS D 111 -30.58 -0.16 12.99
CA HIS D 111 -31.24 -0.15 11.67
C HIS D 111 -32.71 0.21 11.78
N LEU D 112 -33.43 -0.35 12.74
CA LEU D 112 -34.83 0.02 13.00
C LEU D 112 -35.71 -0.26 11.79
N THR D 113 -35.83 -1.55 11.46
CA THR D 113 -36.76 -1.99 10.44
C THR D 113 -38.18 -2.00 11.02
N LYS D 114 -39.14 -2.39 10.18
CA LYS D 114 -40.54 -2.40 10.59
C LYS D 114 -40.86 -3.63 11.40
N ALA D 115 -41.68 -3.45 12.43
CA ALA D 115 -42.16 -4.55 13.27
C ALA D 115 -43.48 -5.08 12.75
N HIS D 116 -43.71 -6.36 12.97
CA HIS D 116 -44.94 -7.04 12.57
C HIS D 116 -45.84 -7.14 13.79
N LEU D 117 -47.01 -6.52 13.72
CA LEU D 117 -47.92 -6.42 14.86
C LEU D 117 -49.16 -7.25 14.59
N PHE D 118 -49.45 -8.18 15.49
CA PHE D 118 -50.60 -9.07 15.38
C PHE D 118 -51.73 -8.59 16.28
N HIS D 119 -52.95 -8.98 15.92
CA HIS D 119 -54.15 -8.42 16.54
C HIS D 119 -54.29 -8.77 18.02
N ASP D 120 -53.59 -9.80 18.49
CA ASP D 120 -53.61 -10.15 19.90
C ASP D 120 -52.54 -9.43 20.71
N GLY D 121 -51.93 -8.39 20.14
CA GLY D 121 -50.93 -7.62 20.84
C GLY D 121 -49.50 -8.09 20.65
N ARG D 122 -49.29 -9.20 19.97
CA ARG D 122 -47.95 -9.72 19.76
C ARG D 122 -47.17 -8.85 18.78
N VAL D 123 -45.92 -8.57 19.14
CA VAL D 123 -45.01 -7.77 18.31
C VAL D 123 -43.83 -8.63 17.95
N GLN D 124 -43.59 -8.79 16.65
CA GLN D 124 -42.42 -9.49 16.13
C GLN D 124 -41.51 -8.48 15.46
N TRP D 125 -40.26 -8.40 15.91
CA TRP D 125 -39.29 -7.47 15.36
C TRP D 125 -37.99 -8.22 15.12
N THR D 126 -37.48 -8.11 13.89
CA THR D 126 -36.27 -8.83 13.48
C THR D 126 -35.35 -7.87 12.72
N PRO D 127 -34.71 -6.95 13.42
CA PRO D 127 -33.77 -6.03 12.77
C PRO D 127 -32.44 -6.72 12.47
N PRO D 128 -31.72 -6.26 11.46
CA PRO D 128 -30.36 -6.74 11.24
C PRO D 128 -29.33 -5.91 12.01
N ALA D 129 -28.18 -6.54 12.28
CA ALA D 129 -27.12 -5.86 13.00
C ALA D 129 -25.77 -6.41 12.57
N ILE D 130 -24.77 -5.55 12.59
CA ILE D 130 -23.37 -5.96 12.47
C ILE D 130 -22.70 -5.62 13.79
N TYR D 131 -22.10 -6.61 14.42
CA TYR D 131 -21.54 -6.48 15.77
C TYR D 131 -20.05 -6.79 15.73
N LYS D 132 -19.28 -6.00 16.47
CA LYS D 132 -17.84 -6.19 16.60
C LYS D 132 -17.56 -6.38 18.08
N SER D 133 -17.45 -7.63 18.50
CA SER D 133 -17.37 -7.98 19.91
C SER D 133 -15.96 -8.45 20.26
N SER D 134 -15.66 -8.36 21.56
CA SER D 134 -14.38 -8.81 22.10
C SER D 134 -14.44 -10.30 22.42
N CYS D 135 -13.29 -10.97 22.25
CA CYS D 135 -13.18 -12.36 22.68
C CYS D 135 -11.71 -12.73 22.75
N SER D 136 -11.32 -13.38 23.85
CA SER D 136 -9.93 -13.76 24.04
C SER D 136 -9.56 -14.93 23.12
N ILE D 137 -8.42 -14.80 22.46
CA ILE D 137 -7.98 -15.73 21.44
C ILE D 137 -6.91 -16.64 22.04
N ASP D 138 -7.08 -17.95 21.85
CA ASP D 138 -6.13 -18.96 22.31
C ASP D 138 -5.45 -19.57 21.11
N VAL D 139 -4.16 -19.30 20.94
CA VAL D 139 -3.43 -19.70 19.74
C VAL D 139 -2.37 -20.75 20.09
N THR D 140 -2.61 -21.54 21.12
CA THR D 140 -1.64 -22.56 21.50
C THR D 140 -1.40 -23.53 20.35
N PHE D 141 -2.46 -23.97 19.68
CA PHE D 141 -2.40 -25.00 18.67
C PHE D 141 -2.57 -24.46 17.25
N PHE D 142 -2.32 -23.17 17.04
CA PHE D 142 -2.42 -22.59 15.72
C PHE D 142 -1.48 -23.32 14.76
N PRO D 143 -1.92 -23.59 13.51
CA PRO D 143 -3.17 -23.26 12.84
C PRO D 143 -4.26 -24.32 12.96
N PHE D 144 -4.08 -25.28 13.86
CA PHE D 144 -5.10 -26.29 14.15
C PHE D 144 -5.94 -25.91 15.36
N ASP D 145 -6.21 -24.63 15.54
CA ASP D 145 -6.80 -24.11 16.76
C ASP D 145 -8.31 -24.03 16.65
N GLN D 146 -8.95 -24.01 17.82
CA GLN D 146 -10.38 -23.82 17.94
C GLN D 146 -10.63 -22.65 18.88
N GLN D 147 -11.38 -21.66 18.41
CA GLN D 147 -11.69 -20.48 19.21
C GLN D 147 -13.08 -20.59 19.84
N ASN D 148 -13.35 -19.67 20.76
CA ASN D 148 -14.60 -19.64 21.52
C ASN D 148 -14.89 -18.18 21.85
N CYS D 149 -15.71 -17.54 21.01
CA CYS D 149 -16.00 -16.12 21.13
C CYS D 149 -17.46 -15.93 21.51
N THR D 150 -17.69 -15.18 22.57
CA THR D 150 -19.01 -15.05 23.18
C THR D 150 -19.62 -13.69 22.88
N MET D 151 -20.96 -13.64 22.92
CA MET D 151 -21.71 -12.41 22.75
C MET D 151 -22.76 -12.34 23.84
N LYS D 152 -22.68 -11.32 24.68
CA LYS D 152 -23.56 -11.16 25.83
C LYS D 152 -24.59 -10.08 25.51
N PHE D 153 -25.87 -10.43 25.64
CA PHE D 153 -26.97 -9.53 25.35
C PHE D 153 -27.85 -9.40 26.58
N GLY D 154 -28.27 -8.18 26.89
CA GLY D 154 -29.18 -7.97 27.99
C GLY D 154 -29.76 -6.58 27.95
N SER D 155 -30.92 -6.40 28.61
CA SER D 155 -31.55 -5.09 28.65
C SER D 155 -30.74 -4.21 29.57
N TRP D 156 -30.37 -3.03 29.08
CA TRP D 156 -29.53 -2.12 29.86
C TRP D 156 -30.15 -1.49 31.11
N THR D 157 -31.41 -1.06 31.05
CA THR D 157 -32.01 -0.33 32.18
C THR D 157 -33.25 -0.95 32.84
N TYR D 158 -33.59 -2.19 32.53
CA TYR D 158 -34.75 -2.85 33.12
C TYR D 158 -34.29 -4.12 33.82
N ASP D 159 -34.56 -4.24 35.11
CA ASP D 159 -34.14 -5.41 35.87
C ASP D 159 -35.07 -6.58 35.57
N LYS D 160 -34.77 -7.71 36.22
CA LYS D 160 -35.47 -8.96 35.93
C LYS D 160 -36.96 -8.88 36.25
N ALA D 161 -37.36 -8.04 37.21
CA ALA D 161 -38.76 -7.92 37.58
C ALA D 161 -39.58 -7.10 36.59
N LYS D 162 -38.94 -6.45 35.62
CA LYS D 162 -39.62 -5.63 34.64
C LYS D 162 -39.53 -6.17 33.23
N ILE D 163 -38.36 -6.66 32.81
CA ILE D 163 -38.20 -7.33 31.54
C ILE D 163 -37.42 -8.61 31.79
N ASP D 164 -37.96 -9.74 31.34
CA ASP D 164 -37.30 -11.02 31.43
C ASP D 164 -37.08 -11.56 30.03
N LEU D 165 -35.94 -12.21 29.82
CA LEU D 165 -35.60 -12.78 28.53
C LEU D 165 -35.98 -14.26 28.50
N VAL D 166 -36.21 -14.77 27.29
CA VAL D 166 -36.53 -16.17 27.07
C VAL D 166 -35.77 -16.62 25.83
N ASN D 167 -35.14 -17.79 25.91
CA ASN D 167 -34.51 -18.38 24.73
C ASN D 167 -35.58 -18.77 23.71
N MET D 168 -35.61 -18.05 22.59
CA MET D 168 -36.48 -18.43 21.48
C MET D 168 -36.17 -19.84 21.03
N HIS D 169 -34.89 -20.15 20.90
CA HIS D 169 -34.41 -21.51 20.65
C HIS D 169 -32.95 -21.55 21.08
N SER D 170 -32.54 -22.62 21.76
CA SER D 170 -31.21 -22.64 22.37
C SER D 170 -30.13 -22.35 21.34
N ARG D 171 -30.18 -23.04 20.20
CA ARG D 171 -29.12 -22.90 19.21
C ARG D 171 -29.30 -21.62 18.40
N VAL D 172 -28.19 -21.17 17.82
CA VAL D 172 -28.21 -20.05 16.88
C VAL D 172 -28.62 -20.58 15.52
N ASP D 173 -29.70 -20.02 14.97
CA ASP D 173 -30.19 -20.47 13.67
C ASP D 173 -29.17 -20.18 12.57
N GLN D 174 -28.93 -21.17 11.72
CA GLN D 174 -27.97 -21.06 10.62
C GLN D 174 -28.60 -21.46 9.30
N LEU D 175 -29.91 -21.22 9.16
CA LEU D 175 -30.61 -21.65 7.96
C LEU D 175 -30.24 -20.80 6.74
N ASP D 176 -29.76 -19.58 6.96
CA ASP D 176 -29.35 -18.69 5.89
C ASP D 176 -27.88 -18.30 6.01
N PHE D 177 -27.10 -19.13 6.69
CA PHE D 177 -25.70 -18.82 6.92
C PHE D 177 -24.90 -18.82 5.62
N TRP D 178 -23.95 -17.90 5.53
CA TRP D 178 -23.04 -17.79 4.41
C TRP D 178 -21.68 -18.35 4.84
N GLU D 179 -21.29 -19.49 4.25
CA GLU D 179 -20.05 -20.14 4.62
C GLU D 179 -18.84 -19.29 4.23
N SER D 180 -17.87 -19.19 5.14
CA SER D 180 -16.69 -18.36 4.89
C SER D 180 -15.60 -19.09 4.11
N GLY D 181 -15.39 -20.37 4.38
CA GLY D 181 -14.26 -21.09 3.84
C GLY D 181 -13.01 -21.02 4.69
N GLU D 182 -13.02 -20.27 5.77
CA GLU D 182 -11.90 -20.22 6.70
C GLU D 182 -12.23 -20.79 8.07
N TRP D 183 -13.46 -20.67 8.53
CA TRP D 183 -13.89 -21.17 9.82
C TRP D 183 -15.17 -21.99 9.65
N VAL D 184 -15.36 -22.94 10.54
CA VAL D 184 -16.60 -23.70 10.61
C VAL D 184 -17.13 -23.59 12.03
N ILE D 185 -18.44 -23.43 12.17
CA ILE D 185 -19.07 -23.34 13.48
C ILE D 185 -19.28 -24.76 14.00
N VAL D 186 -18.65 -25.06 15.13
CA VAL D 186 -18.88 -26.35 15.78
C VAL D 186 -20.18 -26.32 16.55
N ASP D 187 -20.41 -25.25 17.30
CA ASP D 187 -21.55 -25.16 18.20
C ASP D 187 -21.75 -23.70 18.56
N ALA D 188 -23.00 -23.24 18.51
CA ALA D 188 -23.35 -21.86 18.83
C ALA D 188 -24.63 -21.89 19.66
N VAL D 189 -24.48 -21.86 20.99
CA VAL D 189 -25.59 -22.02 21.91
C VAL D 189 -25.68 -20.78 22.80
N GLY D 190 -26.90 -20.34 23.08
CA GLY D 190 -27.15 -19.24 24.00
C GLY D 190 -27.53 -19.75 25.37
N THR D 191 -26.88 -19.20 26.39
CA THR D 191 -27.12 -19.58 27.77
C THR D 191 -27.72 -18.41 28.54
N TYR D 192 -28.75 -18.70 29.33
CA TYR D 192 -29.44 -17.70 30.11
C TYR D 192 -28.80 -17.57 31.49
N ASN D 193 -28.49 -16.33 31.88
CA ASN D 193 -27.88 -16.05 33.17
C ASN D 193 -28.60 -14.88 33.83
N THR D 194 -28.42 -14.77 35.13
CA THR D 194 -28.86 -13.62 35.90
C THR D 194 -27.76 -13.24 36.88
N ARG D 195 -27.56 -11.95 37.10
CA ARG D 195 -26.54 -11.55 38.05
C ARG D 195 -26.79 -10.13 38.54
N LYS D 196 -26.17 -9.82 39.67
CA LYS D 196 -26.25 -8.51 40.29
C LYS D 196 -24.95 -7.74 40.05
N TYR D 197 -25.10 -6.44 39.83
CA TYR D 197 -23.97 -5.55 39.60
C TYR D 197 -23.88 -4.55 40.76
N GLU D 198 -22.69 -4.00 40.95
CA GLU D 198 -22.50 -3.02 42.02
C GLU D 198 -23.37 -1.80 41.80
N CYS D 199 -23.60 -1.42 40.54
CA CYS D 199 -24.36 -0.22 40.23
C CYS D 199 -25.72 -0.23 40.90
N CYS D 200 -26.37 -1.38 40.93
CA CYS D 200 -27.82 -1.44 41.05
C CYS D 200 -28.20 -2.58 41.98
N ALA D 201 -29.32 -2.40 42.69
CA ALA D 201 -29.73 -3.33 43.72
C ALA D 201 -30.48 -4.54 43.18
N GLU D 202 -30.84 -4.55 41.91
CA GLU D 202 -31.70 -5.58 41.34
C GLU D 202 -30.90 -6.53 40.48
N ILE D 203 -31.56 -7.63 40.11
CA ILE D 203 -30.98 -8.67 39.29
C ILE D 203 -31.26 -8.35 37.83
N TYR D 204 -30.23 -8.42 37.00
CA TYR D 204 -30.34 -8.18 35.57
C TYR D 204 -30.08 -9.48 34.82
N PRO D 205 -31.01 -9.98 34.02
CA PRO D 205 -30.73 -11.17 33.22
C PRO D 205 -29.99 -10.85 31.94
N ASP D 206 -29.38 -11.89 31.37
CA ASP D 206 -28.72 -11.77 30.07
C ASP D 206 -28.68 -13.14 29.42
N ILE D 207 -28.54 -13.15 28.10
CA ILE D 207 -28.32 -14.36 27.34
C ILE D 207 -26.97 -14.22 26.65
N THR D 208 -26.06 -15.15 26.94
CA THR D 208 -24.72 -15.15 26.36
C THR D 208 -24.62 -16.30 25.37
N TYR D 209 -24.27 -15.98 24.13
CA TYR D 209 -24.06 -16.97 23.09
C TYR D 209 -22.57 -17.25 22.97
N ALA D 210 -22.21 -18.53 22.96
CA ALA D 210 -20.82 -18.96 22.78
C ALA D 210 -20.68 -19.54 21.39
N PHE D 211 -19.78 -18.95 20.59
CA PHE D 211 -19.52 -19.40 19.23
C PHE D 211 -18.22 -20.19 19.24
N VAL D 212 -18.34 -21.51 19.15
CA VAL D 212 -17.18 -22.39 19.04
C VAL D 212 -16.91 -22.59 17.55
N ILE D 213 -15.79 -22.05 17.08
CA ILE D 213 -15.45 -22.08 15.66
C ILE D 213 -14.09 -22.76 15.50
N ARG D 214 -14.00 -23.64 14.52
CA ARG D 214 -12.80 -24.39 14.22
C ARG D 214 -12.19 -23.88 12.94
N ARG D 215 -10.89 -23.57 12.98
CA ARG D 215 -10.19 -23.14 11.78
C ARG D 215 -9.95 -24.31 10.84
N LEU D 216 -10.04 -24.05 9.54
CA LEU D 216 -9.59 -25.00 8.55
C LEU D 216 -8.10 -24.81 8.32
N PRO D 217 -7.25 -25.79 8.62
CA PRO D 217 -5.80 -25.53 8.71
C PRO D 217 -5.02 -25.66 7.42
N LEU D 218 -5.63 -26.02 6.30
CA LEU D 218 -4.86 -26.29 5.09
C LEU D 218 -4.08 -25.06 4.64
N PHE D 219 -4.70 -23.88 4.66
CA PHE D 219 -4.05 -22.71 4.07
C PHE D 219 -2.77 -22.36 4.82
N TYR D 220 -2.85 -22.23 6.14
CA TYR D 220 -1.66 -21.89 6.91
C TYR D 220 -0.70 -23.05 6.99
N THR D 221 -1.20 -24.29 6.96
CA THR D 221 -0.29 -25.43 6.83
C THR D 221 0.62 -25.25 5.63
N ILE D 222 0.01 -25.16 4.44
CA ILE D 222 0.76 -25.04 3.20
C ILE D 222 1.68 -23.83 3.23
N ASN D 223 1.21 -22.70 3.76
CA ASN D 223 1.95 -21.46 3.57
C ASN D 223 2.93 -21.14 4.69
N LEU D 224 2.84 -21.80 5.85
CA LEU D 224 3.79 -21.57 6.94
C LEU D 224 4.48 -22.85 7.39
N ILE D 225 3.73 -23.92 7.68
CA ILE D 225 4.32 -25.05 8.37
C ILE D 225 5.35 -25.74 7.48
N ILE D 226 4.97 -26.03 6.23
CA ILE D 226 5.86 -26.78 5.34
C ILE D 226 7.14 -26.00 5.05
N PRO D 227 7.10 -24.70 4.73
CA PRO D 227 8.37 -23.97 4.62
C PRO D 227 9.22 -24.03 5.87
N CYS D 228 8.58 -23.94 7.05
CA CYS D 228 9.33 -24.00 8.30
C CYS D 228 10.00 -25.36 8.46
N LEU D 229 9.27 -26.44 8.14
CA LEU D 229 9.86 -27.78 8.26
C LEU D 229 10.96 -27.99 7.23
N LEU D 230 10.80 -27.47 6.02
CA LEU D 230 11.85 -27.60 5.03
C LEU D 230 13.12 -26.89 5.48
N ILE D 231 12.99 -25.69 6.05
CA ILE D 231 14.17 -25.00 6.55
C ILE D 231 14.76 -25.74 7.74
N SER D 232 13.91 -26.31 8.59
CA SER D 232 14.39 -27.04 9.76
C SER D 232 15.18 -28.28 9.36
N CYS D 233 14.79 -28.92 8.25
CA CYS D 233 15.55 -30.06 7.75
C CYS D 233 17.01 -29.70 7.53
N LEU D 234 17.30 -28.46 7.14
CA LEU D 234 18.65 -28.03 6.80
C LEU D 234 19.49 -27.65 8.00
N THR D 235 18.93 -27.68 9.21
CA THR D 235 19.65 -27.17 10.38
C THR D 235 20.84 -28.06 10.74
N VAL D 236 20.79 -29.34 10.41
CA VAL D 236 21.85 -30.28 10.76
C VAL D 236 22.81 -30.54 9.62
N LEU D 237 22.55 -30.01 8.42
CA LEU D 237 23.40 -30.33 7.28
C LEU D 237 24.80 -29.75 7.43
N VAL D 238 24.96 -28.69 8.22
CA VAL D 238 26.27 -28.07 8.35
C VAL D 238 27.29 -29.02 8.93
N PHE D 239 26.85 -29.97 9.76
CA PHE D 239 27.78 -30.87 10.42
C PHE D 239 28.26 -32.00 9.52
N TYR D 240 27.60 -32.24 8.39
CA TYR D 240 28.08 -33.19 7.40
C TYR D 240 28.90 -32.53 6.30
N LEU D 241 28.93 -31.22 6.26
CA LEU D 241 29.66 -30.49 5.23
C LEU D 241 31.15 -30.54 5.53
N PRO D 242 32.01 -30.80 4.52
CA PRO D 242 33.45 -30.76 4.77
C PRO D 242 33.94 -29.35 5.03
N SER D 243 35.03 -29.24 5.78
CA SER D 243 35.58 -27.92 6.10
C SER D 243 36.28 -27.28 4.92
N GLU D 244 36.71 -28.07 3.93
CA GLU D 244 37.43 -27.52 2.79
C GLU D 244 36.53 -26.88 1.75
N CYS D 245 35.21 -27.07 1.84
CA CYS D 245 34.32 -26.46 0.87
C CYS D 245 34.16 -24.96 1.10
N GLY D 246 34.42 -24.48 2.30
CA GLY D 246 34.36 -23.05 2.58
C GLY D 246 32.96 -22.45 2.51
N GLU D 247 31.94 -23.22 2.91
CA GLU D 247 30.57 -22.78 2.79
C GLU D 247 29.73 -23.08 4.02
N LYS D 248 30.31 -23.59 5.10
CA LYS D 248 29.53 -23.95 6.28
C LYS D 248 28.85 -22.71 6.87
N ILE D 249 29.60 -21.61 6.98
CA ILE D 249 29.05 -20.39 7.55
C ILE D 249 27.88 -19.90 6.72
N THR D 250 28.01 -19.93 5.39
CA THR D 250 26.93 -19.49 4.52
C THR D 250 25.65 -20.25 4.85
N LEU D 251 25.73 -21.57 4.93
CA LEU D 251 24.55 -22.38 5.15
C LEU D 251 23.93 -22.10 6.52
N CYS D 252 24.73 -22.16 7.59
CA CYS D 252 24.14 -22.01 8.92
C CYS D 252 23.57 -20.61 9.12
N ILE D 253 24.26 -19.58 8.62
CA ILE D 253 23.74 -18.22 8.72
C ILE D 253 22.44 -18.08 7.95
N SER D 254 22.38 -18.63 6.73
CA SER D 254 21.15 -18.53 5.96
C SER D 254 20.00 -19.17 6.70
N VAL D 255 20.23 -20.35 7.29
CA VAL D 255 19.16 -21.03 8.01
C VAL D 255 18.67 -20.18 9.17
N LEU D 256 19.60 -19.61 9.93
CA LEU D 256 19.21 -18.80 11.08
C LEU D 256 18.35 -17.61 10.65
N LEU D 257 18.78 -16.90 9.60
CA LEU D 257 18.04 -15.73 9.17
C LEU D 257 16.66 -16.11 8.62
N SER D 258 16.57 -17.22 7.88
CA SER D 258 15.27 -17.66 7.40
C SER D 258 14.33 -17.95 8.56
N LEU D 259 14.82 -18.65 9.58
CA LEU D 259 13.99 -18.96 10.74
C LEU D 259 13.52 -17.69 11.44
N THR D 260 14.42 -16.71 11.56
CA THR D 260 14.03 -15.45 12.21
C THR D 260 12.95 -14.72 11.43
N VAL D 261 13.07 -14.68 10.10
CA VAL D 261 12.04 -14.03 9.29
C VAL D 261 10.71 -14.74 9.49
N PHE D 262 10.73 -16.07 9.57
CA PHE D 262 9.49 -16.80 9.78
C PHE D 262 8.88 -16.49 11.15
N LEU D 263 9.71 -16.39 12.18
CA LEU D 263 9.20 -16.04 13.49
C LEU D 263 8.53 -14.66 13.48
N LEU D 264 9.16 -13.69 12.80
CA LEU D 264 8.56 -12.37 12.71
C LEU D 264 7.23 -12.41 11.95
N LEU D 265 7.20 -13.15 10.83
CA LEU D 265 5.96 -13.27 10.07
C LEU D 265 4.85 -13.85 10.93
N ILE D 266 5.17 -14.84 11.76
CA ILE D 266 4.17 -15.40 12.66
C ILE D 266 3.70 -14.33 13.64
N THR D 267 4.63 -13.58 14.23
CA THR D 267 4.24 -12.55 15.18
C THR D 267 3.33 -11.51 14.55
N GLU D 268 3.38 -11.37 13.23
CA GLU D 268 2.44 -10.47 12.55
C GLU D 268 1.00 -10.97 12.60
N ILE D 269 0.75 -12.21 13.00
CA ILE D 269 -0.58 -12.82 12.92
C ILE D 269 -1.21 -12.96 14.30
N ILE D 270 -0.44 -13.45 15.28
CA ILE D 270 -1.01 -13.79 16.58
C ILE D 270 -1.14 -12.54 17.44
N PRO D 271 -2.05 -12.52 18.42
CA PRO D 271 -2.12 -11.38 19.33
C PRO D 271 -0.93 -11.32 20.27
N SER D 272 -0.61 -10.11 20.70
CA SER D 272 0.55 -9.88 21.56
C SER D 272 0.23 -10.16 23.02
N THR D 273 -0.37 -11.31 23.29
CA THR D 273 -0.77 -11.69 24.63
C THR D 273 0.26 -12.62 25.25
N SER D 274 0.24 -12.70 26.58
CA SER D 274 1.25 -13.42 27.32
C SER D 274 0.69 -14.54 28.18
N LEU D 275 -0.57 -14.93 27.97
CA LEU D 275 -1.14 -16.03 28.74
C LEU D 275 -0.63 -17.37 28.26
N VAL D 276 -0.52 -17.56 26.94
CA VAL D 276 -0.02 -18.80 26.36
C VAL D 276 0.94 -18.46 25.23
N ILE D 277 1.76 -19.44 24.88
CA ILE D 277 2.73 -19.33 23.80
C ILE D 277 2.33 -20.32 22.71
N PRO D 278 2.20 -19.90 21.46
CA PRO D 278 1.92 -20.87 20.40
C PRO D 278 3.01 -21.93 20.32
N LEU D 279 2.61 -23.16 20.03
CA LEU D 279 3.58 -24.23 19.89
C LEU D 279 4.52 -23.96 18.73
N ILE D 280 4.01 -23.37 17.65
CA ILE D 280 4.85 -23.06 16.50
C ILE D 280 5.90 -22.01 16.84
N GLY D 281 5.52 -21.01 17.63
CA GLY D 281 6.49 -20.04 18.09
C GLY D 281 7.57 -20.66 18.97
N GLU D 282 7.17 -21.51 19.93
CA GLU D 282 8.15 -22.20 20.74
C GLU D 282 9.10 -23.03 19.89
N TYR D 283 8.55 -23.77 18.92
CA TYR D 283 9.38 -24.59 18.04
C TYR D 283 10.38 -23.73 17.30
N LEU D 284 9.92 -22.62 16.72
CA LEU D 284 10.82 -21.75 15.97
C LEU D 284 11.91 -21.18 16.87
N LEU D 285 11.55 -20.75 18.08
CA LEU D 285 12.54 -20.17 18.98
C LEU D 285 13.60 -21.20 19.38
N PHE D 286 13.17 -22.43 19.71
CA PHE D 286 14.16 -23.45 20.08
C PHE D 286 15.05 -23.81 18.89
N THR D 287 14.48 -23.87 17.68
CA THR D 287 15.29 -24.12 16.50
C THR D 287 16.31 -23.00 16.29
N MET D 288 15.91 -21.75 16.50
CA MET D 288 16.84 -20.64 16.37
C MET D 288 17.97 -20.76 17.39
N ILE D 289 17.63 -21.14 18.62
CA ILE D 289 18.65 -21.31 19.65
C ILE D 289 19.66 -22.37 19.25
N PHE D 290 19.18 -23.51 18.75
CA PHE D 290 20.10 -24.58 18.37
C PHE D 290 20.90 -24.23 17.12
N VAL D 291 20.34 -23.45 16.20
CA VAL D 291 21.11 -23.03 15.03
C VAL D 291 22.19 -22.04 15.43
N THR D 292 21.91 -21.18 16.42
CA THR D 292 22.96 -20.31 16.96
C THR D 292 24.07 -21.13 17.60
N LEU D 293 23.72 -22.17 18.35
CA LEU D 293 24.73 -23.06 18.90
C LEU D 293 25.53 -23.73 17.78
N SER D 294 24.85 -24.11 16.70
CA SER D 294 25.55 -24.74 15.59
C SER D 294 26.54 -23.79 14.94
N ILE D 295 26.19 -22.51 14.81
CA ILE D 295 27.14 -21.53 14.27
C ILE D 295 28.35 -21.41 15.19
N VAL D 296 28.11 -21.36 16.51
CA VAL D 296 29.24 -21.30 17.44
C VAL D 296 30.15 -22.51 17.27
N ILE D 297 29.55 -23.69 17.19
CA ILE D 297 30.33 -24.93 17.05
C ILE D 297 31.06 -24.94 15.71
N THR D 298 30.44 -24.43 14.66
CA THR D 298 31.08 -24.41 13.35
C THR D 298 32.27 -23.49 13.33
N VAL D 299 32.17 -22.33 14.00
CA VAL D 299 33.34 -21.46 14.10
C VAL D 299 34.47 -22.18 14.82
N PHE D 300 34.14 -22.86 15.92
CA PHE D 300 35.17 -23.60 16.65
C PHE D 300 35.80 -24.70 15.79
N VAL D 301 34.98 -25.43 15.04
CA VAL D 301 35.47 -26.52 14.20
C VAL D 301 36.36 -25.99 13.09
N LEU D 302 35.95 -24.90 12.44
CA LEU D 302 36.80 -24.31 11.41
C LEU D 302 38.12 -23.84 12.00
N ASN D 303 38.10 -23.32 13.22
CA ASN D 303 39.35 -22.93 13.87
C ASN D 303 40.25 -24.14 14.11
N VAL D 304 39.65 -25.28 14.48
CA VAL D 304 40.44 -26.48 14.73
C VAL D 304 41.02 -27.03 13.42
N HIS D 305 40.24 -26.98 12.34
CA HIS D 305 40.65 -27.62 11.09
C HIS D 305 41.90 -26.99 10.49
N HIS D 306 42.10 -25.69 10.72
CA HIS D 306 43.15 -24.92 10.04
C HIS D 306 44.40 -24.76 10.88
N ARG D 307 44.66 -25.66 11.83
CA ARG D 307 45.81 -25.57 12.70
C ARG D 307 46.99 -26.34 12.11
N SER D 308 48.19 -25.91 12.46
CA SER D 308 49.43 -26.42 11.89
C SER D 308 50.47 -26.51 13.00
N PRO D 309 51.53 -27.29 12.79
CA PRO D 309 52.62 -27.31 13.79
C PRO D 309 53.28 -25.96 13.98
N ARG D 310 53.29 -25.11 12.96
CA ARG D 310 53.95 -23.82 13.05
C ARG D 310 53.15 -22.80 13.85
N THR D 311 51.91 -23.10 14.23
CA THR D 311 51.09 -22.13 14.95
C THR D 311 50.51 -22.72 16.23
N HIS D 312 50.30 -24.04 16.27
CA HIS D 312 49.72 -24.71 17.42
C HIS D 312 50.48 -25.99 17.71
N THR D 313 50.23 -26.55 18.89
CA THR D 313 50.73 -27.87 19.26
C THR D 313 49.57 -28.71 19.77
N MET D 314 49.53 -29.98 19.36
CA MET D 314 48.43 -30.87 19.71
C MET D 314 48.69 -31.52 21.06
N PRO D 315 47.86 -31.28 22.08
CA PRO D 315 48.05 -31.99 23.35
C PRO D 315 47.92 -33.50 23.17
N THR D 316 48.68 -34.24 23.98
CA THR D 316 48.66 -35.69 23.89
C THR D 316 47.28 -36.24 24.21
N TRP D 317 46.57 -35.62 25.15
CA TRP D 317 45.24 -36.10 25.51
C TRP D 317 44.26 -35.90 24.36
N VAL D 318 44.36 -34.77 23.65
CA VAL D 318 43.54 -34.57 22.46
C VAL D 318 43.82 -35.67 21.45
N ARG D 319 45.11 -35.93 21.20
CA ARG D 319 45.49 -37.00 20.30
C ARG D 319 44.78 -38.29 20.66
N ARG D 320 45.03 -38.80 21.87
CA ARG D 320 44.48 -40.11 22.22
C ARG D 320 42.95 -40.09 22.16
N VAL D 321 42.31 -39.11 22.79
CA VAL D 321 40.85 -39.10 22.84
C VAL D 321 40.27 -39.06 21.43
N PHE D 322 40.52 -37.98 20.70
CA PHE D 322 39.83 -37.73 19.44
C PHE D 322 40.43 -38.48 18.27
N LEU D 323 41.46 -39.31 18.46
CA LEU D 323 41.90 -40.19 17.41
C LEU D 323 41.75 -41.68 17.73
N ASP D 324 41.42 -42.03 18.97
CA ASP D 324 41.17 -43.43 19.31
C ASP D 324 39.76 -43.67 19.83
N ILE D 325 39.33 -42.96 20.87
CA ILE D 325 38.13 -43.35 21.58
C ILE D 325 36.89 -42.88 20.83
N VAL D 326 36.74 -41.56 20.67
CA VAL D 326 35.55 -41.02 20.02
C VAL D 326 35.40 -41.56 18.61
N PRO D 327 36.45 -41.65 17.78
CA PRO D 327 36.24 -42.24 16.45
C PRO D 327 35.66 -43.64 16.50
N ARG D 328 36.10 -44.46 17.47
CA ARG D 328 35.58 -45.83 17.56
C ARG D 328 34.13 -45.85 18.01
N LEU D 329 33.77 -44.97 18.94
CA LEU D 329 32.38 -44.92 19.42
C LEU D 329 31.42 -44.39 18.36
N LEU D 330 31.93 -43.69 17.36
CA LEU D 330 31.11 -43.15 16.28
C LEU D 330 31.15 -44.02 15.02
N LEU D 331 31.75 -45.20 15.10
CA LEU D 331 31.82 -46.12 13.97
C LEU D 331 32.54 -45.48 12.78
N MET D 332 33.63 -44.79 13.04
CA MET D 332 34.49 -44.26 12.00
C MET D 332 35.93 -44.67 12.30
N LYS D 333 36.52 -45.44 11.39
CA LYS D 333 37.86 -45.99 11.58
C LYS D 333 38.81 -45.35 10.58
N ARG D 334 39.97 -44.90 11.07
CA ARG D 334 40.95 -44.30 10.19
C ARG D 334 41.56 -45.36 9.27
N PRO D 335 41.92 -44.98 8.04
CA PRO D 335 42.66 -45.91 7.17
C PRO D 335 43.91 -46.46 7.84
N LEU D 538 80.43 -35.32 -6.15
CA LEU D 538 81.16 -34.31 -5.40
C LEU D 538 80.49 -34.02 -4.08
N THR D 539 81.19 -33.26 -3.22
CA THR D 539 80.63 -32.91 -1.92
C THR D 539 79.38 -32.05 -2.09
N ARG D 540 79.38 -31.13 -3.06
CA ARG D 540 78.21 -30.30 -3.28
C ARG D 540 77.00 -31.15 -3.66
N ALA D 541 77.20 -32.13 -4.54
CA ALA D 541 76.09 -32.96 -4.99
C ALA D 541 75.48 -33.75 -3.82
N VAL D 542 76.33 -34.40 -3.03
CA VAL D 542 75.81 -35.22 -1.93
C VAL D 542 75.17 -34.34 -0.86
N GLU D 543 75.77 -33.17 -0.58
CA GLU D 543 75.16 -32.26 0.37
C GLU D 543 73.79 -31.83 -0.11
N GLY D 544 73.66 -31.49 -1.40
CA GLY D 544 72.38 -31.07 -1.91
C GLY D 544 71.34 -32.16 -1.86
N VAL D 545 71.73 -33.39 -2.22
CA VAL D 545 70.78 -34.51 -2.18
C VAL D 545 70.33 -34.76 -0.75
N GLN D 546 71.28 -34.72 0.20
CA GLN D 546 70.92 -34.90 1.60
C GLN D 546 69.96 -33.82 2.07
N TYR D 547 70.22 -32.57 1.68
CA TYR D 547 69.33 -31.49 2.08
C TYR D 547 67.94 -31.67 1.49
N ILE D 548 67.86 -32.08 0.23
CA ILE D 548 66.55 -32.27 -0.41
C ILE D 548 65.78 -33.37 0.32
N ALA D 549 66.44 -34.48 0.63
CA ALA D 549 65.78 -35.55 1.34
C ALA D 549 65.30 -35.09 2.71
N ASP D 550 66.13 -34.36 3.44
CA ASP D 550 65.74 -33.89 4.77
C ASP D 550 64.55 -32.93 4.67
N HIS D 551 64.58 -32.04 3.68
CA HIS D 551 63.48 -31.10 3.49
C HIS D 551 62.18 -31.84 3.22
N LEU D 552 62.22 -32.86 2.35
CA LEU D 552 61.02 -33.62 2.06
C LEU D 552 60.52 -34.34 3.30
N LYS D 553 61.42 -34.91 4.09
CA LYS D 553 61.02 -35.61 5.31
C LYS D 553 60.32 -34.66 6.28
N ALA D 554 60.90 -33.47 6.48
CA ALA D 554 60.30 -32.50 7.40
C ALA D 554 58.93 -32.05 6.90
N GLU D 555 58.81 -31.79 5.59
CA GLU D 555 57.52 -31.41 5.04
C GLU D 555 56.48 -32.52 5.27
N ASP D 556 56.89 -33.76 5.07
CA ASP D 556 55.98 -34.88 5.28
C ASP D 556 55.50 -34.94 6.73
N THR D 557 56.42 -34.74 7.68
CA THR D 557 56.04 -34.76 9.09
C THR D 557 55.02 -33.67 9.41
N ASP D 558 55.28 -32.46 8.92
CA ASP D 558 54.34 -31.36 9.15
C ASP D 558 52.99 -31.67 8.53
N PHE D 559 52.98 -32.20 7.30
CA PHE D 559 51.73 -32.54 6.66
C PHE D 559 50.96 -33.58 7.47
N SER D 560 51.68 -34.53 8.06
CA SER D 560 51.02 -35.52 8.91
C SER D 560 50.31 -34.86 10.09
N VAL D 561 50.97 -33.91 10.75
CA VAL D 561 50.32 -33.26 11.88
C VAL D 561 49.09 -32.47 11.41
N LYS D 562 49.19 -31.81 10.25
CA LYS D 562 48.05 -31.07 9.74
C LYS D 562 46.88 -31.99 9.43
N GLU D 563 47.16 -33.16 8.84
CA GLU D 563 46.09 -34.12 8.59
C GLU D 563 45.47 -34.62 9.89
N ASP D 564 46.28 -34.74 10.95
CA ASP D 564 45.72 -35.08 12.25
C ASP D 564 44.73 -34.03 12.72
N TRP D 565 45.08 -32.75 12.57
CA TRP D 565 44.16 -31.69 12.96
C TRP D 565 42.86 -31.76 12.14
N LYS D 566 42.99 -32.02 10.85
CA LYS D 566 41.80 -32.16 10.00
C LYS D 566 40.91 -33.30 10.48
N TYR D 567 41.52 -34.43 10.85
CA TYR D 567 40.72 -35.55 11.33
C TYR D 567 40.03 -35.24 12.66
N VAL D 568 40.70 -34.49 13.54
CA VAL D 568 40.08 -34.10 14.81
C VAL D 568 38.86 -33.21 14.55
N ALA D 569 39.00 -32.25 13.63
CA ALA D 569 37.85 -31.42 13.28
C ALA D 569 36.72 -32.27 12.72
N MET D 570 37.04 -33.25 11.90
CA MET D 570 36.03 -34.13 11.33
C MET D 570 35.30 -34.91 12.42
N VAL D 571 36.03 -35.42 13.42
CA VAL D 571 35.40 -36.19 14.48
C VAL D 571 34.46 -35.30 15.31
N ILE D 572 34.91 -34.09 15.65
CA ILE D 572 34.04 -33.17 16.39
C ILE D 572 32.77 -32.90 15.59
N ASP D 573 32.91 -32.67 14.29
CA ASP D 573 31.73 -32.44 13.47
C ASP D 573 30.79 -33.63 13.50
N ARG D 574 31.33 -34.85 13.42
CA ARG D 574 30.48 -36.05 13.41
C ARG D 574 29.73 -36.20 14.72
N ILE D 575 30.41 -36.02 15.85
CA ILE D 575 29.72 -36.21 17.13
C ILE D 575 28.60 -35.19 17.28
N PHE D 576 28.86 -33.95 16.86
CA PHE D 576 27.78 -32.97 16.97
C PHE D 576 26.68 -33.23 15.94
N LEU D 577 27.00 -33.84 14.81
CA LEU D 577 25.95 -34.27 13.89
C LEU D 577 25.03 -35.28 14.55
N TRP D 578 25.61 -36.26 15.25
CA TRP D 578 24.78 -37.24 15.97
C TRP D 578 23.89 -36.55 16.99
N MET D 579 24.49 -35.69 17.81
CA MET D 579 23.73 -35.02 18.87
C MET D 579 22.61 -34.16 18.29
N PHE D 580 22.90 -33.42 17.22
CA PHE D 580 21.89 -32.52 16.68
C PHE D 580 20.80 -33.29 15.95
N ILE D 581 21.12 -34.41 15.31
CA ILE D 581 20.06 -35.23 14.71
C ILE D 581 19.14 -35.75 15.80
N ILE D 582 19.71 -36.26 16.89
CA ILE D 582 18.89 -36.76 17.99
C ILE D 582 18.00 -35.65 18.52
N VAL D 583 18.58 -34.48 18.80
CA VAL D 583 17.80 -33.39 19.36
C VAL D 583 16.71 -32.95 18.40
N CYS D 584 17.03 -32.84 17.12
CA CYS D 584 16.06 -32.38 16.14
C CYS D 584 14.88 -33.33 16.06
N LEU D 585 15.14 -34.64 15.93
CA LEU D 585 14.03 -35.59 15.84
C LEU D 585 13.23 -35.61 17.12
N LEU D 586 13.90 -35.66 18.28
CA LEU D 586 13.18 -35.71 19.54
C LEU D 586 12.31 -34.49 19.72
N GLY D 587 12.84 -33.30 19.42
CA GLY D 587 12.04 -32.09 19.56
C GLY D 587 10.89 -32.03 18.58
N THR D 588 11.14 -32.38 17.32
CA THR D 588 10.08 -32.32 16.32
C THR D 588 9.01 -33.38 16.55
N VAL D 589 9.29 -34.41 17.35
CA VAL D 589 8.28 -35.39 17.71
C VAL D 589 7.65 -35.10 19.07
N GLY D 590 8.30 -34.33 19.93
CA GLY D 590 7.77 -34.04 21.25
C GLY D 590 7.25 -32.63 21.40
N LEU D 591 7.25 -31.86 20.31
CA LEU D 591 6.69 -30.52 20.34
C LEU D 591 5.75 -30.24 19.18
N PHE D 592 5.63 -31.15 18.20
CA PHE D 592 4.62 -31.09 17.16
C PHE D 592 3.77 -32.35 17.13
N LEU D 593 3.81 -33.14 18.20
CA LEU D 593 2.90 -34.26 18.39
C LEU D 593 1.56 -33.77 18.93
N PRO D 594 1.55 -32.89 19.92
CA PRO D 594 0.28 -32.42 20.49
C PRO D 594 -0.62 -31.78 19.44
N PRO D 595 -0.08 -31.04 18.48
CA PRO D 595 -0.96 -30.46 17.45
C PRO D 595 -1.78 -31.50 16.71
N TRP D 596 -1.20 -32.68 16.46
CA TRP D 596 -1.99 -33.76 15.87
C TRP D 596 -3.00 -34.30 16.88
N LEU D 597 -2.63 -34.34 18.16
CA LEU D 597 -3.57 -34.80 19.18
C LEU D 597 -4.79 -33.92 19.26
N ALA D 598 -4.62 -32.60 19.12
CA ALA D 598 -5.75 -31.68 19.17
C ALA D 598 -6.46 -31.56 17.84
N GLY D 599 -5.75 -31.70 16.73
CA GLY D 599 -6.36 -31.59 15.42
C GLY D 599 -6.60 -32.93 14.76
N THR E 1 -48.59 0.78 31.57
CA THR E 1 -49.75 1.06 32.46
C THR E 1 -50.32 2.44 32.20
N ASP E 2 -51.62 2.60 32.41
CA ASP E 2 -52.24 3.91 32.21
C ASP E 2 -51.67 4.94 33.18
N THR E 3 -51.45 4.54 34.44
CA THR E 3 -50.88 5.47 35.40
C THR E 3 -49.44 5.84 35.04
N GLU E 4 -48.65 4.87 34.59
CA GLU E 4 -47.27 5.16 34.22
C GLU E 4 -47.22 6.10 33.02
N GLU E 5 -48.06 5.89 32.02
CA GLU E 5 -48.03 6.78 30.87
C GLU E 5 -48.56 8.15 31.22
N ARG E 6 -49.55 8.24 32.12
CA ARG E 6 -49.98 9.54 32.61
C ARG E 6 -48.82 10.27 33.29
N LEU E 7 -48.07 9.55 34.13
CA LEU E 7 -46.95 10.18 34.83
C LEU E 7 -45.87 10.62 33.85
N VAL E 8 -45.54 9.79 32.87
CA VAL E 8 -44.47 10.14 31.93
C VAL E 8 -44.89 11.29 31.04
N GLU E 9 -46.16 11.33 30.63
CA GLU E 9 -46.64 12.47 29.87
C GLU E 9 -46.60 13.74 30.72
N HIS E 10 -46.95 13.64 32.00
CA HIS E 10 -46.94 14.81 32.86
C HIS E 10 -45.51 15.32 33.09
N LEU E 11 -44.56 14.41 33.30
CA LEU E 11 -43.19 14.83 33.63
C LEU E 11 -42.53 15.54 32.45
N LEU E 12 -42.63 14.96 31.26
CA LEU E 12 -41.92 15.47 30.10
C LEU E 12 -42.73 16.48 29.30
N ASP E 13 -43.90 16.89 29.80
CA ASP E 13 -44.74 17.85 29.12
C ASP E 13 -43.94 19.09 28.70
N PRO E 14 -43.73 19.31 27.40
CA PRO E 14 -42.89 20.45 26.99
C PRO E 14 -43.49 21.79 27.37
N SER E 15 -44.78 21.84 27.71
CA SER E 15 -45.39 23.10 28.10
C SER E 15 -44.82 23.59 29.43
N ARG E 16 -44.40 22.69 30.32
CA ARG E 16 -43.94 23.09 31.64
C ARG E 16 -42.59 22.50 32.03
N TYR E 17 -41.91 21.79 31.12
CA TYR E 17 -40.56 21.30 31.36
C TYR E 17 -39.69 21.57 30.14
N ASN E 18 -38.76 22.51 30.28
CA ASN E 18 -37.81 22.83 29.22
C ASN E 18 -36.48 22.15 29.54
N LYS E 19 -36.04 21.27 28.65
CA LYS E 19 -34.83 20.50 28.88
C LYS E 19 -33.56 21.28 28.61
N LEU E 20 -33.67 22.49 28.08
CA LEU E 20 -32.52 23.33 27.80
C LEU E 20 -32.05 24.12 29.01
N ILE E 21 -32.75 24.05 30.13
CA ILE E 21 -32.54 24.94 31.26
C ILE E 21 -32.00 24.12 32.43
N ARG E 22 -30.91 24.60 33.02
CA ARG E 22 -30.31 23.95 34.17
C ARG E 22 -31.31 23.88 35.32
N PRO E 23 -31.42 22.74 36.01
CA PRO E 23 -32.36 22.65 37.15
C PRO E 23 -31.84 23.37 38.39
N ALA E 24 -31.67 24.68 38.27
CA ALA E 24 -31.10 25.50 39.32
C ALA E 24 -32.19 26.17 40.15
N THR E 25 -31.98 26.21 41.46
CA THR E 25 -32.88 26.87 42.40
C THR E 25 -32.12 27.95 43.14
N ASN E 26 -32.77 28.52 44.16
CA ASN E 26 -32.12 29.45 45.09
C ASN E 26 -31.21 30.44 44.36
N GLY E 27 -31.65 30.88 43.19
CA GLY E 27 -30.90 31.83 42.41
C GLY E 27 -29.56 31.29 41.94
N SER E 28 -28.49 31.80 42.53
CA SER E 28 -27.12 31.50 42.10
C SER E 28 -26.61 30.14 42.60
N GLU E 29 -27.49 29.25 43.04
CA GLU E 29 -27.06 27.92 43.42
C GLU E 29 -26.68 27.12 42.18
N LEU E 30 -25.80 26.14 42.35
CA LEU E 30 -25.29 25.34 41.25
C LEU E 30 -25.75 23.89 41.38
N VAL E 31 -25.78 23.21 40.25
CA VAL E 31 -26.18 21.81 40.19
C VAL E 31 -24.97 20.93 40.43
N THR E 32 -25.07 20.02 41.39
CA THR E 32 -23.99 19.11 41.74
C THR E 32 -24.15 17.81 40.97
N VAL E 33 -23.09 17.40 40.28
CA VAL E 33 -23.09 16.20 39.46
C VAL E 33 -22.05 15.25 40.01
N GLN E 34 -22.49 14.04 40.36
CA GLN E 34 -21.60 12.99 40.84
C GLN E 34 -21.18 12.12 39.67
N LEU E 35 -19.89 11.87 39.56
CA LEU E 35 -19.31 11.11 38.46
C LEU E 35 -18.60 9.88 39.00
N MET E 36 -18.70 8.77 38.27
CA MET E 36 -17.98 7.55 38.64
C MET E 36 -17.77 6.73 37.39
N VAL E 37 -16.51 6.39 37.11
CA VAL E 37 -16.14 5.61 35.94
C VAL E 37 -15.99 4.16 36.35
N SER E 38 -16.68 3.28 35.64
CA SER E 38 -16.52 1.84 35.80
C SER E 38 -15.88 1.29 34.53
N LEU E 39 -14.80 0.54 34.69
CA LEU E 39 -14.07 -0.01 33.56
C LEU E 39 -14.53 -1.44 33.31
N ALA E 40 -15.07 -1.69 32.12
CA ALA E 40 -15.49 -3.03 31.74
C ALA E 40 -14.43 -3.78 30.96
N GLN E 41 -13.63 -3.09 30.15
CA GLN E 41 -12.67 -3.76 29.29
C GLN E 41 -11.64 -2.74 28.86
N LEU E 42 -10.36 -3.11 28.93
CA LEU E 42 -9.28 -2.34 28.34
C LEU E 42 -9.03 -2.95 26.98
N ILE E 43 -9.66 -2.37 25.96
CA ILE E 43 -9.72 -3.02 24.65
C ILE E 43 -8.34 -3.09 24.01
N SER E 44 -7.58 -2.01 24.08
CA SER E 44 -6.24 -2.04 23.49
C SER E 44 -5.48 -0.76 23.83
N VAL E 45 -4.16 -0.89 23.85
CA VAL E 45 -3.25 0.25 23.86
C VAL E 45 -2.45 0.19 22.57
N HIS E 46 -2.51 1.26 21.79
CA HIS E 46 -1.78 1.35 20.53
C HIS E 46 -0.59 2.28 20.73
N GLU E 47 0.58 1.70 20.95
CA GLU E 47 1.76 2.51 21.25
C GLU E 47 2.15 3.39 20.07
N ARG E 48 2.06 2.86 18.85
CA ARG E 48 2.51 3.61 17.69
C ARG E 48 1.79 4.95 17.57
N GLU E 49 0.46 4.93 17.59
CA GLU E 49 -0.34 6.15 17.48
C GLU E 49 -0.73 6.73 18.84
N GLN E 50 -0.33 6.11 19.95
CA GLN E 50 -0.48 6.66 21.29
C GLN E 50 -1.95 6.90 21.65
N ILE E 51 -2.74 5.85 21.52
CA ILE E 51 -4.16 5.90 21.84
C ILE E 51 -4.49 4.71 22.74
N MET E 52 -5.33 4.95 23.74
CA MET E 52 -5.91 3.88 24.55
C MET E 52 -7.39 3.79 24.25
N THR E 53 -7.88 2.57 24.07
CA THR E 53 -9.30 2.32 23.80
C THR E 53 -9.88 1.51 24.95
N THR E 54 -10.99 2.00 25.51
CA THR E 54 -11.61 1.36 26.66
C THR E 54 -13.12 1.32 26.47
N ASN E 55 -13.74 0.33 27.11
CA ASN E 55 -15.19 0.21 27.24
C ASN E 55 -15.53 0.52 28.70
N VAL E 56 -16.22 1.63 28.93
CA VAL E 56 -16.49 2.10 30.29
C VAL E 56 -17.98 2.41 30.44
N TRP E 57 -18.45 2.39 31.70
CA TRP E 57 -19.83 2.77 32.01
C TRP E 57 -19.62 4.05 32.85
N LEU E 58 -20.22 5.17 32.47
CA LEU E 58 -20.02 6.48 33.08
C LEU E 58 -21.23 6.82 33.93
N THR E 59 -21.13 6.61 35.24
CA THR E 59 -22.23 6.93 36.13
C THR E 59 -22.31 8.44 36.35
N GLN E 60 -23.50 9.00 36.15
CA GLN E 60 -23.75 10.42 36.35
C GLN E 60 -25.01 10.59 37.17
N GLU E 61 -24.91 11.32 38.28
CA GLU E 61 -26.03 11.45 39.21
C GLU E 61 -26.21 12.91 39.59
N TRP E 62 -27.45 13.36 39.60
CA TRP E 62 -27.79 14.73 39.99
C TRP E 62 -29.26 14.76 40.41
N GLU E 63 -29.72 15.95 40.81
CA GLU E 63 -31.09 16.15 41.26
C GLU E 63 -31.77 17.16 40.34
N ASP E 64 -32.92 16.80 39.80
CA ASP E 64 -33.75 17.71 39.01
C ASP E 64 -35.08 17.88 39.74
N TYR E 65 -35.23 19.03 40.42
CA TYR E 65 -36.43 19.26 41.22
C TYR E 65 -37.70 19.28 40.38
N ARG E 66 -37.59 19.49 39.06
CA ARG E 66 -38.76 19.53 38.19
C ARG E 66 -39.29 18.16 37.84
N LEU E 67 -38.52 17.10 38.08
CA LEU E 67 -38.92 15.73 37.77
C LEU E 67 -39.39 14.99 39.02
N THR E 68 -40.09 15.70 39.88
CA THR E 68 -40.61 15.18 41.13
C THR E 68 -42.11 14.89 40.99
N TRP E 69 -42.58 13.94 41.80
CA TRP E 69 -44.00 13.64 41.87
C TRP E 69 -44.33 13.06 43.23
N LYS E 70 -45.63 13.03 43.55
CA LYS E 70 -46.10 12.43 44.79
C LYS E 70 -46.56 11.02 44.52
N PRO E 71 -45.92 9.99 45.08
CA PRO E 71 -46.31 8.61 44.75
C PRO E 71 -47.77 8.30 45.01
N GLU E 72 -48.36 8.88 46.06
CA GLU E 72 -49.75 8.57 46.37
C GLU E 72 -50.69 9.01 45.25
N GLU E 73 -50.29 10.01 44.46
CA GLU E 73 -51.12 10.45 43.34
C GLU E 73 -50.89 9.63 42.08
N PHE E 74 -49.92 8.73 42.06
CA PHE E 74 -49.57 7.95 40.89
C PHE E 74 -49.43 6.47 41.23
N ASP E 75 -50.41 5.94 41.97
CA ASP E 75 -50.50 4.51 42.24
C ASP E 75 -49.31 4.00 43.03
N ASN E 76 -48.65 4.89 43.79
CA ASN E 76 -47.55 4.53 44.67
C ASN E 76 -46.28 4.18 43.89
N MET E 77 -46.10 4.78 42.72
CA MET E 77 -44.88 4.56 41.96
C MET E 77 -43.71 5.30 42.58
N LYS E 78 -42.58 4.62 42.73
CA LYS E 78 -41.40 5.20 43.36
C LYS E 78 -40.38 5.70 42.35
N LYS E 79 -40.16 4.99 41.24
CA LYS E 79 -39.27 5.48 40.21
C LYS E 79 -39.76 5.04 38.85
N VAL E 80 -39.27 5.74 37.83
CA VAL E 80 -39.68 5.53 36.44
C VAL E 80 -38.45 5.64 35.55
N ARG E 81 -38.55 5.08 34.33
CA ARG E 81 -37.48 5.19 33.33
C ARG E 81 -37.87 6.27 32.33
N LEU E 82 -36.96 7.18 32.00
CA LEU E 82 -37.18 8.27 31.05
C LEU E 82 -36.08 8.29 30.01
N PRO E 83 -36.39 8.68 28.77
CA PRO E 83 -35.35 8.75 27.74
C PRO E 83 -34.38 9.92 28.00
N SER E 84 -33.08 9.62 27.99
CA SER E 84 -32.10 10.62 28.35
C SER E 84 -32.03 11.77 27.35
N LYS E 85 -32.54 11.59 26.14
CA LYS E 85 -32.53 12.67 25.16
C LYS E 85 -33.63 13.70 25.40
N HIS E 86 -34.54 13.46 26.34
CA HIS E 86 -35.66 14.36 26.59
C HIS E 86 -35.58 15.07 27.93
N ILE E 87 -34.50 14.92 28.68
CA ILE E 87 -34.30 15.61 29.95
C ILE E 87 -33.01 16.39 29.88
N TRP E 88 -32.90 17.38 30.77
CA TRP E 88 -31.65 18.12 30.88
C TRP E 88 -30.54 17.17 31.32
N LEU E 89 -29.41 17.26 30.64
CA LEU E 89 -28.23 16.49 30.99
C LEU E 89 -27.06 17.43 31.23
N PRO E 90 -26.16 17.09 32.16
CA PRO E 90 -24.87 17.78 32.19
C PRO E 90 -24.01 17.22 31.08
N ASP E 91 -23.60 18.08 30.16
CA ASP E 91 -22.89 17.60 28.98
C ASP E 91 -21.47 17.20 29.33
N VAL E 92 -21.31 16.13 30.10
CA VAL E 92 -19.99 15.68 30.52
C VAL E 92 -19.39 14.82 29.41
N VAL E 93 -18.19 15.18 28.97
CA VAL E 93 -17.53 14.55 27.84
C VAL E 93 -16.07 14.26 28.19
N LEU E 94 -15.43 13.46 27.34
CA LEU E 94 -14.00 13.16 27.47
C LEU E 94 -13.23 14.18 26.64
N TYR E 95 -12.49 15.07 27.33
CA TYR E 95 -11.81 16.17 26.64
C TYR E 95 -10.56 15.72 25.90
N ASN E 96 -9.77 14.82 26.48
CA ASN E 96 -8.53 14.39 25.87
C ASN E 96 -8.72 13.21 24.94
N ASN E 97 -9.90 13.10 24.33
CA ASN E 97 -10.15 12.02 23.40
C ASN E 97 -9.38 12.22 22.10
N ALA E 98 -9.07 11.11 21.46
CA ALA E 98 -8.64 11.07 20.07
C ALA E 98 -9.78 10.50 19.26
N ASP E 99 -9.82 10.85 17.98
CA ASP E 99 -10.87 10.53 17.00
C ASP E 99 -12.04 11.51 17.08
N GLY E 100 -11.97 12.53 17.93
CA GLY E 100 -13.01 13.55 17.96
C GLY E 100 -14.39 13.02 18.31
N MET E 101 -14.48 12.14 19.29
CA MET E 101 -15.76 11.62 19.77
C MET E 101 -15.86 11.94 21.26
N TYR E 102 -16.64 12.97 21.58
CA TYR E 102 -16.73 13.46 22.95
C TYR E 102 -17.82 12.77 23.77
N GLU E 103 -18.96 12.47 23.16
CA GLU E 103 -20.13 11.98 23.88
C GLU E 103 -20.08 10.46 24.08
N VAL E 104 -21.01 9.96 24.89
CA VAL E 104 -21.18 8.53 25.12
C VAL E 104 -21.79 7.88 23.89
N SER E 105 -21.76 6.54 23.84
CA SER E 105 -22.11 5.82 22.62
C SER E 105 -23.61 5.53 22.47
N PHE E 106 -24.33 5.29 23.57
CA PHE E 106 -25.66 4.69 23.48
C PHE E 106 -26.81 5.61 23.88
N TYR E 107 -26.70 6.38 24.96
CA TYR E 107 -27.81 7.20 25.46
C TYR E 107 -28.98 6.34 25.94
N SER E 108 -28.71 5.64 27.04
CA SER E 108 -29.73 4.78 27.58
C SER E 108 -30.76 5.58 28.34
N ASN E 109 -31.75 4.92 28.89
CA ASN E 109 -32.72 5.59 29.75
C ASN E 109 -32.06 6.07 31.04
N ALA E 110 -32.65 7.09 31.64
CA ALA E 110 -32.31 7.53 32.98
C ALA E 110 -33.37 7.01 33.95
N VAL E 111 -32.90 6.53 35.13
CA VAL E 111 -33.83 6.12 36.18
C VAL E 111 -34.10 7.37 37.00
N VAL E 112 -35.36 7.69 37.28
CA VAL E 112 -35.76 8.90 37.98
C VAL E 112 -36.57 8.50 39.20
N SER E 113 -36.16 8.97 40.37
CA SER E 113 -36.91 8.74 41.59
C SER E 113 -37.95 9.83 41.78
N TYR E 114 -38.94 9.53 42.63
CA TYR E 114 -40.03 10.46 42.86
C TYR E 114 -39.56 11.75 43.52
N ASP E 115 -38.38 11.74 44.14
CA ASP E 115 -37.86 12.92 44.82
C ASP E 115 -36.97 13.77 43.92
N GLY E 116 -36.87 13.46 42.63
CA GLY E 116 -36.09 14.24 41.71
C GLY E 116 -34.69 13.70 41.43
N SER E 117 -34.26 12.63 42.10
CA SER E 117 -32.95 12.06 41.84
C SER E 117 -32.89 11.40 40.48
N ILE E 118 -31.79 11.61 39.76
CA ILE E 118 -31.57 11.04 38.44
C ILE E 118 -30.36 10.13 38.49
N PHE E 119 -30.49 8.93 37.90
CA PHE E 119 -29.40 7.98 37.82
C PHE E 119 -29.25 7.79 36.32
N TRP E 120 -28.05 7.90 35.79
CA TRP E 120 -27.77 7.72 34.36
C TRP E 120 -26.46 6.97 34.22
N LEU E 121 -26.49 5.77 33.63
CA LEU E 121 -25.30 4.93 33.49
C LEU E 121 -25.13 4.46 32.04
N PRO E 122 -24.85 5.40 31.10
CA PRO E 122 -24.68 5.05 29.70
C PRO E 122 -23.34 4.36 29.45
N PRO E 123 -23.27 3.40 28.53
CA PRO E 123 -21.99 2.84 28.12
C PRO E 123 -21.31 3.66 27.04
N ALA E 124 -19.99 3.47 26.93
CA ALA E 124 -19.22 4.23 25.95
C ALA E 124 -17.98 3.45 25.56
N ILE E 125 -17.58 3.59 24.30
CA ILE E 125 -16.27 3.18 23.82
C ILE E 125 -15.46 4.46 23.60
N TYR E 126 -14.37 4.60 24.33
CA TYR E 126 -13.57 5.83 24.33
C TYR E 126 -12.19 5.56 23.76
N LYS E 127 -11.70 6.52 22.99
CA LYS E 127 -10.32 6.54 22.51
C LYS E 127 -9.68 7.80 23.04
N SER E 128 -8.68 7.65 23.90
CA SER E 128 -8.04 8.79 24.55
C SER E 128 -6.55 8.80 24.24
N ALA E 129 -6.02 10.00 24.00
CA ALA E 129 -4.59 10.16 23.83
C ALA E 129 -3.87 9.96 25.16
N CYS E 130 -2.70 9.34 25.12
CA CYS E 130 -1.84 9.32 26.31
C CYS E 130 -0.39 9.29 25.88
N LYS E 131 0.46 9.81 26.76
CA LYS E 131 1.88 9.91 26.48
C LYS E 131 2.55 8.58 26.81
N ILE E 132 3.17 7.98 25.81
CA ILE E 132 3.76 6.65 25.92
C ILE E 132 5.24 6.78 26.23
N GLU E 133 5.68 6.16 27.32
CA GLU E 133 7.09 6.14 27.69
C GLU E 133 7.72 4.85 27.15
N VAL E 134 8.74 5.00 26.31
CA VAL E 134 9.33 3.88 25.59
C VAL E 134 10.60 3.36 26.24
N LYS E 135 11.08 4.02 27.31
CA LYS E 135 12.43 3.77 27.78
C LYS E 135 12.65 2.31 28.17
N HIS E 136 11.71 1.72 28.91
CA HIS E 136 11.88 0.38 29.46
C HIS E 136 11.13 -0.70 28.67
N PHE E 137 10.68 -0.39 27.46
CA PHE E 137 9.98 -1.38 26.65
C PHE E 137 10.87 -2.62 26.46
N PRO E 138 10.31 -3.84 26.57
CA PRO E 138 8.93 -4.24 26.83
C PRO E 138 8.60 -4.52 28.30
N PHE E 139 9.40 -3.97 29.22
CA PHE E 139 9.10 -4.02 30.64
C PHE E 139 8.57 -2.68 31.15
N ASP E 140 7.84 -1.97 30.30
CA ASP E 140 7.41 -0.61 30.56
C ASP E 140 6.11 -0.56 31.36
N GLN E 141 5.90 0.56 32.04
CA GLN E 141 4.67 0.86 32.76
C GLN E 141 4.09 2.15 32.20
N GLN E 142 2.82 2.13 31.85
CA GLN E 142 2.18 3.27 31.21
C GLN E 142 1.22 3.97 32.16
N ASN E 143 1.04 5.27 31.91
CA ASN E 143 0.21 6.16 32.73
C ASN E 143 -0.65 6.95 31.74
N CYS E 144 -1.86 6.44 31.47
CA CYS E 144 -2.78 7.06 30.51
C CYS E 144 -3.96 7.63 31.27
N THR E 145 -4.28 8.89 31.01
CA THR E 145 -5.28 9.61 31.77
C THR E 145 -6.55 9.83 30.94
N MET E 146 -7.67 9.95 31.64
CA MET E 146 -8.96 10.22 31.05
C MET E 146 -9.56 11.43 31.76
N LYS E 147 -9.58 12.57 31.08
CA LYS E 147 -10.07 13.82 31.64
C LYS E 147 -11.53 14.02 31.23
N PHE E 148 -12.40 14.18 32.22
CA PHE E 148 -13.81 14.39 32.01
C PHE E 148 -14.18 15.81 32.42
N ARG E 149 -14.85 16.53 31.53
CA ARG E 149 -15.33 17.87 31.79
C ARG E 149 -16.70 18.02 31.16
N SER E 150 -17.42 19.05 31.58
CA SER E 150 -18.59 19.51 30.87
C SER E 150 -18.12 20.54 29.85
N TRP E 151 -18.56 20.40 28.60
CA TRP E 151 -18.25 21.39 27.58
C TRP E 151 -19.41 22.35 27.33
N THR E 152 -20.35 22.43 28.27
CA THR E 152 -21.37 23.46 28.27
C THR E 152 -21.26 24.39 29.46
N TYR E 153 -21.13 23.84 30.66
CA TYR E 153 -21.25 24.60 31.90
C TYR E 153 -19.91 24.66 32.61
N ASP E 154 -19.64 25.79 33.26
CA ASP E 154 -18.42 25.99 34.01
C ASP E 154 -18.70 25.84 35.50
N ARG E 155 -17.70 26.14 36.33
CA ARG E 155 -17.80 25.89 37.76
C ARG E 155 -18.85 26.75 38.44
N THR E 156 -19.27 27.84 37.80
CA THR E 156 -20.31 28.69 38.37
C THR E 156 -21.71 28.14 38.12
N GLU E 157 -21.85 27.09 37.30
CA GLU E 157 -23.13 26.54 36.92
C GLU E 157 -23.32 25.10 37.33
N ILE E 158 -22.27 24.29 37.31
CA ILE E 158 -22.32 22.94 37.87
C ILE E 158 -21.02 22.67 38.62
N ASP E 159 -21.08 21.70 39.51
CA ASP E 159 -19.92 21.24 40.26
C ASP E 159 -19.77 19.75 40.05
N LEU E 160 -18.60 19.33 39.55
CA LEU E 160 -18.31 17.92 39.38
C LEU E 160 -17.71 17.37 40.66
N VAL E 161 -18.18 16.21 41.08
CA VAL E 161 -17.76 15.58 42.32
C VAL E 161 -17.54 14.09 42.03
N LEU E 162 -16.66 13.48 42.81
CA LEU E 162 -16.32 12.07 42.66
C LEU E 162 -17.13 11.25 43.65
N LYS E 163 -17.85 10.24 43.13
CA LYS E 163 -18.55 9.31 44.01
C LYS E 163 -17.55 8.50 44.84
N SER E 164 -16.47 8.06 44.20
CA SER E 164 -15.43 7.27 44.83
C SER E 164 -14.08 7.81 44.37
N GLU E 165 -13.02 7.46 45.10
CA GLU E 165 -11.69 7.93 44.77
C GLU E 165 -10.95 7.01 43.80
N VAL E 166 -11.55 5.90 43.41
CA VAL E 166 -10.96 4.98 42.42
C VAL E 166 -12.04 4.59 41.43
N ALA E 167 -11.60 4.13 40.26
CA ALA E 167 -12.51 3.56 39.29
C ALA E 167 -12.90 2.15 39.70
N SER E 168 -14.08 1.72 39.27
CA SER E 168 -14.62 0.43 39.64
C SER E 168 -14.18 -0.65 38.66
N LEU E 169 -13.79 -1.81 39.20
CA LEU E 169 -13.45 -2.99 38.41
C LEU E 169 -14.37 -4.16 38.72
N ASP E 170 -15.60 -3.88 39.17
CA ASP E 170 -16.50 -4.95 39.59
C ASP E 170 -16.93 -5.84 38.43
N ASP E 171 -16.92 -5.32 37.21
CA ASP E 171 -17.39 -6.04 36.03
C ASP E 171 -16.33 -6.02 34.95
N PHE E 172 -15.08 -6.20 35.36
CA PHE E 172 -13.93 -6.06 34.48
C PHE E 172 -13.55 -7.40 33.85
N THR E 173 -13.20 -7.35 32.57
CA THR E 173 -12.63 -8.50 31.89
C THR E 173 -11.13 -8.30 31.77
N PRO E 174 -10.30 -9.20 32.31
CA PRO E 174 -8.84 -9.01 32.23
C PRO E 174 -8.33 -8.95 30.80
N SER E 175 -7.23 -8.22 30.61
CA SER E 175 -6.73 -7.90 29.29
C SER E 175 -6.00 -9.07 28.64
N GLY E 176 -4.98 -9.60 29.30
CA GLY E 176 -4.10 -10.58 28.72
C GLY E 176 -2.79 -10.02 28.21
N GLU E 177 -2.72 -8.72 27.98
CA GLU E 177 -1.49 -8.03 27.65
C GLU E 177 -1.09 -6.99 28.67
N TRP E 178 -2.06 -6.32 29.29
CA TRP E 178 -1.81 -5.25 30.24
C TRP E 178 -2.43 -5.59 31.59
N ASP E 179 -1.65 -5.40 32.65
CA ASP E 179 -2.10 -5.61 34.02
C ASP E 179 -2.47 -4.27 34.62
N ILE E 180 -3.64 -4.20 35.24
CA ILE E 180 -4.07 -2.99 35.92
C ILE E 180 -3.33 -2.86 37.25
N VAL E 181 -2.75 -1.69 37.49
CA VAL E 181 -2.06 -1.39 38.74
C VAL E 181 -2.91 -0.53 39.66
N ALA E 182 -3.36 0.62 39.20
CA ALA E 182 -4.19 1.52 39.99
C ALA E 182 -5.04 2.34 39.04
N LEU E 183 -6.23 2.73 39.50
CA LEU E 183 -7.14 3.60 38.75
C LEU E 183 -7.68 4.70 39.66
N PRO E 184 -6.81 5.57 40.16
CA PRO E 184 -7.29 6.68 41.00
C PRO E 184 -7.93 7.79 40.20
N GLY E 185 -8.90 8.45 40.83
CA GLY E 185 -9.53 9.62 40.26
C GLY E 185 -9.30 10.83 41.15
N ARG E 186 -9.22 12.00 40.51
CA ARG E 186 -8.98 13.24 41.23
C ARG E 186 -9.81 14.36 40.62
N ARG E 187 -10.23 15.29 41.47
CA ARG E 187 -11.00 16.46 41.07
C ARG E 187 -10.08 17.67 41.11
N ASN E 188 -9.87 18.30 39.95
CA ASN E 188 -8.91 19.39 39.81
C ASN E 188 -9.62 20.72 39.60
N GLU E 189 -9.17 21.73 40.31
CA GLU E 189 -9.58 23.11 40.12
C GLU E 189 -8.43 23.91 39.54
N ASN E 190 -8.67 25.21 39.36
CA ASN E 190 -7.64 26.15 38.92
C ASN E 190 -7.72 27.37 39.82
N PRO E 191 -6.72 27.62 40.68
CA PRO E 191 -6.80 28.78 41.58
C PRO E 191 -6.82 30.11 40.85
N ASP E 192 -6.36 30.16 39.61
CA ASP E 192 -6.31 31.39 38.83
C ASP E 192 -7.43 31.53 37.82
N ASP E 193 -8.36 30.57 37.77
CA ASP E 193 -9.47 30.61 36.82
C ASP E 193 -10.82 30.69 37.52
N SER E 194 -11.09 29.78 38.46
CA SER E 194 -12.31 29.80 39.25
C SER E 194 -13.54 29.32 38.48
N THR E 195 -13.39 29.10 37.16
CA THR E 195 -14.44 28.52 36.34
C THR E 195 -14.05 27.16 35.79
N TYR E 196 -12.88 26.65 36.14
CA TYR E 196 -12.38 25.39 35.63
C TYR E 196 -12.60 24.30 36.67
N VAL E 197 -13.12 23.16 36.22
CA VAL E 197 -13.23 21.96 37.05
C VAL E 197 -13.24 20.75 36.15
N ASP E 198 -12.42 19.74 36.49
CA ASP E 198 -12.42 18.50 35.76
C ASP E 198 -12.28 17.35 36.74
N ILE E 199 -12.62 16.15 36.28
CA ILE E 199 -12.32 14.93 36.99
C ILE E 199 -11.45 14.08 36.08
N THR E 200 -10.26 13.74 36.54
CA THR E 200 -9.29 12.97 35.77
C THR E 200 -9.07 11.63 36.46
N TYR E 201 -8.92 10.58 35.65
CA TYR E 201 -8.55 9.26 36.13
C TYR E 201 -7.19 8.90 35.56
N ASP E 202 -6.31 8.40 36.42
CA ASP E 202 -5.01 7.89 36.01
C ASP E 202 -5.12 6.38 35.85
N PHE E 203 -4.90 5.88 34.64
CA PHE E 203 -4.87 4.45 34.38
C PHE E 203 -3.41 4.01 34.41
N ILE E 204 -3.00 3.38 35.51
CA ILE E 204 -1.65 2.87 35.65
C ILE E 204 -1.67 1.40 35.25
N ILE E 205 -1.08 1.09 34.11
CA ILE E 205 -1.13 -0.24 33.53
C ILE E 205 0.31 -0.71 33.31
N ARG E 206 0.53 -2.01 33.47
CA ARG E 206 1.85 -2.61 33.42
C ARG E 206 1.84 -3.73 32.39
N ARG E 207 2.74 -3.65 31.42
CA ARG E 207 2.78 -4.65 30.36
C ARG E 207 3.23 -6.01 30.89
N LYS E 208 2.56 -7.05 30.45
CA LYS E 208 3.05 -8.40 30.67
C LYS E 208 4.15 -8.69 29.65
N PRO E 209 5.39 -8.91 30.07
CA PRO E 209 6.52 -8.86 29.13
C PRO E 209 6.88 -10.15 28.43
N LEU E 210 6.14 -11.25 28.62
CA LEU E 210 6.59 -12.53 28.09
C LEU E 210 6.57 -12.54 26.57
N PHE E 211 5.51 -12.01 25.95
CA PHE E 211 5.38 -12.11 24.50
C PHE E 211 6.55 -11.43 23.80
N TYR E 212 6.82 -10.17 24.17
CA TYR E 212 7.90 -9.45 23.50
C TYR E 212 9.27 -9.96 23.94
N THR E 213 9.40 -10.45 25.17
CA THR E 213 10.60 -11.18 25.54
C THR E 213 10.88 -12.26 24.51
N ILE E 214 9.96 -13.21 24.37
CA ILE E 214 10.15 -14.37 23.52
C ILE E 214 10.38 -13.97 22.07
N ASN E 215 9.67 -12.94 21.59
CA ASN E 215 9.67 -12.66 20.17
C ASN E 215 10.69 -11.61 19.73
N LEU E 216 11.21 -10.79 20.63
CA LEU E 216 12.22 -9.80 20.29
C LEU E 216 13.51 -9.99 21.05
N ILE E 217 13.45 -10.11 22.38
CA ILE E 217 14.66 -9.97 23.18
C ILE E 217 15.59 -11.15 22.96
N ILE E 218 15.05 -12.37 23.01
CA ILE E 218 15.89 -13.55 22.83
C ILE E 218 16.51 -13.58 21.44
N PRO E 219 15.78 -13.35 20.35
CA PRO E 219 16.45 -13.25 19.05
C PRO E 219 17.53 -12.18 19.00
N CYS E 220 17.29 -11.02 19.62
CA CYS E 220 18.31 -9.98 19.66
C CYS E 220 19.55 -10.44 20.39
N VAL E 221 19.36 -11.08 21.55
CA VAL E 221 20.50 -11.59 22.32
C VAL E 221 21.25 -12.65 21.53
N LEU E 222 20.52 -13.53 20.84
CA LEU E 222 21.16 -14.56 20.04
C LEU E 222 22.01 -13.96 18.93
N ILE E 223 21.48 -12.95 18.24
CA ILE E 223 22.26 -12.32 17.18
C ILE E 223 23.48 -11.62 17.76
N THR E 224 23.30 -10.88 18.86
CA THR E 224 24.44 -10.19 19.46
C THR E 224 25.53 -11.17 19.88
N SER E 225 25.14 -12.36 20.33
CA SER E 225 26.14 -13.34 20.76
C SER E 225 27.07 -13.75 19.63
N LEU E 226 26.65 -13.61 18.38
CA LEU E 226 27.50 -13.95 17.24
C LEU E 226 28.54 -12.88 16.93
N ALA E 227 28.42 -11.69 17.53
CA ALA E 227 29.27 -10.57 17.14
C ALA E 227 30.75 -10.83 17.46
N ILE E 228 31.05 -11.68 18.43
CA ILE E 228 32.44 -11.94 18.80
C ILE E 228 33.10 -13.03 17.95
N LEU E 229 32.31 -13.90 17.32
CA LEU E 229 32.86 -15.10 16.69
C LEU E 229 33.83 -14.78 15.56
N VAL E 230 33.76 -13.59 14.98
CA VAL E 230 34.61 -13.29 13.82
C VAL E 230 36.08 -13.34 14.19
N PHE E 231 36.43 -13.03 15.43
CA PHE E 231 37.83 -12.97 15.85
C PHE E 231 38.39 -14.33 16.24
N TYR E 232 37.57 -15.38 16.24
CA TYR E 232 38.04 -16.75 16.40
C TYR E 232 37.98 -17.54 15.11
N LEU E 233 37.49 -16.95 14.03
CA LEU E 233 37.42 -17.60 12.74
C LEU E 233 38.74 -17.42 12.00
N PRO E 234 39.40 -18.49 11.55
CA PRO E 234 40.68 -18.32 10.87
C PRO E 234 40.54 -17.57 9.55
N SER E 235 41.59 -16.81 9.20
CA SER E 235 41.58 -16.06 7.96
C SER E 235 41.62 -16.96 6.74
N ASP E 236 42.12 -18.19 6.87
CA ASP E 236 42.19 -19.10 5.73
C ASP E 236 40.81 -19.55 5.27
N CYS E 237 39.85 -19.71 6.18
CA CYS E 237 38.57 -20.28 5.79
C CYS E 237 37.83 -19.43 4.78
N GLY E 238 38.15 -18.14 4.68
CA GLY E 238 37.52 -17.26 3.72
C GLY E 238 36.06 -16.97 3.98
N GLU E 239 35.67 -16.81 5.24
CA GLU E 239 34.27 -16.58 5.59
C GLU E 239 34.07 -15.43 6.57
N LYS E 240 35.11 -14.69 6.95
CA LYS E 240 34.96 -13.64 7.94
C LYS E 240 33.93 -12.59 7.50
N MET E 241 34.07 -12.11 6.26
CA MET E 241 33.20 -11.05 5.78
C MET E 241 31.74 -11.49 5.78
N THR E 242 31.48 -12.72 5.33
CA THR E 242 30.12 -13.24 5.36
C THR E 242 29.52 -13.11 6.75
N LEU E 243 30.25 -13.57 7.77
CA LEU E 243 29.71 -13.60 9.12
C LEU E 243 29.46 -12.20 9.65
N CYS E 244 30.47 -11.32 9.55
CA CYS E 244 30.33 -10.01 10.18
C CYS E 244 29.28 -9.16 9.47
N ILE E 245 29.25 -9.20 8.13
CA ILE E 245 28.22 -8.47 7.40
C ILE E 245 26.83 -9.02 7.72
N SER E 246 26.70 -10.34 7.86
CA SER E 246 25.39 -10.90 8.19
C SER E 246 24.91 -10.44 9.56
N VAL E 247 25.82 -10.41 10.53
CA VAL E 247 25.45 -9.93 11.87
C VAL E 247 25.01 -8.47 11.81
N LEU E 248 25.76 -7.64 11.08
CA LEU E 248 25.37 -6.23 10.97
C LEU E 248 23.99 -6.09 10.35
N LEU E 249 23.73 -6.84 9.29
CA LEU E 249 22.41 -6.77 8.64
C LEU E 249 21.29 -7.15 9.59
N ALA E 250 21.48 -8.24 10.34
CA ALA E 250 20.45 -8.70 11.27
C ALA E 250 20.18 -7.65 12.35
N LEU E 251 21.24 -7.07 12.91
CA LEU E 251 21.05 -6.04 13.93
C LEU E 251 20.29 -4.84 13.38
N THR E 252 20.64 -4.39 12.17
CA THR E 252 19.95 -3.25 11.59
C THR E 252 18.47 -3.55 11.38
N VAL E 253 18.15 -4.75 10.89
CA VAL E 253 16.75 -5.09 10.66
C VAL E 253 15.98 -5.08 11.96
N PHE E 254 16.56 -5.62 13.03
CA PHE E 254 15.86 -5.60 14.32
C PHE E 254 15.67 -4.18 14.82
N LEU E 255 16.66 -3.30 14.59
CA LEU E 255 16.50 -1.90 14.99
C LEU E 255 15.34 -1.25 14.25
N LEU E 256 15.22 -1.52 12.95
CA LEU E 256 14.11 -0.96 12.19
C LEU E 256 12.76 -1.51 12.69
N LEU E 257 12.70 -2.80 12.98
CA LEU E 257 11.44 -3.37 13.48
C LEU E 257 11.03 -2.71 14.79
N ILE E 258 11.98 -2.56 15.72
CA ILE E 258 11.68 -1.87 16.97
C ILE E 258 11.20 -0.46 16.68
N SER E 259 11.88 0.26 15.78
CA SER E 259 11.46 1.61 15.45
C SER E 259 10.04 1.65 14.93
N LYS E 260 9.61 0.57 14.27
CA LYS E 260 8.23 0.50 13.81
C LYS E 260 7.25 0.11 14.91
N ILE E 261 7.73 -0.44 16.02
CA ILE E 261 6.80 -0.83 17.09
C ILE E 261 6.50 0.34 18.01
N VAL E 262 7.52 1.08 18.44
CA VAL E 262 7.34 2.16 19.42
C VAL E 262 6.84 3.42 18.72
N PRO E 263 6.24 4.36 19.44
CA PRO E 263 5.84 5.62 18.81
C PRO E 263 7.06 6.38 18.34
N PRO E 264 6.94 7.14 17.25
CA PRO E 264 8.08 7.87 16.68
C PRO E 264 8.39 9.19 17.40
N THR E 265 8.45 9.14 18.72
CA THR E 265 8.77 10.32 19.52
C THR E 265 10.27 10.38 19.78
N SER E 266 10.73 11.58 20.12
CA SER E 266 12.14 11.86 20.33
C SER E 266 12.46 12.24 21.77
N LEU E 267 11.55 11.98 22.70
CA LEU E 267 11.77 12.36 24.09
C LEU E 267 12.60 11.33 24.84
N ASP E 268 12.84 10.17 24.26
CA ASP E 268 13.62 9.13 24.90
C ASP E 268 13.87 8.03 23.88
N VAL E 269 14.93 7.26 24.12
CA VAL E 269 15.29 6.11 23.29
C VAL E 269 15.01 4.86 24.11
N PRO E 270 14.33 3.86 23.55
CA PRO E 270 14.22 2.58 24.26
C PRO E 270 15.60 2.01 24.53
N LEU E 271 15.75 1.38 25.69
CA LEU E 271 17.05 0.81 26.05
C LEU E 271 17.44 -0.30 25.08
N VAL E 272 16.47 -1.10 24.65
CA VAL E 272 16.75 -2.13 23.65
C VAL E 272 17.34 -1.48 22.39
N GLY E 273 16.78 -0.34 21.97
CA GLY E 273 17.31 0.35 20.81
C GLY E 273 18.71 0.86 21.04
N LYS E 274 18.98 1.40 22.23
CA LYS E 274 20.32 1.86 22.57
C LYS E 274 21.32 0.72 22.50
N TYR E 275 20.96 -0.43 23.06
CA TYR E 275 21.83 -1.59 23.07
C TYR E 275 22.09 -2.10 21.66
N LEU E 276 21.06 -2.12 20.82
CA LEU E 276 21.24 -2.55 19.44
C LEU E 276 22.16 -1.59 18.69
N MET E 277 22.00 -0.29 18.89
CA MET E 277 22.88 0.67 18.24
C MET E 277 24.33 0.50 18.69
N PHE E 278 24.53 0.30 19.98
CA PHE E 278 25.88 0.05 20.49
C PHE E 278 26.49 -1.18 19.83
N THR E 279 25.71 -2.26 19.74
CA THR E 279 26.21 -3.48 19.11
C THR E 279 26.52 -3.25 17.64
N MET E 280 25.69 -2.47 16.95
CA MET E 280 25.94 -2.18 15.53
C MET E 280 27.25 -1.41 15.34
N VAL E 281 27.51 -0.43 16.20
CA VAL E 281 28.79 0.28 16.13
C VAL E 281 29.94 -0.70 16.35
N LEU E 282 29.81 -1.58 17.34
CA LEU E 282 30.89 -2.55 17.58
C LEU E 282 31.11 -3.45 16.38
N VAL E 283 30.03 -3.89 15.73
CA VAL E 283 30.16 -4.79 14.59
C VAL E 283 30.79 -4.08 13.40
N THR E 284 30.48 -2.81 13.20
CA THR E 284 31.16 -2.03 12.18
C THR E 284 32.66 -1.98 12.46
N PHE E 285 33.01 -1.72 13.72
CA PHE E 285 34.42 -1.71 14.11
C PHE E 285 35.07 -3.06 13.78
N SER E 286 34.35 -4.15 14.06
CA SER E 286 34.90 -5.48 13.79
C SER E 286 35.05 -5.75 12.30
N ILE E 287 34.16 -5.20 11.48
CA ILE E 287 34.32 -5.36 10.03
C ILE E 287 35.61 -4.67 9.57
N VAL E 288 35.83 -3.44 10.03
CA VAL E 288 37.04 -2.72 9.66
C VAL E 288 38.27 -3.49 10.12
N THR E 289 38.23 -3.97 11.37
CA THR E 289 39.37 -4.70 11.93
C THR E 289 39.62 -5.99 11.17
N SER E 290 38.56 -6.70 10.77
CA SER E 290 38.72 -7.95 10.03
C SER E 290 39.30 -7.69 8.65
N VAL E 291 38.93 -6.57 8.02
CA VAL E 291 39.56 -6.24 6.74
C VAL E 291 41.05 -6.05 6.93
N CYS E 292 41.45 -5.32 7.99
CA CYS E 292 42.87 -5.14 8.25
C CYS E 292 43.57 -6.46 8.55
N VAL E 293 42.93 -7.33 9.31
CA VAL E 293 43.54 -8.63 9.64
C VAL E 293 43.73 -9.46 8.38
N LEU E 294 42.73 -9.48 7.51
CA LEU E 294 42.85 -10.22 6.26
C LEU E 294 43.97 -9.66 5.39
N ASN E 295 44.12 -8.33 5.37
CA ASN E 295 45.22 -7.75 4.62
C ASN E 295 46.57 -8.18 5.18
N VAL E 296 46.69 -8.24 6.50
CA VAL E 296 47.95 -8.70 7.10
C VAL E 296 48.21 -10.17 6.79
N HIS E 297 47.17 -11.01 6.88
CA HIS E 297 47.36 -12.45 6.72
C HIS E 297 47.89 -12.80 5.34
N HIS E 298 47.44 -12.08 4.31
CA HIS E 298 47.80 -12.40 2.93
C HIS E 298 49.01 -11.58 2.46
N ARG E 299 50.08 -11.59 3.26
CA ARG E 299 51.30 -10.89 2.92
C ARG E 299 52.42 -11.90 2.69
N SER E 300 53.32 -11.57 1.78
CA SER E 300 54.39 -12.45 1.35
C SER E 300 55.68 -11.66 1.20
N PRO E 301 56.82 -12.33 1.13
CA PRO E 301 58.09 -11.60 0.90
C PRO E 301 58.13 -10.87 -0.43
N THR E 302 57.34 -11.29 -1.41
CA THR E 302 57.38 -10.68 -2.74
C THR E 302 56.62 -9.36 -2.81
N THR E 303 55.91 -8.96 -1.75
CA THR E 303 55.13 -7.73 -1.81
C THR E 303 55.37 -6.82 -0.62
N HIS E 304 55.78 -7.38 0.51
CA HIS E 304 55.94 -6.62 1.74
C HIS E 304 57.25 -6.96 2.42
N THR E 305 57.65 -6.11 3.35
CA THR E 305 58.80 -6.32 4.21
C THR E 305 58.36 -6.17 5.65
N MET E 306 58.72 -7.14 6.50
CA MET E 306 58.33 -7.13 7.90
C MET E 306 59.36 -6.33 8.68
N ALA E 307 58.94 -5.20 9.23
CA ALA E 307 59.85 -4.37 10.00
C ALA E 307 60.32 -5.11 11.24
N PRO E 308 61.55 -4.86 11.70
CA PRO E 308 62.03 -5.59 12.89
C PRO E 308 61.16 -5.37 14.12
N TRP E 309 60.57 -4.19 14.26
CA TRP E 309 59.68 -3.95 15.39
C TRP E 309 58.44 -4.82 15.31
N VAL E 310 57.95 -5.11 14.09
CA VAL E 310 56.81 -6.02 13.95
C VAL E 310 57.15 -7.37 14.55
N LYS E 311 58.32 -7.91 14.20
CA LYS E 311 58.75 -9.16 14.81
C LYS E 311 58.80 -9.02 16.32
N VAL E 312 59.52 -8.02 16.82
CA VAL E 312 59.78 -7.91 18.25
C VAL E 312 58.47 -7.86 19.03
N VAL E 313 57.50 -7.10 18.54
CA VAL E 313 56.24 -6.96 19.26
C VAL E 313 55.40 -8.22 19.04
N PHE E 314 54.96 -8.46 17.81
CA PHE E 314 53.88 -9.40 17.56
C PHE E 314 54.30 -10.86 17.64
N LEU E 315 55.59 -11.19 17.48
CA LEU E 315 55.99 -12.58 17.59
C LEU E 315 56.55 -12.95 18.96
N GLU E 316 56.96 -11.97 19.76
CA GLU E 316 57.51 -12.24 21.08
C GLU E 316 56.65 -11.69 22.22
N LYS E 317 56.40 -10.39 22.26
CA LYS E 317 55.84 -9.81 23.47
C LYS E 317 54.36 -10.12 23.60
N LEU E 318 53.57 -9.69 22.62
CA LEU E 318 52.12 -9.90 22.69
C LEU E 318 51.75 -11.37 22.84
N PRO E 319 52.33 -12.30 22.09
CA PRO E 319 51.95 -13.71 22.28
C PRO E 319 52.09 -14.17 23.72
N ALA E 320 53.14 -13.73 24.41
CA ALA E 320 53.33 -14.13 25.81
C ALA E 320 52.24 -13.56 26.70
N LEU E 321 51.85 -12.30 26.48
CA LEU E 321 50.81 -11.70 27.29
C LEU E 321 49.48 -12.41 27.12
N LEU E 322 49.14 -12.80 25.90
CA LEU E 322 47.88 -13.43 25.59
C LEU E 322 47.91 -14.95 25.78
N PHE E 323 49.03 -15.50 26.28
CA PHE E 323 49.17 -16.93 26.49
C PHE E 323 49.09 -17.71 25.17
N MET E 324 49.89 -17.27 24.20
CA MET E 324 49.89 -17.88 22.88
C MET E 324 50.98 -18.93 22.72
N GLN E 325 52.22 -18.61 23.09
CA GLN E 325 53.32 -19.56 23.08
C GLN E 325 53.55 -20.11 21.66
N GLN E 326 54.03 -19.23 20.79
CA GLN E 326 54.38 -19.66 19.45
C GLN E 326 55.32 -20.86 19.51
N PRO E 327 54.97 -21.99 18.90
CA PRO E 327 55.91 -23.13 18.92
C PRO E 327 57.26 -22.78 18.31
N ARG E 328 57.25 -22.01 17.23
CA ARG E 328 58.48 -21.53 16.58
C ARG E 328 59.54 -22.63 16.53
N HIS E 329 59.13 -23.81 16.07
CA HIS E 329 60.06 -24.92 15.93
C HIS E 329 61.02 -24.73 14.76
N HIS E 330 60.81 -23.73 13.93
CA HIS E 330 61.73 -23.41 12.84
C HIS E 330 61.91 -21.90 12.73
N GLY E 396 83.17 -35.79 -17.39
CA GLY E 396 83.67 -34.56 -18.00
C GLY E 396 82.72 -33.39 -17.82
N CYS E 397 82.19 -32.89 -18.93
CA CYS E 397 81.23 -31.78 -18.86
C CYS E 397 79.91 -32.23 -18.23
N GLY E 398 79.51 -33.48 -18.47
CA GLY E 398 78.26 -33.96 -17.90
C GLY E 398 78.25 -33.93 -16.38
N LEU E 399 79.36 -34.31 -15.77
CA LEU E 399 79.43 -34.31 -14.31
C LEU E 399 79.24 -32.90 -13.76
N ARG E 400 79.95 -31.92 -14.32
CA ARG E 400 79.80 -30.55 -13.86
C ARG E 400 78.38 -30.04 -14.10
N GLU E 401 77.80 -30.36 -15.25
CA GLU E 401 76.44 -29.92 -15.53
C GLU E 401 75.45 -30.49 -14.52
N ALA E 402 75.59 -31.78 -14.20
CA ALA E 402 74.70 -32.39 -13.23
C ALA E 402 74.90 -31.80 -11.83
N VAL E 403 76.15 -31.57 -11.43
CA VAL E 403 76.40 -30.96 -10.13
C VAL E 403 75.77 -29.57 -10.06
N ASP E 404 75.90 -28.81 -11.15
CA ASP E 404 75.29 -27.49 -11.21
C ASP E 404 73.77 -27.57 -11.09
N GLY E 405 73.16 -28.53 -11.80
CA GLY E 405 71.72 -28.69 -11.70
C GLY E 405 71.27 -29.03 -10.28
N VAL E 406 71.98 -29.95 -9.63
CA VAL E 406 71.62 -30.32 -8.27
C VAL E 406 71.78 -29.13 -7.32
N ARG E 407 72.86 -28.37 -7.49
CA ARG E 407 73.06 -27.20 -6.65
C ARG E 407 71.94 -26.18 -6.85
N PHE E 408 71.51 -26.00 -8.11
CA PHE E 408 70.39 -25.09 -8.36
C PHE E 408 69.12 -25.58 -7.71
N ILE E 409 68.85 -26.89 -7.78
CA ILE E 409 67.65 -27.43 -7.17
C ILE E 409 67.66 -27.17 -5.66
N ALA E 410 68.80 -27.42 -5.02
CA ALA E 410 68.89 -27.20 -3.58
C ALA E 410 68.70 -25.74 -3.22
N ASP E 411 69.32 -24.84 -3.99
CA ASP E 411 69.16 -23.40 -3.71
C ASP E 411 67.71 -22.97 -3.89
N HIS E 412 67.05 -23.49 -4.93
CA HIS E 412 65.65 -23.18 -5.17
C HIS E 412 64.78 -23.62 -3.99
N MET E 413 65.04 -24.83 -3.48
CA MET E 413 64.24 -25.31 -2.35
C MET E 413 64.50 -24.47 -1.10
N ARG E 414 65.75 -24.07 -0.88
CA ARG E 414 66.03 -23.19 0.24
C ARG E 414 65.26 -21.88 0.13
N SER E 415 65.23 -21.28 -1.06
CA SER E 415 64.49 -20.03 -1.25
C SER E 415 63.00 -20.24 -0.98
N GLU E 416 62.44 -21.33 -1.48
CA GLU E 416 61.02 -21.61 -1.24
C GLU E 416 60.75 -21.76 0.25
N ASP E 417 61.65 -22.44 0.97
CA ASP E 417 61.48 -22.61 2.40
C ASP E 417 61.47 -21.27 3.12
N ASP E 418 62.40 -20.38 2.77
CA ASP E 418 62.42 -19.07 3.41
C ASP E 418 61.14 -18.29 3.12
N ASP E 419 60.67 -18.33 1.88
CA ASP E 419 59.43 -17.62 1.55
C ASP E 419 58.26 -18.16 2.36
N GLN E 420 58.14 -19.48 2.44
CA GLN E 420 57.07 -20.08 3.22
C GLN E 420 57.15 -19.69 4.69
N SER E 421 58.37 -19.63 5.23
CA SER E 421 58.54 -19.24 6.63
C SER E 421 58.05 -17.82 6.87
N VAL E 422 58.39 -16.89 5.97
CA VAL E 422 57.95 -15.51 6.16
C VAL E 422 56.43 -15.39 6.02
N SER E 423 55.84 -16.13 5.08
CA SER E 423 54.39 -16.14 4.95
C SER E 423 53.74 -16.63 6.24
N GLU E 424 54.28 -17.69 6.83
CA GLU E 424 53.72 -18.19 8.09
C GLU E 424 53.89 -17.19 9.21
N ASP E 425 54.98 -16.42 9.20
CA ASP E 425 55.12 -15.34 10.18
C ASP E 425 54.00 -14.31 10.05
N TRP E 426 53.67 -13.92 8.81
CA TRP E 426 52.58 -12.98 8.60
C TRP E 426 51.25 -13.56 9.10
N LYS E 427 51.02 -14.84 8.84
CA LYS E 427 49.80 -15.49 9.33
C LYS E 427 49.74 -15.44 10.86
N TYR E 428 50.88 -15.70 11.52
CA TYR E 428 50.90 -15.66 12.97
C TYR E 428 50.62 -14.26 13.49
N VAL E 429 51.16 -13.23 12.84
CA VAL E 429 50.85 -11.86 13.26
C VAL E 429 49.35 -11.60 13.16
N ALA E 430 48.72 -12.10 12.10
CA ALA E 430 47.28 -11.92 11.97
C ALA E 430 46.52 -12.59 13.11
N MET E 431 46.92 -13.83 13.46
CA MET E 431 46.27 -14.51 14.58
C MET E 431 46.46 -13.73 15.88
N VAL E 432 47.64 -13.17 16.10
CA VAL E 432 47.87 -12.43 17.34
C VAL E 432 46.98 -11.19 17.41
N ILE E 433 46.88 -10.45 16.31
CA ILE E 433 46.03 -9.26 16.32
C ILE E 433 44.58 -9.64 16.62
N ASP E 434 44.08 -10.69 15.96
CA ASP E 434 42.67 -11.00 16.15
C ASP E 434 42.41 -11.62 17.51
N ARG E 435 43.41 -12.27 18.12
CA ARG E 435 43.27 -12.72 19.50
C ARG E 435 43.16 -11.53 20.45
N LEU E 436 43.99 -10.52 20.26
CA LEU E 436 43.89 -9.32 21.08
C LEU E 436 42.49 -8.71 20.98
N PHE E 437 41.98 -8.59 19.76
CA PHE E 437 40.66 -7.99 19.60
C PHE E 437 39.56 -8.89 20.15
N LEU E 438 39.72 -10.22 20.06
CA LEU E 438 38.77 -11.12 20.69
C LEU E 438 38.68 -10.86 22.17
N TRP E 439 39.84 -10.70 22.83
CA TRP E 439 39.83 -10.42 24.26
C TRP E 439 39.16 -9.08 24.55
N ILE E 440 39.49 -8.05 23.77
CA ILE E 440 38.90 -6.73 24.01
C ILE E 440 37.38 -6.79 23.90
N PHE E 441 36.88 -7.47 22.87
CA PHE E 441 35.44 -7.52 22.66
C PHE E 441 34.73 -8.41 23.69
N VAL E 442 35.38 -9.49 24.15
CA VAL E 442 34.78 -10.26 25.23
C VAL E 442 34.65 -9.41 26.47
N PHE E 443 35.67 -8.61 26.78
CA PHE E 443 35.59 -7.73 27.93
C PHE E 443 34.46 -6.71 27.76
N VAL E 444 34.35 -6.11 26.57
CA VAL E 444 33.34 -5.08 26.36
C VAL E 444 31.93 -5.66 26.46
N CYS E 445 31.72 -6.86 25.90
CA CYS E 445 30.40 -7.48 25.99
C CYS E 445 30.14 -8.13 27.35
N VAL E 446 31.16 -8.32 28.18
CA VAL E 446 30.90 -8.70 29.56
C VAL E 446 30.55 -7.47 30.39
N PHE E 447 31.04 -6.31 29.99
CA PHE E 447 30.61 -5.05 30.59
C PHE E 447 29.36 -4.48 29.90
N GLY E 448 28.84 -5.17 28.90
CA GLY E 448 27.67 -4.71 28.18
C GLY E 448 26.37 -4.90 28.91
N THR E 449 26.33 -4.46 30.18
CA THR E 449 25.09 -4.46 30.96
C THR E 449 24.57 -3.06 31.25
N ASP F 20 -6.74 -24.01 -29.63
CA ASP F 20 -8.22 -23.95 -29.38
C ASP F 20 -8.81 -25.34 -29.32
N VAL F 21 -10.04 -25.43 -28.84
CA VAL F 21 -10.74 -26.72 -28.78
C VAL F 21 -11.31 -27.00 -30.15
N LEU F 22 -10.80 -28.03 -30.81
CA LEU F 22 -11.27 -28.43 -32.13
C LEU F 22 -12.40 -29.43 -31.97
N MET F 23 -13.52 -29.16 -32.63
CA MET F 23 -14.69 -30.01 -32.58
C MET F 23 -14.76 -30.80 -33.87
N THR F 24 -14.79 -32.12 -33.76
CA THR F 24 -14.77 -33.02 -34.91
C THR F 24 -16.12 -33.70 -35.03
N GLN F 25 -16.75 -33.54 -36.18
CA GLN F 25 -18.06 -34.12 -36.45
C GLN F 25 -17.94 -35.25 -37.48
N THR F 26 -18.63 -36.34 -37.21
CA THR F 26 -18.69 -37.46 -38.15
C THR F 26 -20.08 -38.06 -38.12
N PRO F 27 -20.56 -38.60 -39.24
CA PRO F 27 -19.91 -38.59 -40.56
C PRO F 27 -20.13 -37.27 -41.28
N LEU F 28 -19.24 -36.92 -42.22
CA LEU F 28 -19.45 -35.70 -43.00
C LEU F 28 -20.76 -35.74 -43.77
N SER F 29 -21.30 -36.93 -44.03
CA SER F 29 -22.61 -37.08 -44.64
C SER F 29 -23.27 -38.31 -44.04
N LEU F 30 -24.57 -38.19 -43.75
CA LEU F 30 -25.33 -39.26 -43.09
C LEU F 30 -26.63 -39.49 -43.86
N PRO F 31 -26.57 -40.18 -44.99
CA PRO F 31 -27.81 -40.54 -45.70
C PRO F 31 -28.69 -41.42 -44.83
N VAL F 32 -29.98 -41.08 -44.79
CA VAL F 32 -30.94 -41.84 -44.00
C VAL F 32 -32.32 -41.73 -44.63
N SER F 33 -32.94 -42.87 -44.91
CA SER F 33 -34.29 -42.86 -45.46
C SER F 33 -35.28 -42.35 -44.42
N LEU F 34 -36.37 -41.77 -44.91
CA LEU F 34 -37.36 -41.17 -44.02
C LEU F 34 -37.88 -42.21 -43.03
N GLY F 35 -38.06 -41.78 -41.79
CA GLY F 35 -38.54 -42.66 -40.74
C GLY F 35 -37.48 -43.50 -40.07
N ASP F 36 -36.20 -43.20 -40.27
CA ASP F 36 -35.11 -43.99 -39.72
C ASP F 36 -34.38 -43.20 -38.63
N GLN F 37 -33.82 -43.94 -37.69
CA GLN F 37 -33.02 -43.34 -36.63
C GLN F 37 -31.73 -42.77 -37.22
N ALA F 38 -31.34 -41.59 -36.72
CA ALA F 38 -30.14 -40.93 -37.17
C ALA F 38 -29.35 -40.43 -35.96
N SER F 39 -28.05 -40.67 -35.97
CA SER F 39 -27.17 -40.28 -34.88
C SER F 39 -25.96 -39.56 -35.44
N ILE F 40 -25.63 -38.40 -34.87
CA ILE F 40 -24.47 -37.62 -35.26
C ILE F 40 -23.52 -37.56 -34.07
N SER F 41 -22.28 -37.97 -34.29
CA SER F 41 -21.28 -37.98 -33.24
C SER F 41 -20.43 -36.72 -33.30
N CYS F 42 -19.87 -36.36 -32.14
CA CYS F 42 -19.06 -35.16 -32.02
C CYS F 42 -17.97 -35.40 -30.99
N ARG F 43 -16.75 -34.98 -31.31
CA ARG F 43 -15.61 -35.15 -30.43
C ARG F 43 -14.84 -33.85 -30.33
N SER F 44 -14.22 -33.63 -29.17
CA SER F 44 -13.50 -32.41 -28.87
C SER F 44 -12.03 -32.70 -28.65
N SER F 45 -11.19 -31.72 -29.00
CA SER F 45 -9.76 -31.86 -28.77
C SER F 45 -9.45 -32.02 -27.29
N GLN F 46 -10.12 -31.23 -26.45
CA GLN F 46 -9.93 -31.27 -25.01
C GLN F 46 -11.27 -31.55 -24.33
N SER F 47 -11.22 -31.69 -23.01
CA SER F 47 -12.44 -31.77 -22.23
C SER F 47 -13.09 -30.40 -22.18
N ILE F 48 -14.42 -30.38 -22.26
CA ILE F 48 -15.16 -29.12 -22.30
C ILE F 48 -16.18 -29.07 -21.17
N VAL F 49 -15.88 -29.75 -20.07
CA VAL F 49 -16.71 -29.66 -18.87
C VAL F 49 -16.33 -28.40 -18.10
N HIS F 50 -17.30 -27.83 -17.40
CA HIS F 50 -17.10 -26.58 -16.68
C HIS F 50 -17.19 -26.81 -15.17
N SER F 51 -16.67 -25.82 -14.43
CA SER F 51 -16.57 -25.94 -12.99
C SER F 51 -17.95 -26.03 -12.33
N ASN F 52 -18.92 -25.29 -12.85
CA ASN F 52 -20.23 -25.23 -12.21
C ASN F 52 -20.95 -26.58 -12.23
N GLY F 53 -20.48 -27.54 -13.02
CA GLY F 53 -21.14 -28.82 -13.16
C GLY F 53 -21.88 -28.98 -14.47
N ASN F 54 -21.77 -28.02 -15.39
CA ASN F 54 -22.43 -28.09 -16.68
C ASN F 54 -21.37 -28.09 -17.78
N THR F 55 -21.73 -28.74 -18.89
CA THR F 55 -20.92 -28.71 -20.11
C THR F 55 -21.72 -27.96 -21.17
N TYR F 56 -21.10 -26.95 -21.78
CA TYR F 56 -21.80 -26.06 -22.71
C TYR F 56 -21.52 -26.51 -24.13
N LEU F 57 -22.34 -27.45 -24.60
CA LEU F 57 -22.32 -27.89 -25.98
C LEU F 57 -23.68 -27.64 -26.61
N GLU F 58 -23.68 -27.02 -27.78
CA GLU F 58 -24.92 -26.64 -28.46
C GLU F 58 -24.95 -27.27 -29.85
N TRP F 59 -26.17 -27.52 -30.33
CA TRP F 59 -26.42 -28.06 -31.65
C TRP F 59 -27.23 -27.05 -32.46
N TYR F 60 -26.81 -26.80 -33.69
CA TYR F 60 -27.50 -25.88 -34.58
C TYR F 60 -27.81 -26.57 -35.90
N LEU F 61 -28.92 -26.16 -36.51
CA LEU F 61 -29.35 -26.66 -37.80
C LEU F 61 -29.53 -25.48 -38.74
N GLN F 62 -28.92 -25.57 -39.92
CA GLN F 62 -29.00 -24.51 -40.93
C GLN F 62 -29.62 -25.10 -42.20
N LYS F 63 -30.88 -24.78 -42.44
CA LYS F 63 -31.52 -25.18 -43.68
C LYS F 63 -30.91 -24.41 -44.85
N PRO F 64 -30.98 -24.97 -46.06
CA PRO F 64 -30.44 -24.25 -47.21
C PRO F 64 -31.12 -22.90 -47.38
N GLY F 65 -30.29 -21.87 -47.59
CA GLY F 65 -30.83 -20.53 -47.79
C GLY F 65 -31.44 -19.89 -46.57
N GLN F 66 -31.07 -20.34 -45.38
CA GLN F 66 -31.61 -19.77 -44.15
C GLN F 66 -30.52 -19.74 -43.09
N SER F 67 -30.70 -18.86 -42.11
CA SER F 67 -29.75 -18.74 -41.02
C SER F 67 -29.88 -19.94 -40.07
N PRO F 68 -28.83 -20.23 -39.31
CA PRO F 68 -28.88 -21.39 -38.41
C PRO F 68 -29.92 -21.21 -37.32
N LYS F 69 -30.40 -22.34 -36.81
CA LYS F 69 -31.40 -22.37 -35.75
C LYS F 69 -30.86 -23.17 -34.58
N LEU F 70 -31.05 -22.65 -33.37
CA LEU F 70 -30.63 -23.36 -32.17
C LEU F 70 -31.53 -24.58 -31.95
N LEU F 71 -30.92 -25.71 -31.67
CA LEU F 71 -31.64 -26.96 -31.44
C LEU F 71 -31.50 -27.46 -30.01
N ILE F 72 -30.27 -27.67 -29.55
CA ILE F 72 -30.00 -28.20 -28.22
C ILE F 72 -28.90 -27.38 -27.57
N TYR F 73 -29.07 -27.07 -26.30
CA TYR F 73 -28.03 -26.47 -25.48
C TYR F 73 -27.95 -27.24 -24.17
N LYS F 74 -26.73 -27.41 -23.66
CA LYS F 74 -26.55 -28.20 -22.44
C LYS F 74 -27.16 -29.59 -22.64
N VAL F 75 -26.47 -30.37 -23.48
CA VAL F 75 -27.06 -31.43 -24.29
C VAL F 75 -28.20 -32.15 -23.57
N SER F 76 -28.03 -32.42 -22.28
CA SER F 76 -29.10 -33.05 -21.52
C SER F 76 -30.42 -32.30 -21.65
N ASN F 77 -30.38 -31.02 -22.02
CA ASN F 77 -31.58 -30.19 -22.13
C ASN F 77 -31.99 -30.08 -23.59
N ARG F 78 -33.01 -29.25 -23.85
CA ARG F 78 -33.55 -29.09 -25.18
C ARG F 78 -34.20 -27.70 -25.26
N PHE F 79 -34.00 -27.04 -26.39
CA PHE F 79 -34.55 -25.70 -26.58
C PHE F 79 -36.06 -25.76 -26.77
N SER F 80 -36.70 -24.61 -26.57
CA SER F 80 -38.14 -24.52 -26.75
C SER F 80 -38.48 -24.41 -28.24
N GLY F 81 -39.51 -25.13 -28.65
CA GLY F 81 -40.00 -25.08 -30.02
C GLY F 81 -39.55 -26.23 -30.89
N VAL F 82 -38.50 -26.94 -30.51
CA VAL F 82 -38.02 -28.09 -31.28
C VAL F 82 -38.84 -29.31 -30.88
N PRO F 83 -38.99 -30.30 -31.74
CA PRO F 83 -39.77 -31.49 -31.38
C PRO F 83 -39.02 -32.36 -30.37
N ASP F 84 -39.72 -33.37 -29.87
CA ASP F 84 -39.18 -34.23 -28.82
C ASP F 84 -38.24 -35.30 -29.36
N ARG F 85 -38.19 -35.51 -30.68
CA ARG F 85 -37.33 -36.56 -31.22
C ARG F 85 -35.85 -36.19 -31.11
N PHE F 86 -35.52 -34.91 -31.18
CA PHE F 86 -34.14 -34.50 -31.00
C PHE F 86 -33.70 -34.74 -29.57
N SER F 87 -32.50 -35.29 -29.41
CA SER F 87 -31.95 -35.54 -28.08
C SER F 87 -30.44 -35.67 -28.19
N GLY F 88 -29.76 -35.36 -27.08
CA GLY F 88 -28.32 -35.42 -27.05
C GLY F 88 -27.83 -35.96 -25.72
N SER F 89 -26.55 -36.32 -25.70
CA SER F 89 -25.91 -36.84 -24.49
C SER F 89 -24.42 -37.04 -24.75
N GLY F 90 -23.61 -36.99 -23.69
CA GLY F 90 -22.19 -37.17 -23.86
C GLY F 90 -21.38 -36.95 -22.59
N SER F 91 -20.09 -37.28 -22.67
CA SER F 91 -19.16 -37.13 -21.57
C SER F 91 -18.14 -36.04 -21.90
N GLY F 92 -17.14 -35.90 -21.03
CA GLY F 92 -16.15 -34.85 -21.14
C GLY F 92 -15.65 -34.56 -22.55
N THR F 93 -15.54 -35.58 -23.39
CA THR F 93 -15.02 -35.41 -24.74
C THR F 93 -15.89 -36.03 -25.83
N ASP F 94 -16.82 -36.92 -25.50
CA ASP F 94 -17.66 -37.58 -26.49
C ASP F 94 -19.09 -37.08 -26.34
N PHE F 95 -19.65 -36.57 -27.43
CA PHE F 95 -21.03 -36.12 -27.46
C PHE F 95 -21.69 -36.61 -28.74
N THR F 96 -23.01 -36.77 -28.69
CA THR F 96 -23.75 -37.30 -29.82
C THR F 96 -25.15 -36.69 -29.85
N LEU F 97 -25.70 -36.58 -31.05
CA LEU F 97 -27.05 -36.11 -31.28
C LEU F 97 -27.88 -37.24 -31.88
N LYS F 98 -29.19 -37.19 -31.64
CA LYS F 98 -30.07 -38.28 -32.03
C LYS F 98 -31.37 -37.73 -32.59
N ILE F 99 -31.81 -38.29 -33.72
CA ILE F 99 -33.09 -37.95 -34.34
C ILE F 99 -33.84 -39.25 -34.59
N SER F 100 -35.06 -39.34 -34.06
CA SER F 100 -35.82 -40.60 -34.12
C SER F 100 -36.59 -40.74 -35.42
N ARG F 101 -37.51 -39.83 -35.69
CA ARG F 101 -38.38 -39.90 -36.86
C ARG F 101 -38.01 -38.74 -37.79
N VAL F 102 -37.19 -39.05 -38.79
CA VAL F 102 -36.76 -38.02 -39.74
C VAL F 102 -37.92 -37.62 -40.64
N GLU F 103 -37.95 -36.34 -41.00
CA GLU F 103 -38.92 -35.81 -41.94
C GLU F 103 -38.20 -34.92 -42.95
N ALA F 104 -38.95 -34.40 -43.92
CA ALA F 104 -38.37 -33.54 -44.93
C ALA F 104 -37.79 -32.26 -44.33
N GLU F 105 -38.33 -31.81 -43.21
CA GLU F 105 -37.86 -30.59 -42.56
C GLU F 105 -36.64 -30.81 -41.69
N ASP F 106 -36.16 -32.04 -41.55
CA ASP F 106 -34.90 -32.31 -40.88
C ASP F 106 -33.71 -32.20 -41.83
N LEU F 107 -33.96 -31.92 -43.11
CA LEU F 107 -32.87 -31.78 -44.07
C LEU F 107 -32.05 -30.53 -43.76
N GLY F 108 -30.74 -30.65 -43.83
CA GLY F 108 -29.86 -29.52 -43.60
C GLY F 108 -28.58 -29.97 -42.94
N VAL F 109 -27.74 -28.99 -42.64
CA VAL F 109 -26.46 -29.23 -42.00
C VAL F 109 -26.63 -29.09 -40.49
N TYR F 110 -25.79 -29.80 -39.74
CA TYR F 110 -25.80 -29.74 -38.28
C TYR F 110 -24.40 -29.42 -37.80
N TYR F 111 -24.29 -28.45 -36.89
CA TYR F 111 -23.01 -27.96 -36.40
C TYR F 111 -22.90 -28.16 -34.91
N CYS F 112 -21.71 -28.57 -34.46
CA CYS F 112 -21.37 -28.59 -33.05
C CYS F 112 -20.92 -27.20 -32.62
N PHE F 113 -21.10 -26.90 -31.34
CA PHE F 113 -20.64 -25.63 -30.79
C PHE F 113 -20.33 -25.84 -29.32
N GLN F 114 -19.09 -25.54 -28.93
CA GLN F 114 -18.66 -25.63 -27.55
C GLN F 114 -18.53 -24.23 -26.97
N GLY F 115 -19.21 -23.99 -25.86
CA GLY F 115 -19.19 -22.69 -25.21
C GLY F 115 -18.41 -22.71 -23.92
N SER F 116 -17.50 -23.67 -23.76
CA SER F 116 -16.80 -23.88 -22.50
C SER F 116 -15.47 -23.13 -22.42
N HIS F 117 -14.67 -23.18 -23.49
CA HIS F 117 -13.33 -22.60 -23.48
C HIS F 117 -13.23 -21.51 -24.53
N VAL F 118 -12.71 -20.36 -24.12
CA VAL F 118 -12.53 -19.21 -25.01
C VAL F 118 -11.31 -19.46 -25.89
N PRO F 119 -11.39 -19.23 -27.21
CA PRO F 119 -12.57 -18.82 -27.96
C PRO F 119 -13.50 -20.00 -28.24
N TRP F 120 -14.78 -19.72 -28.44
CA TRP F 120 -15.76 -20.75 -28.70
C TRP F 120 -15.84 -21.03 -30.20
N THR F 121 -15.75 -22.29 -30.57
CA THR F 121 -15.56 -22.69 -31.96
C THR F 121 -16.69 -23.60 -32.41
N PHE F 122 -17.00 -23.52 -33.70
CA PHE F 122 -18.03 -24.33 -34.31
C PHE F 122 -17.46 -25.67 -34.76
N GLY F 123 -18.36 -26.63 -34.95
CA GLY F 123 -17.98 -27.91 -35.50
C GLY F 123 -17.79 -27.85 -37.00
N GLY F 124 -17.31 -28.97 -37.56
CA GLY F 124 -17.06 -29.02 -38.98
C GLY F 124 -18.32 -29.05 -39.81
N GLY F 125 -19.43 -29.50 -39.23
CA GLY F 125 -20.68 -29.62 -39.95
C GLY F 125 -20.93 -31.05 -40.42
N THR F 126 -22.20 -31.35 -40.65
CA THR F 126 -22.60 -32.69 -41.08
C THR F 126 -23.83 -32.55 -41.97
N LYS F 127 -23.63 -32.61 -43.28
CA LYS F 127 -24.75 -32.59 -44.21
C LYS F 127 -25.60 -33.84 -44.03
N LEU F 128 -26.91 -33.67 -44.12
CA LEU F 128 -27.86 -34.77 -43.95
C LEU F 128 -28.78 -34.81 -45.15
N GLU F 129 -28.88 -35.99 -45.77
CA GLU F 129 -29.75 -36.21 -46.93
C GLU F 129 -30.49 -37.53 -46.73
N ILE F 130 -31.39 -37.82 -47.67
CA ILE F 130 -32.30 -38.97 -47.57
C ILE F 130 -31.86 -40.02 -48.56
N LYS F 131 -31.87 -41.27 -48.12
CA LYS F 131 -31.51 -42.41 -48.96
C LYS F 131 -32.75 -42.95 -49.66
N ARG F 132 -32.53 -43.47 -50.87
CA ARG F 132 -33.59 -44.10 -51.64
C ARG F 132 -32.95 -44.77 -52.86
N ALA F 133 -33.77 -45.48 -53.62
CA ALA F 133 -33.28 -46.29 -54.72
C ALA F 133 -32.48 -45.44 -55.70
N ASP F 134 -31.28 -45.93 -56.06
CA ASP F 134 -30.43 -45.21 -56.98
C ASP F 134 -31.11 -45.05 -58.33
N ALA F 135 -31.03 -43.84 -58.89
CA ALA F 135 -31.64 -43.52 -60.16
C ALA F 135 -30.54 -43.24 -61.19
N ALA F 136 -30.64 -43.91 -62.34
CA ALA F 136 -29.61 -43.76 -63.36
C ALA F 136 -29.65 -42.36 -63.95
N PRO F 137 -28.49 -41.80 -64.31
CA PRO F 137 -28.48 -40.48 -64.94
C PRO F 137 -29.20 -40.50 -66.28
N THR F 138 -29.74 -39.34 -66.65
CA THR F 138 -30.27 -39.10 -67.99
C THR F 138 -29.31 -38.13 -68.68
N VAL F 139 -28.27 -38.68 -69.30
CA VAL F 139 -27.22 -37.87 -69.87
C VAL F 139 -27.73 -37.16 -71.12
N SER F 140 -27.19 -35.96 -71.37
CA SER F 140 -27.55 -35.18 -72.55
C SER F 140 -26.37 -34.30 -72.91
N ILE F 141 -26.11 -34.18 -74.21
CA ILE F 141 -25.00 -33.38 -74.73
C ILE F 141 -25.57 -32.36 -75.70
N PHE F 142 -25.24 -31.09 -75.50
CA PHE F 142 -25.76 -30.00 -76.32
C PHE F 142 -24.62 -29.29 -77.04
N PRO F 143 -24.51 -29.37 -78.35
CA PRO F 143 -23.44 -28.65 -79.06
C PRO F 143 -23.67 -27.15 -79.00
N PRO F 144 -22.64 -26.35 -79.26
CA PRO F 144 -22.81 -24.89 -79.19
C PRO F 144 -23.75 -24.39 -80.27
N SER F 145 -24.41 -23.27 -79.99
CA SER F 145 -25.29 -22.62 -80.94
C SER F 145 -24.51 -21.62 -81.79
N SER F 146 -25.17 -21.11 -82.83
CA SER F 146 -24.53 -20.13 -83.71
C SER F 146 -24.12 -18.87 -82.96
N GLU F 147 -24.75 -18.60 -81.82
CA GLU F 147 -24.36 -17.42 -81.03
C GLU F 147 -22.92 -17.55 -80.54
N GLN F 148 -22.53 -18.75 -80.11
CA GLN F 148 -21.15 -18.97 -79.70
C GLN F 148 -20.19 -18.75 -80.87
N LEU F 149 -20.55 -19.26 -82.05
CA LEU F 149 -19.70 -19.06 -83.22
C LEU F 149 -19.54 -17.59 -83.54
N THR F 150 -20.65 -16.83 -83.51
CA THR F 150 -20.58 -15.41 -83.80
C THR F 150 -19.75 -14.67 -82.76
N SER F 151 -19.94 -14.99 -81.48
CA SER F 151 -19.20 -14.30 -80.42
C SER F 151 -17.69 -14.55 -80.55
N GLY F 152 -17.31 -15.80 -80.84
CA GLY F 152 -15.90 -16.15 -80.94
C GLY F 152 -15.53 -17.22 -79.92
N GLY F 153 -16.50 -18.03 -79.51
CA GLY F 153 -16.27 -19.09 -78.56
C GLY F 153 -17.02 -20.34 -78.96
N ALA F 154 -16.83 -21.40 -78.17
CA ALA F 154 -17.46 -22.69 -78.40
C ALA F 154 -17.78 -23.31 -77.05
N SER F 155 -19.02 -23.14 -76.60
CA SER F 155 -19.47 -23.67 -75.31
C SER F 155 -20.00 -25.07 -75.53
N VAL F 156 -19.12 -26.06 -75.38
CA VAL F 156 -19.55 -27.45 -75.42
C VAL F 156 -20.20 -27.79 -74.08
N VAL F 157 -21.47 -28.19 -74.13
CA VAL F 157 -22.30 -28.34 -72.93
C VAL F 157 -22.71 -29.80 -72.81
N CYS F 158 -22.52 -30.37 -71.62
CA CYS F 158 -22.95 -31.72 -71.31
C CYS F 158 -23.78 -31.69 -70.05
N PHE F 159 -24.99 -32.25 -70.13
CA PHE F 159 -25.93 -32.26 -69.01
C PHE F 159 -26.12 -33.69 -68.52
N LEU F 160 -26.05 -33.86 -67.20
CA LEU F 160 -26.21 -35.16 -66.56
C LEU F 160 -27.15 -34.97 -65.38
N ASN F 161 -28.40 -35.41 -65.53
CA ASN F 161 -29.46 -35.12 -64.59
C ASN F 161 -29.99 -36.39 -63.95
N ASN F 162 -30.61 -36.21 -62.78
CA ASN F 162 -31.32 -37.29 -62.09
C ASN F 162 -30.43 -38.51 -61.87
N PHE F 163 -29.27 -38.27 -61.25
CA PHE F 163 -28.34 -39.33 -60.90
C PHE F 163 -28.14 -39.35 -59.39
N TYR F 164 -28.30 -40.53 -58.80
CA TYR F 164 -28.14 -40.74 -57.37
C TYR F 164 -27.40 -42.06 -57.17
N PRO F 165 -26.50 -42.15 -56.18
CA PRO F 165 -26.04 -41.14 -55.22
C PRO F 165 -25.12 -40.08 -55.81
N LYS F 166 -24.38 -39.39 -54.95
CA LYS F 166 -23.49 -38.31 -55.36
C LYS F 166 -22.28 -38.80 -56.14
N ASP F 167 -21.91 -40.07 -56.02
CA ASP F 167 -20.74 -40.60 -56.70
C ASP F 167 -20.93 -40.48 -58.20
N ILE F 168 -20.12 -39.62 -58.84
CA ILE F 168 -20.21 -39.41 -60.27
C ILE F 168 -18.89 -38.84 -60.76
N ASN F 169 -18.51 -39.22 -61.98
CA ASN F 169 -17.30 -38.71 -62.61
C ASN F 169 -17.58 -38.43 -64.08
N VAL F 170 -16.82 -37.48 -64.64
CA VAL F 170 -16.95 -37.09 -66.04
C VAL F 170 -15.55 -36.96 -66.62
N LYS F 171 -15.37 -37.48 -67.83
CA LYS F 171 -14.10 -37.41 -68.55
C LYS F 171 -14.35 -36.77 -69.91
N TRP F 172 -13.58 -35.73 -70.22
CA TRP F 172 -13.69 -35.01 -71.48
C TRP F 172 -12.63 -35.56 -72.43
N LYS F 173 -13.06 -36.39 -73.37
CA LYS F 173 -12.17 -37.02 -74.36
C LYS F 173 -12.50 -36.45 -75.73
N ILE F 174 -11.55 -35.71 -76.30
CA ILE F 174 -11.70 -35.08 -77.61
C ILE F 174 -10.71 -35.72 -78.56
N ASP F 175 -11.22 -36.30 -79.65
CA ASP F 175 -10.38 -36.92 -80.68
C ASP F 175 -9.44 -37.95 -80.08
N GLY F 176 -9.93 -38.71 -79.10
CA GLY F 176 -9.11 -39.72 -78.47
C GLY F 176 -8.09 -39.17 -77.50
N SER F 177 -8.12 -37.87 -77.20
CA SER F 177 -7.20 -37.24 -76.27
C SER F 177 -7.99 -36.77 -75.06
N GLU F 178 -7.58 -37.23 -73.88
CA GLU F 178 -8.24 -36.84 -72.64
C GLU F 178 -7.69 -35.49 -72.17
N ARG F 179 -8.57 -34.51 -72.02
CA ARG F 179 -8.19 -33.18 -71.56
C ARG F 179 -8.96 -32.85 -70.29
N GLN F 180 -8.27 -32.29 -69.31
CA GLN F 180 -8.87 -31.98 -68.03
C GLN F 180 -8.88 -30.49 -67.70
N ASN F 181 -7.98 -29.70 -68.27
CA ASN F 181 -7.95 -28.27 -67.99
C ASN F 181 -9.20 -27.59 -68.52
N GLY F 182 -9.69 -26.60 -67.78
CA GLY F 182 -10.88 -25.89 -68.20
C GLY F 182 -12.13 -26.75 -68.25
N VAL F 183 -12.29 -27.66 -67.30
CA VAL F 183 -13.45 -28.55 -67.24
C VAL F 183 -14.31 -28.04 -66.09
N LEU F 184 -15.30 -27.20 -66.40
CA LEU F 184 -16.19 -26.68 -65.38
C LEU F 184 -17.06 -27.79 -64.81
N ASN F 185 -17.37 -27.68 -63.52
CA ASN F 185 -18.21 -28.64 -62.83
C ASN F 185 -19.13 -27.89 -61.88
N SER F 186 -20.41 -28.25 -61.87
CA SER F 186 -21.37 -27.63 -60.97
C SER F 186 -22.56 -28.58 -60.82
N TRP F 187 -23.05 -28.72 -59.60
CA TRP F 187 -24.16 -29.60 -59.28
C TRP F 187 -25.17 -28.85 -58.43
N THR F 188 -26.28 -29.51 -58.14
CA THR F 188 -27.38 -28.94 -57.38
C THR F 188 -27.57 -29.71 -56.08
N ASP F 189 -28.39 -29.14 -55.19
CA ASP F 189 -28.66 -29.73 -53.90
C ASP F 189 -29.65 -30.88 -54.04
N GLN F 190 -29.94 -31.53 -52.92
CA GLN F 190 -30.90 -32.62 -52.89
C GLN F 190 -32.27 -32.12 -53.33
N ASP F 191 -32.77 -32.61 -54.45
CA ASP F 191 -34.08 -32.21 -54.93
C ASP F 191 -35.17 -32.70 -53.98
N SER F 192 -36.36 -32.12 -54.12
CA SER F 192 -37.49 -32.43 -53.25
C SER F 192 -38.43 -33.45 -53.86
N LYS F 193 -38.98 -33.15 -55.04
CA LYS F 193 -40.01 -34.02 -55.62
C LYS F 193 -39.44 -35.39 -55.95
N ASP F 194 -38.24 -35.46 -56.52
CA ASP F 194 -37.63 -36.71 -56.93
C ASP F 194 -36.44 -37.12 -56.08
N SER F 195 -35.88 -36.21 -55.29
CA SER F 195 -34.78 -36.54 -54.38
C SER F 195 -33.60 -37.13 -55.14
N THR F 196 -33.02 -36.30 -56.02
CA THR F 196 -31.90 -36.73 -56.84
C THR F 196 -30.96 -35.55 -57.06
N TYR F 197 -29.71 -35.87 -57.38
CA TYR F 197 -28.73 -34.85 -57.69
C TYR F 197 -28.75 -34.53 -59.18
N SER F 198 -28.25 -33.35 -59.51
CA SER F 198 -28.10 -32.92 -60.89
C SER F 198 -26.77 -32.20 -61.05
N MET F 199 -26.10 -32.43 -62.17
CA MET F 199 -24.79 -31.86 -62.42
C MET F 199 -24.74 -31.29 -63.82
N SER F 200 -23.85 -30.31 -64.01
CA SER F 200 -23.66 -29.68 -65.30
C SER F 200 -22.20 -29.27 -65.43
N SER F 201 -21.48 -29.95 -66.31
CA SER F 201 -20.06 -29.65 -66.56
C SER F 201 -19.95 -29.14 -67.99
N THR F 202 -19.62 -27.86 -68.14
CA THR F 202 -19.52 -27.21 -69.43
C THR F 202 -18.05 -27.10 -69.84
N LEU F 203 -17.82 -27.11 -71.15
CA LEU F 203 -16.48 -27.06 -71.72
C LEU F 203 -16.40 -25.84 -72.63
N THR F 204 -15.69 -24.81 -72.19
CA THR F 204 -15.56 -23.58 -72.96
C THR F 204 -14.37 -23.69 -73.90
N LEU F 205 -14.61 -23.44 -75.19
CA LEU F 205 -13.59 -23.59 -76.22
C LEU F 205 -13.66 -22.40 -77.17
N THR F 206 -12.54 -22.14 -77.83
CA THR F 206 -12.40 -21.05 -78.77
C THR F 206 -12.58 -21.55 -80.20
N LYS F 207 -12.86 -20.61 -81.11
CA LYS F 207 -13.05 -20.97 -82.51
C LYS F 207 -11.78 -21.55 -83.11
N ASP F 208 -10.63 -20.95 -82.79
CA ASP F 208 -9.37 -21.44 -83.34
C ASP F 208 -9.13 -22.89 -82.97
N GLU F 209 -9.61 -23.32 -81.80
CA GLU F 209 -9.48 -24.70 -81.36
C GLU F 209 -10.74 -25.52 -81.58
N TYR F 210 -11.92 -24.88 -81.59
CA TYR F 210 -13.16 -25.64 -81.76
C TYR F 210 -13.19 -26.35 -83.10
N GLU F 211 -12.72 -25.70 -84.16
CA GLU F 211 -12.85 -26.25 -85.49
C GLU F 211 -11.85 -27.37 -85.76
N ARG F 212 -10.66 -27.30 -85.18
CA ARG F 212 -9.62 -28.28 -85.52
C ARG F 212 -10.04 -29.69 -85.14
N HIS F 213 -10.70 -29.85 -83.99
CA HIS F 213 -11.15 -31.18 -83.59
C HIS F 213 -12.33 -31.63 -84.44
N ASN F 214 -12.57 -32.94 -84.43
CA ASN F 214 -13.66 -33.55 -85.18
C ASN F 214 -14.52 -34.49 -84.36
N SER F 215 -14.07 -34.90 -83.17
CA SER F 215 -14.83 -35.81 -82.32
C SER F 215 -15.00 -35.18 -80.95
N TYR F 216 -16.25 -35.07 -80.50
CA TYR F 216 -16.58 -34.54 -79.19
C TYR F 216 -17.36 -35.58 -78.40
N THR F 217 -16.94 -35.82 -77.15
CA THR F 217 -17.52 -36.86 -76.33
C THR F 217 -17.63 -36.37 -74.89
N CYS F 218 -18.58 -36.94 -74.17
CA CYS F 218 -18.79 -36.63 -72.75
C CYS F 218 -19.17 -37.93 -72.05
N GLU F 219 -18.22 -38.51 -71.31
CA GLU F 219 -18.46 -39.75 -70.59
C GLU F 219 -19.14 -39.48 -69.26
N ALA F 220 -19.72 -40.53 -68.69
CA ALA F 220 -20.39 -40.43 -67.39
C ALA F 220 -20.47 -41.83 -66.80
N THR F 221 -19.85 -42.03 -65.64
CA THR F 221 -19.82 -43.32 -64.97
C THR F 221 -20.74 -43.27 -63.76
N HIS F 222 -21.61 -44.27 -63.64
CA HIS F 222 -22.56 -44.37 -62.55
C HIS F 222 -22.69 -45.82 -62.11
N LYS F 223 -23.13 -46.00 -60.86
CA LYS F 223 -23.32 -47.36 -60.35
C LYS F 223 -24.42 -48.09 -61.11
N THR F 224 -25.49 -47.37 -61.44
CA THR F 224 -26.59 -47.99 -62.18
C THR F 224 -26.11 -48.59 -63.50
N SER F 225 -25.18 -47.92 -64.17
CA SER F 225 -24.59 -48.40 -65.42
C SER F 225 -23.08 -48.53 -65.19
N THR F 226 -22.63 -49.76 -64.93
CA THR F 226 -21.22 -49.98 -64.60
C THR F 226 -20.33 -49.50 -65.75
N SER F 227 -20.67 -49.88 -66.97
CA SER F 227 -19.93 -49.38 -68.13
C SER F 227 -20.26 -47.91 -68.34
N PRO F 228 -19.27 -47.03 -68.51
CA PRO F 228 -19.59 -45.61 -68.71
C PRO F 228 -20.52 -45.40 -69.89
N ILE F 229 -21.48 -44.51 -69.72
CA ILE F 229 -22.43 -44.19 -70.78
C ILE F 229 -21.79 -43.14 -71.68
N VAL F 230 -21.72 -43.43 -72.98
CA VAL F 230 -21.05 -42.58 -73.95
C VAL F 230 -22.10 -41.82 -74.74
N LYS F 231 -21.95 -40.50 -74.80
CA LYS F 231 -22.80 -39.62 -75.61
C LYS F 231 -21.88 -38.65 -76.31
N SER F 232 -21.55 -38.93 -77.57
CA SER F 232 -20.62 -38.14 -78.34
C SER F 232 -21.25 -37.69 -79.65
N PHE F 233 -20.84 -36.51 -80.12
CA PHE F 233 -21.19 -36.01 -81.42
C PHE F 233 -19.92 -35.51 -82.10
N ASN F 234 -19.91 -35.58 -83.43
CA ASN F 234 -18.74 -35.21 -84.22
C ASN F 234 -18.98 -33.83 -84.83
N ARG F 235 -17.98 -32.95 -84.68
CA ARG F 235 -18.11 -31.61 -85.24
C ARG F 235 -18.21 -31.67 -86.76
N ASN F 236 -17.42 -32.53 -87.39
CA ASN F 236 -17.47 -32.66 -88.84
C ASN F 236 -18.85 -33.11 -89.32
N GLU F 237 -19.64 -33.73 -88.46
CA GLU F 237 -20.99 -34.16 -88.80
C GLU F 237 -20.95 -35.26 -89.87
N VAL G 21 -37.60 -9.90 -30.18
CA VAL G 21 -36.25 -9.42 -30.45
C VAL G 21 -35.90 -9.67 -31.90
N GLN G 22 -35.07 -8.79 -32.46
CA GLN G 22 -34.68 -8.89 -33.86
C GLN G 22 -33.30 -8.29 -34.04
N LEU G 23 -32.53 -8.89 -34.94
CA LEU G 23 -31.23 -8.36 -35.35
C LEU G 23 -31.29 -8.03 -36.84
N GLN G 24 -30.89 -6.82 -37.19
CA GLN G 24 -31.02 -6.31 -38.55
C GLN G 24 -29.63 -5.99 -39.10
N GLN G 25 -29.14 -6.85 -39.99
CA GLN G 25 -27.85 -6.63 -40.62
C GLN G 25 -27.99 -5.73 -41.84
N SER G 26 -26.85 -5.20 -42.29
CA SER G 26 -26.83 -4.36 -43.47
C SER G 26 -27.04 -5.20 -44.72
N GLY G 27 -27.31 -4.54 -45.84
CA GLY G 27 -27.54 -5.22 -47.09
C GLY G 27 -26.26 -5.69 -47.74
N ALA G 28 -26.44 -6.44 -48.84
CA ALA G 28 -25.29 -6.99 -49.55
C ALA G 28 -24.35 -5.88 -50.00
N GLU G 29 -23.13 -6.27 -50.36
CA GLU G 29 -22.11 -5.31 -50.77
C GLU G 29 -21.20 -5.95 -51.81
N VAL G 30 -20.56 -5.09 -52.59
CA VAL G 30 -19.57 -5.48 -53.59
C VAL G 30 -18.48 -4.42 -53.61
N MET G 31 -17.24 -4.86 -53.77
CA MET G 31 -16.11 -3.93 -53.87
C MET G 31 -14.88 -4.71 -54.32
N LYS G 32 -13.76 -3.97 -54.47
CA LYS G 32 -12.55 -4.47 -55.07
C LYS G 32 -11.57 -4.96 -54.01
N PRO G 33 -10.64 -5.84 -54.39
CA PRO G 33 -9.65 -6.31 -53.40
C PRO G 33 -8.81 -5.17 -52.87
N GLY G 34 -8.38 -5.32 -51.61
CA GLY G 34 -7.59 -4.31 -50.95
C GLY G 34 -8.38 -3.19 -50.30
N ALA G 35 -9.71 -3.21 -50.40
CA ALA G 35 -10.54 -2.20 -49.78
C ALA G 35 -10.89 -2.66 -48.35
N SER G 36 -11.82 -1.94 -47.72
CA SER G 36 -12.25 -2.26 -46.37
C SER G 36 -13.77 -2.20 -46.31
N VAL G 37 -14.36 -3.05 -45.47
CA VAL G 37 -15.81 -3.14 -45.33
C VAL G 37 -16.18 -2.77 -43.90
N LYS G 38 -17.38 -2.20 -43.75
CA LYS G 38 -17.95 -1.93 -42.43
C LYS G 38 -19.42 -2.31 -42.48
N ILE G 39 -19.72 -3.55 -42.13
CA ILE G 39 -21.09 -4.03 -42.04
C ILE G 39 -21.54 -3.85 -40.59
N SER G 40 -22.86 -3.80 -40.40
CA SER G 40 -23.44 -3.46 -39.11
C SER G 40 -24.53 -4.47 -38.74
N CYS G 41 -24.72 -4.63 -37.44
CA CYS G 41 -25.81 -5.42 -36.89
C CYS G 41 -26.52 -4.57 -35.85
N LYS G 42 -27.83 -4.40 -36.02
CA LYS G 42 -28.64 -3.60 -35.11
C LYS G 42 -29.66 -4.50 -34.42
N GLY G 43 -29.72 -4.41 -33.10
CA GLY G 43 -30.62 -5.23 -32.30
C GLY G 43 -31.66 -4.39 -31.59
N THR G 44 -32.84 -4.96 -31.41
CA THR G 44 -33.93 -4.26 -30.74
C THR G 44 -34.81 -5.27 -30.03
N GLY G 45 -35.56 -4.79 -29.05
CA GLY G 45 -36.42 -5.64 -28.26
C GLY G 45 -35.76 -6.30 -27.07
N TYR G 46 -34.52 -5.95 -26.76
CA TYR G 46 -33.81 -6.52 -25.63
C TYR G 46 -32.71 -5.56 -25.22
N THR G 47 -32.11 -5.84 -24.06
CA THR G 47 -31.01 -5.01 -23.56
C THR G 47 -29.79 -5.24 -24.45
N PHE G 48 -29.56 -4.30 -25.37
CA PHE G 48 -28.49 -4.49 -26.35
C PHE G 48 -27.12 -4.54 -25.69
N SER G 49 -26.89 -3.67 -24.71
CA SER G 49 -25.55 -3.54 -24.13
C SER G 49 -25.13 -4.76 -23.32
N SER G 50 -26.08 -5.60 -22.91
CA SER G 50 -25.80 -6.69 -21.98
C SER G 50 -25.62 -8.03 -22.67
N TYR G 51 -25.54 -8.07 -24.00
CA TYR G 51 -25.40 -9.30 -24.75
C TYR G 51 -24.18 -9.23 -25.65
N TRP G 52 -23.45 -10.33 -25.74
CA TRP G 52 -22.36 -10.43 -26.69
C TRP G 52 -22.91 -10.61 -28.09
N ILE G 53 -22.28 -9.97 -29.06
CA ILE G 53 -22.62 -10.12 -30.47
C ILE G 53 -21.56 -10.99 -31.11
N GLU G 54 -21.98 -12.14 -31.64
CA GLU G 54 -21.07 -13.09 -32.27
C GLU G 54 -21.13 -12.93 -33.77
N TRP G 55 -19.97 -12.74 -34.39
CA TRP G 55 -19.85 -12.59 -35.83
C TRP G 55 -19.41 -13.91 -36.42
N VAL G 56 -20.18 -14.42 -37.38
CA VAL G 56 -19.89 -15.71 -38.00
C VAL G 56 -19.71 -15.51 -39.49
N LYS G 57 -18.86 -16.34 -40.09
CA LYS G 57 -18.58 -16.31 -41.52
C LYS G 57 -18.88 -17.67 -42.11
N GLN G 58 -19.57 -17.68 -43.25
CA GLN G 58 -19.91 -18.91 -43.95
C GLN G 58 -19.55 -18.75 -45.42
N ARG G 59 -18.45 -19.35 -45.84
CA ARG G 59 -18.12 -19.39 -47.26
C ARG G 59 -19.16 -20.25 -47.97
N PRO G 60 -19.53 -19.91 -49.20
CA PRO G 60 -20.60 -20.66 -49.88
C PRO G 60 -20.25 -22.14 -50.02
N GLY G 61 -18.96 -22.46 -50.04
CA GLY G 61 -18.54 -23.84 -50.11
C GLY G 61 -19.15 -24.67 -48.99
N HIS G 62 -18.71 -24.45 -47.77
CA HIS G 62 -19.25 -25.15 -46.60
C HIS G 62 -18.55 -24.62 -45.36
N GLY G 63 -19.14 -24.91 -44.21
CA GLY G 63 -18.52 -24.63 -42.93
C GLY G 63 -18.90 -23.29 -42.33
N LEU G 64 -19.03 -23.26 -41.00
CA LEU G 64 -19.26 -22.03 -40.25
C LEU G 64 -18.01 -21.73 -39.43
N GLU G 65 -17.52 -20.50 -39.53
CA GLU G 65 -16.33 -20.07 -38.80
C GLU G 65 -16.66 -18.83 -38.00
N ARG G 66 -16.37 -18.86 -36.70
CA ARG G 66 -16.63 -17.73 -35.83
C ARG G 66 -15.49 -16.73 -35.93
N ILE G 67 -15.81 -15.50 -36.34
CA ILE G 67 -14.78 -14.48 -36.44
C ILE G 67 -14.41 -13.97 -35.06
N GLY G 68 -15.39 -13.70 -34.21
CA GLY G 68 -15.13 -13.14 -32.91
C GLY G 68 -16.42 -12.70 -32.26
N GLU G 69 -16.27 -11.90 -31.20
CA GLU G 69 -17.41 -11.41 -30.46
C GLU G 69 -17.08 -10.05 -29.86
N ILE G 70 -18.14 -9.29 -29.57
CA ILE G 70 -18.01 -7.99 -28.92
C ILE G 70 -19.15 -7.84 -27.92
N LEU G 71 -18.86 -7.24 -26.77
CA LEU G 71 -19.88 -6.91 -25.80
C LEU G 71 -20.15 -5.42 -25.89
N PRO G 72 -21.28 -4.99 -26.45
CA PRO G 72 -21.47 -3.54 -26.68
C PRO G 72 -21.40 -2.72 -25.41
N GLY G 73 -21.83 -3.26 -24.27
CA GLY G 73 -21.82 -2.49 -23.04
C GLY G 73 -20.43 -2.02 -22.67
N SER G 74 -19.42 -2.84 -22.90
CA SER G 74 -18.03 -2.49 -22.69
C SER G 74 -17.30 -2.58 -24.04
N GLY G 75 -15.98 -2.48 -24.01
CA GLY G 75 -15.17 -2.62 -25.20
C GLY G 75 -14.65 -4.01 -25.46
N SER G 76 -15.01 -4.98 -24.63
CA SER G 76 -14.40 -6.31 -24.71
C SER G 76 -14.64 -6.92 -26.08
N THR G 77 -13.59 -7.53 -26.63
CA THR G 77 -13.66 -8.18 -27.93
C THR G 77 -12.75 -9.40 -27.92
N ASN G 78 -13.19 -10.46 -28.62
CA ASN G 78 -12.40 -11.67 -28.78
C ASN G 78 -12.41 -12.05 -30.25
N TYR G 79 -11.24 -12.34 -30.80
CA TYR G 79 -11.11 -12.76 -32.18
C TYR G 79 -10.54 -14.17 -32.24
N ASN G 80 -10.95 -14.92 -33.26
CA ASN G 80 -10.34 -16.22 -33.50
C ASN G 80 -8.94 -16.04 -34.08
N GLU G 81 -8.15 -17.11 -33.97
CA GLU G 81 -6.75 -17.02 -34.40
C GLU G 81 -6.66 -16.71 -35.89
N LYS G 82 -7.52 -17.33 -36.70
CA LYS G 82 -7.44 -17.14 -38.14
C LYS G 82 -7.73 -15.70 -38.54
N PHE G 83 -8.71 -15.07 -37.89
CA PHE G 83 -9.20 -13.77 -38.29
C PHE G 83 -8.55 -12.62 -37.54
N ARG G 84 -7.58 -12.89 -36.68
CA ARG G 84 -6.90 -11.82 -35.95
C ARG G 84 -6.28 -10.84 -36.95
N GLY G 85 -6.50 -9.55 -36.72
CA GLY G 85 -6.01 -8.53 -37.62
C GLY G 85 -6.93 -8.29 -38.79
N LYS G 86 -7.52 -9.37 -39.32
CA LYS G 86 -8.42 -9.24 -40.45
C LYS G 86 -9.66 -8.42 -40.09
N ALA G 87 -10.23 -8.66 -38.91
CA ALA G 87 -11.48 -8.05 -38.50
C ALA G 87 -11.26 -7.16 -37.29
N THR G 88 -12.12 -6.15 -37.15
CA THR G 88 -12.11 -5.24 -36.00
C THR G 88 -13.53 -4.86 -35.68
N PHE G 89 -13.96 -5.14 -34.46
CA PHE G 89 -15.33 -4.86 -34.03
C PHE G 89 -15.41 -3.51 -33.33
N THR G 90 -16.55 -2.85 -33.48
CA THR G 90 -16.86 -1.64 -32.75
C THR G 90 -18.35 -1.61 -32.50
N ALA G 91 -18.76 -0.87 -31.46
CA ALA G 91 -20.16 -0.79 -31.09
C ALA G 91 -20.48 0.61 -30.62
N ASP G 92 -21.76 0.99 -30.74
CA ASP G 92 -22.25 2.27 -30.28
C ASP G 92 -23.31 2.03 -29.22
N LYS G 93 -23.15 2.68 -28.07
CA LYS G 93 -24.15 2.56 -27.01
C LYS G 93 -25.42 3.32 -27.36
N SER G 94 -25.27 4.55 -27.88
CA SER G 94 -26.43 5.37 -28.18
C SER G 94 -27.35 4.68 -29.17
N SER G 95 -26.80 4.24 -30.31
CA SER G 95 -27.56 3.48 -31.29
C SER G 95 -27.30 1.99 -31.07
N LYS G 96 -28.36 1.22 -30.96
CA LYS G 96 -28.23 -0.19 -30.63
C LYS G 96 -27.69 -0.97 -31.82
N THR G 97 -26.43 -0.70 -32.20
CA THR G 97 -25.85 -1.33 -33.37
C THR G 97 -24.36 -1.54 -33.14
N ALA G 98 -23.83 -2.60 -33.74
CA ALA G 98 -22.42 -2.94 -33.66
C ALA G 98 -21.87 -3.13 -35.07
N TYR G 99 -20.57 -2.87 -35.23
CA TYR G 99 -19.94 -2.84 -36.53
C TYR G 99 -18.76 -3.81 -36.57
N MET G 100 -18.49 -4.33 -37.76
CA MET G 100 -17.31 -5.16 -38.01
C MET G 100 -16.54 -4.55 -39.17
N GLN G 101 -15.25 -4.26 -38.93
CA GLN G 101 -14.39 -3.65 -39.93
C GLN G 101 -13.45 -4.71 -40.49
N LEU G 102 -13.51 -4.92 -41.80
CA LEU G 102 -12.68 -5.91 -42.47
C LEU G 102 -11.50 -5.22 -43.15
N SER G 103 -10.31 -5.78 -42.95
CA SER G 103 -9.08 -5.21 -43.51
C SER G 103 -8.96 -5.57 -44.98
N SER G 104 -7.76 -5.38 -45.54
CA SER G 104 -7.50 -5.63 -46.95
C SER G 104 -8.22 -6.88 -47.44
N LEU G 105 -9.03 -6.72 -48.48
CA LEU G 105 -9.94 -7.77 -48.93
C LEU G 105 -9.30 -8.58 -50.04
N THR G 106 -9.44 -9.89 -49.96
CA THR G 106 -9.02 -10.81 -51.01
C THR G 106 -10.23 -11.62 -51.46
N SER G 107 -10.07 -12.33 -52.58
CA SER G 107 -11.16 -13.12 -53.11
C SER G 107 -11.62 -14.19 -52.13
N GLU G 108 -10.76 -14.60 -51.21
CA GLU G 108 -11.15 -15.61 -50.22
C GLU G 108 -12.16 -15.07 -49.23
N ASP G 109 -12.24 -13.75 -49.05
CA ASP G 109 -13.18 -13.16 -48.10
C ASP G 109 -14.61 -13.16 -48.59
N SER G 110 -14.86 -13.50 -49.85
CA SER G 110 -16.22 -13.51 -50.39
C SER G 110 -17.05 -14.56 -49.65
N ALA G 111 -18.03 -14.11 -48.88
CA ALA G 111 -18.87 -15.00 -48.10
C ALA G 111 -20.05 -14.21 -47.56
N VAL G 112 -20.85 -14.85 -46.71
CA VAL G 112 -21.97 -14.21 -46.03
C VAL G 112 -21.66 -14.15 -44.55
N TYR G 113 -21.81 -12.97 -43.96
CA TYR G 113 -21.43 -12.73 -42.58
C TYR G 113 -22.68 -12.57 -41.73
N TYR G 114 -22.71 -13.24 -40.59
CA TYR G 114 -23.85 -13.23 -39.69
C TYR G 114 -23.52 -12.49 -38.40
N CYS G 115 -24.57 -12.07 -37.70
CA CYS G 115 -24.48 -11.55 -36.35
C CYS G 115 -25.49 -12.28 -35.49
N ALA G 116 -25.07 -12.68 -34.28
CA ALA G 116 -25.92 -13.46 -33.40
C ALA G 116 -25.77 -12.95 -31.97
N ARG G 117 -26.79 -13.23 -31.17
CA ARG G 117 -26.85 -12.81 -29.78
C ARG G 117 -26.45 -13.96 -28.88
N TYR G 118 -25.59 -13.68 -27.90
CA TYR G 118 -25.01 -14.75 -27.10
C TYR G 118 -24.72 -14.24 -25.69
N LEU G 119 -25.03 -15.06 -24.70
CA LEU G 119 -24.65 -14.80 -23.31
C LEU G 119 -23.89 -16.02 -22.80
N PRO G 120 -22.58 -15.91 -22.57
CA PRO G 120 -21.79 -17.10 -22.22
C PRO G 120 -22.29 -17.78 -20.95
N TYR G 121 -22.18 -19.10 -20.92
CA TYR G 121 -22.50 -19.96 -19.79
C TYR G 121 -23.99 -19.97 -19.47
N TYR G 122 -24.83 -19.29 -20.25
CA TYR G 122 -26.26 -19.35 -20.08
C TYR G 122 -26.91 -19.49 -21.44
N TYR G 123 -28.24 -19.34 -21.51
CA TYR G 123 -28.96 -19.42 -22.78
C TYR G 123 -28.19 -18.73 -23.90
N ALA G 124 -28.13 -19.42 -25.04
CA ALA G 124 -27.13 -19.16 -26.08
C ALA G 124 -27.76 -19.08 -27.46
N MET G 125 -27.39 -18.05 -28.22
CA MET G 125 -27.63 -17.97 -29.65
C MET G 125 -29.00 -18.46 -30.07
N ASP G 126 -30.04 -17.78 -29.59
CA ASP G 126 -31.41 -18.10 -29.99
C ASP G 126 -31.96 -17.14 -31.04
N TYR G 127 -31.15 -16.18 -31.49
CA TYR G 127 -31.61 -15.21 -32.49
C TYR G 127 -30.43 -14.82 -33.37
N TRP G 128 -30.61 -14.92 -34.68
CA TRP G 128 -29.57 -14.62 -35.65
C TRP G 128 -30.01 -13.51 -36.58
N GLY G 129 -29.04 -12.81 -37.15
CA GLY G 129 -29.32 -11.83 -38.17
C GLY G 129 -29.66 -12.49 -39.49
N GLN G 130 -30.15 -11.68 -40.43
CA GLN G 130 -30.53 -12.21 -41.74
C GLN G 130 -29.30 -12.59 -42.55
N GLY G 131 -28.18 -11.90 -42.36
CA GLY G 131 -26.97 -12.21 -43.08
C GLY G 131 -26.67 -11.21 -44.18
N THR G 132 -25.44 -10.71 -44.22
CA THR G 132 -24.98 -9.75 -45.21
C THR G 132 -23.98 -10.43 -46.12
N SER G 133 -24.24 -10.41 -47.42
CA SER G 133 -23.39 -11.06 -48.41
C SER G 133 -22.35 -10.07 -48.91
N VAL G 134 -21.07 -10.43 -48.79
CA VAL G 134 -19.97 -9.62 -49.26
C VAL G 134 -19.23 -10.42 -50.33
N THR G 135 -19.10 -9.84 -51.52
CA THR G 135 -18.40 -10.45 -52.63
C THR G 135 -17.30 -9.52 -53.10
N VAL G 136 -16.09 -10.05 -53.27
CA VAL G 136 -14.91 -9.27 -53.63
C VAL G 136 -14.44 -9.73 -54.99
N SER G 137 -14.31 -8.79 -55.92
CA SER G 137 -13.76 -9.07 -57.24
C SER G 137 -13.56 -7.75 -57.96
N SER G 138 -12.74 -7.78 -59.00
CA SER G 138 -12.46 -6.61 -59.81
C SER G 138 -13.48 -6.38 -60.92
N ALA G 139 -14.44 -7.28 -61.07
CA ALA G 139 -15.40 -7.20 -62.15
C ALA G 139 -16.28 -5.95 -62.01
N LYS G 140 -16.62 -5.36 -63.16
CA LYS G 140 -17.59 -4.29 -63.20
C LYS G 140 -19.00 -4.87 -63.28
N THR G 141 -19.99 -4.04 -63.00
CA THR G 141 -21.38 -4.49 -63.00
C THR G 141 -21.85 -4.72 -64.44
N THR G 142 -21.28 -5.70 -65.10
CA THR G 142 -21.60 -5.95 -66.50
C THR G 142 -23.01 -6.53 -66.63
N PRO G 143 -23.72 -6.21 -67.71
CA PRO G 143 -25.04 -6.80 -67.94
C PRO G 143 -24.92 -8.25 -68.36
N PRO G 144 -25.97 -9.05 -68.21
CA PRO G 144 -25.90 -10.46 -68.58
C PRO G 144 -25.75 -10.65 -70.08
N SER G 145 -25.38 -11.88 -70.45
CA SER G 145 -25.27 -12.30 -71.85
C SER G 145 -25.92 -13.67 -71.96
N VAL G 146 -27.20 -13.67 -72.34
CA VAL G 146 -27.98 -14.90 -72.42
C VAL G 146 -27.94 -15.44 -73.84
N TYR G 147 -27.61 -16.72 -73.98
CA TYR G 147 -27.59 -17.41 -75.26
C TYR G 147 -28.56 -18.58 -75.22
N PRO G 148 -29.09 -18.99 -76.38
CA PRO G 148 -30.02 -20.12 -76.42
C PRO G 148 -29.31 -21.44 -76.68
N LEU G 149 -30.07 -22.52 -76.55
CA LEU G 149 -29.58 -23.85 -76.88
C LEU G 149 -30.66 -24.59 -77.64
N ALA G 150 -30.24 -25.49 -78.52
CA ALA G 150 -31.14 -26.30 -79.33
C ALA G 150 -30.60 -27.72 -79.39
N PRO G 151 -31.47 -28.69 -79.66
CA PRO G 151 -30.99 -30.07 -79.79
C PRO G 151 -30.03 -30.22 -80.96
N GLY G 152 -29.12 -31.17 -80.83
CA GLY G 152 -28.14 -31.39 -81.89
C GLY G 152 -28.80 -31.75 -83.20
N SER G 153 -28.14 -31.37 -84.30
CA SER G 153 -28.70 -31.64 -85.63
C SER G 153 -28.85 -33.14 -85.86
N ALA G 154 -27.85 -33.92 -85.48
CA ALA G 154 -27.86 -35.38 -85.63
C ALA G 154 -28.06 -35.99 -84.23
N ALA G 155 -29.32 -36.22 -83.88
CA ALA G 155 -29.66 -36.79 -82.58
C ALA G 155 -30.97 -37.55 -82.70
N GLN G 156 -31.21 -38.44 -81.73
CA GLN G 156 -32.43 -39.22 -81.68
C GLN G 156 -33.47 -38.43 -80.90
N THR G 157 -34.55 -38.03 -81.59
CA THR G 157 -35.60 -37.23 -80.98
C THR G 157 -36.63 -38.17 -80.37
N ASN G 158 -36.44 -38.47 -79.08
CA ASN G 158 -37.36 -39.33 -78.36
C ASN G 158 -38.65 -38.56 -78.02
N SER G 159 -39.65 -39.30 -77.55
CA SER G 159 -40.92 -38.68 -77.20
C SER G 159 -40.74 -37.58 -76.18
N MET G 160 -39.85 -37.76 -75.22
CA MET G 160 -39.53 -36.76 -74.21
C MET G 160 -38.17 -36.14 -74.52
N VAL G 161 -38.09 -34.82 -74.43
CA VAL G 161 -36.87 -34.09 -74.74
C VAL G 161 -36.56 -33.12 -73.61
N THR G 162 -35.29 -32.74 -73.51
CA THR G 162 -34.81 -31.81 -72.51
C THR G 162 -34.34 -30.52 -73.18
N LEU G 163 -34.63 -29.38 -72.54
CA LEU G 163 -34.25 -28.08 -73.05
C LEU G 163 -33.54 -27.29 -71.96
N GLY G 164 -32.68 -26.37 -72.38
CA GLY G 164 -31.93 -25.55 -71.45
C GLY G 164 -31.48 -24.25 -72.09
N CYS G 165 -30.97 -23.37 -71.24
CA CYS G 165 -30.49 -22.06 -71.67
C CYS G 165 -29.20 -21.74 -70.94
N LEU G 166 -28.53 -20.67 -71.39
CA LEU G 166 -27.27 -20.24 -70.80
C LEU G 166 -27.29 -18.73 -70.58
N VAL G 167 -26.62 -18.30 -69.52
CA VAL G 167 -26.42 -16.88 -69.23
C VAL G 167 -24.96 -16.68 -68.87
N LYS G 168 -24.35 -15.62 -69.40
CA LYS G 168 -22.93 -15.39 -69.22
C LYS G 168 -22.68 -13.90 -69.01
N GLY G 169 -21.53 -13.60 -68.40
CA GLY G 169 -21.08 -12.22 -68.26
C GLY G 169 -21.99 -11.35 -67.44
N TYR G 170 -22.66 -11.90 -66.43
CA TYR G 170 -23.53 -11.14 -65.55
C TYR G 170 -22.84 -10.93 -64.20
N PHE G 171 -22.77 -9.68 -63.76
CA PHE G 171 -22.13 -9.33 -62.51
C PHE G 171 -22.80 -8.06 -62.00
N PRO G 172 -23.13 -7.99 -60.71
CA PRO G 172 -22.97 -9.01 -59.67
C PRO G 172 -24.16 -9.96 -59.61
N GLU G 173 -24.11 -10.92 -58.70
CA GLU G 173 -25.23 -11.82 -58.47
C GLU G 173 -26.37 -11.07 -57.82
N PRO G 174 -27.61 -11.62 -57.89
CA PRO G 174 -28.03 -12.83 -58.58
C PRO G 174 -28.72 -12.56 -59.92
N VAL G 175 -29.06 -13.62 -60.63
CA VAL G 175 -29.87 -13.54 -61.84
C VAL G 175 -30.90 -14.67 -61.79
N THR G 176 -32.15 -14.33 -62.11
CA THR G 176 -33.26 -15.27 -62.02
C THR G 176 -33.56 -15.85 -63.39
N VAL G 177 -33.60 -17.17 -63.48
CA VAL G 177 -33.91 -17.88 -64.71
C VAL G 177 -35.25 -18.57 -64.51
N THR G 178 -36.29 -18.01 -65.13
CA THR G 178 -37.64 -18.56 -65.04
C THR G 178 -38.23 -18.65 -66.44
N TRP G 179 -39.16 -19.58 -66.62
CA TRP G 179 -39.75 -19.84 -67.91
C TRP G 179 -40.96 -18.92 -68.11
N ASN G 180 -41.73 -19.17 -69.16
CA ASN G 180 -42.81 -18.26 -69.56
C ASN G 180 -43.92 -18.32 -68.52
N SER G 181 -43.94 -17.34 -67.62
CA SER G 181 -44.98 -17.24 -66.59
C SER G 181 -45.12 -18.55 -65.83
N GLY G 182 -43.98 -19.12 -65.44
CA GLY G 182 -44.00 -20.38 -64.74
C GLY G 182 -44.57 -21.51 -65.57
N SER G 183 -44.20 -21.58 -66.84
CA SER G 183 -44.75 -22.61 -67.73
C SER G 183 -44.42 -24.00 -67.21
N LEU G 184 -43.18 -24.22 -66.77
CA LEU G 184 -42.73 -25.51 -66.26
C LEU G 184 -42.32 -25.31 -64.80
N SER G 185 -43.30 -25.45 -63.90
CA SER G 185 -43.03 -25.31 -62.47
C SER G 185 -42.29 -26.52 -61.91
N SER G 186 -42.35 -27.66 -62.58
CA SER G 186 -41.69 -28.88 -62.13
C SER G 186 -40.83 -29.43 -63.26
N GLY G 187 -39.72 -30.06 -62.88
CA GLY G 187 -38.80 -30.63 -63.84
C GLY G 187 -37.68 -29.71 -64.27
N VAL G 188 -37.50 -28.57 -63.60
CA VAL G 188 -36.44 -27.62 -63.93
C VAL G 188 -35.29 -27.82 -62.97
N HIS G 189 -34.09 -28.01 -63.51
CA HIS G 189 -32.88 -28.25 -62.72
C HIS G 189 -31.97 -27.03 -62.89
N THR G 190 -32.18 -26.03 -62.06
CA THR G 190 -31.34 -24.84 -62.08
C THR G 190 -30.00 -25.14 -61.42
N PHE G 191 -28.92 -24.76 -62.09
CA PHE G 191 -27.59 -25.05 -61.56
C PHE G 191 -27.00 -23.81 -60.88
N PRO G 192 -26.29 -23.96 -59.77
CA PRO G 192 -25.65 -22.81 -59.13
C PRO G 192 -24.68 -22.11 -60.06
N ALA G 193 -24.53 -20.80 -59.90
CA ALA G 193 -23.62 -20.03 -60.73
C ALA G 193 -22.17 -20.42 -60.45
N VAL G 194 -21.32 -20.26 -61.47
CA VAL G 194 -19.90 -20.54 -61.36
C VAL G 194 -19.13 -19.46 -62.10
N LEU G 195 -17.84 -19.37 -61.80
CA LEU G 195 -16.95 -18.40 -62.41
C LEU G 195 -16.08 -19.08 -63.45
N GLN G 196 -16.12 -18.58 -64.69
CA GLN G 196 -15.24 -19.11 -65.73
C GLN G 196 -13.84 -18.52 -65.59
N SER G 197 -13.72 -17.21 -65.72
CA SER G 197 -12.50 -16.49 -65.40
C SER G 197 -12.73 -15.36 -64.40
N ASP G 198 -13.62 -14.42 -64.72
CA ASP G 198 -13.93 -13.32 -63.83
C ASP G 198 -15.42 -13.01 -63.75
N LEU G 199 -16.27 -13.72 -64.50
CA LEU G 199 -17.70 -13.46 -64.55
C LEU G 199 -18.47 -14.72 -64.21
N TYR G 200 -19.63 -14.55 -63.59
CA TYR G 200 -20.49 -15.67 -63.26
C TYR G 200 -21.15 -16.24 -64.51
N THR G 201 -21.36 -17.55 -64.51
CA THR G 201 -22.02 -18.25 -65.61
C THR G 201 -23.12 -19.13 -65.04
N LEU G 202 -24.26 -19.16 -65.74
CA LEU G 202 -25.45 -19.85 -65.27
C LEU G 202 -26.05 -20.68 -66.41
N SER G 203 -26.78 -21.72 -66.02
CA SER G 203 -27.45 -22.59 -66.97
C SER G 203 -28.70 -23.15 -66.32
N SER G 204 -29.62 -23.64 -67.16
CA SER G 204 -30.88 -24.19 -66.67
C SER G 204 -31.30 -25.34 -67.56
N SER G 205 -32.17 -26.19 -67.02
CA SER G 205 -32.68 -27.36 -67.72
C SER G 205 -34.18 -27.45 -67.51
N VAL G 206 -34.84 -28.15 -68.44
CA VAL G 206 -36.28 -28.40 -68.33
C VAL G 206 -36.60 -29.59 -69.23
N THR G 207 -37.64 -30.33 -68.85
CA THR G 207 -38.11 -31.49 -69.61
C THR G 207 -39.54 -31.23 -70.06
N VAL G 208 -39.78 -31.37 -71.35
CA VAL G 208 -41.11 -31.15 -71.93
C VAL G 208 -41.38 -32.21 -72.98
N PRO G 209 -42.65 -32.49 -73.25
CA PRO G 209 -42.98 -33.45 -74.32
C PRO G 209 -42.46 -32.96 -75.67
N SER G 210 -41.95 -33.90 -76.46
CA SER G 210 -41.46 -33.54 -77.79
C SER G 210 -42.60 -33.14 -78.71
N SER G 211 -43.73 -33.84 -78.62
CA SER G 211 -44.87 -33.49 -79.47
C SER G 211 -45.47 -32.15 -79.07
N THR G 212 -45.58 -31.89 -77.78
CA THR G 212 -46.25 -30.67 -77.31
C THR G 212 -45.38 -29.43 -77.50
N TRP G 213 -44.06 -29.58 -77.45
CA TRP G 213 -43.18 -28.40 -77.48
C TRP G 213 -43.35 -27.58 -78.75
N PRO G 214 -43.27 -28.15 -79.96
CA PRO G 214 -43.48 -27.32 -81.16
C PRO G 214 -44.84 -26.65 -81.21
N SER G 215 -45.89 -27.32 -80.71
CA SER G 215 -47.24 -26.80 -80.85
C SER G 215 -47.39 -25.45 -80.16
N GLU G 216 -46.87 -25.33 -78.95
CA GLU G 216 -46.94 -24.09 -78.17
C GLU G 216 -45.56 -23.45 -78.12
N THR G 217 -45.47 -22.33 -77.40
CA THR G 217 -44.25 -21.58 -77.24
C THR G 217 -43.82 -21.59 -75.78
N VAL G 218 -42.57 -21.99 -75.54
CA VAL G 218 -42.00 -21.99 -74.20
C VAL G 218 -40.61 -21.38 -74.28
N THR G 219 -40.30 -20.48 -73.34
CA THR G 219 -39.04 -19.77 -73.38
C THR G 219 -38.57 -19.50 -71.96
N CYS G 220 -37.26 -19.33 -71.80
CA CYS G 220 -36.63 -19.08 -70.51
C CYS G 220 -36.41 -17.58 -70.36
N ASN G 221 -36.96 -17.01 -69.30
CA ASN G 221 -36.77 -15.60 -68.99
C ASN G 221 -35.57 -15.43 -68.08
N VAL G 222 -34.77 -14.40 -68.34
CA VAL G 222 -33.57 -14.10 -67.57
C VAL G 222 -33.68 -12.68 -67.05
N ALA G 223 -33.41 -12.50 -65.76
CA ALA G 223 -33.49 -11.20 -65.11
C ALA G 223 -32.22 -10.94 -64.31
N HIS G 224 -31.80 -9.67 -64.29
CA HIS G 224 -30.64 -9.23 -63.52
C HIS G 224 -31.09 -8.00 -62.73
N PRO G 225 -31.64 -8.21 -61.52
CA PRO G 225 -32.21 -7.06 -60.79
C PRO G 225 -31.25 -5.91 -60.59
N ALA G 226 -29.97 -6.21 -60.34
CA ALA G 226 -29.00 -5.13 -60.10
C ALA G 226 -28.85 -4.26 -61.33
N SER G 227 -28.80 -4.86 -62.52
CA SER G 227 -28.67 -4.13 -63.77
C SER G 227 -30.01 -3.79 -64.40
N SER G 228 -31.13 -4.21 -63.80
CA SER G 228 -32.46 -3.96 -64.34
C SER G 228 -32.57 -4.53 -65.76
N THR G 229 -32.41 -5.85 -65.85
CA THR G 229 -32.45 -6.57 -67.12
C THR G 229 -33.63 -7.53 -67.12
N LYS G 230 -34.29 -7.63 -68.27
CA LYS G 230 -35.41 -8.56 -68.44
C LYS G 230 -35.53 -8.87 -69.92
N VAL G 231 -35.18 -10.09 -70.30
CA VAL G 231 -35.12 -10.49 -71.71
C VAL G 231 -35.87 -11.81 -71.87
N ASP G 232 -36.11 -12.17 -73.14
CA ASP G 232 -36.85 -13.39 -73.46
C ASP G 232 -36.43 -13.82 -74.87
N LYS G 233 -35.66 -14.91 -74.95
CA LYS G 233 -35.12 -15.40 -76.22
C LYS G 233 -35.74 -16.76 -76.53
N LYS G 234 -36.67 -16.77 -77.47
CA LYS G 234 -37.37 -18.00 -77.82
C LYS G 234 -36.40 -19.05 -78.35
N ILE G 235 -36.70 -20.31 -78.02
CA ILE G 235 -35.93 -21.45 -78.52
C ILE G 235 -36.84 -22.20 -79.48
N VAL G 236 -36.58 -22.06 -80.77
CA VAL G 236 -37.40 -22.67 -81.82
C VAL G 236 -36.75 -23.98 -82.25
N PRO G 237 -37.52 -25.01 -82.60
CA PRO G 237 -36.90 -26.25 -83.09
C PRO G 237 -36.07 -25.98 -84.34
N ARG G 238 -34.95 -26.69 -84.45
CA ARG G 238 -34.06 -26.54 -85.58
C ARG G 238 -34.71 -27.06 -86.85
N ASP H 20 15.06 21.05 -29.27
CA ASP H 20 13.85 21.68 -29.89
C ASP H 20 13.61 21.11 -31.28
N VAL H 21 12.40 20.62 -31.51
CA VAL H 21 12.03 20.07 -32.81
C VAL H 21 12.25 21.13 -33.88
N LEU H 22 13.11 20.83 -34.85
CA LEU H 22 13.41 21.76 -35.93
C LEU H 22 12.44 21.55 -37.08
N MET H 23 11.82 22.63 -37.53
CA MET H 23 10.83 22.59 -38.59
C MET H 23 11.41 23.30 -39.81
N THR H 24 11.48 22.59 -40.94
CA THR H 24 12.05 23.11 -42.17
C THR H 24 10.94 23.33 -43.18
N GLN H 25 10.87 24.53 -43.74
CA GLN H 25 9.80 24.92 -44.64
C GLN H 25 10.37 25.26 -46.00
N THR H 26 9.79 24.69 -47.05
CA THR H 26 10.20 24.96 -48.42
C THR H 26 8.96 25.17 -49.28
N PRO H 27 9.07 25.97 -50.35
CA PRO H 27 10.26 26.74 -50.76
C PRO H 27 10.42 28.03 -49.96
N LEU H 28 11.62 28.61 -49.99
CA LEU H 28 11.84 29.87 -49.30
C LEU H 28 10.99 30.98 -49.90
N SER H 29 10.69 30.90 -51.19
CA SER H 29 9.82 31.85 -51.86
C SER H 29 8.93 31.10 -52.84
N LEU H 30 7.81 31.71 -53.20
CA LEU H 30 6.82 31.06 -54.05
C LEU H 30 6.12 32.12 -54.89
N PRO H 31 6.60 32.36 -56.13
CA PRO H 31 5.88 33.27 -57.02
C PRO H 31 4.84 32.55 -57.84
N VAL H 32 3.61 33.07 -57.86
CA VAL H 32 2.52 32.44 -58.59
C VAL H 32 1.53 33.52 -59.02
N SER H 33 1.14 33.50 -60.29
CA SER H 33 0.19 34.48 -60.79
C SER H 33 -1.18 34.27 -60.16
N LEU H 34 -2.00 35.30 -60.22
CA LEU H 34 -3.30 35.28 -59.58
C LEU H 34 -4.14 34.11 -60.11
N GLY H 35 -4.84 33.45 -59.20
CA GLY H 35 -5.71 32.35 -59.56
C GLY H 35 -5.04 31.01 -59.69
N ASP H 36 -3.74 30.92 -59.46
CA ASP H 36 -2.99 29.68 -59.63
C ASP H 36 -2.96 28.87 -58.34
N GLN H 37 -2.61 27.60 -58.49
CA GLN H 37 -2.46 26.73 -57.34
C GLN H 37 -1.15 27.04 -56.61
N ALA H 38 -1.20 27.08 -55.28
CA ALA H 38 -0.04 27.32 -54.45
C ALA H 38 0.14 26.16 -53.50
N SER H 39 1.36 25.64 -53.41
CA SER H 39 1.68 24.51 -52.54
C SER H 39 2.85 24.89 -51.65
N ILE H 40 2.68 24.73 -50.35
CA ILE H 40 3.73 25.02 -49.37
C ILE H 40 3.90 23.79 -48.50
N SER H 41 5.15 23.38 -48.30
CA SER H 41 5.47 22.16 -47.56
C SER H 41 6.28 22.51 -46.32
N CYS H 42 5.97 21.83 -45.21
CA CYS H 42 6.67 22.01 -43.96
C CYS H 42 7.10 20.63 -43.45
N ARG H 43 8.37 20.50 -43.10
CA ARG H 43 8.93 19.23 -42.66
C ARG H 43 9.49 19.36 -41.25
N SER H 44 9.41 18.26 -40.50
CA SER H 44 9.78 18.23 -39.10
C SER H 44 11.02 17.37 -38.89
N SER H 45 11.90 17.82 -38.00
CA SER H 45 13.08 17.03 -37.62
C SER H 45 12.71 15.75 -36.89
N GLN H 46 11.49 15.64 -36.36
CA GLN H 46 11.03 14.44 -35.69
C GLN H 46 9.55 14.27 -36.00
N SER H 47 9.02 13.10 -35.63
CA SER H 47 7.59 12.87 -35.73
C SER H 47 6.88 13.67 -34.64
N ILE H 48 5.81 14.37 -35.03
CA ILE H 48 5.11 15.26 -34.11
C ILE H 48 3.69 14.78 -33.90
N VAL H 49 3.48 13.46 -33.93
CA VAL H 49 2.16 12.91 -33.70
C VAL H 49 1.84 12.93 -32.21
N HIS H 50 0.54 12.93 -31.91
CA HIS H 50 0.07 12.95 -30.53
C HIS H 50 -0.88 11.78 -30.29
N SER H 51 -0.94 11.33 -29.04
CA SER H 51 -1.62 10.09 -28.71
C SER H 51 -3.12 10.17 -28.97
N ASN H 52 -3.72 11.35 -28.83
CA ASN H 52 -5.17 11.49 -28.92
C ASN H 52 -5.71 11.36 -30.34
N GLY H 53 -4.87 11.00 -31.31
CA GLY H 53 -5.28 10.84 -32.69
C GLY H 53 -5.12 12.09 -33.53
N ASN H 54 -4.86 13.24 -32.91
CA ASN H 54 -4.64 14.48 -33.62
C ASN H 54 -3.15 14.80 -33.66
N THR H 55 -2.75 15.51 -34.71
CA THR H 55 -1.42 16.11 -34.80
C THR H 55 -1.59 17.62 -34.84
N TYR H 56 -0.84 18.31 -34.00
CA TYR H 56 -1.06 19.74 -33.75
C TYR H 56 -0.09 20.55 -34.59
N LEU H 57 -0.48 20.80 -35.84
CA LEU H 57 0.26 21.65 -36.75
C LEU H 57 -0.65 22.80 -37.18
N GLU H 58 -0.12 24.01 -37.17
CA GLU H 58 -0.91 25.20 -37.45
C GLU H 58 -0.18 26.08 -38.45
N TRP H 59 -0.95 26.75 -39.30
CA TRP H 59 -0.42 27.64 -40.34
C TRP H 59 -0.86 29.06 -40.05
N TYR H 60 0.10 29.99 -40.08
CA TYR H 60 -0.15 31.40 -39.79
C TYR H 60 0.25 32.24 -40.99
N LEU H 61 -0.49 33.34 -41.19
CA LEU H 61 -0.21 34.29 -42.25
C LEU H 61 0.03 35.66 -41.64
N GLN H 62 1.15 36.28 -41.99
CA GLN H 62 1.51 37.60 -41.52
C GLN H 62 1.67 38.53 -42.72
N LYS H 63 0.65 39.33 -43.01
CA LYS H 63 0.77 40.34 -44.03
C LYS H 63 1.72 41.44 -43.54
N PRO H 64 2.34 42.17 -44.46
CA PRO H 64 3.34 43.16 -44.03
C PRO H 64 2.77 44.19 -43.08
N GLY H 65 3.56 44.54 -42.07
CA GLY H 65 3.16 45.56 -41.13
C GLY H 65 2.00 45.19 -40.23
N GLN H 66 1.81 43.91 -39.95
CA GLN H 66 0.72 43.47 -39.10
C GLN H 66 1.14 42.23 -38.33
N SER H 67 0.43 41.98 -37.22
CA SER H 67 0.68 40.79 -36.44
C SER H 67 0.15 39.56 -37.17
N PRO H 68 0.72 38.38 -36.91
CA PRO H 68 0.28 37.18 -37.61
C PRO H 68 -1.21 36.92 -37.40
N LYS H 69 -1.72 35.97 -38.18
CA LYS H 69 -3.10 35.54 -38.07
C LYS H 69 -3.16 34.02 -38.15
N LEU H 70 -4.19 33.44 -37.54
CA LEU H 70 -4.39 32.01 -37.57
C LEU H 70 -5.24 31.64 -38.78
N LEU H 71 -4.76 30.66 -39.56
CA LEU H 71 -5.48 30.15 -40.71
C LEU H 71 -5.94 28.72 -40.54
N ILE H 72 -5.03 27.82 -40.20
CA ILE H 72 -5.33 26.40 -40.08
C ILE H 72 -4.72 25.87 -38.79
N TYR H 73 -5.49 25.06 -38.07
CA TYR H 73 -5.00 24.33 -36.91
C TYR H 73 -5.52 22.90 -37.00
N LYS H 74 -4.70 21.94 -36.59
CA LYS H 74 -5.07 20.53 -36.74
C LYS H 74 -5.42 20.26 -38.22
N VAL H 75 -4.38 20.27 -39.04
CA VAL H 75 -4.44 20.62 -40.45
C VAL H 75 -5.74 20.18 -41.11
N SER H 76 -6.21 18.98 -40.79
CA SER H 76 -7.49 18.55 -41.34
C SER H 76 -8.59 19.57 -41.06
N ASN H 77 -8.53 20.25 -39.92
CA ASN H 77 -9.50 21.27 -39.57
C ASN H 77 -9.09 22.62 -40.17
N ARG H 78 -9.86 23.65 -39.83
CA ARG H 78 -9.61 24.98 -40.37
C ARG H 78 -10.32 26.00 -39.48
N PHE H 79 -9.67 27.14 -39.28
CA PHE H 79 -10.21 28.18 -38.43
C PHE H 79 -11.51 28.72 -38.99
N SER H 80 -12.20 29.54 -38.20
CA SER H 80 -13.45 30.16 -38.59
C SER H 80 -13.17 31.57 -39.10
N GLY H 81 -13.85 31.96 -40.17
CA GLY H 81 -13.64 33.25 -40.78
C GLY H 81 -12.54 33.29 -41.82
N VAL H 82 -12.11 32.14 -42.32
CA VAL H 82 -11.02 32.08 -43.30
C VAL H 82 -11.59 31.49 -44.59
N PRO H 83 -11.15 31.95 -45.77
CA PRO H 83 -11.70 31.40 -47.02
C PRO H 83 -11.43 29.91 -47.13
N ASP H 84 -12.38 29.21 -47.77
CA ASP H 84 -12.29 27.77 -47.90
C ASP H 84 -11.19 27.32 -48.85
N ARG H 85 -10.64 28.23 -49.66
CA ARG H 85 -9.60 27.83 -50.60
C ARG H 85 -8.37 27.25 -49.89
N PHE H 86 -8.18 27.58 -48.62
CA PHE H 86 -7.08 27.02 -47.86
C PHE H 86 -7.39 25.59 -47.43
N SER H 87 -6.38 24.73 -47.46
CA SER H 87 -6.53 23.34 -47.06
C SER H 87 -5.20 22.84 -46.53
N GLY H 88 -5.25 21.75 -45.79
CA GLY H 88 -4.06 21.18 -45.20
C GLY H 88 -4.10 19.66 -45.26
N SER H 89 -2.90 19.07 -45.21
CA SER H 89 -2.75 17.63 -45.19
C SER H 89 -1.32 17.31 -44.77
N GLY H 90 -1.11 16.07 -44.40
CA GLY H 90 0.20 15.62 -43.98
C GLY H 90 0.10 14.35 -43.17
N SER H 91 1.28 13.93 -42.68
CA SER H 91 1.40 12.70 -41.90
C SER H 91 2.47 12.93 -40.84
N GLY H 92 2.93 11.83 -40.23
CA GLY H 92 3.81 11.89 -39.08
C GLY H 92 4.92 12.94 -39.13
N THR H 93 5.51 13.15 -40.31
CA THR H 93 6.62 14.09 -40.42
C THR H 93 6.58 14.99 -41.65
N ASP H 94 5.59 14.85 -42.52
CA ASP H 94 5.49 15.66 -43.72
C ASP H 94 4.10 16.27 -43.82
N PHE H 95 4.05 17.60 -43.97
CA PHE H 95 2.78 18.31 -44.08
C PHE H 95 2.89 19.36 -45.17
N THR H 96 1.73 19.70 -45.75
CA THR H 96 1.67 20.70 -46.81
C THR H 96 0.38 21.49 -46.69
N LEU H 97 0.42 22.72 -47.18
CA LEU H 97 -0.74 23.60 -47.22
C LEU H 97 -0.98 24.03 -48.66
N LYS H 98 -2.25 24.09 -49.04
CA LYS H 98 -2.65 24.40 -50.41
C LYS H 98 -3.59 25.60 -50.42
N ILE H 99 -3.38 26.49 -51.38
CA ILE H 99 -4.30 27.59 -51.66
C ILE H 99 -4.84 27.37 -53.06
N SER H 100 -6.15 27.16 -53.16
CA SER H 100 -6.76 26.85 -54.45
C SER H 100 -6.59 28.01 -55.43
N ARG H 101 -7.16 29.16 -55.11
CA ARG H 101 -7.12 30.34 -55.96
C ARG H 101 -6.44 31.46 -55.19
N VAL H 102 -5.36 32.00 -55.76
CA VAL H 102 -4.62 33.07 -55.10
C VAL H 102 -5.27 34.41 -55.41
N GLU H 103 -5.17 35.34 -54.47
CA GLU H 103 -5.69 36.69 -54.64
C GLU H 103 -4.68 37.68 -54.07
N ALA H 104 -4.95 38.97 -54.29
CA ALA H 104 -4.03 40.00 -53.82
C ALA H 104 -3.92 40.00 -52.30
N GLU H 105 -5.04 39.83 -51.61
CA GLU H 105 -5.04 39.83 -50.14
C GLU H 105 -4.27 38.67 -49.55
N ASP H 106 -3.95 37.65 -50.33
CA ASP H 106 -3.27 36.46 -49.82
C ASP H 106 -1.76 36.64 -49.77
N LEU H 107 -1.23 37.78 -50.20
CA LEU H 107 0.20 38.02 -50.14
C LEU H 107 0.67 38.13 -48.69
N GLY H 108 1.84 37.58 -48.41
CA GLY H 108 2.41 37.65 -47.08
C GLY H 108 3.43 36.55 -46.89
N VAL H 109 3.68 36.22 -45.62
CA VAL H 109 4.61 35.18 -45.23
C VAL H 109 3.83 34.12 -44.45
N TYR H 110 4.01 32.86 -44.81
CA TYR H 110 3.29 31.76 -44.21
C TYR H 110 4.24 30.95 -43.34
N TYR H 111 3.84 30.68 -42.10
CA TYR H 111 4.63 29.93 -41.14
C TYR H 111 3.87 28.69 -40.69
N CYS H 112 4.59 27.60 -40.50
CA CYS H 112 4.04 26.40 -39.90
C CYS H 112 4.47 26.32 -38.44
N PHE H 113 3.54 25.88 -37.59
CA PHE H 113 3.75 25.87 -36.15
C PHE H 113 3.33 24.51 -35.60
N GLN H 114 4.24 23.86 -34.88
CA GLN H 114 3.98 22.55 -34.29
C GLN H 114 3.67 22.70 -32.81
N GLY H 115 2.54 22.15 -32.38
CA GLY H 115 2.13 22.25 -31.00
C GLY H 115 2.07 20.91 -30.31
N SER H 116 3.03 20.03 -30.60
CA SER H 116 2.99 18.67 -30.09
C SER H 116 4.11 18.34 -29.12
N HIS H 117 5.28 18.97 -29.23
CA HIS H 117 6.42 18.69 -28.37
C HIS H 117 6.95 19.98 -27.78
N VAL H 118 7.13 19.98 -26.45
CA VAL H 118 7.60 21.16 -25.74
C VAL H 118 9.13 21.23 -25.86
N PRO H 119 9.70 22.38 -26.23
CA PRO H 119 9.05 23.64 -26.60
C PRO H 119 8.52 23.61 -28.03
N TRP H 120 7.61 24.52 -28.35
CA TRP H 120 7.00 24.59 -29.67
C TRP H 120 7.72 25.62 -30.51
N THR H 121 7.86 25.31 -31.79
CA THR H 121 8.70 26.08 -32.69
C THR H 121 7.95 26.44 -33.96
N PHE H 122 8.31 27.58 -34.52
CA PHE H 122 7.75 28.06 -35.77
C PHE H 122 8.53 27.50 -36.96
N GLY H 123 7.92 27.61 -38.13
CA GLY H 123 8.61 27.27 -39.36
C GLY H 123 9.51 28.38 -39.84
N GLY H 124 10.31 28.06 -40.86
CA GLY H 124 11.22 29.06 -41.40
C GLY H 124 10.48 30.24 -42.02
N GLY H 125 9.35 29.97 -42.66
CA GLY H 125 8.60 31.00 -43.34
C GLY H 125 8.71 30.90 -44.85
N THR H 126 7.59 31.03 -45.54
CA THR H 126 7.53 30.90 -47.00
C THR H 126 6.88 32.16 -47.56
N LYS H 127 7.70 33.13 -47.96
CA LYS H 127 7.17 34.34 -48.57
C LYS H 127 6.44 34.00 -49.87
N LEU H 128 5.38 34.74 -50.14
CA LEU H 128 4.55 34.51 -51.32
C LEU H 128 4.53 35.77 -52.17
N GLU H 129 4.88 35.62 -53.45
CA GLU H 129 4.82 36.69 -54.43
C GLU H 129 3.84 36.31 -55.53
N ILE H 130 3.55 37.27 -56.39
CA ILE H 130 2.73 37.05 -57.58
C ILE H 130 3.60 37.30 -58.80
N LYS H 131 3.63 36.32 -59.71
CA LYS H 131 4.42 36.42 -60.93
C LYS H 131 3.59 37.00 -62.05
N ARG H 132 4.24 37.78 -62.91
CA ARG H 132 3.58 38.42 -64.03
C ARG H 132 4.65 38.81 -65.05
N ALA H 133 4.22 39.47 -66.13
CA ALA H 133 5.15 39.88 -67.18
C ALA H 133 6.24 40.76 -66.62
N ASP H 134 7.47 40.27 -66.63
CA ASP H 134 8.58 41.02 -66.05
C ASP H 134 8.85 42.29 -66.85
N ALA H 135 9.53 43.24 -66.21
CA ALA H 135 9.83 44.53 -66.80
C ALA H 135 11.31 44.83 -66.63
N ALA H 136 11.86 45.60 -67.57
CA ALA H 136 13.27 45.96 -67.52
C ALA H 136 13.51 47.09 -66.51
N PRO H 137 14.69 47.14 -65.91
CA PRO H 137 14.99 48.20 -64.95
C PRO H 137 15.12 49.56 -65.62
N THR H 138 14.88 50.61 -64.83
CA THR H 138 15.05 51.99 -65.26
C THR H 138 16.03 52.64 -64.30
N VAL H 139 17.29 52.76 -64.71
CA VAL H 139 18.35 53.21 -63.83
C VAL H 139 18.45 54.74 -63.88
N SER H 140 18.97 55.32 -62.80
CA SER H 140 19.21 56.75 -62.72
C SER H 140 20.35 57.00 -61.73
N ILE H 141 20.98 58.16 -61.87
CA ILE H 141 22.09 58.55 -61.01
C ILE H 141 21.91 60.00 -60.60
N PHE H 142 22.03 60.27 -59.30
CA PHE H 142 21.93 61.63 -58.77
C PHE H 142 23.21 61.98 -58.02
N PRO H 143 24.06 62.86 -58.54
CA PRO H 143 25.25 63.28 -57.78
C PRO H 143 24.86 64.12 -56.58
N PRO H 144 25.81 64.48 -55.73
CA PRO H 144 25.48 65.27 -54.54
C PRO H 144 24.88 66.62 -54.91
N SER H 145 24.29 67.26 -53.90
CA SER H 145 23.66 68.57 -54.05
C SER H 145 24.52 69.63 -53.36
N SER H 146 24.09 70.89 -53.46
CA SER H 146 24.86 71.98 -52.89
C SER H 146 24.99 71.83 -51.38
N GLU H 147 23.90 71.42 -50.71
CA GLU H 147 23.96 71.24 -49.27
C GLU H 147 24.97 70.17 -48.89
N GLN H 148 25.01 69.07 -49.64
CA GLN H 148 25.99 68.03 -49.37
C GLN H 148 27.41 68.55 -49.55
N LEU H 149 27.64 69.33 -50.61
CA LEU H 149 28.96 69.91 -50.82
C LEU H 149 29.35 70.81 -49.66
N THR H 150 28.43 71.67 -49.20
CA THR H 150 28.73 72.57 -48.10
C THR H 150 29.00 71.81 -46.80
N SER H 151 28.24 70.75 -46.55
CA SER H 151 28.39 70.02 -45.30
C SER H 151 29.79 69.41 -45.17
N GLY H 152 30.32 68.87 -46.26
CA GLY H 152 31.63 68.25 -46.24
C GLY H 152 31.60 66.79 -46.63
N GLY H 153 30.58 66.41 -47.39
CA GLY H 153 30.46 65.04 -47.86
C GLY H 153 30.01 64.96 -49.31
N ALA H 154 29.65 63.76 -49.76
CA ALA H 154 29.19 63.57 -51.13
C ALA H 154 28.32 62.33 -51.16
N SER H 155 27.05 62.50 -51.52
CA SER H 155 26.07 61.41 -51.52
C SER H 155 25.86 60.95 -52.96
N VAL H 156 26.49 59.84 -53.33
CA VAL H 156 26.32 59.25 -54.65
C VAL H 156 25.26 58.17 -54.54
N VAL H 157 24.15 58.36 -55.25
CA VAL H 157 23.01 57.45 -55.20
C VAL H 157 22.62 57.09 -56.63
N CYS H 158 22.49 55.80 -56.90
CA CYS H 158 21.99 55.30 -58.17
C CYS H 158 20.66 54.60 -57.93
N PHE H 159 19.64 55.02 -58.64
CA PHE H 159 18.27 54.53 -58.45
C PHE H 159 17.89 53.59 -59.58
N LEU H 160 17.32 52.43 -59.22
CA LEU H 160 16.86 51.42 -60.17
C LEU H 160 15.40 51.15 -59.84
N ASN H 161 14.50 51.88 -60.49
CA ASN H 161 13.08 51.84 -60.17
C ASN H 161 12.33 50.92 -61.12
N ASN H 162 11.33 50.23 -60.58
CA ASN H 162 10.36 49.45 -61.37
C ASN H 162 11.08 48.41 -62.23
N PHE H 163 11.69 47.45 -61.54
CA PHE H 163 12.34 46.33 -62.20
C PHE H 163 11.85 45.03 -61.57
N TYR H 164 11.92 43.96 -62.37
CA TYR H 164 11.46 42.64 -61.94
C TYR H 164 12.17 41.61 -62.81
N PRO H 165 12.59 40.46 -62.25
CA PRO H 165 12.50 39.99 -60.86
C PRO H 165 13.71 40.38 -60.01
N LYS H 166 13.89 39.70 -58.87
CA LYS H 166 14.99 39.96 -57.96
C LYS H 166 16.36 39.62 -58.54
N ASP H 167 16.44 39.14 -59.78
CA ASP H 167 17.74 38.82 -60.37
C ASP H 167 18.49 40.09 -60.72
N ILE H 168 18.92 40.82 -59.70
CA ILE H 168 19.55 42.13 -59.86
C ILE H 168 20.85 42.14 -59.09
N ASN H 169 21.91 42.65 -59.73
CA ASN H 169 23.19 42.88 -59.08
C ASN H 169 23.77 44.17 -59.60
N VAL H 170 24.14 45.07 -58.69
CA VAL H 170 24.66 46.39 -59.04
C VAL H 170 26.12 46.46 -58.59
N LYS H 171 27.00 46.83 -59.52
CA LYS H 171 28.42 46.97 -59.26
C LYS H 171 28.80 48.43 -59.37
N TRP H 172 29.59 48.93 -58.40
CA TRP H 172 30.06 50.31 -58.41
C TRP H 172 31.41 50.37 -59.11
N LYS H 173 31.36 50.68 -60.41
CA LYS H 173 32.55 50.95 -61.19
C LYS H 173 32.73 52.46 -61.32
N ILE H 174 33.94 52.94 -61.09
CA ILE H 174 34.25 54.36 -61.17
C ILE H 174 35.53 54.54 -61.95
N ASP H 175 35.48 55.37 -62.99
CA ASP H 175 36.64 55.69 -63.83
C ASP H 175 37.47 54.45 -64.13
N GLY H 176 36.80 53.32 -64.37
CA GLY H 176 37.49 52.08 -64.68
C GLY H 176 37.97 51.29 -63.48
N SER H 177 37.59 51.70 -62.27
CA SER H 177 37.97 50.99 -61.05
C SER H 177 36.71 50.67 -60.26
N GLU H 178 36.60 49.43 -59.80
CA GLU H 178 35.43 48.98 -59.06
C GLU H 178 35.66 49.16 -57.57
N ARG H 179 34.82 49.99 -56.94
CA ARG H 179 34.89 50.23 -55.50
C ARG H 179 33.73 49.53 -54.82
N GLN H 180 34.02 48.86 -53.70
CA GLN H 180 33.00 48.14 -52.94
C GLN H 180 32.83 48.65 -51.53
N ASN H 181 33.86 49.21 -50.92
CA ASN H 181 33.73 49.74 -49.56
C ASN H 181 32.74 50.90 -49.54
N GLY H 182 31.94 50.96 -48.49
CA GLY H 182 30.94 52.01 -48.37
C GLY H 182 29.75 51.87 -49.28
N VAL H 183 29.47 50.65 -49.75
CA VAL H 183 28.38 50.41 -50.69
C VAL H 183 27.18 49.93 -49.89
N LEU H 184 26.08 50.69 -49.97
CA LEU H 184 24.87 50.38 -49.23
C LEU H 184 23.90 49.58 -50.09
N ASN H 185 23.34 48.53 -49.51
CA ASN H 185 22.41 47.63 -50.20
C ASN H 185 21.07 47.68 -49.48
N SER H 186 20.05 48.22 -50.16
CA SER H 186 18.72 48.29 -49.58
C SER H 186 17.71 48.41 -50.72
N TRP H 187 16.93 47.36 -50.93
CA TRP H 187 15.87 47.36 -51.92
C TRP H 187 14.52 47.56 -51.25
N THR H 188 13.46 47.47 -52.04
CA THR H 188 12.10 47.71 -51.57
C THR H 188 11.23 46.49 -51.86
N ASP H 189 10.28 46.23 -50.97
CA ASP H 189 9.37 45.10 -51.13
C ASP H 189 8.56 45.24 -52.42
N GLN H 190 7.96 44.14 -52.86
CA GLN H 190 7.18 44.18 -54.09
C GLN H 190 6.04 45.17 -53.98
N ASP H 191 5.86 45.97 -55.02
CA ASP H 191 4.78 46.95 -55.04
C ASP H 191 3.44 46.25 -55.26
N SER H 192 2.39 47.06 -55.37
CA SER H 192 1.04 46.57 -55.65
C SER H 192 0.53 47.02 -57.00
N LYS H 193 0.55 48.33 -57.28
CA LYS H 193 0.10 48.82 -58.57
C LYS H 193 0.98 48.29 -59.70
N ASP H 194 2.30 48.29 -59.50
CA ASP H 194 3.23 47.80 -60.50
C ASP H 194 3.74 46.40 -60.20
N SER H 195 3.68 45.95 -58.95
CA SER H 195 4.23 44.65 -58.56
C SER H 195 5.70 44.54 -58.95
N THR H 196 6.42 45.65 -58.90
CA THR H 196 7.82 45.70 -59.26
C THR H 196 8.69 45.75 -58.01
N TYR H 197 9.99 45.81 -58.22
CA TYR H 197 10.96 46.02 -57.17
C TYR H 197 11.82 47.23 -57.51
N SER H 198 12.38 47.85 -56.48
CA SER H 198 13.23 49.02 -56.65
C SER H 198 14.50 48.83 -55.83
N MET H 199 15.61 49.35 -56.35
CA MET H 199 16.90 49.27 -55.69
C MET H 199 17.49 50.67 -55.59
N SER H 200 17.96 51.02 -54.39
CA SER H 200 18.67 52.27 -54.15
C SER H 200 19.92 51.95 -53.36
N SER H 201 21.06 51.90 -54.03
CA SER H 201 22.35 51.68 -53.40
C SER H 201 23.13 52.99 -53.40
N THR H 202 23.76 53.29 -52.26
CA THR H 202 24.42 54.56 -52.03
C THR H 202 25.89 54.34 -51.70
N LEU H 203 26.72 55.30 -52.12
CA LEU H 203 28.16 55.27 -51.84
C LEU H 203 28.53 56.62 -51.25
N THR H 204 28.82 56.64 -49.95
CA THR H 204 29.16 57.88 -49.25
C THR H 204 30.60 58.28 -49.58
N LEU H 205 30.80 59.52 -50.02
CA LEU H 205 32.11 60.03 -50.38
C LEU H 205 32.37 61.34 -49.66
N THR H 206 33.65 61.59 -49.39
CA THR H 206 34.10 62.82 -48.74
C THR H 206 34.64 63.79 -49.78
N LYS H 207 34.74 65.06 -49.37
CA LYS H 207 35.19 66.10 -50.29
C LYS H 207 36.60 65.81 -50.81
N ASP H 208 37.51 65.44 -49.91
CA ASP H 208 38.87 65.12 -50.34
C ASP H 208 38.89 63.96 -51.33
N GLU H 209 38.01 62.98 -51.14
CA GLU H 209 37.97 61.82 -52.03
C GLU H 209 36.98 62.00 -53.18
N TYR H 210 35.95 62.81 -52.99
CA TYR H 210 34.94 62.97 -54.02
C TYR H 210 35.50 63.64 -55.26
N GLU H 211 36.27 64.71 -55.08
CA GLU H 211 36.77 65.48 -56.22
C GLU H 211 37.91 64.78 -56.95
N ARG H 212 38.71 63.98 -56.24
CA ARG H 212 39.89 63.39 -56.86
C ARG H 212 39.50 62.48 -58.02
N HIS H 213 38.46 61.68 -57.84
CA HIS H 213 37.95 60.87 -58.95
C HIS H 213 37.37 61.77 -60.02
N ASN H 214 37.55 61.35 -61.28
CA ASN H 214 37.01 62.11 -62.41
C ASN H 214 35.65 61.60 -62.85
N SER H 215 35.48 60.28 -62.94
CA SER H 215 34.26 59.68 -63.47
C SER H 215 33.72 58.63 -62.50
N TYR H 216 32.40 58.56 -62.42
CA TYR H 216 31.70 57.54 -61.65
C TYR H 216 30.72 56.82 -62.57
N THR H 217 30.63 55.51 -62.41
CA THR H 217 29.70 54.69 -63.20
C THR H 217 28.84 53.84 -62.28
N CYS H 218 27.61 53.60 -62.71
CA CYS H 218 26.65 52.77 -62.00
C CYS H 218 26.38 51.55 -62.86
N GLU H 219 26.89 50.40 -62.43
CA GLU H 219 26.88 49.19 -63.24
C GLU H 219 25.86 48.22 -62.66
N ALA H 220 24.95 47.73 -63.50
CA ALA H 220 23.89 46.83 -63.08
C ALA H 220 23.72 45.71 -64.10
N THR H 221 23.25 44.57 -63.61
CA THR H 221 23.01 43.40 -64.45
C THR H 221 21.62 42.84 -64.15
N HIS H 222 21.02 42.22 -65.15
CA HIS H 222 19.67 41.68 -65.03
C HIS H 222 19.47 40.57 -66.05
N LYS H 223 18.47 39.73 -65.79
CA LYS H 223 18.21 38.61 -66.69
C LYS H 223 17.55 39.06 -67.99
N THR H 224 16.77 40.14 -67.95
CA THR H 224 16.11 40.62 -69.16
C THR H 224 17.12 41.01 -70.22
N SER H 225 18.20 41.70 -69.81
CA SER H 225 19.28 42.10 -70.71
C SER H 225 20.55 41.42 -70.22
N THR H 226 21.04 40.45 -71.00
CA THR H 226 22.27 39.75 -70.62
C THR H 226 23.45 40.72 -70.55
N SER H 227 23.55 41.62 -71.51
CA SER H 227 24.62 42.60 -71.50
C SER H 227 24.40 43.59 -70.35
N PRO H 228 25.33 43.71 -69.41
CA PRO H 228 25.12 44.63 -68.28
C PRO H 228 24.92 46.06 -68.74
N ILE H 229 24.04 46.78 -68.05
CA ILE H 229 23.76 48.17 -68.37
C ILE H 229 24.82 49.07 -67.73
N VAL H 230 24.97 50.26 -68.30
CA VAL H 230 25.99 51.21 -67.87
C VAL H 230 25.36 52.59 -67.71
N LYS H 231 25.78 53.31 -66.68
CA LYS H 231 25.34 54.67 -66.43
C LYS H 231 26.42 55.37 -65.63
N SER H 232 26.89 56.52 -66.13
CA SER H 232 28.03 57.19 -65.51
C SER H 232 27.95 58.69 -65.73
N PHE H 233 28.75 59.41 -64.96
CA PHE H 233 28.91 60.85 -65.12
C PHE H 233 30.31 61.24 -64.67
N ASN H 234 30.77 62.39 -65.14
CA ASN H 234 32.12 62.87 -64.86
C ASN H 234 32.07 64.11 -63.99
N ARG H 235 32.80 64.08 -62.87
CA ARG H 235 32.84 65.23 -61.97
C ARG H 235 33.49 66.43 -62.64
N ASN H 236 34.58 66.21 -63.38
CA ASN H 236 35.30 67.33 -63.97
C ASN H 236 34.44 68.14 -64.93
N GLU H 237 33.38 67.54 -65.47
CA GLU H 237 32.47 68.24 -66.36
C GLU H 237 33.19 68.72 -67.62
N VAL I 21 -12.04 39.62 -27.03
CA VAL I 21 -10.85 39.68 -26.20
C VAL I 21 -9.86 40.65 -26.83
N GLN I 22 -8.83 41.02 -26.08
CA GLN I 22 -7.85 41.97 -26.58
C GLN I 22 -6.58 41.85 -25.74
N LEU I 23 -5.44 41.77 -26.42
CA LEU I 23 -4.13 41.77 -25.78
C LEU I 23 -3.46 43.09 -26.11
N GLN I 24 -3.18 43.89 -25.09
CA GLN I 24 -2.56 45.20 -25.25
C GLN I 24 -1.12 45.14 -24.77
N GLN I 25 -0.20 45.61 -25.59
CA GLN I 25 1.22 45.60 -25.29
C GLN I 25 1.71 47.00 -24.98
N SER I 26 2.83 47.08 -24.29
CA SER I 26 3.43 48.36 -23.94
C SER I 26 3.92 49.07 -25.20
N GLY I 27 4.46 50.28 -25.02
CA GLY I 27 4.91 51.09 -26.12
C GLY I 27 6.32 50.75 -26.56
N ALA I 28 6.78 51.49 -27.58
CA ALA I 28 8.11 51.27 -28.12
C ALA I 28 9.18 51.64 -27.09
N GLU I 29 10.34 50.99 -27.21
CA GLU I 29 11.43 51.17 -26.27
C GLU I 29 12.75 51.34 -27.01
N VAL I 30 13.63 52.13 -26.42
CA VAL I 30 15.00 52.29 -26.90
C VAL I 30 15.93 52.16 -25.70
N MET I 31 16.93 51.28 -25.82
CA MET I 31 17.81 50.99 -24.70
C MET I 31 19.25 50.92 -25.19
N LYS I 32 20.17 51.34 -24.33
CA LYS I 32 21.58 51.24 -24.65
C LYS I 32 22.06 49.80 -24.48
N PRO I 33 23.12 49.40 -25.19
CA PRO I 33 23.63 48.04 -25.04
C PRO I 33 24.02 47.75 -23.59
N GLY I 34 23.77 46.51 -23.17
CA GLY I 34 24.07 46.08 -21.82
C GLY I 34 22.97 46.35 -20.81
N ALA I 35 21.90 47.04 -21.20
CA ALA I 35 20.81 47.33 -20.29
C ALA I 35 19.76 46.22 -20.36
N SER I 36 18.68 46.38 -19.60
CA SER I 36 17.58 45.43 -19.57
C SER I 36 16.27 46.17 -19.72
N VAL I 37 15.35 45.58 -20.48
CA VAL I 37 14.05 46.18 -20.75
C VAL I 37 12.98 45.19 -20.33
N LYS I 38 11.92 45.71 -19.70
CA LYS I 38 10.76 44.91 -19.30
C LYS I 38 9.54 45.42 -20.05
N ILE I 39 8.92 44.54 -20.83
CA ILE I 39 7.73 44.88 -21.60
C ILE I 39 6.58 44.03 -21.10
N SER I 40 5.36 44.52 -21.31
CA SER I 40 4.17 43.95 -20.72
C SER I 40 3.13 43.63 -21.79
N CYS I 41 2.32 42.61 -21.52
CA CYS I 41 1.19 42.22 -22.35
C CYS I 41 -0.02 42.09 -21.45
N LYS I 42 -1.02 42.94 -21.66
CA LYS I 42 -2.21 42.98 -20.81
C LYS I 42 -3.40 42.41 -21.59
N GLY I 43 -4.07 41.44 -20.99
CA GLY I 43 -5.19 40.76 -21.62
C GLY I 43 -6.49 41.09 -20.91
N THR I 44 -7.57 41.18 -21.69
CA THR I 44 -8.89 41.48 -21.13
C THR I 44 -9.94 40.76 -21.96
N GLY I 45 -11.11 40.57 -21.35
CA GLY I 45 -12.21 39.92 -22.01
C GLY I 45 -12.20 38.40 -21.94
N TYR I 46 -11.32 37.81 -21.15
CA TYR I 46 -11.26 36.37 -21.02
C TYR I 46 -10.60 36.03 -19.70
N THR I 47 -10.64 34.74 -19.34
CA THR I 47 -10.01 34.26 -18.12
C THR I 47 -8.50 34.33 -18.29
N PHE I 48 -7.89 35.39 -17.79
CA PHE I 48 -6.47 35.62 -18.03
C PHE I 48 -5.61 34.52 -17.43
N SER I 49 -5.97 34.05 -16.24
CA SER I 49 -5.10 33.12 -15.52
C SER I 49 -5.10 31.72 -16.14
N SER I 50 -6.05 31.41 -17.02
CA SER I 50 -6.20 30.07 -17.55
C SER I 50 -5.62 29.88 -18.94
N TYR I 51 -4.93 30.88 -19.49
CA TYR I 51 -4.38 30.82 -20.83
C TYR I 51 -2.88 31.07 -20.77
N TRP I 52 -2.12 30.29 -21.53
CA TRP I 52 -0.70 30.55 -21.67
C TRP I 52 -0.48 31.81 -22.50
N ILE I 53 0.57 32.56 -22.17
CA ILE I 53 0.96 33.74 -22.92
C ILE I 53 2.24 33.40 -23.66
N GLU I 54 2.20 33.47 -24.99
CA GLU I 54 3.34 33.12 -25.83
C GLU I 54 4.05 34.40 -26.27
N TRP I 55 5.37 34.42 -26.11
CA TRP I 55 6.20 35.55 -26.51
C TRP I 55 6.98 35.17 -27.76
N VAL I 56 6.87 36.00 -28.79
CA VAL I 56 7.46 35.71 -30.10
C VAL I 56 8.31 36.89 -30.52
N LYS I 57 9.47 36.59 -31.09
CA LYS I 57 10.41 37.59 -31.58
C LYS I 57 10.46 37.57 -33.09
N GLN I 58 10.51 38.75 -33.69
CA GLN I 58 10.61 38.88 -35.15
C GLN I 58 11.70 39.91 -35.46
N ARG I 59 12.90 39.44 -35.78
CA ARG I 59 13.95 40.35 -36.19
C ARG I 59 13.59 40.99 -37.53
N PRO I 60 14.12 42.18 -37.81
CA PRO I 60 13.79 42.83 -39.08
C PRO I 60 14.10 41.98 -40.29
N GLY I 61 15.13 41.15 -40.22
CA GLY I 61 15.51 40.31 -41.33
C GLY I 61 14.40 39.38 -41.77
N HIS I 62 14.04 38.42 -40.94
CA HIS I 62 13.07 37.40 -41.34
C HIS I 62 12.80 36.48 -40.16
N GLY I 63 11.68 35.78 -40.24
CA GLY I 63 11.41 34.66 -39.35
C GLY I 63 10.66 35.06 -38.10
N LEU I 64 9.92 34.11 -37.55
CA LEU I 64 9.27 34.24 -36.25
C LEU I 64 9.92 33.24 -35.31
N GLU I 65 10.41 33.72 -34.18
CA GLU I 65 11.08 32.89 -33.18
C GLU I 65 10.29 32.96 -31.87
N ARG I 66 9.95 31.79 -31.33
CA ARG I 66 9.23 31.73 -30.08
C ARG I 66 10.20 31.79 -28.91
N ILE I 67 10.02 32.78 -28.04
CA ILE I 67 10.90 32.91 -26.88
C ILE I 67 10.49 31.94 -25.79
N GLY I 68 9.19 31.83 -25.52
CA GLY I 68 8.71 30.95 -24.47
C GLY I 68 7.28 31.28 -24.13
N GLU I 69 6.80 30.65 -23.06
CA GLU I 69 5.43 30.81 -22.62
C GLU I 69 5.37 30.86 -21.11
N ILE I 70 4.31 31.45 -20.60
CA ILE I 70 4.04 31.49 -19.16
C ILE I 70 2.55 31.31 -18.94
N LEU I 71 2.20 30.54 -17.90
CA LEU I 71 0.80 30.37 -17.52
C LEU I 71 0.54 31.22 -16.30
N PRO I 72 -0.19 32.34 -16.41
CA PRO I 72 -0.32 33.23 -15.25
C PRO I 72 -0.94 32.57 -14.02
N GLY I 73 -1.87 31.63 -14.20
CA GLY I 73 -2.53 31.04 -13.05
C GLY I 73 -1.55 30.38 -12.10
N SER I 74 -0.68 29.54 -12.64
CA SER I 74 0.48 29.05 -11.92
C SER I 74 1.67 29.97 -12.25
N GLY I 75 2.88 29.54 -11.90
CA GLY I 75 4.06 30.27 -12.31
C GLY I 75 4.84 29.55 -13.38
N SER I 76 4.23 28.56 -14.01
CA SER I 76 4.95 27.71 -14.94
C SER I 76 5.42 28.50 -16.15
N THR I 77 6.67 28.29 -16.55
CA THR I 77 7.25 28.96 -17.69
C THR I 77 8.09 27.97 -18.48
N ASN I 78 8.18 28.21 -19.79
CA ASN I 78 9.03 27.44 -20.68
C ASN I 78 9.84 28.41 -21.54
N TYR I 79 11.05 28.01 -21.89
CA TYR I 79 11.91 28.82 -22.72
C TYR I 79 12.51 27.96 -23.84
N ASN I 80 12.72 28.57 -24.99
CA ASN I 80 13.45 27.92 -26.06
C ASN I 80 14.94 27.92 -25.75
N GLU I 81 15.63 26.89 -26.24
CA GLU I 81 17.04 26.72 -25.92
C GLU I 81 17.84 27.98 -26.22
N LYS I 82 17.49 28.67 -27.31
CA LYS I 82 18.24 29.85 -27.70
C LYS I 82 18.14 30.97 -26.67
N PHE I 83 16.97 31.10 -26.03
CA PHE I 83 16.70 32.26 -25.17
C PHE I 83 16.80 31.93 -23.68
N ARG I 84 17.19 30.72 -23.32
CA ARG I 84 17.33 30.40 -21.90
C ARG I 84 18.38 31.30 -21.27
N GLY I 85 18.03 31.90 -20.13
CA GLY I 85 18.88 32.85 -19.46
C GLY I 85 18.75 34.27 -19.99
N LYS I 86 18.40 34.42 -21.27
CA LYS I 86 18.24 35.75 -21.85
C LYS I 86 16.96 36.41 -21.37
N ALA I 87 15.86 35.65 -21.30
CA ALA I 87 14.55 36.19 -20.99
C ALA I 87 14.03 35.59 -19.69
N THR I 88 13.22 36.37 -18.99
CA THR I 88 12.57 35.93 -17.75
C THR I 88 11.12 36.39 -17.77
N PHE I 89 10.21 35.44 -17.57
CA PHE I 89 8.77 35.72 -17.62
C PHE I 89 8.22 35.86 -16.21
N THR I 90 7.42 36.90 -16.01
CA THR I 90 6.70 37.09 -14.75
C THR I 90 5.28 37.53 -15.08
N ALA I 91 4.36 37.22 -14.17
CA ALA I 91 2.95 37.52 -14.37
C ALA I 91 2.36 38.11 -13.10
N ASP I 92 1.47 39.07 -13.28
CA ASP I 92 0.68 39.64 -12.18
C ASP I 92 -0.76 39.22 -12.39
N LYS I 93 -1.36 38.60 -11.36
CA LYS I 93 -2.73 38.13 -11.49
C LYS I 93 -3.74 39.21 -11.14
N SER I 94 -3.41 40.07 -10.16
CA SER I 94 -4.33 41.13 -9.78
C SER I 94 -4.67 42.01 -10.98
N SER I 95 -3.64 42.47 -11.70
CA SER I 95 -3.81 43.16 -12.96
C SER I 95 -3.49 42.18 -14.08
N LYS I 96 -4.38 42.10 -15.07
CA LYS I 96 -4.24 41.06 -16.08
C LYS I 96 -3.05 41.37 -16.99
N THR I 97 -1.84 41.29 -16.45
CA THR I 97 -0.64 41.69 -17.15
C THR I 97 0.45 40.64 -16.96
N ALA I 98 1.21 40.39 -18.03
CA ALA I 98 2.37 39.53 -18.00
C ALA I 98 3.57 40.28 -18.57
N TYR I 99 4.75 39.99 -18.03
CA TYR I 99 5.95 40.72 -18.37
C TYR I 99 7.03 39.78 -18.88
N MET I 100 7.89 40.32 -19.74
CA MET I 100 9.11 39.63 -20.16
C MET I 100 10.30 40.53 -19.87
N GLN I 101 11.27 40.00 -19.12
CA GLN I 101 12.47 40.74 -18.77
C GLN I 101 13.61 40.26 -19.66
N LEU I 102 14.15 41.17 -20.47
CA LEU I 102 15.27 40.85 -21.34
C LEU I 102 16.57 41.24 -20.66
N SER I 103 17.51 40.29 -20.62
CA SER I 103 18.77 40.49 -19.91
C SER I 103 19.68 41.36 -20.76
N SER I 104 20.97 41.39 -20.41
CA SER I 104 21.96 42.23 -21.08
C SER I 104 21.73 42.24 -22.59
N LEU I 105 21.53 43.43 -23.15
CA LEU I 105 21.09 43.56 -24.52
C LEU I 105 22.27 43.75 -25.47
N THR I 106 22.00 43.54 -26.75
CA THR I 106 22.96 43.79 -27.82
C THR I 106 22.20 44.35 -29.02
N SER I 107 22.93 44.62 -30.10
CA SER I 107 22.27 45.07 -31.32
C SER I 107 21.39 43.97 -31.90
N GLU I 108 21.73 42.70 -31.66
CA GLU I 108 20.96 41.59 -32.21
C GLU I 108 19.54 41.57 -31.66
N ASP I 109 19.35 42.04 -30.42
CA ASP I 109 18.04 41.95 -29.80
C ASP I 109 17.04 42.94 -30.39
N SER I 110 17.50 43.91 -31.18
CA SER I 110 16.58 44.84 -31.82
C SER I 110 15.61 44.07 -32.70
N ALA I 111 14.31 44.17 -32.39
CA ALA I 111 13.29 43.44 -33.12
C ALA I 111 11.93 43.88 -32.59
N VAL I 112 10.88 43.31 -33.16
CA VAL I 112 9.50 43.53 -32.71
C VAL I 112 9.08 42.30 -31.93
N TYR I 113 8.58 42.51 -30.71
CA TYR I 113 8.21 41.43 -29.81
C TYR I 113 6.70 41.34 -29.72
N TYR I 114 6.17 40.12 -29.83
CA TYR I 114 4.75 39.87 -29.85
C TYR I 114 4.34 39.03 -28.65
N CYS I 115 3.13 39.25 -28.17
CA CYS I 115 2.50 38.41 -27.16
C CYS I 115 1.23 37.83 -27.74
N ALA I 116 0.94 36.57 -27.39
CA ALA I 116 -0.22 35.89 -27.94
C ALA I 116 -0.78 34.90 -26.94
N ARG I 117 -2.10 34.74 -26.98
CA ARG I 117 -2.80 33.77 -26.16
C ARG I 117 -2.63 32.37 -26.75
N TYR I 118 -2.78 31.36 -25.91
CA TYR I 118 -2.60 29.99 -26.38
C TYR I 118 -3.07 29.01 -25.31
N LEU I 119 -3.79 27.99 -25.74
CA LEU I 119 -4.17 26.86 -24.89
C LEU I 119 -3.71 25.58 -25.57
N PRO I 120 -2.66 24.92 -25.08
CA PRO I 120 -2.11 23.77 -25.82
C PRO I 120 -3.13 22.67 -26.02
N TYR I 121 -3.03 22.00 -27.17
CA TYR I 121 -3.84 20.85 -27.56
C TYR I 121 -5.29 21.20 -27.82
N TYR I 122 -5.68 22.46 -27.68
CA TYR I 122 -7.04 22.89 -27.99
C TYR I 122 -6.95 24.16 -28.81
N TYR I 123 -8.08 24.81 -29.06
CA TYR I 123 -8.10 26.06 -29.83
C TYR I 123 -6.89 26.92 -29.47
N ALA I 124 -6.18 27.36 -30.51
CA ALA I 124 -4.78 27.77 -30.38
C ALA I 124 -4.51 29.11 -31.04
N MET I 125 -4.20 30.11 -30.21
CA MET I 125 -3.49 31.32 -30.63
C MET I 125 -4.23 32.05 -31.76
N ASP I 126 -5.42 32.52 -31.41
CA ASP I 126 -6.27 33.27 -32.31
C ASP I 126 -6.24 34.77 -32.04
N TYR I 127 -5.49 35.21 -31.02
CA TYR I 127 -5.41 36.63 -30.70
C TYR I 127 -3.97 36.99 -30.39
N TRP I 128 -3.52 38.11 -30.94
CA TRP I 128 -2.15 38.57 -30.79
C TRP I 128 -2.14 40.02 -30.29
N GLY I 129 -1.02 40.40 -29.68
CA GLY I 129 -0.80 41.80 -29.37
C GLY I 129 -0.39 42.57 -30.60
N GLN I 130 -0.38 43.90 -30.47
CA GLN I 130 -0.01 44.74 -31.60
C GLN I 130 1.49 44.73 -31.88
N GLY I 131 2.29 44.24 -30.95
CA GLY I 131 3.73 44.23 -31.10
C GLY I 131 4.37 45.42 -30.43
N THR I 132 5.59 45.19 -29.91
CA THR I 132 6.35 46.23 -29.23
C THR I 132 7.77 46.20 -29.77
N SER I 133 8.17 47.28 -30.44
CA SER I 133 9.49 47.36 -31.06
C SER I 133 10.53 47.80 -30.05
N VAL I 134 11.64 47.08 -29.98
CA VAL I 134 12.75 47.40 -29.11
C VAL I 134 13.97 47.68 -29.97
N THR I 135 14.63 48.81 -29.73
CA THR I 135 15.79 49.24 -30.48
C THR I 135 16.97 49.35 -29.54
N VAL I 136 18.05 48.64 -29.85
CA VAL I 136 19.29 48.70 -29.08
C VAL I 136 20.31 49.46 -29.91
N SER I 137 20.76 50.60 -29.40
CA SER I 137 21.70 51.44 -30.13
C SER I 137 22.28 52.47 -29.18
N SER I 138 23.59 52.72 -29.31
CA SER I 138 24.26 53.72 -28.49
C SER I 138 23.92 55.15 -28.90
N ALA I 139 23.26 55.35 -30.03
CA ALA I 139 22.97 56.68 -30.51
C ALA I 139 21.93 57.37 -29.62
N LYS I 140 21.89 58.69 -29.72
CA LYS I 140 20.87 59.51 -29.09
C LYS I 140 19.98 60.11 -30.16
N THR I 141 18.84 60.65 -29.72
CA THR I 141 17.89 61.23 -30.67
C THR I 141 18.56 62.32 -31.48
N THR I 142 18.35 62.28 -32.79
CA THR I 142 18.94 63.24 -33.71
C THR I 142 17.88 63.78 -34.65
N PRO I 143 17.94 65.05 -35.05
CA PRO I 143 16.94 65.56 -35.98
C PRO I 143 17.30 65.20 -37.41
N PRO I 144 16.31 65.12 -38.31
CA PRO I 144 16.61 64.77 -39.70
C PRO I 144 17.45 65.84 -40.37
N SER I 145 18.30 65.40 -41.29
CA SER I 145 19.14 66.28 -42.11
C SER I 145 18.86 65.93 -43.56
N VAL I 146 17.83 66.57 -44.13
CA VAL I 146 17.38 66.27 -45.48
C VAL I 146 18.22 67.07 -46.47
N TYR I 147 18.76 66.38 -47.47
CA TYR I 147 19.58 66.99 -48.51
C TYR I 147 18.95 66.64 -49.86
N PRO I 148 18.01 67.43 -50.36
CA PRO I 148 17.40 67.11 -51.65
C PRO I 148 18.45 67.09 -52.76
N LEU I 149 18.30 66.13 -53.67
CA LEU I 149 19.24 65.93 -54.76
C LEU I 149 18.55 66.11 -56.10
N ALA I 150 19.32 66.54 -57.09
CA ALA I 150 18.85 66.84 -58.43
C ALA I 150 19.69 66.08 -59.44
N PRO I 151 19.19 65.88 -60.66
CA PRO I 151 19.96 65.13 -61.66
C PRO I 151 21.30 65.79 -61.94
N GLY I 152 22.31 64.96 -62.18
CA GLY I 152 23.63 65.48 -62.46
C GLY I 152 23.66 66.27 -63.76
N SER I 153 24.54 67.27 -63.80
CA SER I 153 24.67 68.08 -64.99
C SER I 153 25.13 67.25 -66.19
N ALA I 154 26.10 66.36 -65.98
CA ALA I 154 26.62 65.50 -67.04
C ALA I 154 25.66 64.32 -67.28
N ALA I 155 24.43 64.66 -67.66
CA ALA I 155 23.41 63.66 -67.94
C ALA I 155 22.44 64.23 -68.97
N GLN I 156 21.95 63.34 -69.83
CA GLN I 156 21.00 63.72 -70.86
C GLN I 156 19.62 63.97 -70.25
N THR I 157 18.89 64.94 -70.81
CA THR I 157 17.56 65.28 -70.34
C THR I 157 16.54 64.75 -71.34
N ASN I 158 15.59 63.97 -70.84
CA ASN I 158 14.53 63.40 -71.68
C ASN I 158 13.17 63.62 -71.03
N SER I 159 12.11 63.07 -71.64
CA SER I 159 10.76 63.28 -71.12
C SER I 159 10.61 62.69 -69.73
N MET I 160 11.14 61.49 -69.52
CA MET I 160 11.01 60.80 -68.24
C MET I 160 12.29 61.02 -67.43
N VAL I 161 12.13 61.57 -66.23
CA VAL I 161 13.26 61.85 -65.35
C VAL I 161 12.82 61.60 -63.92
N THR I 162 13.73 61.03 -63.13
CA THR I 162 13.47 60.75 -61.73
C THR I 162 13.78 61.98 -60.87
N LEU I 163 13.25 61.97 -59.65
CA LEU I 163 13.56 62.97 -58.64
C LEU I 163 14.19 62.30 -57.43
N GLY I 164 14.71 63.11 -56.53
CA GLY I 164 15.41 62.58 -55.37
C GLY I 164 15.29 63.43 -54.12
N CYS I 165 15.07 62.76 -52.99
CA CYS I 165 15.04 63.42 -51.69
C CYS I 165 15.70 62.48 -50.68
N LEU I 166 16.75 62.95 -50.02
CA LEU I 166 17.54 62.12 -49.12
C LEU I 166 17.43 62.65 -47.69
N VAL I 167 17.10 61.76 -46.76
CA VAL I 167 17.09 62.08 -45.33
C VAL I 167 18.10 61.14 -44.66
N LYS I 168 19.01 61.72 -43.88
CA LYS I 168 20.05 60.94 -43.24
C LYS I 168 20.45 61.62 -41.94
N GLY I 169 21.20 60.89 -41.11
CA GLY I 169 21.64 61.40 -39.84
C GLY I 169 20.49 61.68 -38.90
N TYR I 170 19.55 60.75 -38.79
CA TYR I 170 18.39 60.88 -37.93
C TYR I 170 18.24 59.65 -37.06
N PHE I 171 17.61 59.82 -35.91
CA PHE I 171 17.39 58.73 -34.98
C PHE I 171 16.40 59.17 -33.91
N PRO I 172 15.47 58.30 -33.47
CA PRO I 172 15.18 56.95 -33.96
C PRO I 172 14.07 56.94 -34.99
N GLU I 173 13.61 55.75 -35.38
CA GLU I 173 12.47 55.65 -36.27
C GLU I 173 11.19 56.03 -35.55
N PRO I 174 10.12 56.35 -36.29
CA PRO I 174 10.05 56.45 -37.75
C PRO I 174 10.15 57.88 -38.26
N VAL I 175 10.46 58.03 -39.55
CA VAL I 175 10.41 59.32 -40.23
C VAL I 175 9.59 59.14 -41.48
N THR I 176 8.59 60.01 -41.67
CA THR I 176 7.69 59.92 -42.80
C THR I 176 8.07 60.98 -43.84
N VAL I 177 8.23 60.54 -45.09
CA VAL I 177 8.59 61.42 -46.19
C VAL I 177 7.42 61.44 -47.18
N THR I 178 6.96 62.64 -47.50
CA THR I 178 5.84 62.81 -48.42
C THR I 178 5.99 64.13 -49.15
N TRP I 179 5.43 64.20 -50.34
CA TRP I 179 5.50 65.42 -51.14
C TRP I 179 4.47 66.42 -50.62
N ASN I 180 4.39 67.57 -51.29
CA ASN I 180 3.56 68.68 -50.81
C ASN I 180 2.10 68.26 -50.84
N SER I 181 1.55 67.94 -49.67
CA SER I 181 0.16 67.51 -49.54
C SER I 181 -0.17 66.44 -50.58
N GLY I 182 0.76 65.51 -50.79
CA GLY I 182 0.57 64.51 -51.82
C GLY I 182 0.45 65.10 -53.20
N SER I 183 1.29 66.08 -53.53
CA SER I 183 1.22 66.70 -54.85
C SER I 183 1.37 65.67 -55.95
N LEU I 184 2.25 64.68 -55.75
CA LEU I 184 2.41 63.59 -56.70
C LEU I 184 2.88 62.38 -55.90
N SER I 185 1.94 61.49 -55.56
CA SER I 185 2.24 60.34 -54.71
C SER I 185 2.58 59.11 -55.54
N SER I 186 1.72 58.71 -56.46
CA SER I 186 1.95 57.52 -57.25
C SER I 186 3.23 57.66 -58.07
N GLY I 187 3.99 56.58 -58.16
CA GLY I 187 5.26 56.58 -58.85
C GLY I 187 6.46 56.82 -57.97
N VAL I 188 6.32 56.76 -56.65
CA VAL I 188 7.41 56.99 -55.73
C VAL I 188 7.88 55.65 -55.19
N HIS I 189 9.10 55.64 -54.66
CA HIS I 189 9.70 54.43 -54.09
C HIS I 189 10.52 54.83 -52.87
N THR I 190 9.91 54.73 -51.70
CA THR I 190 10.60 55.02 -50.44
C THR I 190 11.29 53.75 -49.96
N PHE I 191 12.59 53.78 -49.93
CA PHE I 191 13.36 52.60 -49.57
C PHE I 191 13.54 52.53 -48.05
N PRO I 192 13.69 51.32 -47.51
CA PRO I 192 13.78 51.19 -46.06
C PRO I 192 15.04 51.84 -45.51
N ALA I 193 14.93 52.34 -44.28
CA ALA I 193 16.06 53.01 -43.64
C ALA I 193 17.16 52.02 -43.32
N VAL I 194 18.41 52.47 -43.45
CA VAL I 194 19.57 51.65 -43.13
C VAL I 194 20.56 52.50 -42.36
N LEU I 195 21.41 51.83 -41.59
CA LEU I 195 22.44 52.48 -40.81
C LEU I 195 23.73 52.55 -41.62
N GLN I 196 24.29 53.75 -41.78
CA GLN I 196 25.60 53.88 -42.39
C GLN I 196 26.63 53.30 -41.44
N SER I 197 26.73 53.91 -40.26
CA SER I 197 27.48 53.33 -39.15
C SER I 197 26.71 53.37 -37.85
N ASP I 198 26.04 54.49 -37.55
CA ASP I 198 25.28 54.61 -36.29
C ASP I 198 23.91 55.26 -36.47
N LEU I 199 23.62 55.91 -37.59
CA LEU I 199 22.38 56.65 -37.78
C LEU I 199 21.65 56.15 -39.02
N TYR I 200 20.32 56.27 -38.97
CA TYR I 200 19.47 55.81 -40.05
C TYR I 200 19.38 56.86 -41.17
N THR I 201 19.00 56.40 -42.35
CA THR I 201 18.82 57.27 -43.51
C THR I 201 17.56 56.81 -44.25
N LEU I 202 17.35 57.38 -45.43
CA LEU I 202 16.20 57.02 -46.24
C LEU I 202 16.34 57.66 -47.62
N SER I 203 15.91 56.93 -48.64
CA SER I 203 15.92 57.41 -50.02
C SER I 203 14.52 57.30 -50.60
N SER I 204 14.09 58.36 -51.29
CA SER I 204 12.77 58.40 -51.89
C SER I 204 12.89 59.09 -53.25
N SER I 205 12.69 58.32 -54.32
CA SER I 205 12.77 58.84 -55.69
C SER I 205 11.41 58.74 -56.35
N VAL I 206 11.00 59.80 -57.04
CA VAL I 206 9.74 59.86 -57.75
C VAL I 206 10.00 60.39 -59.16
N THR I 207 9.06 60.11 -60.05
CA THR I 207 9.16 60.49 -61.46
C THR I 207 8.07 61.50 -61.79
N VAL I 208 8.43 62.54 -62.54
CA VAL I 208 7.47 63.54 -63.00
C VAL I 208 7.77 63.88 -64.45
N PRO I 209 6.77 64.39 -65.17
CA PRO I 209 7.01 64.79 -66.56
C PRO I 209 8.10 65.84 -66.66
N SER I 210 8.93 65.73 -67.69
CA SER I 210 10.01 66.69 -67.88
C SER I 210 9.46 68.08 -68.16
N SER I 211 8.36 68.18 -68.91
CA SER I 211 7.75 69.47 -69.21
C SER I 211 7.09 70.11 -68.00
N THR I 212 6.84 69.34 -66.93
CA THR I 212 6.15 69.84 -65.76
C THR I 212 7.07 70.15 -64.58
N TRP I 213 8.21 69.46 -64.49
CA TRP I 213 9.12 69.70 -63.37
C TRP I 213 9.61 71.13 -63.30
N PRO I 214 10.14 71.74 -64.37
CA PRO I 214 10.54 73.16 -64.29
C PRO I 214 9.36 74.11 -64.16
N SER I 215 8.15 73.67 -64.49
CA SER I 215 6.96 74.49 -64.39
C SER I 215 6.24 74.33 -63.06
N GLU I 216 5.92 73.10 -62.68
CA GLU I 216 5.25 72.83 -61.42
C GLU I 216 6.28 72.65 -60.31
N THR I 217 5.90 73.09 -59.11
CA THR I 217 6.77 73.00 -57.94
C THR I 217 6.54 71.65 -57.26
N VAL I 218 7.63 70.90 -57.07
CA VAL I 218 7.60 69.62 -56.39
C VAL I 218 8.63 69.65 -55.27
N THR I 219 8.21 69.24 -54.08
CA THR I 219 9.11 69.24 -52.92
C THR I 219 8.73 68.08 -52.02
N CYS I 220 9.72 67.61 -51.25
CA CYS I 220 9.56 66.49 -50.34
C CYS I 220 9.47 67.01 -48.91
N ASN I 221 8.48 66.53 -48.16
CA ASN I 221 8.30 66.90 -46.77
C ASN I 221 8.86 65.80 -45.87
N VAL I 222 9.44 66.21 -44.74
CA VAL I 222 10.03 65.29 -43.77
C VAL I 222 9.43 65.58 -42.41
N ALA I 223 9.00 64.52 -41.71
CA ALA I 223 8.43 64.64 -40.38
C ALA I 223 9.13 63.65 -39.45
N HIS I 224 9.46 64.12 -38.25
CA HIS I 224 10.14 63.32 -37.24
C HIS I 224 9.35 63.44 -35.93
N PRO I 225 8.32 62.61 -35.76
CA PRO I 225 7.50 62.73 -34.54
C PRO I 225 8.30 62.64 -33.25
N ALA I 226 9.32 61.78 -33.22
CA ALA I 226 10.12 61.65 -32.00
C ALA I 226 10.85 62.96 -31.70
N SER I 227 11.42 63.59 -32.72
CA SER I 227 12.15 64.84 -32.55
C SER I 227 11.29 66.07 -32.80
N SER I 228 10.01 65.89 -33.16
CA SER I 228 9.11 67.01 -33.43
C SER I 228 9.73 67.96 -34.44
N THR I 229 10.34 67.41 -35.48
CA THR I 229 11.03 68.18 -36.50
C THR I 229 10.30 68.03 -37.83
N LYS I 230 9.97 69.16 -38.45
CA LYS I 230 9.35 69.17 -39.77
C LYS I 230 10.21 70.04 -40.69
N VAL I 231 10.54 69.49 -41.86
CA VAL I 231 11.43 70.16 -42.81
C VAL I 231 10.77 70.17 -44.17
N ASP I 232 11.12 71.18 -44.97
CA ASP I 232 10.56 71.32 -46.32
C ASP I 232 11.62 72.00 -47.18
N LYS I 233 12.38 71.19 -47.93
CA LYS I 233 13.45 71.68 -48.78
C LYS I 233 13.08 71.38 -50.23
N LYS I 234 12.79 72.43 -51.00
CA LYS I 234 12.46 72.26 -52.41
C LYS I 234 13.70 71.91 -53.21
N ILE I 235 13.48 71.18 -54.30
CA ILE I 235 14.56 70.76 -55.21
C ILE I 235 14.46 71.60 -56.48
N VAL I 236 15.59 72.15 -56.90
CA VAL I 236 15.65 73.01 -58.07
C VAL I 236 16.64 72.38 -59.05
N PRO I 237 16.53 72.69 -60.34
CA PRO I 237 17.47 72.13 -61.31
C PRO I 237 18.91 72.52 -60.99
N ARG I 238 19.82 71.61 -61.25
CA ARG I 238 21.23 71.84 -60.97
C ARG I 238 21.74 73.01 -61.80
N ASP J 20 15.11 -9.03 45.52
CA ASP J 20 14.16 -8.07 46.12
C ASP J 20 14.91 -6.98 46.88
N VAL J 21 14.37 -5.77 46.87
CA VAL J 21 15.02 -4.67 47.55
C VAL J 21 15.13 -4.98 49.04
N LEU J 22 16.29 -4.67 49.61
CA LEU J 22 16.56 -4.93 51.02
C LEU J 22 16.58 -3.63 51.79
N MET J 23 15.82 -3.57 52.87
CA MET J 23 15.77 -2.41 53.76
C MET J 23 16.34 -2.81 55.11
N THR J 24 17.35 -2.07 55.57
CA THR J 24 17.98 -2.29 56.87
C THR J 24 17.78 -1.06 57.73
N GLN J 25 17.26 -1.27 58.93
CA GLN J 25 16.91 -0.20 59.86
C GLN J 25 17.91 -0.17 61.00
N THR J 26 18.38 1.02 61.35
CA THR J 26 19.29 1.21 62.46
C THR J 26 18.82 2.39 63.31
N PRO J 27 19.00 2.31 64.63
CA PRO J 27 19.53 1.16 65.39
C PRO J 27 18.48 0.08 65.59
N LEU J 28 18.91 -1.14 65.93
CA LEU J 28 17.95 -2.19 66.23
C LEU J 28 17.08 -1.82 67.42
N SER J 29 17.64 -1.11 68.40
CA SER J 29 16.89 -0.59 69.52
C SER J 29 17.36 0.85 69.78
N LEU J 30 16.44 1.67 70.29
CA LEU J 30 16.70 3.09 70.51
C LEU J 30 16.18 3.49 71.88
N PRO J 31 17.03 3.56 72.90
CA PRO J 31 16.57 4.04 74.21
C PRO J 31 16.70 5.54 74.35
N VAL J 32 15.60 6.21 74.70
CA VAL J 32 15.58 7.65 74.88
C VAL J 32 14.49 8.01 75.88
N SER J 33 14.84 8.81 76.88
CA SER J 33 13.86 9.20 77.87
C SER J 33 12.84 10.16 77.29
N LEU J 34 11.74 10.33 78.00
CA LEU J 34 10.65 11.18 77.53
C LEU J 34 11.16 12.59 77.23
N GLY J 35 10.74 13.14 76.10
CA GLY J 35 11.13 14.47 75.69
C GLY J 35 12.41 14.54 74.89
N ASP J 36 13.09 13.43 74.66
CA ASP J 36 14.35 13.40 73.92
C ASP J 36 14.08 13.06 72.47
N GLN J 37 14.64 13.86 71.57
CA GLN J 37 14.45 13.62 70.15
C GLN J 37 15.05 12.28 69.75
N ALA J 38 14.36 11.57 68.85
CA ALA J 38 14.79 10.26 68.37
C ALA J 38 15.01 10.31 66.87
N SER J 39 16.02 9.58 66.39
CA SER J 39 16.36 9.53 64.98
C SER J 39 16.58 8.09 64.58
N ILE J 40 15.88 7.63 63.55
CA ILE J 40 15.99 6.27 63.03
C ILE J 40 16.43 6.36 61.57
N SER J 41 17.48 5.63 61.23
CA SER J 41 18.06 5.65 59.90
C SER J 41 17.61 4.43 59.11
N CYS J 42 17.25 4.64 57.86
CA CYS J 42 16.71 3.59 57.01
C CYS J 42 17.39 3.66 55.65
N ARG J 43 18.05 2.58 55.25
CA ARG J 43 18.88 2.55 54.05
C ARG J 43 18.45 1.38 53.17
N SER J 44 18.52 1.57 51.86
CA SER J 44 18.02 0.59 50.91
C SER J 44 19.17 -0.06 50.13
N SER J 45 18.88 -1.24 49.58
CA SER J 45 19.87 -1.95 48.78
C SER J 45 20.27 -1.13 47.56
N GLN J 46 19.29 -0.52 46.88
CA GLN J 46 19.56 0.39 45.78
C GLN J 46 18.53 1.51 45.83
N SER J 47 18.67 2.46 44.91
CA SER J 47 17.76 3.61 44.89
C SER J 47 16.33 3.14 44.68
N ILE J 48 15.40 3.85 45.33
CA ILE J 48 13.98 3.52 45.25
C ILE J 48 13.22 4.71 44.69
N VAL J 49 13.87 5.49 43.84
CA VAL J 49 13.23 6.65 43.21
C VAL J 49 12.32 6.17 42.09
N HIS J 50 11.33 6.99 41.75
CA HIS J 50 10.39 6.67 40.69
C HIS J 50 10.32 7.82 39.69
N SER J 51 9.85 7.49 38.49
CA SER J 51 9.90 8.44 37.38
C SER J 51 9.04 9.67 37.65
N ASN J 52 7.88 9.47 38.27
CA ASN J 52 6.90 10.56 38.41
C ASN J 52 7.40 11.69 39.31
N GLY J 53 8.60 11.55 39.86
CA GLY J 53 9.16 12.56 40.72
C GLY J 53 8.93 12.35 42.21
N ASN J 54 8.48 11.17 42.61
CA ASN J 54 8.25 10.84 44.00
C ASN J 54 9.01 9.58 44.38
N THR J 55 9.35 9.49 45.66
CA THR J 55 9.94 8.29 46.25
C THR J 55 8.93 7.72 47.23
N TYR J 56 8.64 6.43 47.08
CA TYR J 56 7.55 5.79 47.82
C TYR J 56 8.14 5.02 49.00
N LEU J 57 8.36 5.74 50.09
CA LEU J 57 8.82 5.16 51.34
C LEU J 57 7.84 5.53 52.45
N GLU J 58 7.64 4.61 53.39
CA GLU J 58 6.55 4.72 54.35
C GLU J 58 7.02 4.25 55.71
N TRP J 59 6.43 4.81 56.76
CA TRP J 59 6.78 4.48 58.13
C TRP J 59 5.54 4.00 58.87
N TYR J 60 5.66 2.88 59.57
CA TYR J 60 4.56 2.27 60.30
C TYR J 60 4.99 1.97 61.73
N LEU J 61 4.03 2.07 62.65
CA LEU J 61 4.25 1.81 64.06
C LEU J 61 3.31 0.71 64.51
N GLN J 62 3.82 -0.17 65.38
CA GLN J 62 3.04 -1.31 65.89
C GLN J 62 3.18 -1.35 67.40
N LYS J 63 2.16 -0.87 68.11
CA LYS J 63 2.11 -1.07 69.54
C LYS J 63 1.77 -2.53 69.83
N PRO J 64 2.16 -3.04 71.00
CA PRO J 64 1.94 -4.46 71.27
C PRO J 64 0.46 -4.84 71.20
N GLY J 65 0.20 -6.00 70.62
CA GLY J 65 -1.15 -6.51 70.55
C GLY J 65 -2.07 -5.81 69.57
N GLN J 66 -1.53 -4.95 68.70
CA GLN J 66 -2.34 -4.18 67.77
C GLN J 66 -1.69 -4.20 66.39
N SER J 67 -2.53 -4.09 65.37
CA SER J 67 -2.04 -4.13 64.01
C SER J 67 -1.24 -2.86 63.69
N PRO J 68 -0.32 -2.93 62.74
CA PRO J 68 0.50 -1.74 62.42
C PRO J 68 -0.37 -0.57 61.98
N LYS J 69 0.13 0.64 62.26
CA LYS J 69 -0.56 1.87 61.91
C LYS J 69 0.33 2.72 61.01
N LEU J 70 -0.31 3.43 60.08
CA LEU J 70 0.43 4.27 59.13
C LEU J 70 0.73 5.61 59.77
N LEU J 71 1.99 6.05 59.63
CA LEU J 71 2.42 7.35 60.12
C LEU J 71 2.84 8.28 58.99
N ILE J 72 3.76 7.85 58.14
CA ILE J 72 4.36 8.71 57.11
C ILE J 72 4.35 7.97 55.79
N TYR J 73 3.96 8.66 54.73
CA TYR J 73 4.08 8.18 53.36
C TYR J 73 4.59 9.32 52.50
N LYS J 74 5.46 9.03 51.54
CA LYS J 74 6.06 10.08 50.73
C LYS J 74 6.70 11.12 51.66
N VAL J 75 7.79 10.69 52.28
CA VAL J 75 8.25 11.17 53.59
C VAL J 75 7.97 12.66 53.78
N SER J 76 8.21 13.46 52.75
CA SER J 76 7.88 14.88 52.84
C SER J 76 6.44 15.11 53.30
N ASN J 77 5.56 14.13 53.14
CA ASN J 77 4.17 14.23 53.54
C ASN J 77 3.96 13.53 54.88
N ARG J 78 2.71 13.61 55.37
CA ARG J 78 2.36 13.02 56.65
C ARG J 78 0.90 12.61 56.61
N PHE J 79 0.61 11.39 57.04
CA PHE J 79 -0.76 10.89 57.02
C PHE J 79 -1.63 11.69 57.99
N SER J 80 -2.86 11.96 57.58
CA SER J 80 -3.77 12.73 58.40
C SER J 80 -4.08 12.00 59.70
N GLY J 81 -4.26 12.78 60.77
CA GLY J 81 -4.60 12.23 62.07
C GLY J 81 -3.42 11.88 62.95
N VAL J 82 -2.19 12.05 62.47
CA VAL J 82 -1.01 11.73 63.26
C VAL J 82 -0.41 13.03 63.79
N PRO J 83 0.16 13.03 65.00
CA PRO J 83 0.69 14.29 65.55
C PRO J 83 1.81 14.86 64.68
N ASP J 84 1.92 16.19 64.70
CA ASP J 84 2.94 16.88 63.92
C ASP J 84 4.35 16.58 64.41
N ARG J 85 4.50 15.99 65.61
CA ARG J 85 5.83 15.71 66.14
C ARG J 85 6.64 14.82 65.18
N PHE J 86 5.97 13.94 64.45
CA PHE J 86 6.65 13.05 63.53
C PHE J 86 7.03 13.80 62.25
N SER J 87 8.21 13.50 61.73
CA SER J 87 8.68 14.12 60.50
C SER J 87 9.64 13.16 59.82
N GLY J 88 9.64 13.19 58.49
CA GLY J 88 10.50 12.32 57.71
C GLY J 88 11.25 13.09 56.64
N SER J 89 12.38 12.54 56.23
CA SER J 89 13.19 13.13 55.19
C SER J 89 14.16 12.08 54.68
N GLY J 90 14.81 12.37 53.57
CA GLY J 90 15.77 11.45 52.99
C GLY J 90 16.03 11.75 51.54
N SER J 91 16.96 10.99 50.98
CA SER J 91 17.35 11.13 49.59
C SER J 91 17.25 9.79 48.88
N GLY J 92 17.80 9.67 47.68
CA GLY J 92 17.64 8.50 46.84
C GLY J 92 17.77 7.17 47.55
N THR J 93 18.64 7.08 48.55
CA THR J 93 18.84 5.85 49.30
C THR J 93 18.86 6.02 50.81
N ASP J 94 19.06 7.24 51.32
CA ASP J 94 19.10 7.50 52.75
C ASP J 94 17.78 8.12 53.18
N PHE J 95 17.20 7.60 54.25
CA PHE J 95 15.96 8.12 54.80
C PHE J 95 16.00 8.04 56.32
N THR J 96 15.34 8.99 56.97
CA THR J 96 15.32 9.06 58.41
C THR J 96 13.95 9.53 58.90
N LEU J 97 13.62 9.13 60.12
CA LEU J 97 12.40 9.55 60.80
C LEU J 97 12.79 10.23 62.11
N LYS J 98 12.11 11.34 62.42
CA LYS J 98 12.44 12.13 63.59
C LYS J 98 11.17 12.35 64.43
N ILE J 99 11.29 12.15 65.73
CA ILE J 99 10.24 12.44 66.70
C ILE J 99 10.78 13.49 67.65
N SER J 100 10.21 14.70 67.60
CA SER J 100 10.74 15.80 68.38
C SER J 100 10.57 15.56 69.88
N ARG J 101 9.35 15.20 70.30
CA ARG J 101 9.02 15.04 71.72
C ARG J 101 8.29 13.71 71.88
N VAL J 102 8.99 12.71 72.43
CA VAL J 102 8.41 11.38 72.57
C VAL J 102 7.57 11.32 73.83
N GLU J 103 6.50 10.54 73.78
CA GLU J 103 5.61 10.31 74.91
C GLU J 103 5.52 8.82 75.21
N ALA J 104 4.81 8.49 76.29
CA ALA J 104 4.56 7.10 76.61
C ALA J 104 3.68 6.41 75.59
N GLU J 105 2.94 7.18 74.78
CA GLU J 105 2.06 6.64 73.75
C GLU J 105 2.77 6.47 72.41
N ASP J 106 4.09 6.43 72.41
CA ASP J 106 4.86 6.28 71.18
C ASP J 106 5.81 5.09 71.24
N LEU J 107 5.64 4.19 72.21
CA LEU J 107 6.54 3.05 72.37
C LEU J 107 6.10 1.93 71.44
N GLY J 108 7.00 1.48 70.59
CA GLY J 108 6.68 0.40 69.67
C GLY J 108 7.81 0.19 68.68
N VAL J 109 7.56 -0.68 67.72
CA VAL J 109 8.53 -1.01 66.68
C VAL J 109 8.18 -0.19 65.45
N TYR J 110 9.15 0.56 64.94
CA TYR J 110 8.96 1.37 63.75
C TYR J 110 9.53 0.65 62.54
N TYR J 111 8.76 0.63 61.45
CA TYR J 111 9.08 -0.18 60.29
C TYR J 111 9.20 0.70 59.05
N CYS J 112 10.18 0.39 58.20
CA CYS J 112 10.24 0.98 56.88
C CYS J 112 9.34 0.22 55.91
N PHE J 113 9.05 0.85 54.78
CA PHE J 113 8.29 0.20 53.73
C PHE J 113 8.50 0.97 52.44
N GLN J 114 8.97 0.28 51.41
CA GLN J 114 9.21 0.88 50.10
C GLN J 114 8.15 0.38 49.14
N GLY J 115 7.49 1.33 48.46
CA GLY J 115 6.48 0.99 47.49
C GLY J 115 6.87 1.36 46.08
N SER J 116 8.17 1.26 45.79
CA SER J 116 8.71 1.70 44.50
C SER J 116 8.95 0.55 43.54
N HIS J 117 9.64 -0.50 43.97
CA HIS J 117 10.02 -1.61 43.11
C HIS J 117 9.33 -2.88 43.57
N VAL J 118 8.64 -3.54 42.65
CA VAL J 118 7.95 -4.80 42.94
C VAL J 118 9.00 -5.91 43.03
N PRO J 119 8.91 -6.81 44.02
CA PRO J 119 7.95 -6.84 45.12
C PRO J 119 8.30 -5.84 46.22
N TRP J 120 7.29 -5.37 46.93
CA TRP J 120 7.50 -4.38 47.97
C TRP J 120 7.82 -5.05 49.30
N THR J 121 8.80 -4.48 50.01
CA THR J 121 9.41 -5.12 51.17
C THR J 121 9.28 -4.22 52.38
N PHE J 122 9.42 -4.85 53.56
CA PHE J 122 9.35 -4.17 54.84
C PHE J 122 10.75 -3.99 55.42
N GLY J 123 10.84 -3.04 56.36
CA GLY J 123 12.07 -2.84 57.08
C GLY J 123 12.27 -3.87 58.18
N GLY J 124 13.52 -3.97 58.65
CA GLY J 124 13.82 -4.93 59.70
C GLY J 124 13.06 -4.64 60.99
N GLY J 125 12.93 -3.36 61.34
CA GLY J 125 12.24 -2.97 62.56
C GLY J 125 13.16 -2.28 63.53
N THR J 126 12.64 -1.31 64.26
CA THR J 126 13.42 -0.53 65.23
C THR J 126 12.58 -0.36 66.49
N LYS J 127 12.90 -1.14 67.52
CA LYS J 127 12.18 -1.02 68.78
C LYS J 127 12.54 0.27 69.48
N LEU J 128 11.55 0.85 70.16
CA LEU J 128 11.72 2.10 70.88
C LEU J 128 11.42 1.88 72.35
N GLU J 129 12.31 2.37 73.22
CA GLU J 129 12.14 2.24 74.65
C GLU J 129 12.59 3.52 75.33
N ILE J 130 12.12 3.73 76.56
CA ILE J 130 12.44 4.91 77.36
C ILE J 130 13.42 4.49 78.45
N LYS J 131 14.53 5.21 78.55
CA LYS J 131 15.57 4.92 79.53
C LYS J 131 15.41 5.81 80.76
N ARG J 132 15.98 5.36 81.86
CA ARG J 132 15.94 6.09 83.12
C ARG J 132 17.05 5.56 84.02
N ALA J 133 17.04 5.96 85.28
CA ALA J 133 18.05 5.49 86.23
C ALA J 133 18.00 3.97 86.34
N ASP J 134 19.18 3.35 86.27
CA ASP J 134 19.26 1.90 86.36
C ASP J 134 18.71 1.40 87.70
N ALA J 135 17.99 0.29 87.65
CA ALA J 135 17.42 -0.32 88.84
C ALA J 135 18.05 -1.69 89.07
N ALA J 136 18.49 -1.94 90.29
CA ALA J 136 19.13 -3.20 90.61
C ALA J 136 18.09 -4.33 90.56
N PRO J 137 18.48 -5.50 90.05
CA PRO J 137 17.51 -6.61 89.99
C PRO J 137 17.08 -7.07 91.37
N THR J 138 15.83 -7.52 91.46
CA THR J 138 15.27 -8.09 92.69
C THR J 138 15.23 -9.60 92.50
N VAL J 139 16.33 -10.26 92.79
CA VAL J 139 16.46 -11.70 92.56
C VAL J 139 15.64 -12.47 93.59
N SER J 140 15.15 -13.62 93.17
CA SER J 140 14.39 -14.50 94.05
C SER J 140 14.49 -15.92 93.51
N ILE J 141 14.14 -16.89 94.36
CA ILE J 141 14.19 -18.30 94.01
C ILE J 141 13.09 -19.02 94.75
N PHE J 142 12.46 -19.98 94.08
CA PHE J 142 11.33 -20.73 94.64
C PHE J 142 11.59 -22.21 94.42
N PRO J 143 11.69 -23.02 95.47
CA PRO J 143 11.86 -24.47 95.29
C PRO J 143 10.55 -25.11 94.86
N PRO J 144 10.56 -26.41 94.54
CA PRO J 144 9.35 -27.07 94.06
C PRO J 144 8.30 -27.22 95.15
N SER J 145 7.19 -27.90 94.82
CA SER J 145 6.08 -28.05 95.75
C SER J 145 5.71 -29.52 95.94
N SER J 146 4.59 -29.78 96.62
CA SER J 146 4.21 -31.14 96.95
C SER J 146 3.49 -31.82 95.78
N GLU J 147 2.49 -31.15 95.21
CA GLU J 147 1.78 -31.74 94.08
C GLU J 147 2.71 -31.96 92.90
N GLN J 148 3.67 -31.05 92.70
CA GLN J 148 4.68 -31.26 91.67
C GLN J 148 5.51 -32.49 91.97
N LEU J 149 5.84 -32.71 93.25
CA LEU J 149 6.54 -33.93 93.63
C LEU J 149 5.70 -35.15 93.27
N THR J 150 4.39 -35.09 93.52
CA THR J 150 3.50 -36.17 93.12
C THR J 150 3.56 -36.39 91.61
N SER J 151 3.70 -35.30 90.83
CA SER J 151 3.79 -35.44 89.39
C SER J 151 4.99 -36.28 88.99
N GLY J 152 6.14 -36.06 89.64
CA GLY J 152 7.31 -36.89 89.41
C GLY J 152 8.39 -36.21 88.60
N GLY J 153 8.61 -34.92 88.83
CA GLY J 153 9.66 -34.19 88.13
C GLY J 153 10.44 -33.27 89.05
N ALA J 154 10.65 -32.03 88.62
CA ALA J 154 11.30 -31.02 89.45
C ALA J 154 11.02 -29.65 88.86
N SER J 155 10.41 -28.78 89.66
CA SER J 155 10.06 -27.43 89.22
C SER J 155 10.87 -26.43 90.05
N VAL J 156 11.76 -25.71 89.38
CA VAL J 156 12.57 -24.67 90.01
C VAL J 156 12.36 -23.37 89.25
N VAL J 157 11.99 -22.32 89.98
CA VAL J 157 11.72 -21.00 89.41
C VAL J 157 12.62 -19.99 90.09
N CYS J 158 13.30 -19.17 89.30
CA CYS J 158 14.22 -18.15 89.81
C CYS J 158 13.72 -16.80 89.29
N PHE J 159 12.94 -16.10 90.10
CA PHE J 159 12.28 -14.86 89.70
C PHE J 159 13.23 -13.68 89.79
N LEU J 160 13.14 -12.80 88.78
CA LEU J 160 13.88 -11.54 88.77
C LEU J 160 12.91 -10.46 88.32
N ASN J 161 12.76 -9.41 89.12
CA ASN J 161 11.82 -8.33 88.83
C ASN J 161 12.50 -6.98 88.96
N ASN J 162 12.02 -6.03 88.17
CA ASN J 162 12.43 -4.63 88.26
C ASN J 162 13.93 -4.48 88.10
N PHE J 163 14.42 -4.84 86.91
CA PHE J 163 15.82 -4.65 86.55
C PHE J 163 15.89 -3.91 85.22
N TYR J 164 16.98 -3.15 85.04
CA TYR J 164 17.16 -2.35 83.84
C TYR J 164 18.62 -1.96 83.75
N PRO J 165 19.26 -2.04 82.57
CA PRO J 165 18.77 -2.44 81.25
C PRO J 165 18.91 -3.93 80.97
N LYS J 166 18.83 -4.31 79.69
CA LYS J 166 18.92 -5.71 79.27
C LYS J 166 20.29 -6.33 79.55
N ASP J 167 21.22 -5.59 80.14
CA ASP J 167 22.53 -6.17 80.45
C ASP J 167 22.39 -7.14 81.62
N ILE J 168 21.71 -8.26 81.38
CA ILE J 168 21.42 -9.25 82.40
C ILE J 168 21.83 -10.62 81.87
N ASN J 169 22.56 -11.37 82.71
CA ASN J 169 23.01 -12.71 82.36
C ASN J 169 22.64 -13.68 83.49
N VAL J 170 22.19 -14.87 83.11
CA VAL J 170 21.77 -15.89 84.06
C VAL J 170 22.59 -17.15 83.80
N LYS J 171 23.21 -17.67 84.85
CA LYS J 171 24.00 -18.90 84.78
C LYS J 171 23.60 -19.82 85.93
N TRP J 172 23.45 -21.09 85.62
CA TRP J 172 23.03 -22.11 86.59
C TRP J 172 24.22 -23.02 86.87
N LYS J 173 24.75 -22.95 88.08
CA LYS J 173 25.85 -23.79 88.53
C LYS J 173 25.33 -24.77 89.56
N ILE J 174 25.51 -26.05 89.31
CA ILE J 174 24.97 -27.13 90.14
C ILE J 174 26.13 -27.78 90.87
N ASP J 175 26.07 -27.76 92.20
CA ASP J 175 27.08 -28.37 93.07
C ASP J 175 28.48 -28.22 92.51
N GLY J 176 28.81 -26.99 92.11
CA GLY J 176 30.11 -26.68 91.56
C GLY J 176 30.29 -27.05 90.10
N SER J 177 29.24 -27.52 89.44
CA SER J 177 29.28 -27.91 88.03
C SER J 177 28.36 -27.00 87.23
N GLU J 178 28.87 -26.47 86.13
CA GLU J 178 28.10 -25.56 85.27
C GLU J 178 27.16 -26.39 84.41
N ARG J 179 25.89 -26.42 84.78
CA ARG J 179 24.87 -27.15 84.05
C ARG J 179 24.10 -26.19 83.14
N GLN J 180 23.94 -26.57 81.88
CA GLN J 180 23.26 -25.73 80.90
C GLN J 180 22.19 -26.44 80.09
N ASN J 181 22.21 -27.76 79.99
CA ASN J 181 21.21 -28.47 79.21
C ASN J 181 19.85 -28.40 79.89
N GLY J 182 18.81 -28.22 79.07
CA GLY J 182 17.46 -28.16 79.60
C GLY J 182 17.14 -26.90 80.37
N VAL J 183 17.91 -25.83 80.15
CA VAL J 183 17.72 -24.57 80.88
C VAL J 183 16.68 -23.75 80.14
N LEU J 184 15.65 -23.30 80.86
CA LEU J 184 14.58 -22.50 80.29
C LEU J 184 14.86 -21.02 80.52
N ASN J 185 14.65 -20.23 79.47
CA ASN J 185 14.91 -18.80 79.52
C ASN J 185 13.74 -18.05 78.90
N SER J 186 13.37 -16.94 79.52
CA SER J 186 12.26 -16.12 79.04
C SER J 186 12.42 -14.71 79.56
N TRP J 187 11.95 -13.74 78.77
CA TRP J 187 11.97 -12.33 79.12
C TRP J 187 10.57 -11.77 78.99
N THR J 188 10.27 -10.75 79.80
CA THR J 188 8.98 -10.08 79.76
C THR J 188 9.15 -8.69 79.16
N ASP J 189 8.17 -8.26 78.37
CA ASP J 189 8.23 -6.96 77.73
C ASP J 189 8.23 -5.84 78.77
N GLN J 190 8.56 -4.64 78.32
CA GLN J 190 8.61 -3.50 79.22
C GLN J 190 7.25 -3.23 79.82
N ASP J 191 7.24 -2.80 81.09
CA ASP J 191 6.01 -2.47 81.77
C ASP J 191 5.65 -1.00 81.51
N SER J 192 4.53 -0.57 82.08
CA SER J 192 4.05 0.79 81.92
C SER J 192 4.10 1.60 83.19
N LYS J 193 3.70 1.03 84.32
CA LYS J 193 3.70 1.77 85.58
C LYS J 193 5.12 2.19 85.97
N ASP J 194 6.09 1.29 85.82
CA ASP J 194 7.47 1.55 86.22
C ASP J 194 8.44 1.67 85.06
N SER J 195 8.11 1.08 83.90
CA SER J 195 9.02 1.07 82.75
C SER J 195 10.32 0.36 83.09
N THR J 196 10.19 -0.83 83.69
CA THR J 196 11.34 -1.63 84.07
C THR J 196 11.07 -3.08 83.66
N TYR J 197 12.15 -3.81 83.42
CA TYR J 197 12.08 -5.16 82.86
C TYR J 197 11.95 -6.21 83.96
N SER J 198 11.44 -7.37 83.57
CA SER J 198 11.31 -8.51 84.46
C SER J 198 11.52 -9.78 83.65
N MET J 199 11.95 -10.85 84.31
CA MET J 199 12.14 -12.13 83.64
C MET J 199 12.06 -13.24 84.68
N SER J 200 12.25 -14.47 84.20
CA SER J 200 12.25 -15.66 85.05
C SER J 200 12.79 -16.83 84.25
N SER J 201 13.61 -17.65 84.90
CA SER J 201 14.21 -18.81 84.27
C SER J 201 13.95 -20.05 85.13
N THR J 202 13.76 -21.18 84.46
CA THR J 202 13.44 -22.44 85.12
C THR J 202 14.33 -23.53 84.55
N LEU J 203 14.42 -24.64 85.30
CA LEU J 203 15.20 -25.80 84.89
C LEU J 203 14.52 -27.05 85.41
N THR J 204 14.03 -27.89 84.49
CA THR J 204 13.24 -29.05 84.85
C THR J 204 14.13 -30.29 84.99
N LEU J 205 13.92 -31.04 86.07
CA LEU J 205 14.64 -32.28 86.31
C LEU J 205 13.64 -33.37 86.68
N THR J 206 14.06 -34.62 86.52
CA THR J 206 13.27 -35.77 86.88
C THR J 206 13.67 -36.26 88.28
N LYS J 207 12.83 -37.11 88.86
CA LYS J 207 13.05 -37.58 90.23
C LYS J 207 14.42 -38.23 90.36
N ASP J 208 14.76 -39.14 89.46
CA ASP J 208 16.05 -39.83 89.55
C ASP J 208 17.20 -38.84 89.49
N GLU J 209 17.12 -37.87 88.57
CA GLU J 209 18.13 -36.81 88.51
C GLU J 209 17.96 -35.78 89.63
N TYR J 210 16.72 -35.53 90.05
CA TYR J 210 16.47 -34.59 91.15
C TYR J 210 16.94 -35.18 92.47
N GLU J 211 16.70 -36.48 92.67
CA GLU J 211 17.15 -37.17 93.87
C GLU J 211 18.65 -37.43 93.88
N ARG J 212 19.36 -37.08 92.81
CA ARG J 212 20.80 -37.32 92.74
C ARG J 212 21.62 -36.07 93.03
N HIS J 213 21.36 -34.96 92.34
CA HIS J 213 22.18 -33.78 92.47
C HIS J 213 21.96 -33.12 93.84
N ASN J 214 22.96 -32.34 94.27
CA ASN J 214 23.01 -31.86 95.65
C ASN J 214 22.62 -30.39 95.78
N SER J 215 23.30 -29.49 95.08
CA SER J 215 23.09 -28.06 95.24
C SER J 215 22.76 -27.42 93.90
N TYR J 216 21.79 -26.50 93.91
CA TYR J 216 21.34 -25.80 92.73
C TYR J 216 21.48 -24.30 92.93
N THR J 217 21.74 -23.58 91.85
CA THR J 217 21.99 -22.15 91.91
C THR J 217 21.46 -21.48 90.66
N CYS J 218 21.06 -20.21 90.79
CA CYS J 218 20.69 -19.36 89.66
C CYS J 218 21.32 -17.98 89.88
N GLU J 219 22.53 -17.79 89.36
CA GLU J 219 23.24 -16.54 89.53
C GLU J 219 22.63 -15.45 88.65
N ALA J 220 22.84 -14.21 89.07
CA ALA J 220 22.35 -13.04 88.34
C ALA J 220 23.47 -12.02 88.20
N THR J 221 23.69 -11.57 86.97
CA THR J 221 24.66 -10.53 86.68
C THR J 221 23.95 -9.33 86.07
N HIS J 222 24.41 -8.14 86.40
CA HIS J 222 23.73 -6.93 85.97
C HIS J 222 24.76 -5.80 85.84
N LYS J 223 24.40 -4.81 85.03
CA LYS J 223 25.31 -3.68 84.79
C LYS J 223 25.60 -2.93 86.08
N THR J 224 24.59 -2.71 86.91
CA THR J 224 24.77 -1.94 88.13
C THR J 224 25.80 -2.60 89.05
N SER J 225 25.72 -3.92 89.20
CA SER J 225 26.62 -4.67 90.07
C SER J 225 27.50 -5.57 89.21
N THR J 226 28.77 -5.19 89.04
CA THR J 226 29.70 -6.03 88.30
C THR J 226 29.94 -7.35 89.01
N SER J 227 29.85 -7.37 90.34
CA SER J 227 29.99 -8.61 91.09
C SER J 227 28.74 -9.45 90.95
N PRO J 228 28.84 -10.72 90.54
CA PRO J 228 27.64 -11.54 90.37
C PRO J 228 26.87 -11.68 91.67
N ILE J 229 25.54 -11.79 91.54
CA ILE J 229 24.66 -12.03 92.68
C ILE J 229 24.49 -13.53 92.83
N VAL J 230 24.68 -14.02 94.06
CA VAL J 230 24.63 -15.45 94.35
C VAL J 230 23.31 -15.78 95.02
N LYS J 231 22.65 -16.83 94.52
CA LYS J 231 21.42 -17.32 95.12
C LYS J 231 21.37 -18.83 94.90
N SER J 232 21.82 -19.58 95.90
CA SER J 232 21.91 -21.03 95.82
C SER J 232 21.23 -21.65 97.03
N PHE J 233 20.77 -22.89 96.86
CA PHE J 233 20.15 -23.65 97.94
C PHE J 233 20.57 -25.11 97.83
N ASN J 234 20.54 -25.81 98.95
CA ASN J 234 20.96 -27.20 99.04
C ASN J 234 19.74 -28.12 99.01
N ARG J 235 19.82 -29.16 98.19
CA ARG J 235 18.73 -30.13 98.09
C ARG J 235 18.66 -31.00 99.33
N ASN J 236 19.81 -31.47 99.82
CA ASN J 236 19.81 -32.45 100.91
C ASN J 236 19.06 -31.92 102.12
N GLU J 237 19.04 -30.61 102.32
CA GLU J 237 18.24 -30.00 103.37
C GLU J 237 18.70 -30.48 104.74
N VAL K 21 -14.63 2.57 56.41
CA VAL K 21 -14.12 1.32 55.84
C VAL K 21 -13.68 0.41 56.96
N GLN K 22 -13.66 -0.90 56.69
CA GLN K 22 -13.28 -1.87 57.70
C GLN K 22 -12.90 -3.18 57.03
N LEU K 23 -11.80 -3.77 57.46
CA LEU K 23 -11.36 -5.09 56.99
C LEU K 23 -11.53 -6.07 58.13
N GLN K 24 -12.29 -7.14 57.88
CA GLN K 24 -12.62 -8.13 58.89
C GLN K 24 -11.96 -9.46 58.52
N GLN K 25 -11.20 -10.01 59.45
CA GLN K 25 -10.45 -11.24 59.23
C GLN K 25 -11.09 -12.39 59.99
N SER K 26 -10.89 -13.60 59.48
CA SER K 26 -11.46 -14.79 60.11
C SER K 26 -10.82 -15.03 61.47
N GLY K 27 -11.31 -16.05 62.16
CA GLY K 27 -10.86 -16.37 63.49
C GLY K 27 -9.58 -17.19 63.51
N ALA K 28 -9.12 -17.47 64.72
CA ALA K 28 -7.89 -18.23 64.91
C ALA K 28 -8.06 -19.66 64.43
N GLU K 29 -6.97 -20.25 63.96
CA GLU K 29 -6.96 -21.61 63.44
C GLU K 29 -5.79 -22.37 64.02
N VAL K 30 -6.02 -23.61 64.43
CA VAL K 30 -4.98 -24.51 64.92
C VAL K 30 -4.98 -25.74 64.02
N MET K 31 -3.83 -26.03 63.42
CA MET K 31 -3.72 -27.10 62.43
C MET K 31 -2.55 -28.01 62.76
N LYS K 32 -2.57 -29.20 62.17
CA LYS K 32 -1.50 -30.16 62.33
C LYS K 32 -0.42 -29.94 61.26
N PRO K 33 0.82 -30.36 61.52
CA PRO K 33 1.86 -30.21 60.51
C PRO K 33 1.49 -30.92 59.22
N GLY K 34 1.82 -30.30 58.09
CA GLY K 34 1.50 -30.84 56.79
C GLY K 34 0.08 -30.62 56.35
N ALA K 35 -0.74 -29.93 57.15
CA ALA K 35 -2.13 -29.67 56.79
C ALA K 35 -2.23 -28.42 55.93
N SER K 36 -3.46 -27.95 55.71
CA SER K 36 -3.71 -26.75 54.92
C SER K 36 -4.73 -25.89 55.63
N VAL K 37 -4.51 -24.58 55.64
CA VAL K 37 -5.40 -23.63 56.28
C VAL K 37 -5.74 -22.54 55.26
N LYS K 38 -6.86 -21.86 55.51
CA LYS K 38 -7.36 -20.84 54.60
C LYS K 38 -7.90 -19.68 55.41
N ILE K 39 -7.26 -18.52 55.28
CA ILE K 39 -7.65 -17.30 55.99
C ILE K 39 -8.43 -16.43 55.03
N SER K 40 -9.32 -15.61 55.59
CA SER K 40 -10.17 -14.74 54.79
C SER K 40 -10.07 -13.31 55.31
N CYS K 41 -10.25 -12.36 54.38
CA CYS K 41 -10.28 -10.95 54.71
C CYS K 41 -11.44 -10.31 53.97
N LYS K 42 -12.38 -9.73 54.71
CA LYS K 42 -13.58 -9.15 54.15
C LYS K 42 -13.53 -7.63 54.29
N GLY K 43 -13.67 -6.93 53.18
CA GLY K 43 -13.60 -5.48 53.15
C GLY K 43 -14.98 -4.89 52.87
N THR K 44 -15.30 -3.81 53.57
CA THR K 44 -16.59 -3.14 53.41
C THR K 44 -16.40 -1.64 53.54
N GLY K 45 -17.35 -0.89 53.01
CA GLY K 45 -17.31 0.55 53.07
C GLY K 45 -16.50 1.22 51.98
N TYR K 46 -16.08 0.48 50.96
CA TYR K 46 -15.29 1.05 49.88
C TYR K 46 -15.36 0.08 48.69
N THR K 47 -14.84 0.55 47.56
CA THR K 47 -14.79 -0.27 46.35
C THR K 47 -13.79 -1.38 46.57
N PHE K 48 -14.29 -2.58 46.85
CA PHE K 48 -13.41 -3.70 47.19
C PHE K 48 -12.58 -4.15 46.00
N SER K 49 -13.14 -4.10 44.79
CA SER K 49 -12.45 -4.65 43.63
C SER K 49 -11.28 -3.79 43.16
N SER K 50 -11.24 -2.52 43.54
CA SER K 50 -10.28 -1.58 43.00
C SER K 50 -9.08 -1.36 43.91
N TYR K 51 -8.94 -2.13 44.97
CA TYR K 51 -7.84 -1.98 45.92
C TYR K 51 -7.10 -3.30 46.06
N TRP K 52 -5.77 -3.23 46.03
CA TRP K 52 -4.96 -4.41 46.32
C TRP K 52 -5.09 -4.79 47.79
N ILE K 53 -5.04 -6.09 48.05
CA ILE K 53 -5.07 -6.62 49.41
C ILE K 53 -3.70 -7.20 49.71
N GLU K 54 -3.05 -6.68 50.76
CA GLU K 54 -1.72 -7.10 51.14
C GLU K 54 -1.80 -8.08 52.30
N TRP K 55 -1.04 -9.16 52.21
CA TRP K 55 -0.98 -10.19 53.25
C TRP K 55 0.39 -10.13 53.91
N VAL K 56 0.39 -10.00 55.24
CA VAL K 56 1.61 -9.80 56.01
C VAL K 56 1.70 -10.88 57.08
N LYS K 57 2.91 -11.39 57.30
CA LYS K 57 3.19 -12.40 58.30
C LYS K 57 4.03 -11.81 59.41
N GLN K 58 3.71 -12.15 60.66
CA GLN K 58 4.45 -11.65 61.82
C GLN K 58 4.63 -12.80 62.81
N ARG K 59 5.80 -13.43 62.78
CA ARG K 59 6.09 -14.47 63.75
C ARG K 59 6.19 -13.86 65.15
N PRO K 60 5.90 -14.64 66.19
CA PRO K 60 5.81 -14.04 67.53
C PRO K 60 7.07 -13.33 67.98
N GLY K 61 8.24 -13.80 67.54
CA GLY K 61 9.48 -13.13 67.91
C GLY K 61 9.50 -11.68 67.47
N HIS K 62 9.60 -11.46 66.16
CA HIS K 62 9.58 -10.11 65.62
C HIS K 62 9.69 -10.18 64.09
N GLY K 63 9.35 -9.08 63.44
CA GLY K 63 9.50 -8.97 62.00
C GLY K 63 8.19 -9.02 61.24
N LEU K 64 7.97 -8.01 60.39
CA LEU K 64 6.83 -7.99 59.48
C LEU K 64 7.31 -8.41 58.11
N GLU K 65 6.84 -9.56 57.63
CA GLU K 65 7.21 -10.08 56.32
C GLU K 65 5.97 -10.07 55.43
N ARG K 66 6.09 -9.45 54.26
CA ARG K 66 4.98 -9.39 53.33
C ARG K 66 4.93 -10.67 52.50
N ILE K 67 3.76 -11.32 52.50
CA ILE K 67 3.61 -12.55 51.74
C ILE K 67 3.36 -12.24 50.27
N GLY K 68 2.48 -11.30 49.98
CA GLY K 68 2.12 -10.98 48.62
C GLY K 68 0.89 -10.10 48.60
N GLU K 69 0.28 -10.00 47.42
CA GLU K 69 -0.89 -9.16 47.25
C GLU K 69 -1.76 -9.73 46.15
N ILE K 70 -3.03 -9.34 46.17
CA ILE K 70 -4.00 -9.72 45.15
C ILE K 70 -4.90 -8.52 44.88
N LEU K 71 -5.25 -8.33 43.62
CA LEU K 71 -6.21 -7.31 43.22
C LEU K 71 -7.54 -7.98 42.93
N PRO K 72 -8.56 -7.83 43.78
CA PRO K 72 -9.80 -8.60 43.56
C PRO K 72 -10.46 -8.31 42.22
N GLY K 73 -10.37 -7.10 41.70
CA GLY K 73 -11.07 -6.78 40.46
C GLY K 73 -10.65 -7.68 39.31
N SER K 74 -9.34 -7.82 39.11
CA SER K 74 -8.79 -8.84 38.23
C SER K 74 -8.34 -10.02 39.07
N GLY K 75 -7.61 -10.95 38.46
CA GLY K 75 -7.00 -12.04 39.18
C GLY K 75 -5.52 -11.86 39.47
N SER K 76 -4.98 -10.68 39.23
CA SER K 76 -3.54 -10.48 39.34
C SER K 76 -3.06 -10.68 40.76
N THR K 77 -1.94 -11.38 40.91
CA THR K 77 -1.35 -11.65 42.21
C THR K 77 0.17 -11.56 42.11
N ASN K 78 0.80 -11.22 43.23
CA ASN K 78 2.25 -11.20 43.34
C ASN K 78 2.64 -11.86 44.66
N TYR K 79 3.77 -12.56 44.65
CA TYR K 79 4.28 -13.24 45.82
C TYR K 79 5.74 -12.88 46.02
N ASN K 80 6.16 -12.78 47.29
CA ASN K 80 7.56 -12.58 47.58
C ASN K 80 8.35 -13.87 47.32
N GLU K 81 9.67 -13.72 47.26
CA GLU K 81 10.52 -14.86 46.94
C GLU K 81 10.35 -15.98 47.93
N LYS K 82 10.27 -15.65 49.23
CA LYS K 82 10.24 -16.67 50.25
C LYS K 82 8.96 -17.48 50.25
N PHE K 83 7.84 -16.90 49.79
CA PHE K 83 6.53 -17.52 49.91
C PHE K 83 6.00 -18.06 48.59
N ARG K 84 6.78 -18.06 47.52
CA ARG K 84 6.32 -18.65 46.28
C ARG K 84 6.03 -20.14 46.49
N GLY K 85 4.86 -20.56 46.03
CA GLY K 85 4.43 -21.94 46.20
C GLY K 85 3.80 -22.19 47.56
N LYS K 86 4.29 -21.48 48.58
CA LYS K 86 3.78 -21.69 49.93
C LYS K 86 2.35 -21.16 50.09
N ALA K 87 2.08 -19.98 49.52
CA ALA K 87 0.80 -19.30 49.69
C ALA K 87 0.13 -19.08 48.35
N THR K 88 -1.19 -19.19 48.33
CA THR K 88 -2.00 -18.96 47.14
C THR K 88 -3.13 -18.01 47.50
N PHE K 89 -3.32 -16.99 46.67
CA PHE K 89 -4.34 -15.98 46.90
C PHE K 89 -5.53 -16.21 45.97
N THR K 90 -6.73 -15.96 46.49
CA THR K 90 -7.94 -15.97 45.69
C THR K 90 -8.90 -14.94 46.28
N ALA K 91 -9.84 -14.48 45.44
CA ALA K 91 -10.78 -13.45 45.84
C ALA K 91 -12.16 -13.79 45.33
N ASP K 92 -13.18 -13.46 46.13
CA ASP K 92 -14.58 -13.63 45.76
C ASP K 92 -15.18 -12.24 45.59
N LYS K 93 -15.60 -11.91 44.36
CA LYS K 93 -16.14 -10.59 44.10
C LYS K 93 -17.56 -10.45 44.62
N SER K 94 -18.38 -11.50 44.49
CA SER K 94 -19.75 -11.44 44.98
C SER K 94 -19.79 -11.09 46.46
N SER K 95 -19.24 -11.97 47.29
CA SER K 95 -19.02 -11.67 48.70
C SER K 95 -17.64 -11.05 48.84
N LYS K 96 -17.58 -9.81 49.30
CA LYS K 96 -16.36 -9.03 49.19
C LYS K 96 -15.30 -9.57 50.13
N THR K 97 -14.73 -10.72 49.78
CA THR K 97 -13.75 -11.40 50.60
C THR K 97 -12.56 -11.84 49.77
N ALA K 98 -11.38 -11.85 50.40
CA ALA K 98 -10.16 -12.34 49.81
C ALA K 98 -9.59 -13.45 50.68
N TYR K 99 -9.08 -14.49 50.04
CA TYR K 99 -8.63 -15.70 50.72
C TYR K 99 -7.16 -15.95 50.47
N MET K 100 -6.44 -16.33 51.53
CA MET K 100 -5.07 -16.81 51.41
C MET K 100 -5.02 -18.25 51.89
N GLN K 101 -4.53 -19.13 51.02
CA GLN K 101 -4.39 -20.55 51.35
C GLN K 101 -2.92 -20.87 51.54
N LEU K 102 -2.59 -21.48 52.68
CA LEU K 102 -1.23 -21.84 53.01
C LEU K 102 -1.01 -23.32 52.76
N SER K 103 0.14 -23.64 52.16
CA SER K 103 0.45 -25.02 51.80
C SER K 103 0.88 -25.80 53.02
N SER K 104 1.49 -26.97 52.82
CA SER K 104 1.89 -27.84 53.92
C SER K 104 2.49 -27.04 55.06
N LEU K 105 1.88 -27.14 56.23
CA LEU K 105 2.21 -26.28 57.35
C LEU K 105 3.37 -26.85 58.16
N THR K 106 4.15 -25.95 58.76
CA THR K 106 5.25 -26.30 59.63
C THR K 106 5.21 -25.41 60.86
N SER K 107 5.90 -25.84 61.91
CA SER K 107 5.97 -25.02 63.12
C SER K 107 6.53 -23.64 62.81
N GLU K 108 7.36 -23.53 61.76
CA GLU K 108 7.84 -22.22 61.35
C GLU K 108 6.73 -21.32 60.84
N ASP K 109 5.60 -21.89 60.42
CA ASP K 109 4.49 -21.12 59.88
C ASP K 109 3.59 -20.53 60.96
N SER K 110 3.79 -20.88 62.23
CA SER K 110 2.99 -20.33 63.31
C SER K 110 3.31 -18.85 63.47
N ALA K 111 2.31 -18.00 63.30
CA ALA K 111 2.49 -16.56 63.35
C ALA K 111 1.11 -15.90 63.34
N VAL K 112 1.10 -14.57 63.28
CA VAL K 112 -0.13 -13.79 63.13
C VAL K 112 -0.12 -13.17 61.74
N TYR K 113 -1.19 -13.38 61.00
CA TYR K 113 -1.29 -12.94 59.61
C TYR K 113 -2.27 -11.78 59.53
N TYR K 114 -1.88 -10.74 58.78
CA TYR K 114 -2.67 -9.53 58.62
C TYR K 114 -3.08 -9.36 57.17
N CYS K 115 -4.21 -8.69 56.97
CA CYS K 115 -4.67 -8.27 55.65
C CYS K 115 -4.84 -6.75 55.68
N ALA K 116 -4.39 -6.09 54.62
CA ALA K 116 -4.44 -4.64 54.56
C ALA K 116 -4.77 -4.17 53.16
N ARG K 117 -5.41 -3.00 53.09
CA ARG K 117 -5.70 -2.34 51.83
C ARG K 117 -4.45 -1.67 51.30
N TYR K 118 -4.44 -1.38 50.00
CA TYR K 118 -3.28 -0.74 49.40
C TYR K 118 -3.60 -0.33 47.97
N LEU K 119 -3.18 0.88 47.60
CA LEU K 119 -3.21 1.32 46.20
C LEU K 119 -1.82 1.81 45.82
N PRO K 120 -1.08 1.08 44.98
CA PRO K 120 0.31 1.46 44.73
C PRO K 120 0.44 2.86 44.13
N TYR K 121 1.52 3.54 44.51
CA TYR K 121 1.90 4.86 44.01
C TYR K 121 0.94 5.96 44.45
N TYR K 122 -0.06 5.65 45.26
CA TYR K 122 -0.99 6.63 45.77
C TYR K 122 -1.22 6.32 47.24
N TYR K 123 -2.20 6.98 47.85
CA TYR K 123 -2.54 6.72 49.25
C TYR K 123 -2.46 5.22 49.55
N ALA K 124 -1.75 4.89 50.63
CA ALA K 124 -1.17 3.56 50.79
C ALA K 124 -1.49 2.98 52.16
N MET K 125 -2.25 1.89 52.16
CA MET K 125 -2.36 0.95 53.28
C MET K 125 -2.52 1.68 54.60
N ASP K 126 -3.66 2.36 54.72
CA ASP K 126 -4.06 3.07 55.92
C ASP K 126 -5.09 2.30 56.73
N TYR K 127 -5.40 1.06 56.36
CA TYR K 127 -6.39 0.27 57.06
C TYR K 127 -5.93 -1.18 57.09
N TRP K 128 -6.08 -1.81 58.25
CA TRP K 128 -5.60 -3.17 58.48
C TRP K 128 -6.72 -4.01 59.06
N GLY K 129 -6.58 -5.33 58.92
CA GLY K 129 -7.43 -6.25 59.63
C GLY K 129 -6.97 -6.46 61.05
N GLN K 130 -7.84 -7.08 61.85
CA GLN K 130 -7.50 -7.31 63.26
C GLN K 130 -6.40 -8.34 63.43
N GLY K 131 -6.10 -9.12 62.41
CA GLY K 131 -5.08 -10.14 62.49
C GLY K 131 -5.67 -11.50 62.81
N THR K 132 -5.05 -12.54 62.26
CA THR K 132 -5.49 -13.92 62.45
C THR K 132 -4.32 -14.73 62.96
N SER K 133 -4.50 -15.39 64.10
CA SER K 133 -3.44 -16.19 64.70
C SER K 133 -3.55 -17.63 64.20
N VAL K 134 -2.44 -18.15 63.67
CA VAL K 134 -2.35 -19.52 63.18
C VAL K 134 -1.27 -20.24 63.96
N THR K 135 -1.60 -21.40 64.51
CA THR K 135 -0.66 -22.20 65.27
C THR K 135 -0.60 -23.59 64.66
N VAL K 136 0.62 -24.08 64.42
CA VAL K 136 0.84 -25.39 63.82
C VAL K 136 1.54 -26.26 64.87
N SER K 137 0.91 -27.37 65.23
CA SER K 137 1.46 -28.28 66.21
C SER K 137 0.67 -29.58 66.16
N SER K 138 1.24 -30.62 66.76
CA SER K 138 0.59 -31.91 66.89
C SER K 138 -0.13 -32.09 68.21
N ALA K 139 -0.11 -31.08 69.08
CA ALA K 139 -0.72 -31.18 70.39
C ALA K 139 -2.24 -31.19 70.29
N LYS K 140 -2.87 -31.69 71.35
CA LYS K 140 -4.31 -31.64 71.53
C LYS K 140 -4.64 -30.66 72.65
N THR K 141 -5.94 -30.49 72.92
CA THR K 141 -6.41 -29.52 73.90
C THR K 141 -6.22 -30.09 75.29
N THR K 142 -5.00 -29.95 75.81
CA THR K 142 -4.71 -30.40 77.17
C THR K 142 -5.19 -29.36 78.18
N PRO K 143 -5.99 -29.75 79.18
CA PRO K 143 -6.45 -28.78 80.17
C PRO K 143 -5.29 -28.25 81.00
N PRO K 144 -5.48 -27.14 81.71
CA PRO K 144 -4.40 -26.58 82.51
C PRO K 144 -4.02 -27.48 83.68
N SER K 145 -2.78 -27.30 84.16
CA SER K 145 -2.29 -27.93 85.38
C SER K 145 -1.71 -26.81 86.24
N VAL K 146 -2.56 -26.17 87.03
CA VAL K 146 -2.13 -25.05 87.87
C VAL K 146 -1.41 -25.62 89.09
N TYR K 147 -0.19 -25.14 89.32
CA TYR K 147 0.67 -25.60 90.42
C TYR K 147 1.01 -24.41 91.29
N PRO K 148 0.17 -24.07 92.26
CA PRO K 148 0.52 -22.97 93.17
C PRO K 148 1.82 -23.26 93.90
N LEU K 149 2.64 -22.22 94.06
CA LEU K 149 3.94 -22.34 94.68
C LEU K 149 3.91 -21.82 96.12
N ALA K 150 4.88 -22.29 96.91
CA ALA K 150 5.01 -21.87 98.30
C ALA K 150 6.45 -21.44 98.55
N PRO K 151 6.66 -20.49 99.47
CA PRO K 151 8.05 -20.09 99.77
C PRO K 151 8.83 -21.25 100.37
N GLY K 152 10.12 -21.28 100.06
CA GLY K 152 10.97 -22.31 100.62
C GLY K 152 11.09 -22.18 102.13
N SER K 153 11.25 -23.34 102.78
CA SER K 153 11.39 -23.33 104.24
C SER K 153 12.63 -22.57 104.66
N ALA K 154 13.75 -22.75 103.94
CA ALA K 154 14.99 -22.03 104.23
C ALA K 154 14.95 -20.70 103.47
N ALA K 155 14.21 -19.75 104.04
CA ALA K 155 14.06 -18.44 103.42
C ALA K 155 13.79 -17.41 104.51
N GLN K 156 14.57 -16.33 104.51
CA GLN K 156 14.35 -15.25 105.45
C GLN K 156 13.07 -14.49 105.11
N THR K 157 12.44 -13.93 106.14
CA THR K 157 11.19 -13.20 105.99
C THR K 157 11.49 -11.70 106.05
N ASN K 158 11.67 -11.10 104.88
CA ASN K 158 11.85 -9.66 104.78
C ASN K 158 10.48 -8.97 104.76
N SER K 159 10.51 -7.64 104.80
CA SER K 159 9.27 -6.86 104.77
C SER K 159 8.46 -7.19 103.54
N MET K 160 9.10 -7.15 102.37
CA MET K 160 8.45 -7.49 101.11
C MET K 160 8.90 -8.89 100.70
N VAL K 161 7.95 -9.79 100.50
CA VAL K 161 8.22 -11.16 100.07
C VAL K 161 7.35 -11.46 98.85
N THR K 162 7.97 -11.97 97.80
CA THR K 162 7.27 -12.19 96.55
C THR K 162 6.61 -13.57 96.50
N LEU K 163 5.57 -13.67 95.68
CA LEU K 163 4.72 -14.83 95.51
C LEU K 163 5.02 -15.52 94.18
N GLY K 164 4.24 -16.55 93.87
CA GLY K 164 4.36 -17.22 92.59
C GLY K 164 3.26 -18.24 92.40
N CYS K 165 2.83 -18.35 91.14
CA CYS K 165 1.87 -19.37 90.73
C CYS K 165 2.31 -19.91 89.38
N LEU K 166 2.39 -21.24 89.27
CA LEU K 166 2.97 -21.90 88.12
C LEU K 166 1.91 -22.72 87.41
N VAL K 167 1.78 -22.53 86.11
CA VAL K 167 0.84 -23.26 85.27
C VAL K 167 1.62 -23.90 84.14
N LYS K 168 1.39 -25.19 83.92
CA LYS K 168 2.13 -25.95 82.92
C LYS K 168 1.21 -26.96 82.26
N GLY K 169 1.67 -27.49 81.13
CA GLY K 169 0.94 -28.53 80.43
C GLY K 169 -0.45 -28.11 80.00
N TYR K 170 -0.53 -27.16 79.07
CA TYR K 170 -1.82 -26.71 78.55
C TYR K 170 -1.63 -26.30 77.10
N PHE K 171 -2.74 -26.32 76.36
CA PHE K 171 -2.73 -25.94 74.95
C PHE K 171 -4.16 -25.84 74.45
N PRO K 172 -4.48 -24.88 73.57
CA PRO K 172 -3.65 -23.80 73.04
C PRO K 172 -3.80 -22.50 73.83
N GLU K 173 -3.28 -21.40 73.28
CA GLU K 173 -3.43 -20.11 73.92
C GLU K 173 -4.87 -19.63 73.80
N PRO K 174 -5.27 -18.66 74.64
CA PRO K 174 -4.53 -18.02 75.74
C PRO K 174 -5.02 -18.45 77.11
N VAL K 175 -4.23 -18.17 78.14
CA VAL K 175 -4.61 -18.43 79.52
C VAL K 175 -4.35 -17.17 80.33
N THR K 176 -5.34 -16.73 81.10
CA THR K 176 -5.24 -15.53 81.91
C THR K 176 -5.04 -15.91 83.37
N VAL K 177 -3.99 -15.38 83.99
CA VAL K 177 -3.69 -15.62 85.40
C VAL K 177 -3.82 -14.28 86.12
N THR K 178 -4.65 -14.25 87.15
CA THR K 178 -4.92 -13.02 87.88
C THR K 178 -5.08 -13.37 89.36
N TRP K 179 -5.57 -12.40 90.13
CA TRP K 179 -5.78 -12.53 91.56
C TRP K 179 -7.28 -12.52 91.85
N ASN K 180 -7.62 -12.50 93.14
CA ASN K 180 -9.03 -12.57 93.55
C ASN K 180 -9.71 -11.27 93.19
N SER K 181 -10.36 -11.24 92.02
CA SER K 181 -11.06 -10.06 91.54
C SER K 181 -10.15 -8.84 91.52
N GLY K 182 -8.93 -9.04 91.03
CA GLY K 182 -7.97 -7.96 90.93
C GLY K 182 -7.67 -7.33 92.27
N SER K 183 -7.45 -8.16 93.29
CA SER K 183 -7.19 -7.64 94.63
C SER K 183 -5.94 -6.77 94.66
N LEU K 184 -4.89 -7.20 93.95
CA LEU K 184 -3.62 -6.46 93.88
C LEU K 184 -3.29 -6.27 92.41
N SER K 185 -3.84 -5.20 91.81
CA SER K 185 -3.57 -4.94 90.39
C SER K 185 -2.10 -4.63 90.15
N SER K 186 -1.52 -3.75 90.97
CA SER K 186 -0.14 -3.36 90.81
C SER K 186 0.79 -4.44 91.36
N GLY K 187 2.05 -4.39 90.92
CA GLY K 187 3.05 -5.32 91.36
C GLY K 187 2.94 -6.70 90.75
N VAL K 188 2.20 -6.85 89.66
CA VAL K 188 1.97 -8.14 89.02
C VAL K 188 2.80 -8.21 87.75
N HIS K 189 3.57 -9.28 87.60
CA HIS K 189 4.43 -9.49 86.43
C HIS K 189 4.10 -10.85 85.84
N THR K 190 3.25 -10.86 84.81
CA THR K 190 2.86 -12.09 84.14
C THR K 190 3.79 -12.35 82.96
N PHE K 191 4.47 -13.48 82.97
CA PHE K 191 5.46 -13.80 81.95
C PHE K 191 4.82 -14.47 80.75
N PRO K 192 5.42 -14.33 79.57
CA PRO K 192 4.84 -14.95 78.38
C PRO K 192 4.95 -16.46 78.40
N ALA K 193 4.03 -17.09 77.67
CA ALA K 193 4.05 -18.55 77.52
C ALA K 193 5.20 -18.98 76.63
N VAL K 194 5.70 -20.19 76.87
CA VAL K 194 6.84 -20.72 76.13
C VAL K 194 6.67 -22.21 75.92
N LEU K 195 7.11 -22.70 74.77
CA LEU K 195 7.19 -24.13 74.53
C LEU K 195 8.42 -24.72 75.20
N GLN K 196 8.23 -25.79 75.97
CA GLN K 196 9.32 -26.50 76.60
C GLN K 196 9.60 -27.84 75.93
N SER K 197 8.60 -28.71 75.87
CA SER K 197 8.69 -29.92 75.06
C SER K 197 7.63 -29.94 73.97
N ASP K 198 6.35 -29.90 74.34
CA ASP K 198 5.29 -29.80 73.34
C ASP K 198 4.14 -28.91 73.81
N LEU K 199 4.21 -28.32 75.00
CA LEU K 199 3.08 -27.62 75.58
C LEU K 199 3.54 -26.26 76.11
N TYR K 200 2.56 -25.41 76.38
CA TYR K 200 2.80 -24.06 76.91
C TYR K 200 2.83 -24.08 78.43
N THR K 201 3.60 -23.14 78.99
CA THR K 201 3.73 -22.99 80.42
C THR K 201 3.75 -21.51 80.78
N LEU K 202 3.36 -21.19 82.00
CA LEU K 202 3.34 -19.82 82.49
C LEU K 202 3.97 -19.75 83.87
N SER K 203 4.38 -18.54 84.24
CA SER K 203 4.84 -18.23 85.58
C SER K 203 4.26 -16.89 85.99
N SER K 204 4.12 -16.69 87.30
CA SER K 204 3.58 -15.47 87.84
C SER K 204 4.40 -15.07 89.07
N SER K 205 4.41 -13.77 89.36
CA SER K 205 5.14 -13.25 90.50
C SER K 205 4.54 -11.92 90.91
N VAL K 206 4.27 -11.78 92.21
CA VAL K 206 3.73 -10.53 92.76
C VAL K 206 4.40 -10.27 94.10
N THR K 207 4.67 -9.00 94.38
CA THR K 207 5.23 -8.58 95.66
C THR K 207 4.10 -8.11 96.57
N VAL K 208 4.07 -8.64 97.78
CA VAL K 208 3.06 -8.24 98.76
C VAL K 208 3.75 -8.02 100.11
N PRO K 209 3.20 -7.21 100.99
CA PRO K 209 3.79 -7.07 102.33
C PRO K 209 3.80 -8.41 103.06
N SER K 210 4.88 -8.64 103.81
CA SER K 210 4.96 -9.84 104.63
C SER K 210 4.09 -9.75 105.87
N SER K 211 3.79 -8.54 106.34
CA SER K 211 2.92 -8.39 107.51
C SER K 211 1.48 -8.76 107.17
N THR K 212 1.00 -8.35 105.99
CA THR K 212 -0.37 -8.65 105.60
C THR K 212 -0.53 -10.05 105.03
N TRP K 213 0.56 -10.69 104.61
CA TRP K 213 0.44 -12.01 103.98
C TRP K 213 -0.20 -13.06 104.89
N PRO K 214 0.20 -13.20 106.16
CA PRO K 214 -0.51 -14.15 107.02
C PRO K 214 -1.99 -13.82 107.17
N SER K 215 -2.34 -12.55 107.12
CA SER K 215 -3.74 -12.13 107.30
C SER K 215 -4.49 -12.11 105.97
N GLU K 216 -4.01 -11.32 105.01
CA GLU K 216 -4.70 -11.21 103.72
C GLU K 216 -4.56 -12.51 102.94
N THR K 217 -5.61 -12.85 102.19
CA THR K 217 -5.65 -14.06 101.38
C THR K 217 -5.81 -13.68 99.92
N VAL K 218 -4.93 -14.22 99.07
CA VAL K 218 -4.98 -13.99 97.63
C VAL K 218 -4.68 -15.30 96.92
N THR K 219 -5.37 -15.54 95.81
CA THR K 219 -5.24 -16.78 95.06
C THR K 219 -5.05 -16.47 93.59
N CYS K 220 -4.20 -17.26 92.93
CA CYS K 220 -3.99 -17.11 91.49
C CYS K 220 -5.14 -17.76 90.74
N ASN K 221 -5.93 -16.95 90.05
CA ASN K 221 -7.09 -17.42 89.29
C ASN K 221 -6.68 -17.62 87.85
N VAL K 222 -6.85 -18.84 87.34
CA VAL K 222 -6.41 -19.22 86.01
C VAL K 222 -7.63 -19.62 85.18
N ALA K 223 -7.71 -19.09 83.96
CA ALA K 223 -8.81 -19.37 83.05
C ALA K 223 -8.26 -19.90 81.74
N HIS K 224 -8.90 -20.95 81.22
CA HIS K 224 -8.51 -21.58 79.96
C HIS K 224 -9.77 -21.77 79.12
N PRO K 225 -10.30 -20.68 78.55
CA PRO K 225 -11.60 -20.78 77.86
C PRO K 225 -11.61 -21.79 76.72
N ALA K 226 -10.49 -22.00 76.04
CA ALA K 226 -10.47 -22.94 74.93
C ALA K 226 -10.89 -24.33 75.39
N SER K 227 -10.47 -24.73 76.59
CA SER K 227 -10.87 -26.00 77.18
C SER K 227 -12.07 -25.87 78.11
N SER K 228 -12.67 -24.68 78.20
CA SER K 228 -13.80 -24.44 79.09
C SER K 228 -13.46 -24.82 80.53
N THR K 229 -12.25 -24.48 80.96
CA THR K 229 -11.75 -24.82 82.28
C THR K 229 -11.54 -23.56 83.10
N LYS K 230 -12.02 -23.58 84.34
CA LYS K 230 -11.86 -22.48 85.28
C LYS K 230 -11.46 -23.05 86.62
N VAL K 231 -10.17 -22.92 86.98
CA VAL K 231 -9.63 -23.47 88.21
C VAL K 231 -8.81 -22.40 88.91
N ASP K 232 -9.00 -22.25 90.22
CA ASP K 232 -8.19 -21.36 91.05
C ASP K 232 -7.76 -22.11 92.30
N LYS K 233 -6.47 -22.05 92.60
CA LYS K 233 -5.89 -22.74 93.76
C LYS K 233 -5.00 -21.76 94.51
N LYS K 234 -5.20 -21.68 95.82
CA LYS K 234 -4.48 -20.72 96.64
C LYS K 234 -3.11 -21.28 97.02
N ILE K 235 -2.35 -20.47 97.77
CA ILE K 235 -1.04 -20.86 98.28
C ILE K 235 -1.05 -20.64 99.79
N VAL K 236 -0.53 -21.60 100.53
CA VAL K 236 -0.50 -21.53 101.99
C VAL K 236 0.90 -21.17 102.45
N PRO K 237 1.06 -20.38 103.51
CA PRO K 237 2.41 -20.12 104.04
C PRO K 237 3.09 -21.41 104.49
N ARG K 238 4.39 -21.48 104.30
CA ARG K 238 5.17 -22.65 104.68
C ARG K 238 5.14 -22.83 106.20
C1 NAG L . -8.45 14.04 -23.19
C2 NAG L . -8.09 14.34 -24.65
C3 NAG L . -9.35 14.76 -25.42
C4 NAG L . -10.47 13.77 -25.23
C5 NAG L . -10.70 13.52 -23.74
C6 NAG L . -11.76 12.48 -23.45
C7 NAG L . -5.77 15.13 -24.78
C8 NAG L . -4.88 16.32 -24.87
N2 NAG L . -7.07 15.38 -24.74
O3 NAG L . -9.03 14.86 -26.81
O4 NAG L . -11.68 14.30 -25.78
O5 NAG L . -9.48 13.08 -23.14
O6 NAG L . -11.54 11.29 -24.19
O7 NAG L . -5.32 13.99 -24.72
H2 NAG L . -7.75 13.53 -25.06
H3 NAG L . -9.64 15.63 -25.11
H4 NAG L . -10.26 12.92 -25.67
H5 NAG L . -10.97 14.36 -23.33
H61 NAG L . -12.63 12.84 -23.68
H62 NAG L . -11.74 12.27 -22.50
H81 NAG L . -3.94 16.04 -24.90
H82 NAG L . -5.02 16.91 -24.10
H83 NAG L . -5.08 16.82 -25.69
HN2 NAG L . -7.35 16.24 -24.79
HO3 NAG L . -9.25 14.11 -27.22
HO6 NAG L . -10.90 10.81 -23.79
C1 NAG L . -12.00 13.75 -27.06
C2 NAG L . -13.47 14.07 -27.33
C3 NAG L . -13.87 13.60 -28.73
C4 NAG L . -12.90 14.14 -29.77
C5 NAG L . -11.46 13.82 -29.39
C6 NAG L . -10.46 14.47 -30.30
C7 NAG L . -14.98 14.14 -25.41
C8 NAG L . -15.81 13.34 -24.45
N2 NAG L . -14.32 13.45 -26.33
O3 NAG L . -15.18 14.07 -29.01
O4 NAG L . -13.18 13.53 -31.04
O5 NAG L . -11.20 14.33 -28.07
O6 NAG L . -10.68 15.87 -30.40
O7 NAG L . -14.93 15.36 -25.34
H2 NAG L . -13.58 15.04 -27.29
H3 NAG L . -13.86 12.63 -28.75
H4 NAG L . -13.01 15.10 -29.86
H5 NAG L . -11.33 12.86 -29.39
H61 NAG L . -10.53 14.07 -31.19
H62 NAG L . -9.55 14.31 -29.95
H81 NAG L . -16.27 13.92 -23.82
H82 NAG L . -15.24 12.72 -23.96
H83 NAG L . -16.48 12.82 -24.95
HN2 NAG L . -14.40 12.54 -26.32
HO3 NAG L . -15.22 14.36 -29.85
HO6 NAG L . -9.93 16.28 -30.66
C1 BMA L . -13.31 14.55 -32.05
C2 BMA L . -13.15 13.87 -33.44
C3 BMA L . -13.48 14.88 -34.55
C4 BMA L . -14.80 15.59 -34.29
C5 BMA L . -14.77 16.23 -32.90
C6 BMA L . -16.06 16.95 -32.56
O2 BMA L . -14.05 12.79 -33.59
O3 BMA L . -13.52 14.25 -35.84
O4 BMA L . -15.03 16.57 -35.27
O5 BMA L . -14.56 15.20 -31.94
O6 BMA L . -17.07 15.97 -32.40
H2 BMA L . -12.11 13.52 -33.54
H3 BMA L . -12.69 15.64 -34.61
H4 BMA L . -15.61 14.83 -34.28
H5 BMA L . -13.94 16.97 -32.86
H61 BMA L . -16.28 17.66 -33.37
H62 BMA L . -15.88 17.53 -31.64
HO2 BMA L . -14.50 12.93 -34.44
HO3 BMA L . -14.35 14.53 -36.24
HO4 BMA L . -15.99 16.70 -35.30
HO6 BMA L . -16.78 15.35 -31.73
C1 NAG M . -22.51 -18.89 -10.53
C2 NAG M . -22.73 -20.02 -11.54
C3 NAG M . -24.18 -20.50 -11.52
C4 NAG M . -24.64 -20.79 -10.10
C5 NAG M . -24.34 -19.61 -9.18
C6 NAG M . -24.63 -19.91 -7.73
C7 NAG M . -21.16 -19.88 -13.42
C8 NAG M . -20.95 -19.36 -14.81
N2 NAG M . -22.35 -19.60 -12.87
O3 NAG M . -24.27 -21.68 -12.30
O4 NAG M . -26.05 -20.98 -10.09
O5 NAG M . -22.94 -19.29 -9.25
O6 NAG M . -23.97 -21.09 -7.30
O7 NAG M . -20.31 -20.51 -12.83
H2 NAG M . -22.16 -20.77 -11.27
H3 NAG M . -24.75 -19.81 -11.91
H4 NAG M . -24.20 -21.60 -9.77
H5 NAG M . -24.85 -18.84 -9.47
H61 NAG M . -25.60 -20.03 -7.62
H62 NAG M . -24.33 -19.15 -7.18
H81 NAG M . -20.06 -19.60 -15.12
H82 NAG M . -21.04 -18.39 -14.81
H83 NAG M . -21.62 -19.75 -15.41
HN2 NAG M . -22.96 -19.13 -13.36
HO3 NAG M . -24.38 -22.39 -11.77
HO6 NAG M . -23.09 -20.94 -7.27
C1 NAG M . -26.44 -22.37 -10.02
C2 NAG M . -27.92 -22.43 -9.67
C3 NAG M . -28.41 -23.87 -9.68
C4 NAG M . -28.09 -24.53 -11.01
C5 NAG M . -26.60 -24.42 -11.28
C6 NAG M . -26.21 -24.96 -12.64
C7 NAG M . -28.55 -20.54 -8.24
C8 NAG M . -28.80 -20.08 -6.83
N2 NAG M . -28.19 -21.82 -8.38
O3 NAG M . -29.81 -23.90 -9.46
O4 NAG M . -28.48 -25.90 -10.99
O5 NAG M . -26.19 -23.04 -11.26
O6 NAG M . -26.99 -24.36 -13.66
O7 NAG M . -28.66 -19.77 -9.20
H2 NAG M . -28.42 -21.95 -10.36
H3 NAG M . -27.97 -24.37 -8.97
H4 NAG M . -28.58 -24.07 -11.72
H5 NAG M . -26.11 -24.91 -10.59
H61 NAG M . -26.34 -25.92 -12.65
H62 NAG M . -25.26 -24.76 -12.80
H81 NAG M . -29.10 -19.15 -6.84
H82 NAG M . -27.98 -20.16 -6.32
H83 NAG M . -29.49 -20.64 -6.44
HN2 NAG M . -28.14 -22.33 -7.64
HO3 NAG M . -30.21 -24.35 -10.11
HO6 NAG M . -27.38 -24.99 -14.14
C1 BMA M . -29.32 -26.19 -12.12
C2 BMA M . -29.62 -27.70 -12.08
C3 BMA M . -30.62 -28.06 -13.17
C4 BMA M . -31.85 -27.16 -13.09
C5 BMA M . -31.42 -25.70 -13.16
C6 BMA M . -32.59 -24.73 -13.07
O2 BMA M . -30.23 -28.05 -10.85
O3 BMA M . -31.00 -29.42 -13.13
O4 BMA M . -32.74 -27.45 -14.15
O5 BMA M . -30.53 -25.43 -12.08
O6 BMA M . -33.20 -24.89 -11.80
H2 BMA M . -28.68 -28.26 -12.22
H3 BMA M . -30.15 -27.90 -14.16
H4 BMA M . -32.33 -27.33 -12.11
H5 BMA M . -30.91 -25.51 -14.13
H61 BMA M . -33.29 -24.94 -13.89
H62 BMA M . -32.20 -23.71 -13.20
HO2 BMA M . -30.66 -28.91 -11.00
HO3 BMA M . -31.98 -29.42 -13.05
HO4 BMA M . -33.56 -27.75 -13.73
HO6 BMA M . -32.57 -25.33 -11.22
C1 NAG N . 0.53 9.75 36.15
C2 NAG N . 1.36 9.90 37.44
C3 NAG N . 0.79 11.02 38.30
C4 NAG N . 0.63 12.30 37.51
C5 NAG N . -0.16 12.03 36.23
C6 NAG N . -0.25 13.24 35.33
C7 NAG N . 2.35 7.73 38.05
C8 NAG N . 2.21 6.51 38.90
N2 NAG N . 1.38 8.65 38.18
O3 NAG N . 1.66 11.24 39.41
O4 NAG N . -0.09 13.25 38.28
O5 NAG N . 0.48 11.00 35.47
O6 NAG N . 1.03 13.60 34.83
O7 NAG N . 3.29 7.89 37.28
H2 NAG N . 2.27 10.14 37.18
H3 NAG N . -0.09 10.74 38.64
H4 NAG N . 1.51 12.67 37.28
H5 NAG N . -1.05 11.74 36.48
H61 NAG N . -0.61 13.99 35.84
H62 NAG N . -0.84 13.04 34.59
H81 NAG N . 2.98 5.92 38.75
H82 NAG N . 1.39 6.04 38.67
H83 NAG N . 2.19 6.77 39.84
HN2 NAG N . 0.71 8.49 38.77
HO3 NAG N . 2.15 11.96 39.26
HO6 NAG N . 1.50 12.86 34.66
C1 NAG N . 0.75 14.26 38.85
C2 NAG N . -0.16 15.41 39.23
C3 NAG N . 0.62 16.50 39.95
C4 NAG N . 1.42 15.92 41.11
C5 NAG N . 2.27 14.75 40.63
C6 NAG N . 2.98 14.03 41.75
C7 NAG N . -2.13 15.86 37.83
C8 NAG N . -2.63 16.48 36.56
N2 NAG N . -0.82 15.96 38.06
O3 NAG N . -0.28 17.49 40.43
O4 NAG N . 2.28 16.92 41.64
O5 NAG N . 1.42 13.77 40.00
O6 NAG N . 2.09 13.54 42.73
O7 NAG N . -2.89 15.29 38.61
H2 NAG N . -0.85 15.07 39.84
H3 NAG N . 1.24 16.92 39.32
H4 NAG N . 0.81 15.61 41.80
H5 NAG N . 2.92 15.07 39.98
H61 NAG N . 3.62 14.65 42.17
H62 NAG N . 3.49 13.28 41.37
H81 NAG N . -3.59 16.36 36.50
H82 NAG N . -2.20 16.05 35.80
H83 NAG N . -2.42 17.43 36.57
HN2 NAG N . -0.31 16.39 37.43
HO3 NAG N . -0.21 17.54 41.32
HO6 NAG N . 2.37 12.76 43.04
C1 BMA N . 2.22 16.96 43.09
C2 BMA N . 3.46 17.75 43.55
C3 BMA N . 3.39 18.00 45.05
C4 BMA N . 2.04 18.59 45.45
C5 BMA N . 0.92 17.69 44.95
C6 BMA N . -0.44 18.25 45.27
O2 BMA N . 3.50 19.02 42.92
O3 BMA N . 4.44 18.87 45.47
O4 BMA N . 1.97 18.70 46.86
O5 BMA N . 1.03 17.57 43.52
O6 BMA N . -0.63 19.41 44.45
H2 BMA N . 4.37 17.17 43.30
H3 BMA N . 3.53 17.06 45.60
H4 BMA N . 1.94 19.58 44.97
H5 BMA N . 1.00 16.69 45.42
H61 BMA N . -0.49 18.48 46.33
H62 BMA N . -1.18 17.47 45.05
HO2 BMA N . 4.03 19.59 43.50
HO3 BMA N . 4.15 19.24 46.32
HO4 BMA N . 1.52 19.55 47.03
HO6 BMA N . 0.08 19.41 43.79
C1 NAG O . 5.94 31.11 7.21
C2 NAG O . 7.02 32.18 7.36
C3 NAG O . 6.39 33.56 7.50
C4 NAG O . 5.44 33.83 6.35
C5 NAG O . 4.43 32.69 6.21
C6 NAG O . 3.59 32.82 4.96
C7 NAG O . 9.15 31.47 8.36
C8 NAG O . 9.90 31.24 9.64
N2 NAG O . 7.88 31.90 8.49
O3 NAG O . 7.42 34.54 7.54
O4 NAG O . 4.73 35.03 6.59
O5 NAG O . 5.12 31.44 6.09
O6 NAG O . 4.29 32.38 3.81
O7 NAG O . 9.65 31.26 7.26
H2 NAG O . 7.57 32.18 6.54
H3 NAG O . 5.90 33.59 8.34
H4 NAG O . 5.95 33.91 5.52
H5 NAG O . 3.85 32.67 6.99
H61 NAG O . 3.33 33.75 4.84
H62 NAG O . 2.78 32.27 5.07
H81 NAG O . 10.79 30.91 9.43
H82 NAG O . 9.42 30.59 10.19
H83 NAG O . 9.97 32.09 10.13
HN2 NAG O . 7.57 32.04 9.33
HO3 NAG O . 7.06 35.35 7.54
HO4 NAG O . 4.77 35.55 5.86
HO6 NAG O . 5.17 32.41 3.97
N1 ACH P . -15.19 33.37 -1.81
C2 ACH P . -16.01 32.40 -2.64
C3 ACH P . -17.46 32.22 -2.26
O4 ACH P . -18.23 33.44 -2.42
C5 ACH P . -19.56 33.31 -2.37
O7 ACH P . -20.09 32.26 -2.20
C6 ACH P . -20.24 34.62 -2.54
C8 ACH P . -13.82 33.47 -2.41
C9 ACH P . -15.82 34.73 -1.82
C10 ACH P . -15.06 32.91 -0.39
H21 ACH P . -15.55 31.54 -2.56
H22 ACH P . -15.93 32.70 -3.56
H31 ACH P . -17.87 31.50 -2.78
H32 ACH P . -17.51 31.96 -1.32
H61 ACH P . -21.00 34.68 -1.91
H62 ACH P . -20.60 34.70 -3.45
H63 ACH P . -19.63 35.35 -2.34
H81 ACH P . -13.50 32.57 -2.58
H82 ACH P . -13.24 33.92 -1.77
H83 ACH P . -13.88 33.98 -3.23
H91 ACH P . -16.53 34.75 -1.15
H92 ACH P . -16.19 34.89 -2.71
H93 ACH P . -15.13 35.39 -1.61
H101 ACH P . -14.36 32.23 -0.34
H102 ACH P . -15.90 32.52 -0.09
H103 ACH P . -14.84 33.68 0.16
C1 OCT Q . 67.50 -34.92 -7.58
C2 OCT Q . 66.00 -35.05 -7.48
C3 OCT Q . 65.33 -33.73 -7.13
C4 OCT Q . 63.81 -33.84 -7.09
C5 OCT Q . 63.13 -32.55 -6.65
C6 OCT Q . 61.62 -32.65 -6.64
C7 OCT Q . 60.92 -31.33 -6.37
C8 OCT Q . 59.41 -31.45 -6.36
H11 OCT Q . 67.92 -35.78 -7.75
H12 OCT Q . 67.88 -34.58 -6.74
H13 OCT Q . 67.75 -34.30 -8.29
H21 OCT Q . 65.79 -35.72 -6.79
H22 OCT Q . 65.66 -35.38 -8.32
H31 OCT Q . 65.59 -33.05 -7.78
H32 OCT Q . 65.65 -33.42 -6.25
H41 OCT Q . 63.55 -34.56 -6.49
H42 OCT Q . 63.49 -34.08 -7.98
H51 OCT Q . 63.40 -31.82 -7.24
H52 OCT Q . 63.44 -32.32 -5.75
H61 OCT Q . 61.34 -33.30 -5.96
H62 OCT Q . 61.31 -33.01 -7.50
H71 OCT Q . 61.18 -30.67 -7.04
H72 OCT Q . 61.21 -30.98 -5.50
H81 OCT Q . 59.01 -30.57 -6.22
H82 OCT Q . 59.12 -32.04 -5.65
H83 OCT Q . 59.10 -31.80 -7.21
C1 NAG R . -16.90 -21.68 25.42
C2 NAG R . -16.85 -23.08 26.02
C3 NAG R . -18.07 -23.32 26.91
C4 NAG R . -18.19 -22.21 27.95
C5 NAG R . -18.18 -20.85 27.27
C6 NAG R . -18.16 -19.71 28.25
C7 NAG R . -15.64 -24.72 24.64
C8 NAG R . -15.76 -25.74 23.55
N2 NAG R . -16.78 -24.10 24.99
O3 NAG R . -17.93 -24.58 27.56
O4 NAG R . -19.41 -22.37 28.66
O5 NAG R . -16.99 -20.72 26.46
O6 NAG R . -16.82 -19.37 28.64
O7 NAG R . -14.57 -24.47 25.18
H2 NAG R . -16.05 -23.15 26.58
H3 NAG R . -18.87 -23.34 26.36
H4 NAG R . -17.45 -22.27 28.57
H5 NAG R . -18.97 -20.76 26.70
H61 NAG R . -18.66 -19.95 29.05
H62 NAG R . -18.58 -18.92 27.85
H81 NAG R . -14.88 -26.16 23.41
H82 NAG R . -16.06 -25.32 22.74
H83 NAG R . -16.41 -26.43 23.82
HN2 NAG R . -17.55 -24.34 24.55
HO3 NAG R . -18.62 -24.71 28.11
HO4 NAG R . -19.24 -22.49 29.52
HO6 NAG R . -16.40 -20.10 28.90
N1 ACH S . -26.23 -2.57 33.94
C2 ACH S . -25.71 -1.15 33.92
C3 ACH S . -26.68 -0.07 33.54
O4 ACH S . -27.70 0.14 34.56
C5 ACH S . -28.67 1.00 34.25
O7 ACH S . -28.69 1.58 33.21
C6 ACH S . -29.66 1.14 35.35
C8 ACH S . -25.16 -3.46 34.49
C9 ACH S . -27.44 -2.67 34.83
C10 ACH S . -26.60 -3.04 32.57
H21 ACH S . -24.97 -1.15 33.27
H22 ACH S . -25.34 -0.98 34.81
H31 ACH S . -26.22 0.78 33.37
H32 ACH S . -27.14 -0.33 32.72
H61 ACH S . -30.50 1.48 34.98
H62 ACH S . -29.33 1.77 36.01
H63 ACH S . -29.83 0.26 35.75
H81 ACH S . -24.31 -3.22 34.05
H82 ACH S . -25.40 -4.39 34.30
H83 ACH S . -25.09 -3.31 35.46
H91 ACH S . -28.21 -2.36 34.33
H92 ACH S . -27.29 -2.11 35.62
H93 ACH S . -27.54 -3.60 35.10
H101 ACH S . -25.78 -3.27 32.09
H102 ACH S . -27.07 -2.32 32.09
H103 ACH S . -27.19 -3.81 32.66
NA NA T . 20.16 -11.03 1.71
#